data_9IZ7
#
_entry.id   9IZ7
#
_cell.length_a   1.00
_cell.length_b   1.00
_cell.length_c   1.00
_cell.angle_alpha   90.00
_cell.angle_beta   90.00
_cell.angle_gamma   90.00
#
_symmetry.space_group_name_H-M   'P 1'
#
_entity_poly.entity_id   1
_entity_poly.type   'polypeptide(L)'
_entity_poly.pdbx_seq_one_letter_code
;MTSLNDIVNKLSSSKIKTRSDALQNLRSYIIYSRNGNSLNQEDALIIEKAIKRAFELEWQISANHGKRQISKASQEQKLQ
DISYLLRTCVESYILLFREPHILALLDIILRHTFTANGSICEVVCLNFSKALRLLLSHSPHLHHLRFSDWQSLVSYCCQA
IEKLSIAEETYVSDSEEEPISQKNYQEISIWKSHDVIRVKQEVVELIYVMRSLVQWYAAPINFVSEQLLKFFEFFFYAYT
EETDAHLPALQCLFQLCAYAIPNCNDYSASVVLLVFKILINSDKWKRLDLRLQLIQCLAISYPLWSNSETWDPHRSIRSF
NLDLLNSSFFSLKNFLNFFGKRSSLSLANFRFHTVEPKNNIAKLYDPRLHLFFSLRHNSFFESYFIYFFLAKLILLKKTV
LSLASTEQANKKQKTCSQIEELLLQAELANISASSFSLQLMVIITAISDNLTNDDLLSIQKMSLNFTEKKNELQSWSFFI
LFNICYNKAYSSMLTTSCKKEILAAASRGLLNSVTSPVCYQILTYFNMYRPLCFASIFPFIKQQFILFNDYSPMLSYEAI
DYWKSLYILLNENLFVGQSSFKSVFLKWLKWHLYHLFSKEGELPFFSFTDSSIIIFDLLMMIFYRPLSLSYITTEIRSPF
ERNLFHLKEAWSPVTLRFPYTTDEICKQSTEGCYPFNSNHTIDCDSLQNVIKMLESSIDEISSASYDKDELDKETPSFEA
VMIFSQISFLCGFLNCFIQKKGIHNVTPNNLVIFKNLFPEVLSFVKSNHSYDPIINCISTNLQFTISDEPKHLRYEIGSD
LIRSTHFRDSNPLKTLVLYIMDMASKNVFIKPQEFDHDEYFSQEEEDIYRPENLIRNHQILGLMEGSLEQIRNTDLFILQ
KYIDYFSSHPHDSLINILHLYPIETFCFGMSAIGAYFLDVARTSEPIFYKCLEILAQKILMNYDYERDEVYLMIFIKIFQ
KCVHSKLQFTDATLKLIVKITKFIEKVFIETKFSSLSGRQTFLKFIFQLSPTSHVYSKFDYQKLISLTLKDSDVCVIYNF
VDDLVIFLKKCDKTLIEGFVLPILSIKIEKSLYKGFCYLYLTLKVFLSISSNRSALLYQLLKLANSYETSTIFEPLLRKL
HIQSANIKQLFRIYRLEIFWSFVSKDLSNTTNDFLEFPYKPIYFSLSDFLKENSDEIILVLILTKNITLAKLITSRMSVD
FSEKYTQLIPVITTYTHLSEVENKKYSLRFNSIDEALDVELLNRSKAFLFCLEMLKEVKELGSTFKSISSTSFKVYSQLT
IFANRVSFNNSTAIPFFSTKSVLWYCNRLFQELEGFSSIPSVIDLVLRRLAIQLHFATDEELQVTISFRLCAFLCFSDPF
ITSNYLVMIVLRIARQLLSIPCTQSLGLGIARFHLKKFKPTDFDYFFQLAEFCMDFLGFCYNTIGTKMEAIQDFYTWFDG
YVTALLNFEYEGYGFLRCQINFVRSVMTTKNEWIEVSNKLFERGHFLKRIAMNNYLCLYFWQVLDACPRNVLHSLSLEIW
KCYKAYDITEFPDSLKLFFSDIMGWNFFKSPEIADLNHYIPKTDPRLCDTKTYEESKLIIWKLICQKACSLLFKYDILLD
SFIEDCIRMFFENGNHQELRKFLNFPKDSIIYDSDFKTLVSEEGSFQWVKLQPTNFDSLSNWTKEETLKLLNMMGKSSTT
HSLKLLSTYMVGFSTSIIQYIIHLILLEFDFNGNNKKQKEYVTQLILSGLLNKNTNSIRKTCMNILLYLRRQLGHHALNP
FEANYWVPINYSVAASTAYDCHLYEQSLLFLTIHNTKTDELDITLLSDILSQLPCPDAYYGIKRETSFKNILLKAVHEKR
SPLAISYLDAANMYRSNEDEGTKMMFSNTLNNAGFFSLNEFYIDSLKANDAIDECSNEVYASAWRMQKWDIPPLSLDNKT
TKDCLVFEVLHAVHNYAIYGNYLHLEEYINKKLLLINPNEEPDSLLFYALAYDLKFLIRCNQSQFNCDILQLLKENKQMS
SQLHECFQLLLEIRNVLLSLLQSHKQLDLSDDLASFRKYYILELLKISESFLIVDNLQNAFSVAMLSDALYRKFDLADEN
LKHDIDFLSSKILWQRDEKIDAIGMLSESLSKTNSSIFPSISYAYLGNWLYTTKSEKTELVSKNYFEKSLSHMSHLNAKE
KAKIYCMFAQFCDNNYSSPDLTEDFKRMEKLYFEKKNDIQQLERSIVNASNMKEEKMLKNHHSREMSSFIIDEREYLRMS
TFRSKMLTQSITHYLKCLSESDENDVLISRCCTMWLSNSHLDELNNSLQHYLQNLPCKKFIPVFYQLAARLMNENSKFQQ
SLTSICYNVGRNHPYHSLHVLFSLVSNVPEIENLDAGSRYRAVKKILDLLKVNQGLSNLVTKLLCSFENYVSLAEWNPRS
KVDSTSFSRFPGYKWFLKDAANYGLPPITMNVKVNDTGDYSNIPTVSSFDDTIHFASGINAPKVITCLGSNGHTYKQLVK
GGNDDLRQDAVMEQVFEQVNGFLRSYRKTSQRNLSMRTYKVIPLALKTGVIEWVQDTIPLGEYLDSAHKVYHPKEWSLST
CRKLIAEKQMEDLETRLKVYDLVCRHYRPVFRHFFLESYADPVQWFTTQTNYARSTAVASVLGHVLGLGDRHGQNILIDK
TSGEVIHIDLGIAFEQGKKLPVPECVPFRLTRDVVDGMGITGVEGVFRRCMEFTLETLRREEDSLLSVLEVLRYDPLFSW
LISPLRRMKKQKMQLENFNQPESGNITTDASRDPKIQRNNVSGESEAERAILKVRQKLSSTLSVEASVGELIRIAQDPSY
LALMFCGWSAFQ
;
_entity_poly.pdbx_strand_id   A
#
# COMPACT_ATOMS: atom_id res chain seq x y z
N LYS A 15 31.43 71.69 -62.41
CA LYS A 15 32.83 71.67 -62.82
C LYS A 15 33.74 71.50 -61.61
N ILE A 16 35.05 71.47 -61.87
CA ILE A 16 36.01 71.27 -60.78
C ILE A 16 35.96 72.42 -59.79
N LYS A 17 36.07 73.66 -60.29
CA LYS A 17 35.95 74.82 -59.41
C LYS A 17 34.50 75.08 -59.04
N THR A 18 33.58 74.77 -59.95
CA THR A 18 32.17 74.94 -59.65
C THR A 18 31.73 74.04 -58.49
N ARG A 19 32.44 72.93 -58.28
CA ARG A 19 32.10 72.07 -57.16
C ARG A 19 32.40 72.74 -55.82
N SER A 20 33.60 73.33 -55.68
CA SER A 20 33.92 74.06 -54.47
C SER A 20 33.01 75.27 -54.30
N ASP A 21 32.72 75.97 -55.40
CA ASP A 21 31.77 77.08 -55.34
C ASP A 21 30.42 76.60 -54.86
N ALA A 22 29.98 75.43 -55.32
CA ALA A 22 28.70 74.89 -54.89
C ALA A 22 28.72 74.50 -53.42
N LEU A 23 29.83 73.95 -52.95
CA LEU A 23 29.93 73.61 -51.53
C LEU A 23 29.80 74.85 -50.66
N GLN A 24 30.56 75.90 -51.00
CA GLN A 24 30.49 77.14 -50.22
C GLN A 24 29.10 77.76 -50.32
N ASN A 25 28.53 77.81 -51.51
CA ASN A 25 27.20 78.40 -51.69
C ASN A 25 26.15 77.60 -50.96
N LEU A 26 26.27 76.27 -50.95
CA LEU A 26 25.30 75.43 -50.26
C LEU A 26 25.36 75.64 -48.76
N ARG A 27 26.56 75.65 -48.19
CA ARG A 27 26.67 75.93 -46.75
C ARG A 27 26.09 77.30 -46.42
N SER A 28 26.46 78.32 -47.21
CA SER A 28 25.99 79.68 -46.93
C SER A 28 24.47 79.78 -47.08
N TYR A 29 23.92 79.19 -48.13
CA TYR A 29 22.49 79.28 -48.37
C TYR A 29 21.70 78.51 -47.32
N ILE A 30 22.19 77.34 -46.92
CA ILE A 30 21.52 76.58 -45.86
C ILE A 30 21.52 77.38 -44.57
N ILE A 31 22.66 77.97 -44.21
CA ILE A 31 22.72 78.75 -42.97
C ILE A 31 21.79 79.96 -43.05
N TYR A 32 21.81 80.68 -44.17
CA TYR A 32 21.00 81.87 -44.31
C TYR A 32 19.51 81.54 -44.30
N SER A 33 19.12 80.46 -44.97
CA SER A 33 17.72 80.05 -44.98
C SER A 33 17.27 79.59 -43.60
N ARG A 34 18.11 78.83 -42.90
CA ARG A 34 17.75 78.40 -41.56
C ARG A 34 17.59 79.57 -40.62
N ASN A 35 18.49 80.56 -40.71
CA ASN A 35 18.39 81.73 -39.85
C ASN A 35 17.16 82.57 -40.20
N GLY A 36 16.99 82.90 -41.48
CA GLY A 36 15.86 83.71 -41.87
C GLY A 36 14.53 83.00 -41.72
N ASN A 37 14.50 81.70 -42.02
CA ASN A 37 13.33 80.82 -42.02
C ASN A 37 12.31 81.23 -43.08
N SER A 38 12.61 82.23 -43.92
CA SER A 38 11.68 82.62 -44.97
C SER A 38 11.63 81.58 -46.08
N LEU A 39 12.77 81.03 -46.45
CA LEU A 39 12.81 80.00 -47.48
C LEU A 39 12.03 78.76 -47.02
N ASN A 40 11.14 78.29 -47.88
CA ASN A 40 10.28 77.17 -47.52
C ASN A 40 11.08 75.88 -47.41
N GLN A 41 10.65 74.99 -46.51
CA GLN A 41 11.21 73.65 -46.47
C GLN A 41 10.94 72.92 -47.78
N GLU A 42 9.83 73.24 -48.45
CA GLU A 42 9.59 72.73 -49.78
C GLU A 42 10.62 73.28 -50.77
N ASP A 43 10.98 74.56 -50.63
CA ASP A 43 12.05 75.11 -51.44
C ASP A 43 13.37 74.41 -51.15
N ALA A 44 13.63 74.09 -49.88
CA ALA A 44 14.83 73.34 -49.54
C ALA A 44 14.83 71.96 -50.16
N LEU A 45 13.66 71.31 -50.19
CA LEU A 45 13.56 70.01 -50.83
C LEU A 45 13.78 70.10 -52.34
N ILE A 46 13.27 71.17 -52.95
CA ILE A 46 13.51 71.39 -54.37
C ILE A 46 15.00 71.61 -54.64
N ILE A 47 15.66 72.34 -53.74
CA ILE A 47 17.11 72.53 -53.85
C ILE A 47 17.83 71.22 -53.68
N GLU A 48 17.32 70.35 -52.80
CA GLU A 48 17.91 69.02 -52.65
C GLU A 48 17.72 68.20 -53.92
N LYS A 49 16.57 68.34 -54.57
CA LYS A 49 16.36 67.67 -55.85
C LYS A 49 17.35 68.18 -56.90
N ALA A 50 17.58 69.49 -56.92
CA ALA A 50 18.59 70.04 -57.81
C ALA A 50 19.98 69.52 -57.46
N ILE A 51 20.24 69.29 -56.17
CA ILE A 51 21.53 68.76 -55.75
C ILE A 51 21.70 67.33 -56.23
N LYS A 52 20.62 66.54 -56.14
CA LYS A 52 20.66 65.18 -56.70
C LYS A 52 20.85 65.21 -58.20
N ARG A 53 20.23 66.19 -58.87
CA ARG A 53 20.45 66.37 -60.30
C ARG A 53 21.90 66.71 -60.59
N ALA A 54 22.53 67.51 -59.73
CA ALA A 54 23.93 67.86 -59.90
C ALA A 54 24.83 66.65 -59.67
N PHE A 55 24.45 65.78 -58.72
CA PHE A 55 25.20 64.54 -58.52
C PHE A 55 25.09 63.62 -59.73
N GLU A 56 23.89 63.54 -60.31
CA GLU A 56 23.72 62.78 -61.55
C GLU A 56 24.55 63.41 -62.67
N LEU A 57 24.62 64.74 -62.71
CA LEU A 57 25.49 65.41 -63.67
C LEU A 57 26.94 65.08 -63.41
N GLU A 58 27.32 64.89 -62.14
CA GLU A 58 28.68 64.46 -61.81
C GLU A 58 28.95 63.06 -62.35
N TRP A 59 27.96 62.18 -62.22
CA TRP A 59 28.09 60.85 -62.81
C TRP A 59 28.25 60.92 -64.33
N GLN A 60 27.45 61.79 -64.97
CA GLN A 60 27.55 61.95 -66.41
C GLN A 60 28.89 62.55 -66.81
N ILE A 61 29.43 63.45 -65.98
CA ILE A 61 30.73 64.05 -66.25
C ILE A 61 31.83 63.00 -66.12
N SER A 62 31.71 62.11 -65.15
CA SER A 62 32.65 61.01 -65.04
C SER A 62 32.57 60.10 -66.27
N ALA A 63 31.35 59.83 -66.74
CA ALA A 63 31.19 59.05 -67.97
C ALA A 63 31.86 59.75 -69.14
N ASN A 64 31.69 61.07 -69.24
CA ASN A 64 32.34 61.83 -70.30
C ASN A 64 33.86 61.77 -70.17
N HIS A 65 34.37 61.88 -68.94
CA HIS A 65 35.80 61.81 -68.71
C HIS A 65 36.35 60.43 -69.06
N GLY A 66 35.48 59.42 -69.03
CA GLY A 66 35.90 58.09 -69.47
C GLY A 66 36.40 58.09 -70.90
N LYS A 67 35.71 58.81 -71.79
CA LYS A 67 36.13 58.85 -73.19
C LYS A 67 37.40 59.67 -73.36
N ARG A 68 37.44 60.87 -72.79
CA ARG A 68 38.60 61.75 -72.90
C ARG A 68 38.87 62.39 -71.55
N GLN A 69 40.15 62.48 -71.21
CA GLN A 69 40.53 62.92 -69.87
C GLN A 69 40.41 64.44 -69.73
N ILE A 70 39.60 64.87 -68.77
CA ILE A 70 39.52 66.29 -68.43
C ILE A 70 39.68 66.46 -66.92
N SER A 71 40.92 66.69 -66.49
CA SER A 71 41.23 67.02 -65.09
C SER A 71 40.74 65.95 -64.12
N LYS A 72 41.30 64.73 -64.26
CA LYS A 72 40.87 63.61 -63.41
C LYS A 72 41.19 63.86 -61.94
N ALA A 73 42.37 64.38 -61.63
CA ALA A 73 42.68 64.75 -60.26
C ALA A 73 41.77 65.87 -59.79
N SER A 74 41.55 66.88 -60.64
CA SER A 74 40.58 67.90 -60.31
C SER A 74 39.16 67.34 -60.31
N GLN A 75 38.94 66.22 -61.01
CA GLN A 75 37.65 65.55 -60.93
C GLN A 75 37.43 64.96 -59.54
N GLU A 76 38.47 64.33 -58.98
CA GLU A 76 38.36 63.83 -57.60
C GLU A 76 38.22 64.99 -56.62
N GLN A 77 38.92 66.09 -56.87
CA GLN A 77 38.77 67.27 -56.02
C GLN A 77 37.35 67.82 -56.08
N LYS A 78 36.77 67.84 -57.28
CA LYS A 78 35.37 68.26 -57.42
C LYS A 78 34.44 67.29 -56.72
N LEU A 79 34.76 65.99 -56.75
CA LEU A 79 33.97 65.02 -56.01
C LEU A 79 33.99 65.32 -54.52
N GLN A 80 35.18 65.66 -54.00
CA GLN A 80 35.27 66.01 -52.58
C GLN A 80 34.50 67.30 -52.27
N ASP A 81 34.58 68.28 -53.16
CA ASP A 81 33.84 69.53 -52.94
C ASP A 81 32.33 69.28 -52.98
N ILE A 82 31.88 68.46 -53.92
CA ILE A 82 30.47 68.08 -53.99
C ILE A 82 30.10 67.28 -52.76
N SER A 83 31.06 66.57 -52.17
CA SER A 83 30.81 65.85 -50.93
C SER A 83 30.61 66.81 -49.77
N TYR A 84 31.37 67.91 -49.74
CA TYR A 84 31.12 68.94 -48.73
C TYR A 84 29.75 69.58 -48.91
N LEU A 85 29.39 69.88 -50.16
CA LEU A 85 28.04 70.37 -50.44
C LEU A 85 26.99 69.36 -50.02
N LEU A 86 27.28 68.07 -50.21
CA LEU A 86 26.34 67.03 -49.82
C LEU A 86 26.26 66.89 -48.32
N ARG A 87 27.34 67.20 -47.60
CA ARG A 87 27.29 67.24 -46.15
C ARG A 87 26.36 68.35 -45.68
N THR A 88 26.48 69.53 -46.28
CA THR A 88 25.55 70.62 -45.95
C THR A 88 24.11 70.23 -46.28
N CYS A 89 23.91 69.64 -47.46
CA CYS A 89 22.56 69.24 -47.87
C CYS A 89 22.04 68.11 -46.99
N VAL A 90 22.93 67.27 -46.45
CA VAL A 90 22.50 66.17 -45.58
C VAL A 90 22.10 66.72 -44.22
N GLU A 91 22.82 67.76 -43.75
CA GLU A 91 22.35 68.47 -42.58
C GLU A 91 20.96 69.06 -42.80
N SER A 92 20.75 69.66 -43.97
CA SER A 92 19.43 70.21 -44.30
C SER A 92 18.37 69.10 -44.35
N TYR A 93 18.71 67.95 -44.92
CA TYR A 93 17.75 66.86 -45.05
C TYR A 93 17.43 66.25 -43.69
N ILE A 94 18.43 66.11 -42.82
CA ILE A 94 18.17 65.64 -41.46
C ILE A 94 17.30 66.63 -40.71
N LEU A 95 17.47 67.93 -41.00
CA LEU A 95 16.59 68.93 -40.40
C LEU A 95 15.17 68.80 -40.93
N LEU A 96 15.01 68.74 -42.24
CA LEU A 96 13.69 68.64 -42.87
C LEU A 96 13.72 67.54 -43.93
N PHE A 97 12.79 66.60 -43.82
CA PHE A 97 12.69 65.47 -44.74
C PHE A 97 11.27 65.35 -45.27
N ARG A 98 11.13 65.36 -46.59
CA ARG A 98 9.86 65.12 -47.26
C ARG A 98 9.93 63.77 -47.93
N GLU A 99 8.79 63.08 -48.00
CA GLU A 99 8.78 61.73 -48.55
C GLU A 99 9.39 61.66 -49.94
N PRO A 100 8.93 62.44 -50.92
CA PRO A 100 9.65 62.47 -52.21
C PRO A 100 11.08 62.92 -52.05
N HIS A 101 11.34 63.91 -51.19
CA HIS A 101 12.70 64.41 -51.03
C HIS A 101 13.59 63.38 -50.33
N ILE A 102 13.08 62.72 -49.29
CA ILE A 102 13.86 61.70 -48.61
C ILE A 102 14.14 60.55 -49.57
N LEU A 103 13.15 60.15 -50.36
CA LEU A 103 13.36 59.10 -51.35
C LEU A 103 14.40 59.52 -52.38
N ALA A 104 14.36 60.78 -52.82
CA ALA A 104 15.35 61.26 -53.78
C ALA A 104 16.74 61.23 -53.20
N LEU A 105 16.91 61.67 -51.96
CA LEU A 105 18.22 61.64 -51.32
C LEU A 105 18.73 60.21 -51.19
N LEU A 106 17.86 59.29 -50.75
CA LEU A 106 18.28 57.90 -50.60
C LEU A 106 18.66 57.29 -51.94
N ASP A 107 17.89 57.56 -52.98
CA ASP A 107 18.19 56.99 -54.29
C ASP A 107 19.47 57.59 -54.88
N ILE A 108 19.71 58.88 -54.62
CA ILE A 108 20.97 59.48 -55.05
C ILE A 108 22.13 58.82 -54.32
N ILE A 109 21.96 58.57 -53.03
CA ILE A 109 23.00 57.87 -52.27
C ILE A 109 23.25 56.48 -52.85
N LEU A 110 22.17 55.78 -53.19
CA LEU A 110 22.31 54.45 -53.78
C LEU A 110 23.02 54.50 -55.12
N ARG A 111 22.68 55.49 -55.95
CA ARG A 111 23.32 55.62 -57.25
C ARG A 111 24.77 56.08 -57.12
N HIS A 112 25.13 56.64 -55.96
CA HIS A 112 26.50 57.08 -55.74
C HIS A 112 27.48 55.92 -55.84
N THR A 113 27.11 54.76 -55.30
CA THR A 113 27.96 53.60 -55.41
C THR A 113 28.00 53.10 -56.85
N PHE A 114 29.16 53.21 -57.48
CA PHE A 114 29.35 52.80 -58.85
C PHE A 114 30.34 51.65 -58.89
N THR A 115 29.83 50.43 -59.11
CA THR A 115 30.70 49.27 -59.19
C THR A 115 31.44 49.23 -60.52
N ALA A 116 30.90 49.88 -61.55
CA ALA A 116 31.54 49.87 -62.86
C ALA A 116 32.92 50.51 -62.82
N ASN A 117 33.06 51.60 -62.07
CA ASN A 117 34.33 52.29 -62.00
C ASN A 117 35.42 51.41 -61.36
N GLY A 118 35.07 50.67 -60.32
CA GLY A 118 36.06 49.91 -59.58
C GLY A 118 36.78 50.69 -58.51
N SER A 119 36.47 51.98 -58.35
CA SER A 119 37.04 52.81 -57.30
C SER A 119 36.14 54.00 -57.05
N ILE A 120 36.06 54.43 -55.80
CA ILE A 120 35.18 55.53 -55.39
C ILE A 120 35.95 56.45 -54.44
N CYS A 121 35.78 57.76 -54.62
CA CYS A 121 36.38 58.71 -53.68
C CYS A 121 35.79 58.54 -52.30
N GLU A 122 34.49 58.27 -52.22
CA GLU A 122 33.79 58.06 -50.95
C GLU A 122 33.95 59.24 -50.01
N VAL A 123 34.07 60.44 -50.59
CA VAL A 123 34.30 61.63 -49.77
C VAL A 123 33.06 61.95 -48.95
N VAL A 124 31.87 61.75 -49.52
CA VAL A 124 30.62 61.96 -48.81
C VAL A 124 30.12 60.69 -48.14
N CYS A 125 30.95 59.63 -48.10
CA CYS A 125 30.49 58.34 -47.62
C CYS A 125 30.18 58.36 -46.14
N LEU A 126 30.73 59.33 -45.41
CA LEU A 126 30.55 59.35 -43.96
C LEU A 126 29.09 59.59 -43.57
N ASN A 127 28.40 60.48 -44.28
CA ASN A 127 27.11 60.95 -43.80
C ASN A 127 26.01 59.92 -44.00
N PHE A 128 26.17 59.03 -44.98
CA PHE A 128 25.04 58.22 -45.44
C PHE A 128 24.50 57.30 -44.35
N SER A 129 25.29 56.31 -43.93
CA SER A 129 24.79 55.34 -42.97
C SER A 129 24.54 55.98 -41.61
N LYS A 130 25.35 56.97 -41.25
CA LYS A 130 25.15 57.65 -39.98
C LYS A 130 23.80 58.35 -39.92
N ALA A 131 23.41 59.02 -41.01
CA ALA A 131 22.08 59.63 -41.05
C ALA A 131 21.00 58.56 -41.14
N LEU A 132 21.27 57.46 -41.86
CA LEU A 132 20.28 56.40 -41.97
C LEU A 132 19.93 55.83 -40.60
N ARG A 133 20.95 55.61 -39.77
CA ARG A 133 20.69 55.15 -38.40
C ARG A 133 20.20 56.28 -37.53
N LEU A 134 20.50 57.53 -37.89
CA LEU A 134 20.24 58.65 -36.99
C LEU A 134 18.95 59.38 -37.36
N LEU A 135 18.76 59.66 -38.65
CA LEU A 135 17.65 60.50 -39.09
C LEU A 135 16.59 59.65 -39.77
N LEU A 136 15.38 60.21 -39.84
CA LEU A 136 14.24 59.57 -40.52
C LEU A 136 13.97 58.18 -39.95
N SER A 137 14.18 58.03 -38.65
CA SER A 137 14.02 56.72 -38.01
C SER A 137 12.57 56.24 -38.11
N HIS A 138 11.62 57.14 -37.95
CA HIS A 138 10.21 56.77 -38.00
C HIS A 138 9.88 56.14 -39.35
N SER A 139 9.15 55.02 -39.30
CA SER A 139 9.32 53.98 -40.32
C SER A 139 8.79 54.32 -41.71
N PRO A 140 7.86 55.25 -41.93
CA PRO A 140 7.58 55.58 -43.34
C PRO A 140 8.83 56.01 -44.07
N HIS A 141 9.56 56.98 -43.51
CA HIS A 141 10.81 57.42 -44.14
C HIS A 141 11.85 56.31 -44.16
N LEU A 142 12.02 55.60 -43.04
CA LEU A 142 13.09 54.60 -42.96
C LEU A 142 12.75 53.35 -43.75
N HIS A 143 11.69 52.64 -43.35
CA HIS A 143 11.30 51.41 -44.01
C HIS A 143 10.68 51.67 -45.38
N HIS A 144 10.53 52.95 -45.76
CA HIS A 144 10.21 53.27 -47.15
C HIS A 144 11.22 52.61 -48.08
N LEU A 145 12.49 52.62 -47.69
CA LEU A 145 13.46 51.76 -48.35
C LEU A 145 13.07 50.31 -48.14
N ARG A 146 12.63 49.67 -49.22
CA ARG A 146 12.08 48.33 -49.11
C ARG A 146 13.18 47.29 -48.91
N PHE A 147 12.78 46.02 -48.96
CA PHE A 147 13.74 44.92 -48.80
C PHE A 147 14.79 44.94 -49.90
N SER A 148 14.41 45.35 -51.12
CA SER A 148 15.39 45.50 -52.18
C SER A 148 16.42 46.55 -51.82
N ASP A 149 16.00 47.61 -51.14
CA ASP A 149 16.95 48.61 -50.65
C ASP A 149 17.87 48.01 -49.60
N TRP A 150 17.35 47.11 -48.77
CA TRP A 150 18.21 46.42 -47.81
C TRP A 150 19.23 45.54 -48.52
N GLN A 151 18.81 44.86 -49.60
CA GLN A 151 19.74 44.06 -50.39
C GLN A 151 20.80 44.95 -51.02
N SER A 152 20.41 46.11 -51.51
CA SER A 152 21.37 47.06 -52.03
C SER A 152 22.34 47.52 -50.95
N LEU A 153 21.83 47.74 -49.73
CA LEU A 153 22.69 48.11 -48.61
C LEU A 153 23.67 46.99 -48.32
N VAL A 154 23.22 45.75 -48.43
CA VAL A 154 24.10 44.61 -48.25
C VAL A 154 25.19 44.59 -49.30
N SER A 155 24.81 44.86 -50.56
CA SER A 155 25.80 44.92 -51.63
C SER A 155 26.80 46.03 -51.38
N TYR A 156 26.32 47.19 -50.91
CA TYR A 156 27.21 48.30 -50.61
C TYR A 156 28.16 47.95 -49.48
N CYS A 157 27.68 47.25 -48.45
CA CYS A 157 28.56 46.82 -47.38
C CYS A 157 29.57 45.80 -47.88
N CYS A 158 29.17 44.93 -48.80
CA CYS A 158 30.10 43.98 -49.38
C CYS A 158 31.20 44.70 -50.15
N GLN A 159 30.83 45.73 -50.90
CA GLN A 159 31.84 46.55 -51.58
C GLN A 159 32.73 47.28 -50.57
N ALA A 160 32.13 47.78 -49.50
CA ALA A 160 32.89 48.50 -48.47
C ALA A 160 33.91 47.59 -47.80
N ILE A 161 33.56 46.31 -47.62
CA ILE A 161 34.48 45.35 -47.02
C ILE A 161 35.77 45.29 -47.83
N GLU A 162 35.65 45.29 -49.16
CA GLU A 162 36.84 45.39 -49.99
C GLU A 162 37.44 46.79 -49.94
N LYS A 163 36.61 47.80 -49.69
CA LYS A 163 37.10 49.17 -49.71
C LYS A 163 37.67 49.58 -48.36
N LEU A 164 37.09 49.08 -47.27
CA LEU A 164 37.51 49.50 -45.94
C LEU A 164 38.90 48.95 -45.62
N SER A 165 39.69 49.78 -44.92
CA SER A 165 41.03 49.41 -44.47
C SER A 165 41.91 48.90 -45.59
N LYS A 200 38.96 52.56 -48.26
CA LYS A 200 37.97 53.49 -47.72
C LYS A 200 37.95 53.45 -46.20
N GLN A 201 38.68 54.38 -45.58
CA GLN A 201 38.71 54.46 -44.12
C GLN A 201 37.33 54.82 -43.58
N GLU A 202 36.62 55.72 -44.27
CA GLU A 202 35.28 56.11 -43.83
C GLU A 202 34.28 54.97 -43.98
N VAL A 203 34.66 53.93 -44.72
CA VAL A 203 33.77 52.78 -44.88
C VAL A 203 33.55 52.10 -43.53
N VAL A 204 34.54 52.14 -42.64
CA VAL A 204 34.37 51.57 -41.32
C VAL A 204 33.39 52.41 -40.50
N GLU A 205 33.51 53.74 -40.58
CA GLU A 205 32.59 54.62 -39.86
C GLU A 205 31.16 54.42 -40.34
N LEU A 206 30.98 54.23 -41.65
CA LEU A 206 29.65 53.94 -42.18
C LEU A 206 29.21 52.53 -41.78
N ILE A 207 30.14 51.58 -41.73
CA ILE A 207 29.80 50.20 -41.44
C ILE A 207 29.39 50.06 -39.98
N TYR A 208 29.80 50.99 -39.13
CA TYR A 208 29.28 51.00 -37.77
C TYR A 208 27.75 51.11 -37.78
N VAL A 209 27.23 52.12 -38.48
CA VAL A 209 25.78 52.26 -38.59
C VAL A 209 25.20 51.12 -39.41
N MET A 210 25.97 50.59 -40.36
CA MET A 210 25.48 49.46 -41.15
C MET A 210 25.25 48.24 -40.27
N ARG A 211 26.15 47.99 -39.32
CA ARG A 211 25.96 46.91 -38.36
C ARG A 211 24.83 47.24 -37.41
N SER A 212 24.69 48.52 -37.05
CA SER A 212 23.55 48.92 -36.23
C SER A 212 22.23 48.64 -36.93
N LEU A 213 22.22 48.71 -38.27
CA LEU A 213 20.97 48.57 -39.02
C LEU A 213 20.81 47.16 -39.57
N VAL A 214 21.84 46.31 -39.45
CA VAL A 214 21.77 44.98 -40.03
C VAL A 214 20.64 44.17 -39.40
N GLN A 215 20.62 44.09 -38.07
CA GLN A 215 19.47 43.54 -37.38
C GLN A 215 18.55 44.68 -36.95
N TRP A 216 17.50 44.91 -37.73
CA TRP A 216 16.71 46.12 -37.62
C TRP A 216 15.41 45.82 -36.88
N TYR A 217 14.52 46.82 -36.87
CA TYR A 217 13.17 46.59 -36.38
C TYR A 217 12.51 45.46 -37.15
N ALA A 218 12.98 45.22 -38.37
CA ALA A 218 12.69 44.00 -39.13
C ALA A 218 13.85 43.76 -40.08
N ALA A 219 14.54 42.65 -39.91
CA ALA A 219 15.71 42.33 -40.70
C ALA A 219 15.50 41.04 -41.48
N PRO A 220 15.27 41.10 -42.79
CA PRO A 220 15.14 39.87 -43.59
C PRO A 220 16.45 39.31 -44.12
N ILE A 221 17.59 39.70 -43.55
CA ILE A 221 18.88 39.21 -44.05
C ILE A 221 18.98 37.70 -43.89
N ASN A 222 18.58 37.18 -42.73
CA ASN A 222 18.57 35.74 -42.54
C ASN A 222 17.56 35.08 -43.46
N PHE A 223 16.51 35.80 -43.85
CA PHE A 223 15.61 35.30 -44.88
C PHE A 223 16.33 35.16 -46.21
N VAL A 224 17.28 36.04 -46.49
CA VAL A 224 18.17 35.88 -47.64
C VAL A 224 19.36 35.06 -47.19
N SER A 225 19.17 33.73 -47.12
CA SER A 225 20.15 32.87 -46.48
C SER A 225 21.47 32.85 -47.24
N GLU A 226 21.42 32.80 -48.57
CA GLU A 226 22.65 32.90 -49.34
C GLU A 226 23.29 34.27 -49.14
N GLN A 227 22.49 35.33 -49.19
CA GLN A 227 23.01 36.65 -48.90
C GLN A 227 23.50 36.74 -47.45
N LEU A 228 22.78 36.07 -46.53
CA LEU A 228 23.21 36.05 -45.14
C LEU A 228 24.59 35.40 -45.00
N LEU A 229 24.79 34.26 -45.67
CA LEU A 229 26.08 33.58 -45.61
C LEU A 229 27.18 34.42 -46.25
N LYS A 230 26.87 35.07 -47.38
CA LYS A 230 27.87 35.90 -48.05
C LYS A 230 28.29 37.06 -47.17
N PHE A 231 27.33 37.75 -46.57
CA PHE A 231 27.66 38.87 -45.69
C PHE A 231 28.40 38.39 -44.45
N PHE A 232 28.03 37.22 -43.93
CA PHE A 232 28.75 36.66 -42.79
C PHE A 232 30.20 36.37 -43.16
N GLU A 233 30.42 35.81 -44.34
CA GLU A 233 31.78 35.53 -44.79
C GLU A 233 32.56 36.83 -44.96
N PHE A 234 31.91 37.86 -45.49
CA PHE A 234 32.57 39.16 -45.62
C PHE A 234 32.94 39.72 -44.26
N PHE A 235 32.04 39.61 -43.28
CA PHE A 235 32.32 40.11 -41.95
C PHE A 235 33.46 39.32 -41.31
N PHE A 236 33.50 38.01 -41.52
CA PHE A 236 34.56 37.19 -40.95
C PHE A 236 35.89 37.48 -41.63
N TYR A 237 35.86 37.89 -42.90
CA TYR A 237 37.10 38.13 -43.64
C TYR A 237 37.94 39.22 -42.99
N ALA A 238 37.28 40.21 -42.39
CA ALA A 238 37.97 41.27 -41.67
C ALA A 238 37.72 41.11 -40.18
N TYR A 239 38.54 40.28 -39.54
CA TYR A 239 38.53 40.17 -38.09
C TYR A 239 39.11 41.47 -37.55
N THR A 240 38.25 42.48 -37.41
CA THR A 240 38.70 43.84 -37.22
C THR A 240 39.52 43.97 -35.94
N GLU A 241 40.67 44.64 -36.06
CA GLU A 241 41.47 44.95 -34.88
C GLU A 241 40.72 45.90 -33.95
N GLU A 242 40.04 46.89 -34.52
CA GLU A 242 39.29 47.87 -33.74
C GLU A 242 38.14 48.39 -34.57
N THR A 243 36.91 48.22 -34.07
CA THR A 243 35.71 48.69 -34.76
C THR A 243 34.56 48.75 -33.77
N ASP A 244 33.86 49.89 -33.74
CA ASP A 244 32.65 49.98 -32.93
C ASP A 244 31.58 49.05 -33.46
N ALA A 245 31.65 48.70 -34.75
CA ALA A 245 30.68 47.78 -35.33
C ALA A 245 30.97 46.33 -34.95
N HIS A 246 32.18 46.06 -34.47
CA HIS A 246 32.60 44.68 -34.23
C HIS A 246 31.62 43.95 -33.33
N LEU A 247 31.29 44.54 -32.19
CA LEU A 247 30.31 43.92 -31.29
C LEU A 247 28.92 43.81 -31.93
N PRO A 248 28.37 44.85 -32.55
CA PRO A 248 27.00 44.72 -33.09
C PRO A 248 26.90 43.81 -34.30
N ALA A 249 27.86 43.90 -35.22
CA ALA A 249 27.86 43.00 -36.36
C ALA A 249 28.03 41.56 -35.92
N LEU A 250 28.93 41.31 -34.96
CA LEU A 250 29.11 39.96 -34.45
C LEU A 250 27.87 39.47 -33.73
N GLN A 251 27.16 40.37 -33.05
CA GLN A 251 25.92 39.98 -32.38
C GLN A 251 24.83 39.62 -33.40
N CYS A 252 24.72 40.39 -34.47
CA CYS A 252 23.79 40.04 -35.53
C CYS A 252 24.16 38.71 -36.15
N LEU A 253 25.45 38.48 -36.39
CA LEU A 253 25.91 37.21 -36.91
C LEU A 253 25.59 36.07 -35.95
N PHE A 254 25.73 36.32 -34.65
CA PHE A 254 25.45 35.29 -33.65
C PHE A 254 23.96 34.95 -33.64
N GLN A 255 23.10 35.96 -33.71
CA GLN A 255 21.67 35.70 -33.76
C GLN A 255 21.30 34.92 -35.01
N LEU A 256 21.88 35.30 -36.15
CA LEU A 256 21.58 34.59 -37.40
C LEU A 256 22.07 33.15 -37.35
N CYS A 257 23.26 32.92 -36.80
CA CYS A 257 23.76 31.57 -36.66
C CYS A 257 22.91 30.77 -35.69
N ALA A 258 22.41 31.41 -34.64
CA ALA A 258 21.51 30.75 -33.72
C ALA A 258 20.24 30.31 -34.43
N TYR A 259 19.71 31.17 -35.30
CA TYR A 259 18.59 30.77 -36.14
C TYR A 259 18.97 29.59 -37.04
N ALA A 260 20.17 29.63 -37.61
CA ALA A 260 20.59 28.61 -38.55
C ALA A 260 20.86 27.27 -37.85
N ILE A 261 21.10 27.31 -36.55
CA ILE A 261 21.48 26.10 -35.83
C ILE A 261 20.39 25.04 -35.90
N PRO A 262 19.14 25.32 -35.54
CA PRO A 262 18.13 24.24 -35.62
C PRO A 262 17.66 23.97 -37.03
N ASN A 263 17.39 25.02 -37.82
CA ASN A 263 16.87 24.86 -39.16
C ASN A 263 18.00 25.10 -40.14
N CYS A 264 18.18 24.14 -41.06
CA CYS A 264 19.33 24.13 -41.96
C CYS A 264 20.63 24.20 -41.17
N ASN A 265 20.86 23.17 -40.35
CA ASN A 265 22.05 23.14 -39.51
C ASN A 265 23.32 22.96 -40.35
N ASP A 266 23.15 22.77 -41.67
CA ASP A 266 24.32 22.71 -42.55
C ASP A 266 24.96 24.09 -42.72
N TYR A 267 24.15 25.11 -42.99
CA TYR A 267 24.67 26.46 -42.99
C TYR A 267 25.19 26.84 -41.61
N SER A 268 24.50 26.37 -40.56
CA SER A 268 24.99 26.55 -39.21
C SER A 268 26.35 25.91 -39.03
N ALA A 269 26.58 24.77 -39.67
CA ALA A 269 27.86 24.08 -39.54
C ALA A 269 28.95 24.82 -40.28
N SER A 270 28.63 25.38 -41.44
CA SER A 270 29.61 26.23 -42.13
C SER A 270 29.99 27.44 -41.27
N VAL A 271 28.98 28.09 -40.69
CA VAL A 271 29.24 29.23 -39.81
C VAL A 271 30.03 28.78 -38.60
N VAL A 272 29.78 27.56 -38.11
CA VAL A 272 30.45 27.06 -36.92
C VAL A 272 31.91 26.74 -37.22
N LEU A 273 32.21 26.28 -38.45
CA LEU A 273 33.59 26.06 -38.83
C LEU A 273 34.33 27.39 -38.96
N LEU A 274 33.66 28.39 -39.54
CA LEU A 274 34.24 29.72 -39.55
C LEU A 274 34.51 30.22 -38.13
N VAL A 275 33.56 29.99 -37.23
CA VAL A 275 33.74 30.39 -35.83
C VAL A 275 34.84 29.56 -35.18
N PHE A 276 35.05 28.33 -35.65
CA PHE A 276 36.15 27.52 -35.15
C PHE A 276 37.48 28.14 -35.52
N LYS A 277 37.60 28.63 -36.74
CA LYS A 277 38.78 29.40 -37.11
C LYS A 277 38.89 30.66 -36.25
N ILE A 278 37.77 31.34 -36.03
CA ILE A 278 37.76 32.57 -35.24
C ILE A 278 38.14 32.29 -33.80
N LEU A 279 37.91 31.07 -33.33
CA LEU A 279 38.26 30.73 -31.95
C LEU A 279 39.76 30.73 -31.75
N ILE A 280 40.51 30.09 -32.64
CA ILE A 280 41.96 30.18 -32.58
C ILE A 280 42.41 31.61 -32.85
N ASN A 281 41.69 32.31 -33.72
CA ASN A 281 42.01 33.72 -33.95
C ASN A 281 41.94 34.52 -32.64
N SER A 282 40.88 34.32 -31.87
CA SER A 282 40.78 34.95 -30.56
C SER A 282 41.84 34.40 -29.62
N ASP A 283 42.22 33.14 -29.80
CA ASP A 283 43.31 32.57 -29.01
C ASP A 283 44.63 33.27 -29.29
N LYS A 284 44.73 33.94 -30.44
CA LYS A 284 45.97 34.64 -30.77
C LYS A 284 46.02 36.04 -30.16
N TRP A 285 44.97 36.83 -30.36
CA TRP A 285 44.98 38.23 -29.94
C TRP A 285 44.67 38.39 -28.46
N LYS A 286 44.86 39.60 -27.94
CA LYS A 286 44.66 39.91 -26.52
C LYS A 286 44.31 41.40 -26.36
N ARG A 287 43.04 41.68 -26.09
CA ARG A 287 42.56 43.01 -25.76
C ARG A 287 41.26 42.87 -24.97
N LEU A 288 41.32 43.16 -23.67
CA LEU A 288 40.25 42.75 -22.75
C LEU A 288 38.92 43.41 -23.09
N ASP A 289 38.94 44.71 -23.37
CA ASP A 289 37.67 45.41 -23.62
C ASP A 289 36.96 44.82 -24.82
N LEU A 290 37.66 44.61 -25.92
CA LEU A 290 37.07 43.92 -27.06
C LEU A 290 36.91 42.44 -26.77
N ARG A 291 37.75 41.90 -25.88
CA ARG A 291 37.60 40.50 -25.50
C ARG A 291 36.25 40.27 -24.84
N LEU A 292 35.63 41.32 -24.29
CA LEU A 292 34.29 41.17 -23.76
C LEU A 292 33.32 40.70 -24.84
N GLN A 293 33.26 41.41 -25.96
CA GLN A 293 32.39 40.98 -27.05
C GLN A 293 32.89 39.69 -27.69
N LEU A 294 34.21 39.50 -27.72
CA LEU A 294 34.74 38.26 -28.29
C LEU A 294 34.27 37.04 -27.50
N ILE A 295 34.31 37.16 -26.17
CA ILE A 295 33.82 36.08 -25.31
C ILE A 295 32.31 35.97 -25.42
N GLN A 296 31.63 37.11 -25.64
CA GLN A 296 30.19 37.03 -25.86
C GLN A 296 29.87 36.19 -27.10
N CYS A 297 30.63 36.38 -28.18
CA CYS A 297 30.41 35.60 -29.39
C CYS A 297 30.82 34.14 -29.19
N LEU A 298 31.94 33.92 -28.50
CA LEU A 298 32.34 32.56 -28.17
C LEU A 298 31.26 31.87 -27.36
N ALA A 299 30.61 32.59 -26.45
CA ALA A 299 29.52 32.02 -25.66
C ALA A 299 28.29 31.80 -26.52
N ILE A 300 28.05 32.67 -27.50
CA ILE A 300 26.97 32.45 -28.44
C ILE A 300 27.17 31.12 -29.16
N SER A 301 28.41 30.83 -29.51
CA SER A 301 28.72 29.49 -30.02
C SER A 301 28.58 28.43 -28.94
N TYR A 302 28.83 28.80 -27.68
CA TYR A 302 28.90 27.83 -26.61
C TYR A 302 27.62 27.03 -26.39
N PRO A 303 26.42 27.62 -26.42
CA PRO A 303 25.22 26.76 -26.39
C PRO A 303 25.18 25.81 -27.58
N LEU A 304 25.53 26.31 -28.77
CA LEU A 304 25.65 25.44 -29.92
C LEU A 304 26.79 24.45 -29.76
N TRP A 305 27.86 24.85 -29.06
CA TRP A 305 28.96 23.93 -28.81
C TRP A 305 28.51 22.79 -27.90
N SER A 306 27.76 23.10 -26.85
CA SER A 306 27.21 22.07 -25.99
C SER A 306 26.22 21.20 -26.75
N ASN A 307 25.52 21.78 -27.72
CA ASN A 307 24.70 20.98 -28.63
C ASN A 307 25.58 20.01 -29.42
N SER A 308 26.71 20.51 -29.93
CA SER A 308 27.58 19.68 -30.77
C SER A 308 28.34 18.66 -29.93
N GLU A 309 28.29 18.82 -28.60
CA GLU A 309 29.00 17.89 -27.73
C GLU A 309 28.54 16.46 -27.93
N THR A 310 27.23 16.25 -28.08
CA THR A 310 26.72 14.89 -28.23
C THR A 310 27.26 14.23 -29.49
N TRP A 311 27.11 14.88 -30.64
CA TRP A 311 27.68 14.42 -31.90
C TRP A 311 28.73 15.43 -32.32
N ASP A 312 30.00 15.04 -32.22
CA ASP A 312 31.09 15.99 -32.25
C ASP A 312 31.07 16.81 -33.54
N PRO A 313 31.02 18.14 -33.46
CA PRO A 313 31.26 18.94 -34.67
C PRO A 313 32.61 18.63 -35.27
N HIS A 314 33.59 18.36 -34.43
CA HIS A 314 34.83 17.71 -34.81
C HIS A 314 35.28 16.88 -33.62
N ARG A 315 35.64 15.61 -33.88
CA ARG A 315 36.05 14.73 -32.79
C ARG A 315 37.33 15.24 -32.13
N SER A 316 38.14 16.00 -32.86
CA SER A 316 39.34 16.57 -32.27
C SER A 316 39.15 18.03 -31.87
N ILE A 317 37.93 18.55 -32.00
CA ILE A 317 37.66 19.94 -31.65
C ILE A 317 37.88 20.18 -30.17
N ARG A 318 37.78 19.12 -29.35
CA ARG A 318 37.90 19.29 -27.91
C ARG A 318 39.29 19.74 -27.50
N SER A 319 40.33 19.14 -28.11
CA SER A 319 41.70 19.55 -27.77
C SER A 319 41.99 20.98 -28.21
N PHE A 320 41.52 21.34 -29.41
CA PHE A 320 41.67 22.71 -29.87
C PHE A 320 40.93 23.67 -28.96
N ASN A 321 39.74 23.28 -28.49
CA ASN A 321 38.98 24.12 -27.58
C ASN A 321 39.68 24.24 -26.23
N LEU A 322 40.38 23.18 -25.81
CA LEU A 322 41.16 23.26 -24.58
C LEU A 322 42.32 24.24 -24.73
N ASP A 323 43.00 24.20 -25.88
CA ASP A 323 44.05 25.17 -26.13
C ASP A 323 43.49 26.59 -26.14
N LEU A 324 42.34 26.77 -26.79
CA LEU A 324 41.71 28.08 -26.81
C LEU A 324 41.23 28.49 -25.42
N LEU A 325 40.91 27.50 -24.57
CA LEU A 325 40.50 27.83 -23.20
C LEU A 325 41.68 28.25 -22.36
N ASN A 326 42.85 27.66 -22.62
CA ASN A 326 44.08 28.18 -22.03
C ASN A 326 44.31 29.62 -22.48
N SER A 327 44.08 29.88 -23.77
CA SER A 327 44.14 31.26 -24.25
C SER A 327 43.09 32.13 -23.56
N SER A 328 41.94 31.55 -23.24
CA SER A 328 40.89 32.29 -22.56
C SER A 328 41.30 32.68 -21.16
N PHE A 329 41.95 31.77 -20.44
CA PHE A 329 42.52 32.10 -19.14
C PHE A 329 43.60 33.18 -19.29
N PHE A 330 44.43 33.06 -20.32
CA PHE A 330 45.46 34.06 -20.56
C PHE A 330 44.86 35.44 -20.79
N SER A 331 43.77 35.50 -21.56
CA SER A 331 43.06 36.77 -21.72
C SER A 331 42.45 37.21 -20.40
N LEU A 332 41.90 36.26 -19.63
CA LEU A 332 41.31 36.55 -18.33
C LEU A 332 42.35 36.93 -17.29
N LYS A 333 43.63 36.95 -17.67
CA LYS A 333 44.66 37.46 -16.76
C LYS A 333 44.28 38.84 -16.21
N ASN A 334 43.44 39.57 -16.93
CA ASN A 334 42.84 40.77 -16.37
C ASN A 334 42.09 40.42 -15.09
N PHE A 335 42.62 40.90 -13.96
CA PHE A 335 42.08 40.49 -12.66
C PHE A 335 40.68 41.04 -12.43
N LEU A 336 40.26 42.00 -13.27
CA LEU A 336 38.89 42.51 -13.16
C LEU A 336 37.89 41.38 -13.32
N ASN A 337 38.01 40.61 -14.39
CA ASN A 337 37.30 39.34 -14.46
C ASN A 337 38.01 38.37 -13.53
N PHE A 338 37.32 38.01 -12.43
CA PHE A 338 38.00 37.32 -11.35
C PHE A 338 37.12 36.16 -10.87
N PHE A 339 37.39 35.73 -9.65
CA PHE A 339 36.73 34.55 -9.11
C PHE A 339 35.32 34.88 -8.62
N GLY A 340 34.42 33.89 -8.78
CA GLY A 340 33.04 34.10 -8.39
C GLY A 340 32.85 34.05 -6.88
N LYS A 341 33.89 33.66 -6.15
CA LYS A 341 33.79 33.62 -4.71
C LYS A 341 33.32 34.96 -4.18
N ARG A 342 32.32 34.90 -3.30
CA ARG A 342 31.62 36.08 -2.81
C ARG A 342 31.09 36.93 -3.95
N SER A 343 30.48 36.32 -4.96
CA SER A 343 29.90 37.11 -6.03
C SER A 343 28.75 37.98 -5.52
N SER A 344 28.29 37.69 -4.30
CA SER A 344 27.31 38.51 -3.58
C SER A 344 25.92 38.39 -4.19
N LEU A 345 25.80 37.68 -5.31
CA LEU A 345 24.58 37.01 -5.78
C LEU A 345 23.30 37.61 -5.19
N SER A 346 23.10 38.90 -5.41
CA SER A 346 21.93 39.58 -4.85
C SER A 346 20.64 38.95 -5.37
N LEU A 347 19.71 38.70 -4.44
CA LEU A 347 18.35 38.18 -4.67
C LEU A 347 18.31 36.70 -5.03
N ALA A 348 19.38 35.94 -4.77
CA ALA A 348 19.34 34.50 -4.99
C ALA A 348 18.37 33.86 -4.02
N ASN A 349 17.79 32.72 -4.43
CA ASN A 349 16.78 32.04 -3.62
C ASN A 349 16.75 30.56 -3.95
N PHE A 350 16.12 29.79 -3.06
CA PHE A 350 15.94 28.37 -3.29
C PHE A 350 14.57 28.10 -3.92
N ARG A 351 14.39 26.86 -4.39
CA ARG A 351 13.18 26.31 -5.01
C ARG A 351 12.93 26.80 -6.43
N PHE A 352 13.87 27.48 -7.07
CA PHE A 352 13.76 27.85 -8.47
C PHE A 352 15.13 27.73 -9.12
N HIS A 353 15.20 27.05 -10.26
CA HIS A 353 16.49 26.64 -10.82
C HIS A 353 17.31 27.82 -11.29
N THR A 354 18.58 27.55 -11.59
CA THR A 354 19.52 28.60 -11.97
C THR A 354 19.58 28.80 -13.48
N VAL A 355 20.13 29.93 -13.90
CA VAL A 355 20.20 30.30 -15.30
C VAL A 355 21.59 30.76 -15.73
N GLU A 356 22.64 30.30 -15.06
CA GLU A 356 23.99 30.73 -15.42
C GLU A 356 24.33 30.40 -16.86
N PRO A 357 24.12 29.18 -17.36
CA PRO A 357 24.26 28.96 -18.81
C PRO A 357 23.03 29.37 -19.58
N LYS A 358 21.93 29.66 -18.88
CA LYS A 358 20.67 30.12 -19.44
C LYS A 358 20.07 29.13 -20.44
N ASN A 359 20.30 27.84 -20.25
CA ASN A 359 19.71 26.80 -21.09
C ASN A 359 18.92 25.83 -20.22
N ASN A 360 17.67 25.57 -20.60
CA ASN A 360 16.80 24.76 -19.77
C ASN A 360 17.25 23.30 -19.75
N ILE A 361 18.17 22.93 -20.64
CA ILE A 361 18.58 21.54 -20.77
C ILE A 361 19.22 21.05 -19.47
N ALA A 362 19.91 21.93 -18.76
CA ALA A 362 20.72 21.50 -17.63
C ALA A 362 19.89 20.85 -16.54
N LYS A 363 18.73 21.42 -16.23
CA LYS A 363 17.89 21.05 -15.09
C LYS A 363 18.61 21.30 -13.77
N LEU A 364 19.80 21.91 -13.80
CA LEU A 364 20.49 22.27 -12.58
C LEU A 364 19.70 23.35 -11.85
N TYR A 365 19.57 23.19 -10.54
CA TYR A 365 18.60 23.95 -9.76
C TYR A 365 19.29 24.94 -8.83
N ASP A 366 18.92 26.21 -8.97
CA ASP A 366 19.06 27.25 -7.96
C ASP A 366 20.49 27.47 -7.48
N PRO A 367 21.47 27.55 -8.37
CA PRO A 367 22.77 28.07 -7.93
C PRO A 367 22.65 29.56 -7.63
N ARG A 368 23.18 29.97 -6.48
CA ARG A 368 23.07 31.36 -6.10
C ARG A 368 23.91 32.21 -7.05
N LEU A 369 23.27 32.71 -8.10
CA LEU A 369 23.94 33.33 -9.22
C LEU A 369 24.23 34.78 -8.87
N HIS A 370 25.44 35.23 -9.20
CA HIS A 370 25.74 36.65 -9.12
C HIS A 370 24.64 37.43 -9.81
N LEU A 371 24.06 38.39 -9.08
CA LEU A 371 22.89 39.08 -9.60
C LEU A 371 23.16 39.69 -10.97
N PHE A 372 24.24 40.48 -11.08
CA PHE A 372 24.69 41.03 -12.35
C PHE A 372 23.53 41.72 -13.08
N PHE A 373 22.76 42.52 -12.33
CA PHE A 373 21.64 43.25 -12.91
C PHE A 373 21.64 44.70 -12.43
N HIS A 377 23.59 45.81 -6.32
CA HIS A 377 24.54 46.44 -7.23
C HIS A 377 23.96 46.58 -8.61
N ASN A 378 24.46 47.55 -9.36
CA ASN A 378 24.06 47.70 -10.75
C ASN A 378 24.99 46.86 -11.62
N SER A 379 24.91 45.54 -11.41
CA SER A 379 25.46 44.56 -12.34
C SER A 379 26.98 44.65 -12.53
N PHE A 380 27.75 44.31 -11.48
CA PHE A 380 29.21 44.37 -11.61
C PHE A 380 29.81 43.04 -12.06
N PHE A 381 29.25 41.92 -11.62
CA PHE A 381 29.99 40.66 -11.65
C PHE A 381 29.89 39.94 -13.00
N GLU A 382 28.97 40.37 -13.87
CA GLU A 382 28.70 39.59 -15.08
C GLU A 382 29.96 39.38 -15.91
N SER A 383 30.71 40.45 -16.15
CA SER A 383 31.96 40.31 -16.89
C SER A 383 32.95 39.43 -16.14
N TYR A 384 33.02 39.60 -14.83
CA TYR A 384 33.77 38.65 -14.01
C TYR A 384 33.16 37.27 -14.14
N PHE A 385 31.82 37.18 -14.12
CA PHE A 385 31.15 35.93 -14.45
C PHE A 385 31.56 35.43 -15.82
N ILE A 386 31.83 36.36 -16.75
CA ILE A 386 32.36 36.00 -18.05
C ILE A 386 33.63 35.18 -17.90
N TYR A 387 34.53 35.60 -17.00
CA TYR A 387 35.71 34.81 -16.71
C TYR A 387 35.34 33.37 -16.36
N PHE A 388 34.34 33.20 -15.49
CA PHE A 388 33.89 31.87 -15.12
C PHE A 388 33.50 31.07 -16.35
N PHE A 389 32.78 31.71 -17.29
CA PHE A 389 32.44 31.03 -18.53
C PHE A 389 33.68 30.52 -19.24
N LEU A 390 34.71 31.37 -19.34
CA LEU A 390 35.99 30.90 -19.87
C LEU A 390 36.46 29.69 -19.09
N ALA A 391 36.48 29.79 -17.75
CA ALA A 391 36.73 28.62 -16.93
C ALA A 391 35.74 27.53 -17.24
N LYS A 392 34.44 27.87 -17.23
CA LYS A 392 33.42 26.90 -17.60
C LYS A 392 33.71 26.30 -18.96
N LEU A 393 34.21 27.12 -19.90
CA LEU A 393 34.56 26.60 -21.20
C LEU A 393 35.55 25.46 -21.09
N ILE A 394 36.66 25.69 -20.38
CA ILE A 394 37.61 24.62 -20.13
C ILE A 394 36.93 23.53 -19.31
N LEU A 395 36.09 23.92 -18.36
CA LEU A 395 35.30 22.94 -17.64
C LEU A 395 34.36 22.21 -18.58
N LEU A 396 33.77 22.94 -19.53
CA LEU A 396 32.97 22.28 -20.56
C LEU A 396 33.82 21.32 -21.37
N LYS A 397 35.08 21.68 -21.61
CA LYS A 397 35.96 20.83 -22.38
C LYS A 397 36.19 19.51 -21.66
N LYS A 398 35.75 18.42 -22.28
CA LYS A 398 36.08 17.10 -21.78
C LYS A 398 37.59 16.87 -21.79
N THR A 399 38.24 17.30 -22.87
CA THR A 399 39.69 17.27 -22.95
C THR A 399 40.28 18.49 -22.27
N SER A 417 33.91 15.61 -19.74
CA SER A 417 33.55 14.22 -19.97
C SER A 417 34.77 13.35 -20.16
N GLN A 418 35.97 13.96 -20.10
CA GLN A 418 37.18 13.18 -20.33
C GLN A 418 38.28 13.52 -19.32
N ILE A 419 38.12 14.63 -18.59
CA ILE A 419 39.23 15.11 -17.76
C ILE A 419 39.07 14.64 -16.31
N GLU A 420 37.89 14.16 -15.94
CA GLU A 420 37.53 14.00 -14.53
C GLU A 420 38.57 13.20 -13.76
N GLU A 421 38.97 12.04 -14.28
CA GLU A 421 39.95 11.21 -13.59
C GLU A 421 41.23 11.99 -13.33
N LEU A 422 41.59 12.87 -14.26
CA LEU A 422 42.78 13.70 -14.06
C LEU A 422 42.42 15.03 -13.42
N LEU A 423 41.23 15.57 -13.71
CA LEU A 423 40.86 16.89 -13.20
C LEU A 423 40.55 16.84 -11.72
N LEU A 424 40.47 15.64 -11.15
CA LEU A 424 40.18 15.51 -9.73
C LEU A 424 41.26 16.17 -8.87
N GLN A 425 42.53 15.93 -9.19
CA GLN A 425 43.59 16.29 -8.26
C GLN A 425 44.51 17.38 -8.81
N ALA A 426 44.81 17.33 -10.11
CA ALA A 426 45.87 18.16 -10.67
C ALA A 426 45.57 19.64 -10.55
N GLU A 427 44.32 20.03 -10.75
CA GLU A 427 43.96 21.45 -10.79
C GLU A 427 44.29 22.14 -9.47
N LEU A 428 44.78 23.37 -9.57
CA LEU A 428 45.04 24.15 -8.36
C LEU A 428 43.74 24.44 -7.61
N ALA A 429 42.60 24.33 -8.30
CA ALA A 429 41.28 24.46 -7.68
C ALA A 429 41.13 25.79 -6.96
N ASN A 430 41.65 26.86 -7.55
CA ASN A 430 41.48 28.19 -6.99
C ASN A 430 40.00 28.59 -7.02
N ILE A 431 39.69 29.71 -6.40
CA ILE A 431 38.31 30.20 -6.41
C ILE A 431 37.85 30.44 -7.84
N SER A 432 38.72 30.99 -8.68
CA SER A 432 38.41 31.09 -10.10
C SER A 432 38.19 29.70 -10.68
N ALA A 433 38.88 28.70 -10.16
CA ALA A 433 38.61 27.33 -10.55
C ALA A 433 37.53 26.71 -9.67
N SER A 434 37.28 27.29 -8.49
CA SER A 434 36.27 26.72 -7.60
C SER A 434 34.86 26.99 -8.11
N SER A 435 34.62 28.18 -8.66
CA SER A 435 33.35 28.45 -9.32
C SER A 435 33.16 27.53 -10.50
N PHE A 436 34.22 27.29 -11.27
CA PHE A 436 34.16 26.31 -12.35
C PHE A 436 33.90 24.92 -11.80
N SER A 437 34.35 24.63 -10.59
CA SER A 437 34.04 23.35 -9.97
C SER A 437 32.56 23.25 -9.62
N LEU A 438 31.97 24.36 -9.16
CA LEU A 438 30.53 24.39 -8.95
C LEU A 438 29.79 24.16 -10.27
N GLN A 439 30.23 24.85 -11.31
CA GLN A 439 29.67 24.64 -12.64
C GLN A 439 29.89 23.20 -13.10
N LEU A 440 30.98 22.58 -12.65
CA LEU A 440 31.21 21.18 -12.97
C LEU A 440 30.18 20.30 -12.29
N MET A 441 30.05 20.45 -10.96
CA MET A 441 29.12 19.63 -10.19
C MET A 441 27.70 19.84 -10.66
N VAL A 442 27.43 20.94 -11.38
CA VAL A 442 26.12 21.04 -12.01
C VAL A 442 26.13 20.41 -13.40
N ILE A 443 26.83 21.03 -14.35
CA ILE A 443 26.71 20.65 -15.75
C ILE A 443 27.65 19.53 -16.15
N ILE A 444 28.91 19.56 -15.73
CA ILE A 444 29.81 18.44 -16.03
C ILE A 444 29.33 17.21 -15.30
N THR A 445 28.71 17.39 -14.13
CA THR A 445 28.09 16.27 -13.45
C THR A 445 26.87 15.77 -14.22
N ALA A 446 26.11 16.69 -14.81
CA ALA A 446 25.01 16.28 -15.69
C ALA A 446 25.53 15.45 -16.85
N ILE A 447 26.69 15.83 -17.39
CA ILE A 447 27.24 15.14 -18.55
C ILE A 447 28.17 14.01 -18.12
N SER A 448 28.25 13.74 -16.82
CA SER A 448 29.26 12.82 -16.32
C SER A 448 28.69 11.42 -16.11
N ASP A 449 27.55 11.31 -15.44
CA ASP A 449 27.01 10.03 -15.01
C ASP A 449 28.03 9.27 -14.17
N ASN A 450 28.68 9.99 -13.26
CA ASN A 450 29.71 9.40 -12.42
C ASN A 450 29.11 8.36 -11.48
N LEU A 451 29.83 7.25 -11.30
CA LEU A 451 29.38 6.19 -10.41
C LEU A 451 29.63 6.58 -8.95
N THR A 452 29.35 5.64 -8.05
CA THR A 452 29.57 5.89 -6.63
C THR A 452 31.05 6.09 -6.32
N ASN A 453 31.92 5.38 -7.03
CA ASN A 453 33.35 5.47 -6.76
C ASN A 453 33.92 6.84 -7.12
N ASP A 454 33.55 7.37 -8.28
CA ASP A 454 34.08 8.66 -8.71
C ASP A 454 33.64 9.77 -7.77
N ASP A 455 32.36 9.75 -7.37
CA ASP A 455 31.90 10.73 -6.40
C ASP A 455 32.58 10.54 -5.05
N LEU A 456 32.78 9.29 -4.64
CA LEU A 456 33.46 9.02 -3.39
C LEU A 456 34.87 9.58 -3.39
N LEU A 457 35.55 9.50 -4.54
CA LEU A 457 36.90 10.05 -4.65
C LEU A 457 36.87 11.58 -4.71
N SER A 458 35.91 12.14 -5.44
CA SER A 458 35.89 13.59 -5.64
C SER A 458 35.50 14.33 -4.37
N ILE A 459 34.56 13.78 -3.60
CA ILE A 459 34.04 14.49 -2.43
C ILE A 459 35.11 14.58 -1.35
N GLN A 460 36.10 13.71 -1.39
CA GLN A 460 37.13 13.69 -0.35
C GLN A 460 37.93 14.98 -0.35
N LYS A 461 38.31 15.48 -1.53
CA LYS A 461 39.09 16.70 -1.60
C LYS A 461 38.32 17.90 -1.05
N MET A 462 37.05 18.03 -1.44
CA MET A 462 36.24 19.13 -0.93
C MET A 462 35.99 19.00 0.56
N SER A 463 35.81 17.76 1.04
CA SER A 463 35.63 17.55 2.47
C SER A 463 36.88 17.96 3.24
N LEU A 464 38.06 17.59 2.74
CA LEU A 464 39.30 18.02 3.39
C LEU A 464 39.42 19.54 3.36
N ASN A 465 39.05 20.15 2.23
CA ASN A 465 39.04 21.61 2.17
C ASN A 465 38.12 22.20 3.21
N PHE A 466 37.00 21.54 3.46
CA PHE A 466 36.06 22.03 4.47
C PHE A 466 36.59 21.79 5.87
N THR A 467 37.47 20.80 6.03
CA THR A 467 37.95 20.45 7.36
C THR A 467 38.71 21.62 7.99
N GLU A 468 39.58 22.25 7.23
CA GLU A 468 40.35 23.41 7.69
C GLU A 468 39.69 24.67 7.16
N LYS A 469 39.33 25.58 8.08
CA LYS A 469 38.69 26.83 7.70
C LYS A 469 39.77 27.82 7.23
N LYS A 470 40.54 27.37 6.24
CA LYS A 470 41.58 28.19 5.65
C LYS A 470 41.04 28.92 4.42
N ASN A 471 41.96 29.60 3.72
CA ASN A 471 41.55 30.36 2.54
C ASN A 471 40.87 29.48 1.51
N GLU A 472 41.27 28.20 1.44
CA GLU A 472 40.61 27.29 0.52
C GLU A 472 39.17 27.03 0.94
N LEU A 473 38.85 27.23 2.21
CA LEU A 473 37.55 26.81 2.72
C LEU A 473 36.42 27.72 2.27
N GLN A 474 36.62 29.04 2.33
CA GLN A 474 35.50 29.97 2.15
C GLN A 474 34.97 29.93 0.72
N SER A 475 35.85 30.07 -0.26
CA SER A 475 35.40 30.00 -1.65
C SER A 475 34.82 28.64 -1.96
N TRP A 476 35.25 27.62 -1.22
CA TRP A 476 34.76 26.27 -1.48
C TRP A 476 33.35 26.06 -0.95
N SER A 477 33.06 26.64 0.22
CA SER A 477 31.93 26.18 1.02
C SER A 477 30.64 26.07 0.20
N PHE A 478 30.30 27.12 -0.56
CA PHE A 478 29.04 27.11 -1.28
C PHE A 478 28.99 25.98 -2.31
N PHE A 479 30.02 25.89 -3.16
CA PHE A 479 30.02 24.87 -4.20
C PHE A 479 30.09 23.47 -3.60
N ILE A 480 30.89 23.29 -2.55
CA ILE A 480 31.06 21.97 -1.95
C ILE A 480 29.74 21.51 -1.33
N LEU A 481 29.08 22.40 -0.58
CA LEU A 481 27.80 22.04 0.02
C LEU A 481 26.74 21.79 -1.04
N PHE A 482 26.77 22.55 -2.13
CA PHE A 482 25.84 22.31 -3.22
C PHE A 482 26.06 20.94 -3.84
N ASN A 483 27.32 20.58 -4.07
CA ASN A 483 27.63 19.26 -4.61
C ASN A 483 27.18 18.16 -3.66
N ILE A 484 27.39 18.37 -2.35
CA ILE A 484 26.99 17.37 -1.38
C ILE A 484 25.48 17.20 -1.38
N CYS A 485 24.74 18.31 -1.30
CA CYS A 485 23.30 18.23 -1.23
C CYS A 485 22.69 17.83 -2.58
N TYR A 486 23.12 18.47 -3.66
CA TYR A 486 22.54 18.25 -4.97
C TYR A 486 23.53 17.50 -5.84
N ASN A 487 23.07 16.43 -6.48
CA ASN A 487 23.91 15.59 -7.30
C ASN A 487 23.03 14.68 -8.14
N LYS A 488 23.68 13.74 -8.84
CA LYS A 488 22.94 12.71 -9.54
C LYS A 488 22.17 11.83 -8.56
N ALA A 489 22.80 11.48 -7.43
CA ALA A 489 22.17 10.58 -6.48
C ALA A 489 22.28 11.12 -5.05
N TYR A 490 21.81 10.31 -4.10
CA TYR A 490 21.93 10.62 -2.69
C TYR A 490 23.11 9.87 -2.08
N SER A 491 23.28 10.05 -0.77
CA SER A 491 24.43 9.54 -0.06
C SER A 491 24.01 8.54 1.01
N SER A 492 24.98 8.14 1.83
CA SER A 492 24.75 7.14 2.87
C SER A 492 24.61 7.80 4.24
N MET A 493 24.36 6.96 5.26
CA MET A 493 24.13 7.46 6.60
C MET A 493 25.43 7.88 7.28
N LEU A 494 26.57 7.41 6.76
CA LEU A 494 27.84 7.69 7.41
C LEU A 494 28.13 9.18 7.48
N THR A 495 27.84 9.91 6.42
CA THR A 495 28.07 11.35 6.40
C THR A 495 27.07 12.10 7.26
N THR A 496 26.29 11.40 8.09
CA THR A 496 25.19 12.03 8.82
C THR A 496 25.67 13.25 9.60
N SER A 497 26.46 13.03 10.66
CA SER A 497 26.94 14.15 11.46
C SER A 497 27.75 15.12 10.60
N CYS A 498 28.25 14.64 9.45
CA CYS A 498 29.00 15.49 8.54
C CYS A 498 28.21 16.73 8.15
N LYS A 499 26.88 16.63 8.09
CA LYS A 499 26.07 17.79 7.80
C LYS A 499 26.26 18.86 8.86
N LYS A 500 26.22 18.47 10.13
CA LYS A 500 26.59 19.40 11.20
C LYS A 500 28.00 19.92 10.97
N GLU A 501 28.91 19.06 10.50
CA GLU A 501 30.22 19.51 10.07
C GLU A 501 30.09 20.58 8.99
N ILE A 502 29.28 20.31 7.97
CA ILE A 502 28.91 21.36 7.05
C ILE A 502 28.28 22.51 7.82
N LEU A 503 27.33 22.20 8.70
CA LEU A 503 26.71 23.24 9.52
C LEU A 503 27.77 23.99 10.31
N ALA A 504 28.86 23.32 10.68
CA ALA A 504 29.93 23.99 11.40
C ALA A 504 30.41 25.22 10.64
N ALA A 505 30.72 25.05 9.35
CA ALA A 505 31.11 26.21 8.56
C ALA A 505 30.02 27.26 8.57
N ALA A 506 28.76 26.81 8.39
CA ALA A 506 27.64 27.74 8.53
C ALA A 506 27.52 28.22 9.96
N SER A 507 27.76 27.33 10.93
CA SER A 507 27.93 27.78 12.30
C SER A 507 29.04 28.82 12.35
N ARG A 508 30.15 28.55 11.67
CA ARG A 508 31.20 29.56 11.53
C ARG A 508 30.61 30.87 11.03
N GLY A 509 29.75 30.81 10.03
CA GLY A 509 29.13 32.01 9.52
C GLY A 509 28.16 32.64 10.51
N LEU A 510 27.45 31.82 11.29
CA LEU A 510 26.39 32.34 12.15
C LEU A 510 26.94 33.42 13.08
N LEU A 511 28.22 33.34 13.42
CA LEU A 511 28.86 34.46 14.08
C LEU A 511 29.71 35.26 13.10
N ASN A 512 30.26 34.61 12.08
CA ASN A 512 31.11 35.27 11.07
C ASN A 512 30.25 35.68 9.88
N SER A 513 29.72 36.90 9.94
CA SER A 513 28.72 37.34 8.95
C SER A 513 29.33 37.41 7.56
N VAL A 514 30.63 37.64 7.47
CA VAL A 514 31.26 37.88 6.16
C VAL A 514 31.13 36.66 5.28
N THR A 515 31.84 35.58 5.61
CA THR A 515 31.79 34.38 4.77
C THR A 515 30.43 33.71 4.87
N SER A 516 29.58 34.21 5.75
CA SER A 516 28.31 33.54 6.05
C SER A 516 27.38 33.36 4.86
N PRO A 517 27.21 34.35 3.98
CA PRO A 517 25.96 34.41 3.19
C PRO A 517 25.48 33.09 2.60
N VAL A 518 26.30 32.42 1.80
CA VAL A 518 25.84 31.16 1.21
C VAL A 518 25.61 30.11 2.29
N CYS A 519 26.54 30.00 3.23
CA CYS A 519 26.46 28.93 4.22
C CYS A 519 25.19 29.08 5.06
N TYR A 520 24.97 30.25 5.64
CA TYR A 520 23.75 30.47 6.40
C TYR A 520 22.54 30.44 5.47
N GLN A 521 22.77 30.67 4.17
CA GLN A 521 21.66 30.66 3.22
C GLN A 521 21.36 29.26 2.71
N ILE A 522 22.32 28.66 2.02
CA ILE A 522 22.14 27.34 1.41
C ILE A 522 22.88 26.33 2.27
N LEU A 523 22.28 25.14 2.39
CA LEU A 523 22.76 24.00 3.16
C LEU A 523 22.63 24.23 4.65
N THR A 524 22.28 25.44 5.08
CA THR A 524 21.78 25.61 6.43
C THR A 524 20.35 25.11 6.50
N TYR A 525 19.72 24.95 5.34
CA TYR A 525 18.33 24.53 5.29
C TYR A 525 18.21 23.09 4.79
N PHE A 526 19.06 22.71 3.84
CA PHE A 526 18.77 21.58 2.97
C PHE A 526 18.39 20.32 3.75
N ASN A 527 19.05 20.08 4.87
CA ASN A 527 18.67 18.95 5.71
C ASN A 527 17.20 19.06 6.09
N MET A 528 16.75 20.26 6.45
CA MET A 528 15.31 20.45 6.65
C MET A 528 14.56 20.40 5.33
N TYR A 529 15.12 21.02 4.29
CA TYR A 529 14.43 21.17 3.02
C TYR A 529 14.18 19.82 2.37
N ARG A 530 15.15 18.91 2.45
CA ARG A 530 14.99 17.57 1.94
C ARG A 530 14.87 16.60 3.11
N PRO A 531 13.68 16.09 3.41
CA PRO A 531 13.56 15.16 4.56
C PRO A 531 14.13 13.79 4.23
N LEU A 532 15.41 13.78 3.87
CA LEU A 532 16.09 12.56 3.45
C LEU A 532 17.07 12.03 4.49
N CYS A 533 16.94 12.44 5.75
CA CYS A 533 17.84 11.98 6.80
C CYS A 533 17.10 11.95 8.12
N PHE A 534 17.70 11.28 9.09
CA PHE A 534 17.09 11.18 10.42
C PHE A 534 16.99 12.55 11.06
N ALA A 535 15.93 12.76 11.84
CA ALA A 535 15.71 14.05 12.49
C ALA A 535 16.59 14.17 13.73
N SER A 536 17.87 13.86 13.54
CA SER A 536 18.85 13.95 14.62
C SER A 536 19.04 15.40 15.05
N ILE A 537 19.04 16.32 14.09
CA ILE A 537 19.09 17.74 14.42
C ILE A 537 17.82 18.21 15.09
N PHE A 538 16.81 17.34 15.21
CA PHE A 538 15.63 17.67 16.01
C PHE A 538 16.01 18.25 17.35
N PRO A 539 17.13 17.88 17.97
CA PRO A 539 17.66 18.72 19.06
C PRO A 539 18.74 19.68 18.58
N PHE A 540 19.39 19.39 17.45
CA PHE A 540 20.63 20.08 17.11
C PHE A 540 20.40 21.23 16.13
N ILE A 541 19.21 21.31 15.54
CA ILE A 541 18.97 22.36 14.55
C ILE A 541 19.09 23.74 15.19
N LYS A 542 18.69 23.87 16.45
CA LYS A 542 18.81 25.15 17.14
C LYS A 542 20.18 25.29 17.81
N GLN A 543 20.99 24.23 17.79
CA GLN A 543 22.22 24.21 18.56
C GLN A 543 23.14 25.37 18.20
N GLN A 544 23.40 25.57 16.91
CA GLN A 544 24.18 26.73 16.49
C GLN A 544 23.48 28.00 16.90
N PHE A 545 22.17 28.08 16.65
CA PHE A 545 21.41 29.24 17.12
C PHE A 545 21.49 29.38 18.63
N ILE A 546 21.74 28.26 19.32
CA ILE A 546 21.86 28.30 20.78
C ILE A 546 23.04 29.14 21.23
N LEU A 547 23.90 29.56 20.31
CA LEU A 547 25.01 30.42 20.66
C LEU A 547 24.53 31.83 21.01
N PHE A 548 23.21 32.05 20.98
CA PHE A 548 22.58 33.35 21.17
C PHE A 548 23.01 34.31 20.07
N ASN A 549 23.68 33.80 19.04
CA ASN A 549 24.09 34.59 17.88
C ASN A 549 23.25 34.27 16.65
N ASP A 550 22.01 33.81 16.84
CA ASP A 550 21.19 33.40 15.71
C ASP A 550 20.77 34.58 14.86
N TYR A 551 20.50 35.73 15.47
CA TYR A 551 20.01 36.88 14.72
C TYR A 551 21.10 37.42 13.81
N SER A 552 20.99 37.09 12.52
CA SER A 552 22.02 37.44 11.55
C SER A 552 21.36 37.72 10.20
N PRO A 553 21.52 38.92 9.65
CA PRO A 553 21.11 39.17 8.25
C PRO A 553 22.16 38.85 7.21
N MET A 554 23.17 38.03 7.55
CA MET A 554 24.38 37.92 6.75
C MET A 554 24.16 37.18 5.43
N LEU A 555 22.98 36.63 5.22
CA LEU A 555 22.74 35.69 4.13
C LEU A 555 21.53 36.12 3.29
N SER A 556 21.09 35.25 2.39
CA SER A 556 19.83 35.46 1.68
C SER A 556 18.67 35.48 2.67
N TYR A 557 17.81 36.49 2.53
CA TYR A 557 16.95 36.91 3.63
C TYR A 557 15.92 35.85 4.00
N GLU A 558 15.51 35.88 5.27
CA GLU A 558 14.37 35.19 5.87
C GLU A 558 14.48 33.68 5.75
N ALA A 559 15.56 33.15 5.20
CA ALA A 559 15.62 31.71 4.92
C ALA A 559 15.54 30.90 6.20
N ILE A 560 16.41 31.20 7.16
CA ILE A 560 16.56 30.34 8.33
C ILE A 560 15.29 30.32 9.15
N ASP A 561 14.77 31.50 9.49
CA ASP A 561 13.59 31.56 10.36
C ASP A 561 12.39 30.89 9.71
N TYR A 562 12.15 31.18 8.43
CA TYR A 562 10.98 30.62 7.75
C TYR A 562 11.10 29.10 7.61
N TRP A 563 12.24 28.64 7.12
CA TRP A 563 12.42 27.20 6.96
C TRP A 563 12.31 26.49 8.29
N LYS A 564 12.86 27.07 9.35
CA LYS A 564 12.76 26.47 10.67
C LYS A 564 11.32 26.41 11.13
N SER A 565 10.55 27.48 10.93
CA SER A 565 9.16 27.46 11.33
C SER A 565 8.43 26.34 10.62
N LEU A 566 8.62 26.24 9.31
CA LEU A 566 7.99 25.16 8.57
C LEU A 566 8.42 23.80 9.11
N TYR A 567 9.72 23.63 9.36
CA TYR A 567 10.23 22.32 9.74
C TYR A 567 9.70 21.90 11.11
N ILE A 568 9.82 22.77 12.10
CA ILE A 568 9.32 22.48 13.43
C ILE A 568 7.81 22.39 13.43
N LEU A 569 7.16 22.85 12.35
CA LEU A 569 5.73 22.68 12.25
C LEU A 569 5.37 21.26 11.82
N LEU A 570 6.33 20.33 11.85
CA LEU A 570 6.10 19.01 11.28
C LEU A 570 5.02 18.25 12.04
N ASN A 571 5.32 17.79 13.26
CA ASN A 571 4.37 17.07 14.10
C ASN A 571 4.89 17.15 15.54
N GLU A 572 4.33 18.06 16.34
CA GLU A 572 4.87 18.38 17.65
C GLU A 572 6.35 18.70 17.56
N ASN A 573 6.82 19.03 16.36
CA ASN A 573 8.25 19.26 16.14
C ASN A 573 8.68 20.58 16.74
N LEU A 574 7.73 21.49 16.95
CA LEU A 574 8.00 22.73 17.66
C LEU A 574 7.69 22.64 19.14
N PHE A 575 7.45 21.44 19.66
CA PHE A 575 7.10 21.32 21.06
C PHE A 575 8.33 21.58 21.91
N VAL A 576 8.72 22.85 21.95
CA VAL A 576 9.93 23.29 22.63
C VAL A 576 9.82 24.80 22.80
N GLY A 577 10.61 25.37 23.71
CA GLY A 577 10.63 26.80 23.89
C GLY A 577 11.19 27.60 22.73
N GLN A 578 11.47 26.96 21.59
CA GLN A 578 12.10 27.67 20.48
C GLN A 578 11.17 28.73 19.90
N SER A 579 9.88 28.67 20.22
CA SER A 579 8.99 29.77 19.85
C SER A 579 9.43 31.05 20.53
N SER A 580 9.88 30.96 21.78
CA SER A 580 10.43 32.14 22.45
C SER A 580 11.73 32.58 21.78
N PHE A 581 12.54 31.63 21.30
CA PHE A 581 13.73 32.00 20.55
C PHE A 581 13.37 32.76 19.29
N LYS A 582 12.31 32.33 18.61
CA LYS A 582 11.83 33.04 17.43
C LYS A 582 11.31 34.42 17.82
N SER A 583 10.68 34.52 18.98
CA SER A 583 10.24 35.83 19.47
C SER A 583 11.42 36.76 19.70
N VAL A 584 12.51 36.21 20.25
CA VAL A 584 13.72 37.01 20.44
C VAL A 584 14.29 37.42 19.10
N PHE A 585 14.27 36.51 18.12
CA PHE A 585 14.75 36.85 16.79
C PHE A 585 13.94 37.98 16.18
N LEU A 586 12.62 37.93 16.35
CA LEU A 586 11.76 38.99 15.83
C LEU A 586 12.01 40.31 16.58
N LYS A 587 12.22 40.24 17.89
CA LYS A 587 12.57 41.44 18.65
C LYS A 587 13.87 42.03 18.14
N TRP A 588 14.84 41.17 17.82
CA TRP A 588 16.06 41.64 17.17
C TRP A 588 15.74 42.27 15.82
N LEU A 589 14.82 41.66 15.08
CA LEU A 589 14.39 42.26 13.82
C LEU A 589 13.85 43.66 14.05
N LYS A 590 13.17 43.88 15.18
CA LYS A 590 12.67 45.21 15.50
C LYS A 590 13.81 46.20 15.67
N TRP A 591 14.85 45.81 16.40
CA TRP A 591 16.04 46.64 16.59
C TRP A 591 17.29 45.80 16.35
N HIS A 592 17.68 45.66 15.08
CA HIS A 592 18.92 45.01 14.69
C HIS A 592 19.84 46.09 14.19
N LEU A 593 20.71 46.58 15.06
CA LEU A 593 21.40 47.85 14.83
C LEU A 593 20.39 48.91 14.46
N TYR A 594 19.52 49.22 15.43
CA TYR A 594 18.26 49.90 15.16
C TYR A 594 18.47 51.19 14.38
N HIS A 595 17.65 51.38 13.35
CA HIS A 595 17.52 52.57 12.51
C HIS A 595 18.70 52.77 11.57
N LEU A 596 19.56 51.78 11.37
CA LEU A 596 20.67 51.97 10.44
C LEU A 596 21.17 50.61 9.97
N PHE A 597 21.96 50.64 8.90
CA PHE A 597 22.60 49.44 8.42
C PHE A 597 23.70 49.01 9.37
N SER A 598 23.73 47.72 9.70
CA SER A 598 24.68 47.22 10.69
C SER A 598 26.09 47.17 10.12
N LYS A 599 26.24 46.71 8.89
CA LYS A 599 27.53 46.36 8.34
C LYS A 599 27.81 47.15 7.07
N GLU A 600 29.08 47.12 6.66
CA GLU A 600 29.47 47.79 5.43
C GLU A 600 29.77 46.79 4.31
N GLY A 601 29.88 45.50 4.65
CA GLY A 601 30.34 44.53 3.68
C GLY A 601 29.30 43.61 3.08
N GLU A 602 29.11 43.72 1.77
CA GLU A 602 28.39 42.81 0.87
C GLU A 602 26.88 42.87 1.02
N LEU A 603 26.36 43.58 2.03
CA LEU A 603 24.95 43.93 2.19
C LEU A 603 23.97 42.80 1.87
N PRO A 604 23.95 41.72 2.64
CA PRO A 604 22.93 40.68 2.44
C PRO A 604 21.67 41.01 3.23
N PHE A 605 20.51 40.65 2.66
CA PHE A 605 19.22 41.07 3.20
C PHE A 605 19.23 42.59 3.42
N PHE A 606 19.90 43.29 2.52
CA PHE A 606 20.25 44.68 2.75
C PHE A 606 19.04 45.57 2.70
N SER A 607 19.18 46.76 3.30
CA SER A 607 18.27 47.84 2.96
C SER A 607 18.39 48.18 1.48
N PHE A 608 19.52 47.83 0.86
CA PHE A 608 19.71 48.10 -0.56
C PHE A 608 18.73 47.33 -1.43
N THR A 609 18.27 46.19 -0.95
CA THR A 609 17.25 45.44 -1.68
C THR A 609 15.90 46.12 -1.56
N ASP A 610 14.97 45.75 -2.45
CA ASP A 610 13.65 46.39 -2.45
C ASP A 610 12.89 46.14 -1.17
N SER A 611 12.54 44.87 -0.90
CA SER A 611 11.76 44.52 0.28
C SER A 611 11.52 43.02 0.30
N SER A 612 11.19 42.51 1.49
CA SER A 612 10.61 41.18 1.65
C SER A 612 9.38 41.31 2.55
N ILE A 613 8.25 41.67 1.94
CA ILE A 613 7.03 41.93 2.71
C ILE A 613 6.48 40.63 3.29
N ILE A 614 6.80 39.50 2.65
CA ILE A 614 6.34 38.22 3.17
C ILE A 614 6.88 38.00 4.57
N ILE A 615 8.12 38.41 4.82
CA ILE A 615 8.67 38.34 6.16
C ILE A 615 7.82 39.17 7.11
N PHE A 616 7.39 40.36 6.66
CA PHE A 616 6.56 41.19 7.50
C PHE A 616 5.26 40.50 7.87
N ASP A 617 4.60 39.89 6.89
CA ASP A 617 3.35 39.20 7.19
C ASP A 617 3.60 37.84 7.82
N LEU A 618 4.86 37.43 7.90
CA LEU A 618 5.18 36.05 8.23
C LEU A 618 4.75 35.68 9.65
N LEU A 619 4.96 36.58 10.61
CA LEU A 619 4.95 36.19 12.02
C LEU A 619 3.69 35.40 12.38
N MET A 620 2.55 35.80 11.83
CA MET A 620 1.31 35.06 12.07
C MET A 620 1.43 33.63 11.56
N MET A 621 1.98 33.44 10.35
CA MET A 621 2.23 32.10 9.87
C MET A 621 3.23 31.39 10.77
N ILE A 622 4.28 32.11 11.18
CA ILE A 622 5.21 31.58 12.17
C ILE A 622 4.48 31.25 13.45
N PHE A 623 3.54 32.09 13.84
CA PHE A 623 2.67 31.74 14.95
C PHE A 623 1.82 30.53 14.60
N TYR A 624 1.61 29.66 15.58
CA TYR A 624 0.80 28.46 15.41
C TYR A 624 -0.57 28.68 16.02
N ARG A 625 -1.56 28.94 15.19
CA ARG A 625 -2.94 29.13 15.60
C ARG A 625 -3.78 28.14 14.82
N PRO A 626 -4.98 27.84 15.30
CA PRO A 626 -5.80 26.81 14.65
C PRO A 626 -6.32 27.30 13.31
N LEU A 627 -5.76 26.77 12.23
CA LEU A 627 -6.15 27.02 10.85
C LEU A 627 -6.27 28.50 10.54
N SER A 628 -5.44 29.37 11.13
CA SER A 628 -5.61 30.81 10.94
C SER A 628 -4.48 31.39 10.09
N LEU A 629 -3.36 30.70 9.98
CA LEU A 629 -2.17 31.25 9.32
C LEU A 629 -2.31 31.22 7.81
N SER A 630 -1.21 31.57 7.14
CA SER A 630 -1.01 31.39 5.71
C SER A 630 -1.71 32.47 4.90
N TYR A 631 -1.29 32.65 3.65
CA TYR A 631 -1.89 33.61 2.73
C TYR A 631 -1.53 33.18 1.31
N ILE A 632 -1.77 34.10 0.36
CA ILE A 632 -1.51 33.83 -1.05
C ILE A 632 -1.04 35.10 -1.74
N THR A 633 -0.72 34.96 -3.03
CA THR A 633 -0.44 36.09 -3.93
C THR A 633 0.77 36.90 -3.46
N THR A 634 1.93 36.25 -3.53
CA THR A 634 3.19 36.92 -3.21
C THR A 634 3.37 38.19 -4.04
N GLU A 635 3.18 38.09 -5.36
CA GLU A 635 3.21 39.25 -6.26
C GLU A 635 4.56 39.97 -6.23
N ILE A 636 5.54 39.37 -6.90
CA ILE A 636 6.87 39.97 -6.97
C ILE A 636 6.83 41.31 -7.68
N ARG A 637 6.07 41.40 -8.77
CA ARG A 637 5.95 42.64 -9.54
C ARG A 637 7.30 43.13 -10.04
N SER A 638 7.95 42.29 -10.87
CA SER A 638 9.23 42.61 -11.50
C SER A 638 10.29 42.93 -10.47
N PRO A 639 10.46 42.11 -9.43
CA PRO A 639 11.46 42.43 -8.41
C PRO A 639 12.89 42.18 -8.86
N PHE A 640 13.15 41.00 -9.44
CA PHE A 640 14.52 40.66 -9.82
C PHE A 640 15.07 41.67 -10.82
N GLU A 641 14.29 41.97 -11.87
CA GLU A 641 14.69 42.94 -12.89
C GLU A 641 16.10 42.64 -13.39
N ARG A 642 16.33 41.37 -13.74
CA ARG A 642 17.67 40.93 -14.11
C ARG A 642 18.18 41.68 -15.32
N ASN A 643 17.27 42.28 -16.09
CA ASN A 643 17.65 42.97 -17.31
C ASN A 643 18.69 44.04 -17.03
N LEU A 644 19.74 44.07 -17.84
CA LEU A 644 20.84 44.99 -17.66
C LEU A 644 21.58 45.17 -18.98
N PHE A 645 21.98 46.41 -19.23
CA PHE A 645 22.95 46.65 -20.28
C PHE A 645 24.20 45.87 -19.96
N HIS A 646 24.81 45.28 -20.98
CA HIS A 646 25.96 44.37 -20.87
C HIS A 646 25.51 43.04 -20.29
N LEU A 647 24.25 42.97 -19.86
CA LEU A 647 23.61 41.69 -19.67
C LEU A 647 22.57 41.45 -20.75
N LYS A 648 22.01 42.55 -21.28
CA LYS A 648 21.04 42.45 -22.36
C LYS A 648 21.71 42.05 -23.67
N GLU A 649 23.04 41.98 -23.68
CA GLU A 649 23.76 41.68 -24.91
C GLU A 649 23.39 40.32 -25.47
N ALA A 650 23.49 39.28 -24.65
CA ALA A 650 23.11 37.95 -25.11
C ALA A 650 21.66 37.64 -24.80
N TRP A 651 21.03 38.45 -23.93
CA TRP A 651 19.74 38.09 -23.35
C TRP A 651 18.64 37.97 -24.39
N SER A 652 18.52 38.96 -25.28
CA SER A 652 17.48 38.88 -26.30
C SER A 652 17.63 37.65 -27.17
N PRO A 653 18.82 37.31 -27.67
CA PRO A 653 18.98 35.96 -28.25
C PRO A 653 18.73 34.86 -27.24
N VAL A 654 19.08 35.08 -25.97
CA VAL A 654 18.87 34.06 -24.96
C VAL A 654 17.41 34.01 -24.53
N THR A 655 16.62 34.98 -24.99
CA THR A 655 15.19 34.97 -24.66
C THR A 655 14.51 33.73 -25.21
N LEU A 656 14.83 33.35 -26.44
CA LEU A 656 14.18 32.23 -27.10
C LEU A 656 15.24 31.28 -27.68
N ARG A 657 15.05 29.99 -27.46
CA ARG A 657 15.87 28.95 -28.07
C ARG A 657 15.04 27.69 -28.19
N PHE A 658 14.79 27.24 -29.41
CA PHE A 658 13.93 26.09 -29.69
C PHE A 658 14.68 25.10 -30.56
N PRO A 659 15.78 24.56 -30.07
CA PRO A 659 16.48 23.53 -30.83
C PRO A 659 15.65 22.27 -30.94
N TYR A 660 15.85 21.55 -32.04
CA TYR A 660 15.18 20.27 -32.20
C TYR A 660 15.63 19.31 -31.11
N THR A 661 14.66 18.65 -30.48
CA THR A 661 14.97 17.73 -29.40
C THR A 661 15.83 16.58 -29.93
N THR A 662 16.91 16.30 -29.21
CA THR A 662 17.85 15.26 -29.62
C THR A 662 18.52 14.68 -28.39
N ASP A 663 19.11 13.50 -28.55
CA ASP A 663 19.84 12.81 -27.49
C ASP A 663 18.97 12.57 -26.26
N ILE A 682 -1.99 39.08 20.14
CA ILE A 682 -1.67 40.27 20.92
C ILE A 682 -0.18 40.46 20.99
N ASP A 683 0.57 39.35 20.87
CA ASP A 683 2.01 39.44 20.86
C ASP A 683 2.49 40.27 19.68
N CYS A 684 1.91 40.05 18.51
CA CYS A 684 2.22 40.90 17.36
C CYS A 684 1.83 42.34 17.63
N ASP A 685 0.74 42.54 18.36
CA ASP A 685 0.37 43.90 18.75
C ASP A 685 1.45 44.51 19.62
N SER A 686 2.03 43.72 20.54
CA SER A 686 3.14 44.23 21.35
C SER A 686 4.34 44.59 20.49
N LEU A 687 4.65 43.74 19.51
CA LEU A 687 5.77 44.04 18.61
C LEU A 687 5.53 45.34 17.87
N GLN A 688 4.31 45.54 17.37
CA GLN A 688 4.00 46.78 16.66
C GLN A 688 4.05 47.98 17.58
N ASN A 689 3.57 47.83 18.83
CA ASN A 689 3.61 48.93 19.77
C ASN A 689 5.03 49.36 20.05
N VAL A 690 5.92 48.39 20.27
CA VAL A 690 7.34 48.71 20.43
C VAL A 690 7.88 49.32 19.14
N ILE A 691 7.39 48.84 18.01
CA ILE A 691 7.86 49.33 16.71
C ILE A 691 7.55 50.81 16.55
N LYS A 692 6.42 51.26 17.12
CA LYS A 692 6.10 52.68 17.05
C LYS A 692 7.19 53.52 17.69
N MET A 693 7.60 53.16 18.91
CA MET A 693 8.68 53.88 19.57
C MET A 693 9.99 53.74 18.81
N LEU A 694 10.25 52.55 18.25
CA LEU A 694 11.47 52.36 17.48
C LEU A 694 11.51 53.28 16.27
N GLU A 695 10.35 53.48 15.65
CA GLU A 695 10.28 54.35 14.47
C GLU A 695 10.23 55.81 14.87
N SER A 696 10.03 56.09 16.16
CA SER A 696 10.07 57.48 16.63
C SER A 696 11.44 58.10 16.40
N SER A 697 12.48 57.29 16.19
CA SER A 697 13.82 57.75 15.90
C SER A 697 14.38 56.96 14.71
N ILE A 698 15.14 57.64 13.85
CA ILE A 698 15.72 57.03 12.65
C ILE A 698 17.08 57.64 12.41
N ASP A 699 17.96 56.88 11.74
CA ASP A 699 19.32 57.37 11.51
C ASP A 699 19.61 57.61 10.04
N GLU A 700 19.42 56.59 9.19
CA GLU A 700 19.91 56.62 7.82
C GLU A 700 18.77 56.86 6.83
N ILE A 701 19.11 57.16 5.58
CA ILE A 701 18.11 57.61 4.60
C ILE A 701 17.69 56.46 3.68
N SER A 702 18.66 55.75 3.08
CA SER A 702 18.30 54.54 2.37
C SER A 702 17.68 53.52 3.32
N SER A 703 18.26 53.41 4.51
CA SER A 703 17.61 52.65 5.56
C SER A 703 16.27 53.28 5.93
N ALA A 704 16.13 54.59 5.77
CA ALA A 704 14.82 55.20 6.02
C ALA A 704 13.80 54.65 5.04
N SER A 705 14.16 54.52 3.77
CA SER A 705 13.26 53.91 2.80
C SER A 705 12.96 52.46 3.17
N TYR A 706 13.99 51.70 3.53
CA TYR A 706 13.79 50.30 3.87
C TYR A 706 12.87 50.15 5.07
N ASP A 707 13.10 50.95 6.11
CA ASP A 707 12.29 50.83 7.32
C ASP A 707 10.91 51.42 7.12
N LYS A 708 10.77 52.39 6.21
CA LYS A 708 9.45 52.88 5.85
C LYS A 708 8.65 51.77 5.19
N ASP A 709 9.30 51.02 4.30
CA ASP A 709 8.65 49.86 3.71
C ASP A 709 8.27 48.85 4.79
N GLU A 710 9.18 48.61 5.72
CA GLU A 710 8.90 47.66 6.80
C GLU A 710 7.73 48.11 7.66
N LEU A 711 7.69 49.40 7.99
CA LEU A 711 6.63 49.92 8.84
C LEU A 711 5.29 49.91 8.12
N ASP A 712 5.28 50.25 6.83
CA ASP A 712 4.04 50.19 6.07
C ASP A 712 3.53 48.76 5.95
N LYS A 713 4.42 47.81 5.69
CA LYS A 713 4.01 46.42 5.61
C LYS A 713 3.49 45.91 6.94
N GLU A 714 4.15 46.30 8.03
CA GLU A 714 3.64 45.97 9.36
C GLU A 714 2.27 46.58 9.57
N THR A 715 2.08 47.82 9.16
CA THR A 715 0.74 48.41 9.17
C THR A 715 -0.23 47.59 8.35
N PRO A 716 0.08 47.14 7.13
CA PRO A 716 -0.75 46.12 6.50
C PRO A 716 -0.81 44.85 7.33
N SER A 717 0.32 44.42 7.89
CA SER A 717 0.32 43.25 8.75
C SER A 717 -0.50 43.50 10.01
N PHE A 718 -0.43 44.72 10.56
CA PHE A 718 -1.23 45.04 11.74
C PHE A 718 -2.71 45.02 11.43
N GLU A 719 -3.11 45.60 10.29
CA GLU A 719 -4.50 45.53 9.87
C GLU A 719 -4.93 44.08 9.67
N ALA A 720 -4.00 43.24 9.22
CA ALA A 720 -4.27 41.80 9.19
C ALA A 720 -4.52 41.27 10.58
N VAL A 721 -3.70 41.69 11.55
CA VAL A 721 -3.93 41.31 12.94
C VAL A 721 -5.21 41.97 13.47
N MET A 722 -5.45 43.20 13.07
CA MET A 722 -6.64 43.92 13.48
C MET A 722 -7.89 43.32 12.82
N ASN A 756 -1.82 51.94 11.04
CA ASN A 756 -0.70 52.67 11.63
C ASN A 756 -0.35 53.89 10.78
N LEU A 757 -1.15 54.95 10.91
CA LEU A 757 -0.91 56.15 10.11
C LEU A 757 0.41 56.81 10.49
N PHE A 758 0.87 56.60 11.72
CA PHE A 758 2.17 57.13 12.12
C PHE A 758 3.31 56.60 11.26
N PRO A 759 3.36 55.31 10.90
CA PRO A 759 4.40 54.87 9.96
C PRO A 759 4.35 55.59 8.63
N GLU A 760 3.14 55.86 8.13
CA GLU A 760 3.01 56.64 6.90
C GLU A 760 3.55 58.05 7.08
N VAL A 761 3.28 58.67 8.23
CA VAL A 761 3.83 59.99 8.51
C VAL A 761 5.34 59.95 8.53
N LEU A 762 5.90 58.89 9.13
CA LEU A 762 7.35 58.73 9.18
C LEU A 762 7.92 58.58 7.77
N SER A 763 7.24 57.80 6.91
CA SER A 763 7.69 57.65 5.54
C SER A 763 7.61 58.97 4.78
N PHE A 764 6.57 59.76 5.05
CA PHE A 764 6.45 61.07 4.42
C PHE A 764 7.60 61.98 4.85
N VAL A 765 7.96 61.93 6.13
CA VAL A 765 9.11 62.70 6.60
C VAL A 765 10.37 62.24 5.91
N LYS A 766 10.56 60.92 5.80
CA LYS A 766 11.73 60.38 5.10
C LYS A 766 11.76 60.85 3.66
N SER A 767 10.60 60.92 3.02
CA SER A 767 10.52 61.42 1.65
C SER A 767 10.88 62.89 1.58
N ASN A 768 10.35 63.69 2.50
CA ASN A 768 10.69 65.10 2.54
C ASN A 768 12.18 65.31 2.70
N HIS A 769 12.84 64.39 3.42
CA HIS A 769 14.29 64.44 3.52
C HIS A 769 14.93 64.32 2.15
N SER A 770 14.44 63.39 1.33
CA SER A 770 14.99 63.19 -0.02
C SER A 770 14.25 64.10 -0.98
N TYR A 771 14.38 65.41 -0.73
CA TYR A 771 13.71 66.40 -1.58
C TYR A 771 14.42 66.54 -2.91
N ASP A 772 15.69 66.14 -2.99
CA ASP A 772 16.47 66.38 -4.20
C ASP A 772 16.11 65.47 -5.36
N PRO A 773 16.32 64.15 -5.28
CA PRO A 773 16.18 63.32 -6.49
C PRO A 773 14.79 62.73 -6.69
N ILE A 774 14.61 62.03 -7.82
CA ILE A 774 13.34 61.35 -8.08
C ILE A 774 13.51 59.84 -7.91
N ILE A 775 14.75 59.38 -7.71
CA ILE A 775 14.98 57.97 -7.43
C ILE A 775 14.37 57.58 -6.09
N ASN A 776 14.23 58.54 -5.18
CA ASN A 776 13.46 58.29 -3.97
C ASN A 776 12.00 58.05 -4.31
N CYS A 777 11.47 58.78 -5.28
CA CYS A 777 10.14 58.47 -5.79
C CYS A 777 10.12 57.11 -6.47
N ILE A 778 11.27 56.66 -6.98
CA ILE A 778 11.35 55.31 -7.53
C ILE A 778 11.25 54.26 -6.43
N SER A 779 11.93 54.52 -5.31
CA SER A 779 11.74 53.68 -4.14
C SER A 779 10.29 53.73 -3.67
N THR A 780 9.66 54.90 -3.79
CA THR A 780 8.25 55.03 -3.44
C THR A 780 7.38 54.21 -4.37
N ASN A 781 7.76 54.13 -5.64
CA ASN A 781 7.04 53.28 -6.58
C ASN A 781 7.23 51.81 -6.23
N LEU A 782 8.41 51.46 -5.75
CA LEU A 782 8.61 50.12 -5.21
C LEU A 782 7.66 49.87 -4.04
N GLN A 783 7.48 50.88 -3.18
CA GLN A 783 6.56 50.75 -2.06
C GLN A 783 5.12 50.66 -2.54
N PHE A 784 4.80 51.32 -3.64
CA PHE A 784 3.47 51.20 -4.22
C PHE A 784 3.26 49.79 -4.78
N THR A 785 4.29 49.23 -5.41
CA THR A 785 4.24 47.83 -5.79
C THR A 785 4.10 46.94 -4.56
N ILE A 786 4.67 47.38 -3.43
CA ILE A 786 4.49 46.66 -2.18
C ILE A 786 3.03 46.70 -1.74
N SER A 787 2.39 47.87 -1.90
CA SER A 787 0.96 47.97 -1.62
C SER A 787 0.17 47.02 -2.52
N ASP A 788 0.55 46.95 -3.79
CA ASP A 788 -0.10 46.02 -4.71
C ASP A 788 0.08 44.58 -4.25
N GLU A 789 1.27 44.22 -3.79
CA GLU A 789 1.45 42.92 -3.16
C GLU A 789 0.60 42.79 -1.91
N PRO A 790 0.53 43.78 -1.02
CA PRO A 790 -0.53 43.75 -0.01
C PRO A 790 -1.91 43.70 -0.63
N LYS A 791 -2.11 44.46 -1.71
CA LYS A 791 -3.37 44.34 -2.46
C LYS A 791 -3.51 42.94 -3.05
N HIS A 792 -2.38 42.29 -3.35
CA HIS A 792 -2.44 40.92 -3.85
C HIS A 792 -3.07 40.01 -2.80
N LEU A 793 -2.74 40.21 -1.53
CA LEU A 793 -3.53 39.63 -0.46
C LEU A 793 -4.95 40.18 -0.53
N ARG A 794 -5.93 39.28 -0.39
CA ARG A 794 -7.32 39.66 -0.62
C ARG A 794 -7.74 40.82 0.27
N TYR A 795 -7.52 40.69 1.58
CA TYR A 795 -7.92 41.73 2.52
C TYR A 795 -7.13 41.54 3.80
N GLU A 796 -7.43 42.41 4.78
CA GLU A 796 -6.77 42.31 6.08
C GLU A 796 -7.03 40.96 6.74
N ILE A 797 -8.30 40.56 6.82
CA ILE A 797 -8.62 39.23 7.34
C ILE A 797 -8.10 38.15 6.41
N GLY A 798 -8.14 38.41 5.10
CA GLY A 798 -7.63 37.47 4.12
C GLY A 798 -8.69 36.48 3.68
N SER A 799 -8.37 35.81 2.56
CA SER A 799 -9.25 34.80 1.97
C SER A 799 -10.65 35.36 1.73
N ASP A 800 -10.70 36.63 1.34
CA ASP A 800 -11.95 37.34 1.11
C ASP A 800 -12.18 37.49 -0.38
N LEU A 801 -13.46 37.50 -0.79
CA LEU A 801 -13.78 37.74 -2.18
C LEU A 801 -13.22 39.08 -2.65
N ILE A 802 -13.11 40.04 -1.74
CA ILE A 802 -12.55 41.34 -2.08
C ILE A 802 -11.08 41.19 -2.43
N ARG A 803 -10.68 41.80 -3.55
CA ARG A 803 -9.29 41.85 -3.96
C ARG A 803 -8.81 43.28 -3.86
N SER A 804 -7.53 43.45 -3.53
CA SER A 804 -6.88 44.73 -3.27
C SER A 804 -7.47 45.41 -2.05
N THR A 805 -8.38 44.76 -1.32
CA THR A 805 -8.95 45.36 -0.12
C THR A 805 -7.88 45.57 0.93
N HIS A 806 -6.87 44.71 0.96
CA HIS A 806 -5.79 44.86 1.92
C HIS A 806 -5.01 46.15 1.67
N PHE A 807 -4.97 46.61 0.43
CA PHE A 807 -4.37 47.90 0.12
C PHE A 807 -5.39 48.95 -0.27
N ARG A 808 -6.69 48.67 -0.03
CA ARG A 808 -7.71 49.66 -0.33
C ARG A 808 -7.50 50.93 0.48
N ASP A 809 -7.15 50.79 1.76
CA ASP A 809 -6.86 51.97 2.58
C ASP A 809 -5.63 52.70 2.07
N SER A 810 -4.62 51.96 1.63
CA SER A 810 -3.43 52.61 1.06
C SER A 810 -3.80 53.44 -0.16
N ASN A 811 -4.57 52.86 -1.07
CA ASN A 811 -5.01 53.61 -2.24
C ASN A 811 -5.95 54.76 -1.89
N PRO A 812 -7.03 54.55 -1.12
CA PRO A 812 -7.93 55.67 -0.80
C PRO A 812 -7.23 56.68 0.09
N LEU A 813 -7.69 57.93 0.01
CA LEU A 813 -7.06 59.02 0.74
C LEU A 813 -7.06 58.75 2.24
N LYS A 814 -8.11 58.12 2.75
CA LYS A 814 -8.12 57.70 4.15
C LYS A 814 -6.98 56.73 4.39
N THR A 815 -6.24 56.95 5.48
CA THR A 815 -4.99 56.27 5.82
C THR A 815 -3.94 56.55 4.76
N LEU A 816 -4.12 57.58 3.93
CA LEU A 816 -3.16 57.97 2.92
C LEU A 816 -2.86 59.47 2.93
N VAL A 817 -2.86 60.09 4.09
CA VAL A 817 -2.52 61.51 4.18
C VAL A 817 -1.08 61.74 3.71
N LEU A 818 -0.16 60.90 4.16
CA LEU A 818 1.21 60.95 3.65
C LEU A 818 1.25 60.55 2.17
N TYR A 819 0.42 59.60 1.78
CA TYR A 819 0.33 59.24 0.36
C TYR A 819 -0.23 60.38 -0.46
N ILE A 820 -1.01 61.26 0.17
CA ILE A 820 -1.45 62.47 -0.53
C ILE A 820 -0.25 63.35 -0.86
N MET A 821 0.68 63.48 0.08
CA MET A 821 1.90 64.23 -0.18
C MET A 821 2.75 63.55 -1.25
N ASP A 822 2.85 62.22 -1.18
CA ASP A 822 3.59 61.50 -2.22
C ASP A 822 2.96 61.69 -3.58
N MET A 823 1.63 61.74 -3.63
CA MET A 823 0.93 61.96 -4.89
C MET A 823 1.14 63.38 -5.39
N ALA A 824 1.21 64.34 -4.46
CA ALA A 824 1.55 65.70 -4.86
C ALA A 824 2.96 65.77 -5.43
N SER A 825 3.87 64.99 -4.85
CA SER A 825 5.21 64.86 -5.44
C SER A 825 5.12 64.26 -6.84
N LYS A 826 4.27 63.25 -7.00
CA LYS A 826 4.02 62.70 -8.33
C LYS A 826 3.40 63.73 -9.25
N ASN A 827 2.76 64.75 -8.69
CA ASN A 827 2.09 65.76 -9.51
C ASN A 827 3.09 66.74 -10.09
N VAL A 828 4.35 66.65 -9.68
CA VAL A 828 5.38 67.50 -10.27
C VAL A 828 5.52 67.20 -11.75
N PHE A 829 5.69 68.25 -12.54
CA PHE A 829 5.79 68.08 -13.99
C PHE A 829 7.04 67.28 -14.38
N ILE A 830 8.16 67.55 -13.71
CA ILE A 830 9.43 66.88 -14.00
C ILE A 830 9.84 67.08 -15.45
N ILE A 855 16.14 55.31 -31.27
CA ILE A 855 14.80 55.41 -31.82
C ILE A 855 13.78 55.59 -30.71
N ARG A 856 12.70 54.81 -30.75
CA ARG A 856 11.67 54.91 -29.74
C ARG A 856 12.20 54.43 -28.39
N ASN A 857 11.58 54.93 -27.32
CA ASN A 857 12.07 54.60 -25.98
C ASN A 857 11.91 53.12 -25.68
N HIS A 858 11.02 52.44 -26.40
CA HIS A 858 10.96 50.98 -26.37
C HIS A 858 11.97 50.44 -27.38
N GLN A 859 13.23 50.75 -27.11
CA GLN A 859 14.28 50.54 -28.11
C GLN A 859 14.46 49.06 -28.42
N ILE A 860 14.42 48.20 -27.42
CA ILE A 860 14.76 46.80 -27.57
C ILE A 860 13.55 45.95 -27.22
N LEU A 861 13.23 45.00 -28.09
CA LEU A 861 12.23 44.00 -27.74
C LEU A 861 12.65 43.24 -26.50
N GLY A 862 13.88 42.74 -26.48
CA GLY A 862 14.52 42.32 -25.26
C GLY A 862 15.25 43.51 -24.68
N LEU A 863 14.59 44.19 -23.73
CA LEU A 863 15.03 45.47 -23.24
C LEU A 863 15.65 45.31 -21.86
N MET A 864 16.80 45.92 -21.65
CA MET A 864 17.42 45.93 -20.34
C MET A 864 16.63 46.83 -19.39
N GLU A 865 17.16 46.99 -18.18
CA GLU A 865 16.57 47.91 -17.23
C GLU A 865 16.61 49.34 -17.77
N GLY A 866 15.98 50.26 -17.06
CA GLY A 866 15.74 51.59 -17.54
C GLY A 866 14.53 51.69 -18.43
N SER A 867 14.45 50.86 -19.46
CA SER A 867 13.15 50.59 -20.06
C SER A 867 12.21 50.01 -19.02
N LEU A 868 12.72 49.16 -18.14
CA LEU A 868 11.97 48.78 -16.95
C LEU A 868 11.70 49.99 -16.07
N GLU A 869 12.68 50.87 -15.94
CA GLU A 869 12.43 52.11 -15.22
C GLU A 869 11.36 52.93 -15.92
N GLN A 870 11.35 52.89 -17.25
CA GLN A 870 10.27 53.54 -17.98
C GLN A 870 8.92 52.91 -17.66
N ILE A 871 8.89 51.58 -17.53
CA ILE A 871 7.64 50.89 -17.23
C ILE A 871 7.14 51.30 -15.85
N ARG A 872 8.04 51.31 -14.88
CA ARG A 872 7.67 51.75 -13.53
C ARG A 872 7.24 53.20 -13.54
N ASN A 873 7.88 54.03 -14.38
CA ASN A 873 7.51 55.44 -14.46
C ASN A 873 6.11 55.60 -15.01
N THR A 874 5.76 54.83 -16.03
CA THR A 874 4.39 54.87 -16.54
C THR A 874 3.42 54.37 -15.49
N ASP A 875 3.82 53.35 -14.73
CA ASP A 875 3.00 52.90 -13.62
C ASP A 875 2.74 54.02 -12.63
N LEU A 876 3.79 54.79 -12.32
CA LEU A 876 3.64 55.93 -11.42
C LEU A 876 2.77 57.00 -12.06
N PHE A 877 2.88 57.17 -13.37
CA PHE A 877 2.02 58.12 -14.06
C PHE A 877 0.56 57.75 -13.89
N ILE A 878 0.27 56.45 -14.01
CA ILE A 878 -1.09 55.98 -13.76
C ILE A 878 -1.45 56.20 -12.29
N LEU A 879 -0.51 55.97 -11.40
CA LEU A 879 -0.78 56.07 -9.97
C LEU A 879 -1.12 57.50 -9.57
N GLN A 880 -0.52 58.48 -10.25
CA GLN A 880 -0.80 59.88 -9.92
C GLN A 880 -2.28 60.20 -10.12
N LYS A 881 -2.82 59.88 -11.30
CA LYS A 881 -4.24 60.13 -11.54
C LYS A 881 -5.11 59.20 -10.71
N TYR A 882 -4.62 58.00 -10.40
CA TYR A 882 -5.38 57.10 -9.53
C TYR A 882 -5.56 57.73 -8.14
N ILE A 883 -4.50 58.33 -7.62
CA ILE A 883 -4.60 59.05 -6.35
C ILE A 883 -5.46 60.29 -6.52
N ASP A 884 -5.48 60.86 -7.74
CA ASP A 884 -6.30 62.05 -7.98
C ASP A 884 -7.78 61.78 -7.70
N TYR A 885 -8.21 60.53 -7.88
CA TYR A 885 -9.58 60.16 -7.59
C TYR A 885 -9.64 58.91 -6.72
N HIS A 891 -8.13 59.45 -20.06
CA HIS A 891 -8.82 60.68 -19.73
C HIS A 891 -8.28 61.85 -20.54
N ASP A 892 -9.08 62.92 -20.64
CA ASP A 892 -8.61 64.12 -21.33
C ASP A 892 -7.39 64.69 -20.64
N SER A 893 -7.41 64.74 -19.30
CA SER A 893 -6.20 65.07 -18.57
C SER A 893 -5.12 64.01 -18.81
N LEU A 894 -5.51 62.73 -18.81
CA LEU A 894 -4.57 61.68 -19.15
C LEU A 894 -4.11 61.80 -20.59
N ILE A 895 -4.98 62.31 -21.48
CA ILE A 895 -4.58 62.55 -22.86
C ILE A 895 -3.50 63.63 -22.92
N ASN A 896 -3.70 64.73 -22.21
CA ASN A 896 -2.69 65.79 -22.19
C ASN A 896 -1.41 65.30 -21.51
N ILE A 897 -1.53 64.39 -20.55
CA ILE A 897 -0.35 63.85 -19.88
C ILE A 897 0.47 62.98 -20.83
N LEU A 898 -0.22 62.06 -21.53
CA LEU A 898 0.47 61.25 -22.53
C LEU A 898 0.96 62.12 -23.69
N HIS A 899 0.40 63.32 -23.84
CA HIS A 899 0.93 64.29 -24.78
C HIS A 899 2.23 64.89 -24.26
N LEU A 900 2.28 65.18 -22.96
CA LEU A 900 3.51 65.70 -22.37
C LEU A 900 4.64 64.69 -22.52
N TYR A 901 4.35 63.41 -22.29
CA TYR A 901 5.31 62.38 -22.64
C TYR A 901 5.41 62.28 -24.16
N PRO A 902 6.59 62.45 -24.73
CA PRO A 902 6.69 62.43 -26.19
C PRO A 902 6.30 61.07 -26.74
N ILE A 903 5.83 61.08 -27.99
CA ILE A 903 5.47 59.83 -28.65
C ILE A 903 6.64 58.87 -28.61
N GLU A 904 7.84 59.35 -28.96
CA GLU A 904 9.03 58.54 -28.80
C GLU A 904 9.26 58.19 -27.34
N THR A 905 9.09 59.15 -26.44
CA THR A 905 9.28 58.89 -25.02
C THR A 905 8.21 57.95 -24.48
N PHE A 906 6.95 58.23 -24.77
CA PHE A 906 5.88 57.38 -24.27
C PHE A 906 5.85 56.01 -24.94
N CYS A 907 6.65 55.83 -26.01
CA CYS A 907 6.65 54.56 -26.72
C CYS A 907 7.23 53.43 -25.87
N PHE A 908 7.93 53.78 -24.78
CA PHE A 908 8.66 52.76 -24.02
C PHE A 908 7.73 51.74 -23.38
N GLY A 909 6.72 52.19 -22.63
CA GLY A 909 5.96 51.30 -21.77
C GLY A 909 4.84 50.53 -22.43
N MET A 910 5.20 49.50 -23.21
CA MET A 910 4.21 48.78 -24.00
C MET A 910 3.09 48.24 -23.12
N SER A 911 3.40 47.31 -22.21
CA SER A 911 2.38 46.78 -21.32
C SER A 911 1.84 47.85 -20.41
N ALA A 912 2.72 48.72 -19.91
CA ALA A 912 2.29 49.74 -18.97
C ALA A 912 1.27 50.67 -19.59
N ILE A 913 1.58 51.22 -20.76
CA ILE A 913 0.62 52.12 -21.43
C ILE A 913 -0.60 51.33 -21.90
N GLY A 914 -0.40 50.09 -22.32
CA GLY A 914 -1.52 49.29 -22.78
C GLY A 914 -2.54 49.03 -21.69
N ALA A 915 -2.09 48.95 -20.43
CA ALA A 915 -3.02 48.78 -19.33
C ALA A 915 -4.00 49.95 -19.25
N TYR A 916 -3.50 51.17 -19.37
CA TYR A 916 -4.40 52.34 -19.37
C TYR A 916 -5.20 52.39 -20.66
N PHE A 917 -4.64 51.90 -21.76
CA PHE A 917 -5.38 51.84 -23.01
C PHE A 917 -6.61 50.96 -22.88
N LEU A 918 -6.47 49.80 -22.24
CA LEU A 918 -7.63 48.98 -21.93
C LEU A 918 -8.54 49.69 -20.93
N ASP A 919 -7.95 50.42 -20.00
CA ASP A 919 -8.73 51.15 -19.00
C ASP A 919 -9.54 52.26 -19.67
N VAL A 920 -10.70 52.55 -19.09
CA VAL A 920 -11.56 53.63 -19.53
C VAL A 920 -11.74 54.60 -18.37
N ALA A 921 -11.58 55.90 -18.65
CA ALA A 921 -11.72 56.90 -17.59
C ALA A 921 -13.12 56.87 -16.99
N ARG A 922 -14.14 56.73 -17.84
CA ARG A 922 -15.52 56.54 -17.40
C ARG A 922 -16.09 55.33 -18.12
N THR A 923 -17.15 54.77 -17.55
CA THR A 923 -17.78 53.60 -18.15
C THR A 923 -18.40 53.95 -19.51
N SER A 924 -18.59 55.23 -19.78
CA SER A 924 -19.15 55.66 -21.05
C SER A 924 -18.23 55.25 -22.20
N GLU A 925 -18.79 54.48 -23.13
CA GLU A 925 -18.00 53.99 -24.25
C GLU A 925 -17.44 55.11 -25.12
N PRO A 926 -18.19 56.17 -25.44
CA PRO A 926 -17.67 57.17 -26.39
C PRO A 926 -16.39 57.83 -25.94
N ILE A 927 -16.22 58.11 -24.65
CA ILE A 927 -15.03 58.81 -24.19
C ILE A 927 -13.78 57.94 -24.38
N PHE A 928 -13.84 56.67 -23.95
CA PHE A 928 -12.70 55.79 -24.11
C PHE A 928 -12.43 55.49 -25.58
N TYR A 929 -13.49 55.34 -26.37
CA TYR A 929 -13.30 55.13 -27.80
C TYR A 929 -12.60 56.33 -28.44
N LYS A 930 -13.01 57.55 -28.07
CA LYS A 930 -12.38 58.74 -28.59
C LYS A 930 -10.93 58.85 -28.13
N CYS A 931 -10.66 58.44 -26.89
CA CYS A 931 -9.28 58.46 -26.40
C CYS A 931 -8.40 57.50 -27.19
N LEU A 932 -8.89 56.29 -27.44
CA LEU A 932 -8.13 55.33 -28.23
C LEU A 932 -7.94 55.83 -29.66
N GLU A 933 -8.98 56.45 -30.22
CA GLU A 933 -8.86 57.01 -31.56
C GLU A 933 -7.85 58.14 -31.59
N ILE A 934 -7.82 58.96 -30.55
CA ILE A 934 -6.83 60.04 -30.46
C ILE A 934 -5.43 59.46 -30.35
N LEU A 935 -5.29 58.35 -29.62
CA LEU A 935 -4.00 57.68 -29.55
C LEU A 935 -3.56 57.18 -30.91
N ALA A 936 -4.48 56.59 -31.66
CA ALA A 936 -4.17 56.19 -33.03
C ALA A 936 -3.81 57.40 -33.88
N GLN A 937 -4.53 58.51 -33.67
CA GLN A 937 -4.30 59.71 -34.46
C GLN A 937 -2.96 60.35 -34.11
N LYS A 938 -2.49 60.14 -32.88
CA LYS A 938 -1.16 60.64 -32.52
C LYS A 938 -0.07 59.74 -33.07
N ILE A 939 -0.30 58.43 -33.07
CA ILE A 939 0.66 57.50 -33.64
C ILE A 939 0.82 57.75 -35.14
N LEU A 940 -0.29 58.04 -35.83
CA LEU A 940 -0.24 58.23 -37.27
C LEU A 940 -0.16 59.71 -37.64
N MET A 941 -0.12 60.60 -36.65
CA MET A 941 0.04 62.02 -36.94
C MET A 941 1.29 62.24 -37.76
N ASN A 942 2.40 61.65 -37.32
CA ASN A 942 3.49 61.28 -38.20
C ASN A 942 3.23 59.83 -38.61
N TYR A 943 2.78 59.64 -39.85
CA TYR A 943 2.46 58.29 -40.32
C TYR A 943 3.67 57.37 -40.24
N ASP A 944 4.87 57.95 -40.21
CA ASP A 944 6.08 57.18 -40.00
C ASP A 944 6.13 56.59 -38.59
N TYR A 945 5.73 57.38 -37.59
CA TYR A 945 5.71 56.88 -36.22
C TYR A 945 4.73 55.73 -36.07
N GLU A 946 3.56 55.84 -36.72
CA GLU A 946 2.67 54.69 -36.79
C GLU A 946 3.33 53.54 -37.54
N ARG A 947 4.08 53.86 -38.59
CA ARG A 947 4.77 52.82 -39.35
C ARG A 947 5.86 52.17 -38.53
N ASP A 948 6.33 52.85 -37.48
CA ASP A 948 7.41 52.32 -36.66
C ASP A 948 7.00 51.03 -35.97
N GLU A 949 7.96 50.12 -35.81
CA GLU A 949 7.68 48.85 -35.16
C GLU A 949 7.21 49.06 -33.72
N VAL A 950 7.76 50.06 -33.04
CA VAL A 950 7.47 50.26 -31.62
C VAL A 950 6.00 50.63 -31.42
N TYR A 951 5.51 51.64 -32.15
CA TYR A 951 4.15 52.13 -31.91
C TYR A 951 3.11 51.13 -32.37
N LEU A 952 3.30 50.54 -33.56
CA LEU A 952 2.36 49.53 -34.03
C LEU A 952 2.36 48.32 -33.11
N MET A 953 3.53 47.89 -32.65
CA MET A 953 3.59 46.76 -31.73
C MET A 953 2.94 47.09 -30.40
N ILE A 954 3.06 48.35 -29.96
CA ILE A 954 2.39 48.77 -28.74
C ILE A 954 0.88 48.68 -28.91
N PHE A 955 0.38 49.14 -30.06
CA PHE A 955 -1.04 48.99 -30.34
C PHE A 955 -1.45 47.52 -30.38
N ILE A 956 -0.62 46.68 -30.98
CA ILE A 956 -0.94 45.26 -31.08
C ILE A 956 -1.01 44.61 -29.71
N LYS A 957 -0.04 44.92 -28.85
CA LYS A 957 -0.05 44.38 -27.50
C LYS A 957 -1.21 44.93 -26.69
N ILE A 958 -1.55 46.21 -26.89
CA ILE A 958 -2.65 46.81 -26.15
C ILE A 958 -3.99 46.23 -26.60
N PHE A 959 -4.03 45.71 -27.83
CA PHE A 959 -5.25 45.06 -28.30
C PHE A 959 -5.58 43.84 -27.44
N GLN A 960 -4.56 43.10 -27.00
CA GLN A 960 -4.79 41.98 -26.10
C GLN A 960 -5.37 42.46 -24.77
N LYS A 961 -4.86 43.57 -24.25
CA LYS A 961 -5.50 44.19 -23.10
C LYS A 961 -6.94 44.57 -23.43
N CYS A 962 -7.20 44.90 -24.70
CA CYS A 962 -8.56 45.17 -25.15
C CYS A 962 -9.30 43.88 -25.49
N VAL A 963 -8.59 42.75 -25.51
CA VAL A 963 -9.24 41.48 -25.77
C VAL A 963 -10.00 41.04 -24.52
N HIS A 964 -11.32 41.22 -24.54
CA HIS A 964 -12.16 40.95 -23.39
C HIS A 964 -13.63 40.89 -23.78
N SER A 965 -14.52 40.83 -22.79
CA SER A 965 -15.95 40.71 -23.07
C SER A 965 -16.47 41.92 -23.85
N LYS A 966 -16.21 43.13 -23.34
CA LYS A 966 -16.55 44.37 -24.03
C LYS A 966 -18.01 44.40 -24.48
N LEU A 967 -18.92 44.12 -23.54
CA LEU A 967 -20.33 44.07 -23.89
C LEU A 967 -20.90 45.45 -24.16
N GLN A 968 -20.39 46.48 -23.48
CA GLN A 968 -21.02 47.79 -23.55
C GLN A 968 -20.87 48.44 -24.92
N PHE A 969 -19.66 48.47 -25.45
CA PHE A 969 -19.42 49.18 -26.70
C PHE A 969 -19.75 48.28 -27.90
N THR A 970 -20.49 48.84 -28.85
CA THR A 970 -20.82 48.14 -30.08
C THR A 970 -20.74 49.07 -31.29
N ASP A 971 -20.01 50.19 -31.15
CA ASP A 971 -20.02 51.26 -32.17
C ASP A 971 -18.60 51.54 -32.66
N ALA A 972 -18.36 51.26 -33.94
CA ALA A 972 -17.19 51.70 -34.71
C ALA A 972 -15.87 51.20 -34.17
N THR A 973 -15.87 50.43 -33.07
CA THR A 973 -14.61 49.89 -32.56
C THR A 973 -13.98 48.95 -33.56
N LEU A 974 -14.79 48.12 -34.21
CA LEU A 974 -14.28 47.23 -35.24
C LEU A 974 -13.72 48.00 -36.43
N LYS A 975 -14.33 49.15 -36.75
CA LYS A 975 -13.86 49.93 -37.88
C LYS A 975 -12.44 50.44 -37.64
N LEU A 976 -12.22 51.10 -36.50
CA LEU A 976 -10.87 51.56 -36.17
C LEU A 976 -9.94 50.38 -35.96
N ILE A 977 -10.48 49.26 -35.47
CA ILE A 977 -9.67 48.06 -35.30
C ILE A 977 -9.13 47.60 -36.65
N VAL A 978 -9.98 47.60 -37.68
CA VAL A 978 -9.53 47.20 -39.02
C VAL A 978 -8.59 48.25 -39.60
N LYS A 979 -8.86 49.53 -39.32
CA LYS A 979 -7.96 50.58 -39.76
C LYS A 979 -6.56 50.36 -39.20
N ILE A 980 -6.48 49.93 -37.94
CA ILE A 980 -5.20 49.51 -37.39
C ILE A 980 -4.71 48.24 -38.06
N THR A 981 -5.62 47.30 -38.30
CA THR A 981 -5.24 45.95 -38.71
C THR A 981 -4.61 45.94 -40.09
N LYS A 982 -4.91 46.95 -40.91
CA LYS A 982 -4.33 47.01 -42.24
C LYS A 982 -2.81 46.89 -42.18
N PHE A 983 -2.20 47.47 -41.15
CA PHE A 983 -0.76 47.29 -40.95
C PHE A 983 -0.47 46.62 -39.62
N ILE A 984 -1.52 46.17 -38.90
CA ILE A 984 -1.30 45.37 -37.70
C ILE A 984 -1.07 43.92 -38.09
N GLU A 985 -1.93 43.39 -38.94
CA GLU A 985 -1.50 42.27 -39.79
C GLU A 985 -0.52 42.86 -40.79
N LYS A 986 0.70 43.08 -40.33
CA LYS A 986 1.52 44.14 -40.89
C LYS A 986 1.63 44.01 -42.39
N VAL A 987 1.50 45.14 -43.07
CA VAL A 987 1.79 45.14 -44.50
C VAL A 987 3.16 44.51 -44.74
N PHE A 988 4.10 44.76 -43.83
CA PHE A 988 5.33 43.98 -43.83
C PHE A 988 5.03 42.51 -43.55
N ILE A 989 4.27 42.23 -42.50
CA ILE A 989 3.91 40.84 -42.21
C ILE A 989 3.12 40.25 -43.36
N GLU A 990 2.21 41.04 -43.95
CA GLU A 990 1.51 40.61 -45.14
C GLU A 990 2.49 40.26 -46.24
N THR A 991 3.60 41.01 -46.33
CA THR A 991 4.63 40.70 -47.31
C THR A 991 5.72 39.84 -46.71
N LYS A 992 5.50 39.35 -45.49
CA LYS A 992 6.45 38.59 -44.69
C LYS A 992 7.68 39.43 -44.40
N PHE A 993 7.55 40.76 -44.31
CA PHE A 993 8.70 41.61 -44.05
C PHE A 993 8.74 42.06 -42.59
N SER A 994 8.00 41.37 -41.72
CA SER A 994 7.89 41.79 -40.32
C SER A 994 9.13 41.43 -39.51
N SER A 995 9.08 41.72 -38.21
CA SER A 995 10.22 41.50 -37.32
C SER A 995 10.38 40.02 -36.99
N LEU A 996 11.64 39.58 -36.90
CA LEU A 996 11.91 38.18 -36.57
C LEU A 996 11.62 37.91 -35.10
N SER A 997 12.24 38.66 -34.20
CA SER A 997 11.84 38.58 -32.80
C SER A 997 10.38 38.94 -32.64
N GLY A 998 9.87 39.80 -33.52
CA GLY A 998 8.45 40.12 -33.48
C GLY A 998 7.57 39.06 -34.11
N ARG A 999 8.17 38.13 -34.84
CA ARG A 999 7.37 37.16 -35.60
C ARG A 999 6.57 36.22 -34.71
N GLN A 1000 7.23 35.69 -33.67
CA GLN A 1000 6.53 34.80 -32.75
C GLN A 1000 5.41 35.54 -32.02
N THR A 1001 5.67 36.79 -31.62
CA THR A 1001 4.63 37.58 -30.98
C THR A 1001 3.49 37.88 -31.96
N PHE A 1002 3.83 38.07 -33.24
CA PHE A 1002 2.80 38.33 -34.25
C PHE A 1002 1.90 37.11 -34.40
N LEU A 1003 2.49 35.92 -34.45
CA LEU A 1003 1.68 34.71 -34.49
C LEU A 1003 0.87 34.55 -33.20
N LYS A 1004 1.46 34.92 -32.07
CA LYS A 1004 0.75 34.84 -30.80
C LYS A 1004 -0.45 35.77 -30.78
N PHE A 1005 -0.34 36.93 -31.42
CA PHE A 1005 -1.45 37.86 -31.50
C PHE A 1005 -2.49 37.38 -32.52
N ILE A 1006 -2.02 36.77 -33.62
CA ILE A 1006 -2.93 36.23 -34.61
C ILE A 1006 -3.79 35.13 -33.99
N PHE A 1007 -3.17 34.26 -33.20
CA PHE A 1007 -3.95 33.33 -32.40
C PHE A 1007 -4.80 34.07 -31.37
N GLN A 1008 -4.23 35.10 -30.76
CA GLN A 1008 -4.99 35.95 -29.84
C GLN A 1008 -6.15 36.60 -30.56
N LEU A 1009 -5.97 36.91 -31.84
CA LEU A 1009 -7.12 37.16 -32.70
C LEU A 1009 -7.92 35.88 -32.87
N SER A 1010 -9.09 35.83 -32.24
CA SER A 1010 -9.86 34.59 -32.14
C SER A 1010 -11.11 34.71 -33.00
N PRO A 1011 -10.97 34.49 -34.31
CA PRO A 1011 -12.17 34.53 -35.17
C PRO A 1011 -13.22 33.51 -34.77
N THR A 1012 -12.81 32.34 -34.28
CA THR A 1012 -13.76 31.27 -33.99
C THR A 1012 -14.56 31.57 -32.73
N SER A 1013 -13.97 32.33 -31.80
CA SER A 1013 -14.63 32.52 -30.51
C SER A 1013 -15.95 33.27 -30.65
N HIS A 1014 -15.91 34.56 -30.99
CA HIS A 1014 -17.14 35.34 -31.10
C HIS A 1014 -17.34 35.93 -32.49
N VAL A 1015 -16.35 36.66 -32.98
CA VAL A 1015 -16.44 37.41 -34.23
C VAL A 1015 -15.25 37.03 -35.10
N TYR A 1016 -15.53 36.63 -36.33
CA TYR A 1016 -14.47 36.21 -37.23
C TYR A 1016 -13.67 37.41 -37.72
N SER A 1017 -12.41 37.17 -38.07
CA SER A 1017 -11.66 38.15 -38.82
C SER A 1017 -12.33 38.35 -40.17
N LYS A 1018 -12.89 39.55 -40.38
CA LYS A 1018 -13.59 39.83 -41.62
C LYS A 1018 -12.73 39.54 -42.83
N PHE A 1019 -11.52 40.10 -42.84
CA PHE A 1019 -10.51 39.63 -43.77
C PHE A 1019 -10.10 38.22 -43.36
N ASP A 1020 -9.90 37.36 -44.35
CA ASP A 1020 -9.67 35.96 -44.05
C ASP A 1020 -8.43 35.78 -43.20
N TYR A 1021 -8.64 35.50 -41.91
CA TYR A 1021 -7.53 35.09 -41.06
C TYR A 1021 -6.95 33.79 -41.56
N GLN A 1022 -7.78 32.97 -42.23
CA GLN A 1022 -7.28 31.77 -42.88
C GLN A 1022 -6.30 32.12 -44.00
N LYS A 1023 -6.57 33.18 -44.75
CA LYS A 1023 -5.64 33.60 -45.79
C LYS A 1023 -4.30 34.01 -45.19
N LEU A 1024 -4.33 34.79 -44.12
CA LEU A 1024 -3.09 35.20 -43.45
C LEU A 1024 -2.36 33.98 -42.90
N ILE A 1025 -3.10 33.04 -42.33
CA ILE A 1025 -2.49 31.84 -41.78
C ILE A 1025 -1.84 31.01 -42.89
N SER A 1026 -2.51 30.91 -44.05
CA SER A 1026 -1.94 30.17 -45.17
C SER A 1026 -0.68 30.84 -45.68
N LEU A 1027 -0.69 32.17 -45.77
CA LEU A 1027 0.50 32.89 -46.17
C LEU A 1027 1.65 32.64 -45.19
N THR A 1028 1.33 32.65 -43.88
CA THR A 1028 2.35 32.39 -42.88
C THR A 1028 2.87 30.96 -42.97
N LEU A 1029 1.99 30.01 -43.29
CA LEU A 1029 2.43 28.63 -43.50
C LEU A 1029 3.38 28.55 -44.66
N LYS A 1030 3.08 29.28 -45.73
CA LYS A 1030 4.07 29.45 -46.79
C LYS A 1030 5.29 30.21 -46.27
N ASP A 1031 5.09 31.10 -45.29
CA ASP A 1031 6.20 31.88 -44.75
C ASP A 1031 7.09 31.01 -43.86
N SER A 1032 8.34 31.44 -43.67
CA SER A 1032 9.34 30.65 -42.98
C SER A 1032 10.12 31.51 -41.99
N ASP A 1033 10.20 31.02 -40.75
CA ASP A 1033 11.05 31.60 -39.72
C ASP A 1033 11.10 30.65 -38.53
N VAL A 1034 12.26 30.61 -37.87
CA VAL A 1034 12.44 29.68 -36.76
C VAL A 1034 11.46 30.00 -35.63
N CYS A 1035 11.34 31.28 -35.28
CA CYS A 1035 10.32 31.67 -34.32
C CYS A 1035 8.93 31.36 -34.87
N VAL A 1036 8.73 31.63 -36.15
CA VAL A 1036 7.47 31.24 -36.79
C VAL A 1036 7.37 29.73 -36.87
N ILE A 1037 8.50 29.02 -36.89
CA ILE A 1037 8.45 27.56 -36.91
C ILE A 1037 7.92 27.03 -35.59
N TYR A 1038 8.44 27.53 -34.47
CA TYR A 1038 7.92 27.15 -33.17
C TYR A 1038 6.47 27.61 -33.01
N ASN A 1039 6.15 28.78 -33.59
CA ASN A 1039 4.77 29.24 -33.59
C ASN A 1039 3.88 28.28 -34.35
N PHE A 1040 4.36 27.75 -35.47
CA PHE A 1040 3.61 26.75 -36.23
C PHE A 1040 3.47 25.47 -35.42
N VAL A 1041 4.49 25.11 -34.65
CA VAL A 1041 4.39 23.96 -33.76
C VAL A 1041 3.26 24.16 -32.75
N ASP A 1042 3.16 25.37 -32.20
CA ASP A 1042 2.08 25.67 -31.26
C ASP A 1042 0.73 25.76 -31.95
N ASP A 1043 0.74 26.12 -33.24
CA ASP A 1043 -0.53 26.37 -33.94
C ASP A 1043 -1.34 25.10 -34.10
N LEU A 1044 -0.67 23.95 -34.17
CA LEU A 1044 -1.41 22.69 -34.21
C LEU A 1044 -2.25 22.52 -32.96
N VAL A 1045 -1.68 22.83 -31.80
CA VAL A 1045 -2.45 22.78 -30.56
C VAL A 1045 -3.53 23.84 -30.56
N ILE A 1046 -3.21 25.03 -31.09
CA ILE A 1046 -4.18 26.11 -31.13
C ILE A 1046 -5.37 25.73 -32.00
N PHE A 1047 -5.15 24.84 -32.97
CA PHE A 1047 -6.23 24.46 -33.89
C PHE A 1047 -7.34 23.71 -33.18
N LEU A 1048 -6.98 22.91 -32.17
CA LEU A 1048 -7.96 22.08 -31.48
C LEU A 1048 -9.06 22.94 -30.86
N LYS A 1049 -10.30 22.46 -30.96
CA LYS A 1049 -11.51 23.12 -30.49
C LYS A 1049 -11.66 24.50 -31.10
N LYS A 1050 -11.01 24.78 -32.23
CA LYS A 1050 -11.04 26.09 -32.85
C LYS A 1050 -11.12 26.03 -34.37
N CYS A 1051 -11.66 24.96 -34.93
CA CYS A 1051 -11.67 24.74 -36.38
C CYS A 1051 -13.10 24.71 -36.89
N ASP A 1052 -13.57 25.85 -37.41
CA ASP A 1052 -14.85 25.89 -38.09
C ASP A 1052 -14.75 25.16 -39.42
N LYS A 1053 -15.84 24.48 -39.81
CA LYS A 1053 -15.77 23.51 -40.90
C LYS A 1053 -15.15 24.11 -42.16
N THR A 1054 -15.63 25.29 -42.58
CA THR A 1054 -15.02 25.93 -43.74
C THR A 1054 -13.57 26.33 -43.46
N LEU A 1055 -13.33 26.97 -42.31
CA LEU A 1055 -11.97 27.31 -41.93
C LEU A 1055 -11.15 26.04 -41.71
N ILE A 1056 -11.80 24.97 -41.22
CA ILE A 1056 -11.09 23.71 -41.02
C ILE A 1056 -10.57 23.18 -42.34
N GLU A 1057 -11.43 23.16 -43.37
CA GLU A 1057 -10.98 22.69 -44.68
C GLU A 1057 -9.92 23.62 -45.26
N GLY A 1058 -10.08 24.93 -45.07
CA GLY A 1058 -9.08 25.87 -45.55
C GLY A 1058 -7.72 25.61 -44.95
N PHE A 1059 -7.69 25.33 -43.64
CA PHE A 1059 -6.42 24.98 -43.00
C PHE A 1059 -5.93 23.61 -43.46
N VAL A 1060 -6.85 22.67 -43.68
CA VAL A 1060 -6.47 21.33 -44.07
C VAL A 1060 -5.74 21.34 -45.40
N LEU A 1061 -6.24 22.13 -46.34
CA LEU A 1061 -5.53 22.31 -47.60
C LEU A 1061 -4.10 22.78 -47.37
N PRO A 1062 -3.84 23.83 -46.59
CA PRO A 1062 -2.44 24.14 -46.24
C PRO A 1062 -1.78 23.02 -45.48
N ILE A 1063 -2.53 22.32 -44.62
CA ILE A 1063 -1.96 21.22 -43.85
C ILE A 1063 -1.45 20.13 -44.78
N LEU A 1064 -2.02 20.05 -45.97
CA LEU A 1064 -1.58 19.11 -46.98
C LEU A 1064 -0.45 19.75 -47.77
N SER A 1065 0.76 19.20 -47.62
CA SER A 1065 1.91 19.62 -48.40
C SER A 1065 3.03 18.59 -48.22
N ILE A 1066 3.53 18.08 -49.34
CA ILE A 1066 4.62 17.11 -49.34
C ILE A 1066 5.92 17.89 -49.51
N LYS A 1067 6.63 18.12 -48.40
CA LYS A 1067 7.81 18.96 -48.38
C LYS A 1067 9.04 18.11 -48.12
N ILE A 1068 10.15 18.47 -48.75
CA ILE A 1068 11.38 17.68 -48.62
C ILE A 1068 12.41 18.42 -47.79
N GLU A 1069 12.52 19.74 -47.98
CA GLU A 1069 13.63 20.48 -47.39
C GLU A 1069 13.44 20.71 -45.88
N LYS A 1070 12.19 20.91 -45.45
CA LYS A 1070 11.96 21.38 -44.08
C LYS A 1070 12.19 20.27 -43.05
N SER A 1071 12.32 19.02 -43.50
CA SER A 1071 12.48 17.91 -42.55
C SER A 1071 13.80 18.01 -41.80
N LEU A 1072 14.91 18.18 -42.53
CA LEU A 1072 16.20 18.37 -41.87
C LEU A 1072 16.19 19.66 -41.05
N TYR A 1073 15.57 20.72 -41.58
CA TYR A 1073 15.38 21.94 -40.81
C TYR A 1073 14.28 21.78 -39.79
N LYS A 1074 13.71 20.57 -39.68
CA LYS A 1074 12.70 20.20 -38.69
C LYS A 1074 11.38 20.91 -38.96
N GLY A 1075 11.32 21.72 -40.03
CA GLY A 1075 10.05 22.30 -40.42
C GLY A 1075 9.04 21.24 -40.80
N PHE A 1076 9.48 20.22 -41.54
CA PHE A 1076 8.61 19.08 -41.81
C PHE A 1076 8.52 18.18 -40.58
N CYS A 1077 9.50 18.27 -39.67
CA CYS A 1077 9.29 17.66 -38.36
C CYS A 1077 8.18 18.38 -37.61
N TYR A 1078 8.10 19.71 -37.74
CA TYR A 1078 6.95 20.43 -37.22
C TYR A 1078 5.68 20.02 -37.93
N LEU A 1079 5.79 19.71 -39.23
CA LEU A 1079 4.64 19.17 -39.94
C LEU A 1079 4.21 17.82 -39.38
N TYR A 1080 5.18 16.98 -39.04
CA TYR A 1080 4.87 15.70 -38.41
C TYR A 1080 4.25 15.91 -37.04
N LEU A 1081 4.69 16.94 -36.32
CA LEU A 1081 4.06 17.29 -35.05
C LEU A 1081 2.62 17.71 -35.27
N THR A 1082 2.38 18.51 -36.31
CA THR A 1082 1.01 18.85 -36.69
C THR A 1082 0.23 17.59 -37.07
N LEU A 1083 0.91 16.60 -37.64
CA LEU A 1083 0.26 15.36 -38.01
C LEU A 1083 -0.14 14.54 -36.78
N LYS A 1084 0.72 14.53 -35.76
CA LYS A 1084 0.36 13.89 -34.50
C LYS A 1084 -0.80 14.63 -33.83
N VAL A 1085 -0.80 15.95 -33.93
CA VAL A 1085 -1.92 16.73 -33.41
C VAL A 1085 -3.19 16.42 -34.20
N PHE A 1086 -3.04 16.17 -35.50
CA PHE A 1086 -4.17 15.72 -36.30
C PHE A 1086 -4.65 14.36 -35.85
N LEU A 1087 -3.71 13.49 -35.50
CA LEU A 1087 -4.06 12.27 -34.80
C LEU A 1087 -4.81 12.60 -33.50
N SER A 1088 -4.56 13.79 -32.96
CA SER A 1088 -5.35 14.26 -31.83
C SER A 1088 -6.54 15.09 -32.28
N ILE A 1089 -6.77 15.17 -33.61
CA ILE A 1089 -7.86 15.95 -34.18
C ILE A 1089 -8.73 15.04 -35.03
N SER A 1090 -9.91 14.70 -34.53
CA SER A 1090 -10.79 13.79 -35.25
C SER A 1090 -11.33 14.43 -36.52
N SER A 1091 -11.47 15.76 -36.52
CA SER A 1091 -11.98 16.44 -37.70
C SER A 1091 -11.06 16.16 -38.89
N ASN A 1092 -11.66 15.80 -40.02
CA ASN A 1092 -10.91 15.38 -41.19
C ASN A 1092 -9.93 14.27 -40.83
N ARG A 1093 -10.43 13.28 -40.08
CA ARG A 1093 -9.57 12.20 -39.62
C ARG A 1093 -8.99 11.42 -40.79
N SER A 1094 -9.80 11.15 -41.82
CA SER A 1094 -9.27 10.51 -43.02
C SER A 1094 -8.20 11.39 -43.66
N ALA A 1095 -8.43 12.70 -43.69
CA ALA A 1095 -7.41 13.62 -44.15
C ALA A 1095 -6.19 13.56 -43.26
N LEU A 1096 -6.40 13.41 -41.95
CA LEU A 1096 -5.26 13.28 -41.04
C LEU A 1096 -4.43 12.05 -41.37
N LEU A 1097 -5.10 10.94 -41.71
CA LEU A 1097 -4.39 9.72 -42.06
C LEU A 1097 -3.67 9.87 -43.38
N TYR A 1098 -4.30 10.52 -44.36
CA TYR A 1098 -3.63 10.77 -45.63
C TYR A 1098 -2.41 11.65 -45.41
N GLN A 1099 -2.52 12.63 -44.50
CA GLN A 1099 -1.38 13.50 -44.21
C GLN A 1099 -0.33 12.77 -43.40
N LEU A 1100 -0.73 11.74 -42.66
CA LEU A 1100 0.26 10.87 -42.04
C LEU A 1100 1.01 10.07 -43.09
N LEU A 1101 0.29 9.57 -44.09
CA LEU A 1101 0.91 8.80 -45.15
C LEU A 1101 1.86 9.66 -45.97
N LYS A 1102 1.45 10.90 -46.28
CA LYS A 1102 2.21 11.72 -47.22
C LYS A 1102 3.17 12.65 -46.49
N LEU A 1103 2.99 12.82 -45.17
CA LEU A 1103 3.74 13.83 -44.45
C LEU A 1103 5.18 13.41 -44.22
N ALA A 1104 5.39 12.13 -43.98
CA ALA A 1104 6.69 11.63 -43.55
C ALA A 1104 7.39 10.91 -44.70
N ASN A 1105 8.56 11.43 -45.09
CA ASN A 1105 9.45 10.66 -45.95
C ASN A 1105 10.16 9.59 -45.14
N SER A 1106 9.85 9.50 -43.86
CA SER A 1106 10.51 8.72 -42.83
C SER A 1106 11.91 9.26 -42.60
N TYR A 1107 12.32 10.32 -43.29
CA TYR A 1107 13.60 10.94 -43.04
C TYR A 1107 13.62 11.50 -41.62
N GLU A 1108 14.52 10.97 -40.79
CA GLU A 1108 14.72 11.25 -39.38
C GLU A 1108 13.66 10.61 -38.49
N THR A 1109 12.66 9.94 -39.05
CA THR A 1109 11.61 9.32 -38.21
C THR A 1109 12.17 8.16 -37.39
N SER A 1110 13.05 7.36 -37.99
CA SER A 1110 13.58 6.18 -37.29
C SER A 1110 14.36 6.58 -36.05
N THR A 1111 15.27 7.54 -36.18
CA THR A 1111 15.99 8.03 -35.01
C THR A 1111 15.04 8.75 -34.06
N ILE A 1112 14.04 9.46 -34.60
CA ILE A 1112 13.15 10.23 -33.75
C ILE A 1112 12.40 9.33 -32.80
N PHE A 1113 11.84 8.23 -33.31
CA PHE A 1113 11.06 7.30 -32.50
C PHE A 1113 9.95 8.04 -31.76
N GLU A 1114 9.05 8.68 -32.51
CA GLU A 1114 8.05 9.59 -31.97
C GLU A 1114 8.75 10.63 -31.12
N PRO A 1115 9.78 11.29 -31.67
CA PRO A 1115 10.60 12.20 -30.86
C PRO A 1115 11.08 11.54 -29.58
N LEU A 1116 11.47 10.27 -29.67
CA LEU A 1116 11.84 9.47 -28.51
C LEU A 1116 10.72 9.45 -27.48
N LEU A 1117 9.49 9.22 -27.95
CA LEU A 1117 8.25 9.14 -27.19
C LEU A 1117 7.76 10.52 -26.74
N ARG A 1118 8.48 11.60 -27.05
CA ARG A 1118 7.99 12.92 -26.67
C ARG A 1118 6.79 13.32 -27.51
N LYS A 1119 6.87 13.12 -28.83
CA LYS A 1119 5.72 13.38 -29.68
C LYS A 1119 4.58 12.44 -29.33
N LEU A 1120 4.88 11.17 -29.11
CA LEU A 1120 3.88 10.17 -28.75
C LEU A 1120 4.37 9.37 -27.57
N HIS A 1121 3.65 9.48 -26.45
CA HIS A 1121 4.09 8.83 -25.22
C HIS A 1121 4.28 7.33 -25.41
N ILE A 1122 3.41 6.70 -26.20
CA ILE A 1122 3.57 5.28 -26.53
C ILE A 1122 3.59 5.13 -28.04
N GLN A 1123 4.78 5.21 -28.64
CA GLN A 1123 4.89 5.12 -30.09
C GLN A 1123 4.52 3.75 -30.60
N SER A 1124 4.85 2.71 -29.84
CA SER A 1124 4.81 1.34 -30.36
C SER A 1124 3.45 1.01 -30.97
N ALA A 1125 2.38 1.58 -30.40
CA ALA A 1125 1.06 1.38 -30.98
C ALA A 1125 1.01 1.92 -32.41
N ASN A 1126 1.59 3.11 -32.62
CA ASN A 1126 1.65 3.69 -33.96
C ASN A 1126 3.05 3.58 -34.55
N ILE A 1127 4.03 3.09 -33.78
CA ILE A 1127 5.31 2.75 -34.39
C ILE A 1127 5.12 1.63 -35.39
N LYS A 1128 4.34 0.62 -35.02
CA LYS A 1128 3.69 -0.26 -35.97
C LYS A 1128 2.51 0.51 -36.53
N GLN A 1129 2.77 1.38 -37.50
CA GLN A 1129 1.79 2.35 -37.97
C GLN A 1129 0.71 1.64 -38.74
N LEU A 1130 -0.29 1.16 -38.04
CA LEU A 1130 -1.54 0.71 -38.63
C LEU A 1130 -2.68 1.38 -37.87
N PHE A 1131 -3.02 2.59 -38.29
CA PHE A 1131 -4.04 3.35 -37.56
C PHE A 1131 -5.38 2.67 -37.68
N ARG A 1132 -6.28 3.03 -36.77
CA ARG A 1132 -7.62 2.46 -36.78
C ARG A 1132 -8.20 2.43 -38.19
N ILE A 1133 -8.33 3.60 -38.81
CA ILE A 1133 -8.76 3.64 -40.20
C ILE A 1133 -7.75 2.93 -41.09
N TYR A 1134 -6.47 3.18 -40.86
CA TYR A 1134 -5.43 2.60 -41.72
C TYR A 1134 -5.42 1.09 -41.63
N ARG A 1135 -5.53 0.55 -40.41
CA ARG A 1135 -5.50 -0.90 -40.25
C ARG A 1135 -6.79 -1.53 -40.77
N LEU A 1136 -7.94 -0.96 -40.42
CA LEU A 1136 -9.21 -1.54 -40.84
C LEU A 1136 -9.40 -1.42 -42.35
N GLU A 1137 -9.11 -0.25 -42.91
CA GLU A 1137 -9.30 -0.01 -44.33
C GLU A 1137 -7.99 0.46 -44.95
N ILE A 1138 -7.67 -0.06 -46.13
CA ILE A 1138 -6.43 0.32 -46.80
C ILE A 1138 -6.47 1.80 -47.15
N PHE A 1139 -5.43 2.52 -46.75
CA PHE A 1139 -5.36 3.94 -47.06
C PHE A 1139 -5.37 4.15 -48.57
N TRP A 1140 -6.22 5.06 -49.01
CA TRP A 1140 -6.39 5.32 -50.43
C TRP A 1140 -6.92 6.72 -50.61
N SER A 1141 -6.92 7.16 -51.87
CA SER A 1141 -7.56 8.44 -52.19
C SER A 1141 -9.02 8.43 -51.78
N PHE A 1142 -9.69 7.28 -51.90
CA PHE A 1142 -11.06 7.14 -51.45
C PHE A 1142 -11.13 7.15 -49.93
N PHE A 1154 5.36 -0.13 -60.64
CA PHE A 1154 4.94 1.06 -59.92
C PHE A 1154 4.11 0.69 -58.70
N LEU A 1155 4.70 0.85 -57.51
CA LEU A 1155 4.05 0.52 -56.26
C LEU A 1155 3.45 1.79 -55.66
N GLU A 1156 2.15 1.74 -55.39
CA GLU A 1156 1.46 2.93 -54.85
C GLU A 1156 2.04 3.33 -53.49
N PHE A 1157 2.35 2.34 -52.66
CA PHE A 1157 2.92 2.65 -51.35
C PHE A 1157 4.38 3.07 -51.50
N PRO A 1158 4.77 4.22 -50.96
CA PRO A 1158 6.20 4.58 -50.96
C PRO A 1158 6.93 3.94 -49.80
N TYR A 1159 7.84 3.00 -50.10
CA TYR A 1159 8.54 2.28 -49.05
C TYR A 1159 9.41 3.21 -48.21
N LYS A 1160 10.13 4.11 -48.87
CA LYS A 1160 10.94 5.08 -48.12
C LYS A 1160 10.08 5.91 -47.18
N PRO A 1161 8.96 6.50 -47.61
CA PRO A 1161 8.07 7.16 -46.64
C PRO A 1161 7.50 6.19 -45.62
N ILE A 1162 7.32 4.93 -45.99
CA ILE A 1162 6.63 3.98 -45.12
C ILE A 1162 7.50 3.63 -43.93
N TYR A 1163 8.66 3.03 -44.17
CA TYR A 1163 9.50 2.56 -43.08
C TYR A 1163 10.94 2.47 -43.57
N PHE A 1164 11.85 2.34 -42.62
CA PHE A 1164 13.27 2.29 -42.95
C PHE A 1164 13.67 0.94 -43.54
N SER A 1165 13.11 -0.15 -43.02
CA SER A 1165 13.42 -1.48 -43.49
C SER A 1165 12.18 -2.10 -44.12
N LEU A 1166 12.36 -3.28 -44.71
CA LEU A 1166 11.21 -4.04 -45.18
C LEU A 1166 10.21 -4.23 -44.05
N SER A 1167 10.68 -4.73 -42.91
CA SER A 1167 9.97 -4.73 -41.63
C SER A 1167 8.54 -5.21 -41.87
N ASP A 1168 7.52 -4.53 -41.33
CA ASP A 1168 6.15 -4.99 -41.53
C ASP A 1168 5.60 -4.51 -42.86
N PHE A 1169 6.30 -3.59 -43.53
CA PHE A 1169 5.74 -2.96 -44.73
C PHE A 1169 5.53 -3.96 -45.86
N LEU A 1170 6.57 -4.72 -46.21
CA LEU A 1170 6.46 -5.63 -47.36
C LEU A 1170 5.46 -6.75 -47.10
N LYS A 1171 5.52 -7.36 -45.91
CA LYS A 1171 4.60 -8.43 -45.59
C LYS A 1171 3.17 -7.93 -45.50
N GLU A 1172 2.96 -6.76 -44.90
CA GLU A 1172 1.63 -6.18 -44.83
C GLU A 1172 1.08 -5.90 -46.22
N ASN A 1173 1.94 -5.36 -47.11
CA ASN A 1173 1.52 -5.13 -48.48
C ASN A 1173 1.17 -6.44 -49.19
N SER A 1174 1.98 -7.47 -48.99
CA SER A 1174 1.69 -8.77 -49.60
C SER A 1174 0.35 -9.31 -49.10
N ASP A 1175 0.10 -9.19 -47.79
CA ASP A 1175 -1.16 -9.66 -47.25
C ASP A 1175 -2.33 -8.85 -47.80
N GLU A 1176 -2.15 -7.54 -47.94
CA GLU A 1176 -3.27 -6.68 -48.32
C GLU A 1176 -3.47 -6.63 -49.83
N ILE A 1177 -2.54 -7.24 -50.59
CA ILE A 1177 -2.56 -7.13 -52.05
C ILE A 1177 -3.94 -7.46 -52.62
N ILE A 1178 -4.64 -8.41 -52.01
CA ILE A 1178 -5.97 -8.80 -52.51
C ILE A 1178 -6.92 -7.62 -52.45
N LEU A 1179 -6.94 -6.90 -51.32
CA LEU A 1179 -7.80 -5.73 -51.21
C LEU A 1179 -7.24 -4.55 -51.99
N VAL A 1180 -5.92 -4.51 -52.18
CA VAL A 1180 -5.28 -3.40 -52.86
C VAL A 1180 -5.62 -3.40 -54.34
N LEU A 1181 -5.57 -4.57 -54.96
CA LEU A 1181 -5.94 -4.66 -56.38
C LEU A 1181 -7.38 -4.19 -56.58
N ILE A 1182 -8.33 -4.82 -55.93
CA ILE A 1182 -9.68 -4.28 -55.97
C ILE A 1182 -9.83 -3.31 -54.82
N LEU A 1183 -9.36 -2.09 -55.02
CA LEU A 1183 -9.62 -0.98 -54.10
C LEU A 1183 -10.88 -0.30 -54.59
N THR A 1184 -11.97 -0.42 -53.83
CA THR A 1184 -13.31 -0.11 -54.32
C THR A 1184 -13.44 1.39 -54.53
N LYS A 1185 -12.60 1.93 -55.41
CA LYS A 1185 -12.74 3.28 -55.94
C LYS A 1185 -12.60 3.28 -57.47
N ASN A 1186 -11.98 2.24 -58.03
CA ASN A 1186 -11.87 2.07 -59.47
C ASN A 1186 -11.41 0.65 -59.73
N ILE A 1187 -11.67 0.17 -60.96
CA ILE A 1187 -11.26 -1.17 -61.32
C ILE A 1187 -9.81 -1.19 -61.76
N THR A 1188 -9.18 -0.01 -61.84
CA THR A 1188 -7.81 0.08 -62.36
C THR A 1188 -6.81 -0.60 -61.44
N LEU A 1189 -6.97 -0.44 -60.12
CA LEU A 1189 -5.96 -0.94 -59.19
C LEU A 1189 -5.82 -2.46 -59.30
N ALA A 1190 -6.89 -3.15 -59.70
CA ALA A 1190 -6.77 -4.56 -60.01
C ALA A 1190 -5.84 -4.79 -61.19
N LYS A 1191 -5.94 -3.95 -62.22
CA LYS A 1191 -5.10 -4.10 -63.40
C LYS A 1191 -3.64 -3.80 -63.06
N LEU A 1192 -2.74 -4.55 -63.68
CA LEU A 1192 -1.28 -4.48 -63.53
C LEU A 1192 -0.85 -4.88 -62.13
N ILE A 1193 -1.77 -5.20 -61.23
CA ILE A 1193 -1.39 -5.64 -59.90
C ILE A 1193 -0.76 -7.03 -59.95
N THR A 1194 -1.28 -7.89 -60.82
CA THR A 1194 -0.77 -9.26 -60.91
C THR A 1194 0.66 -9.29 -61.42
N SER A 1195 1.03 -8.30 -62.25
CA SER A 1195 2.39 -8.26 -62.77
C SER A 1195 3.40 -8.11 -61.64
N ARG A 1196 3.13 -7.22 -60.68
CA ARG A 1196 4.02 -7.08 -59.54
C ARG A 1196 3.81 -8.21 -58.55
N MET A 1197 2.58 -8.72 -58.43
CA MET A 1197 2.26 -9.71 -57.41
C MET A 1197 3.02 -11.00 -57.62
N SER A 1198 3.12 -11.47 -58.87
CA SER A 1198 3.74 -12.74 -59.20
C SER A 1198 3.10 -13.88 -58.40
N VAL A 1199 1.78 -13.86 -58.30
CA VAL A 1199 1.01 -14.87 -57.58
C VAL A 1199 -0.05 -15.44 -58.50
N ASP A 1200 -0.68 -16.53 -58.05
CA ASP A 1200 -1.69 -17.19 -58.86
C ASP A 1200 -2.88 -16.29 -59.10
N PHE A 1201 -3.27 -16.14 -60.37
CA PHE A 1201 -4.39 -15.27 -60.71
C PHE A 1201 -5.72 -15.92 -60.38
N SER A 1202 -5.80 -17.25 -60.53
CA SER A 1202 -7.05 -17.95 -60.23
C SER A 1202 -7.38 -17.83 -58.74
N GLU A 1203 -6.37 -17.95 -57.88
CA GLU A 1203 -6.61 -17.78 -56.45
C GLU A 1203 -7.13 -16.39 -56.15
N LYS A 1204 -6.57 -15.37 -56.80
CA LYS A 1204 -7.05 -14.00 -56.62
C LYS A 1204 -8.49 -13.88 -57.08
N TYR A 1205 -8.83 -14.49 -58.22
CA TYR A 1205 -10.19 -14.42 -58.72
C TYR A 1205 -11.16 -15.09 -57.74
N THR A 1206 -10.74 -16.21 -57.16
CA THR A 1206 -11.59 -16.88 -56.16
C THR A 1206 -11.78 -15.99 -54.94
N GLN A 1207 -10.71 -15.37 -54.45
CA GLN A 1207 -10.80 -14.53 -53.27
C GLN A 1207 -11.49 -13.22 -53.60
N LEU A 1208 -11.99 -12.54 -52.56
CA LEU A 1208 -12.61 -11.23 -52.61
C LEU A 1208 -13.90 -11.24 -53.42
N ILE A 1209 -14.30 -12.39 -53.97
CA ILE A 1209 -15.54 -12.44 -54.75
C ILE A 1209 -16.74 -12.06 -53.88
N PRO A 1210 -16.88 -12.56 -52.66
CA PRO A 1210 -18.01 -12.11 -51.82
C PRO A 1210 -17.97 -10.62 -51.52
N VAL A 1211 -16.78 -10.05 -51.33
CA VAL A 1211 -16.68 -8.61 -51.18
C VAL A 1211 -17.13 -7.92 -52.46
N ILE A 1212 -16.81 -8.51 -53.61
CA ILE A 1212 -17.28 -7.97 -54.88
C ILE A 1212 -18.80 -7.98 -54.93
N THR A 1213 -19.41 -9.06 -54.45
CA THR A 1213 -20.86 -9.12 -54.38
C THR A 1213 -21.41 -8.04 -53.46
N THR A 1214 -20.79 -7.86 -52.30
CA THR A 1214 -21.24 -6.83 -51.37
C THR A 1214 -21.15 -5.45 -52.02
N TYR A 1215 -20.10 -5.20 -52.80
CA TYR A 1215 -19.95 -3.92 -53.47
C TYR A 1215 -20.99 -3.76 -54.57
N THR A 1216 -21.18 -4.79 -55.39
CA THR A 1216 -22.14 -4.69 -56.50
C THR A 1216 -23.56 -4.57 -55.98
N HIS A 1217 -23.80 -4.98 -54.73
CA HIS A 1217 -25.13 -4.85 -54.15
C HIS A 1217 -25.59 -3.40 -54.14
N LEU A 1218 -24.72 -2.49 -53.69
CA LEU A 1218 -25.07 -1.08 -53.71
C LEU A 1218 -25.26 -0.57 -55.12
N SER A 1219 -24.42 -1.03 -56.05
CA SER A 1219 -24.52 -0.59 -57.44
C SER A 1219 -25.85 -1.03 -58.05
N GLU A 1220 -26.27 -2.25 -57.76
CA GLU A 1220 -27.52 -2.76 -58.35
C GLU A 1220 -28.71 -1.96 -57.84
N VAL A 1221 -29.71 -1.82 -58.71
CA VAL A 1221 -30.93 -1.08 -58.39
C VAL A 1221 -32.11 -2.04 -58.51
N GLU A 1222 -32.91 -2.12 -57.45
CA GLU A 1222 -34.14 -2.91 -57.37
C GLU A 1222 -33.91 -4.39 -57.65
N ASN A 1223 -32.74 -4.93 -57.32
CA ASN A 1223 -32.44 -6.34 -57.54
C ASN A 1223 -31.79 -6.93 -56.30
N LYS A 1224 -32.26 -8.11 -55.89
CA LYS A 1224 -31.67 -8.86 -54.79
C LYS A 1224 -31.37 -10.27 -55.30
N LYS A 1225 -30.09 -10.56 -55.53
CA LYS A 1225 -29.68 -11.82 -56.11
C LYS A 1225 -28.54 -12.43 -55.30
N TYR A 1226 -28.61 -13.74 -55.08
CA TYR A 1226 -27.55 -14.49 -54.42
C TYR A 1226 -27.10 -15.61 -55.34
N SER A 1227 -25.82 -15.60 -55.71
CA SER A 1227 -25.28 -16.54 -56.69
C SER A 1227 -24.08 -17.25 -56.09
N LEU A 1228 -24.05 -18.58 -56.22
CA LEU A 1228 -22.94 -19.41 -55.77
C LEU A 1228 -22.65 -19.20 -54.28
N ARG A 1229 -23.71 -19.14 -53.47
CA ARG A 1229 -23.53 -18.99 -52.03
C ARG A 1229 -23.08 -20.30 -51.42
N PHE A 1230 -21.87 -20.28 -50.85
CA PHE A 1230 -21.28 -21.46 -50.22
C PHE A 1230 -21.18 -22.64 -51.20
N ASN A 1231 -20.75 -22.36 -52.42
CA ASN A 1231 -20.43 -23.41 -53.38
C ASN A 1231 -19.20 -24.19 -52.93
N SER A 1232 -18.98 -25.36 -53.53
CA SER A 1232 -17.94 -26.29 -53.08
C SER A 1232 -18.18 -26.63 -51.61
N ILE A 1233 -19.32 -27.29 -51.36
CA ILE A 1233 -19.99 -27.25 -50.07
C ILE A 1233 -19.01 -27.42 -48.92
N ASP A 1234 -19.27 -26.67 -47.85
CA ASP A 1234 -18.27 -26.49 -46.80
C ASP A 1234 -18.03 -27.79 -46.03
N GLU A 1235 -17.33 -28.70 -46.68
CA GLU A 1235 -16.69 -29.81 -45.98
C GLU A 1235 -15.26 -29.47 -45.60
N ALA A 1236 -14.59 -28.65 -46.40
CA ALA A 1236 -13.28 -28.14 -46.03
C ALA A 1236 -13.41 -26.77 -45.37
N LEU A 1237 -12.31 -26.30 -44.79
CA LEU A 1237 -12.32 -24.98 -44.16
C LEU A 1237 -12.49 -23.89 -45.20
N ASP A 1238 -12.30 -24.22 -46.48
CA ASP A 1238 -12.26 -23.21 -47.53
C ASP A 1238 -13.61 -22.51 -47.70
N VAL A 1239 -14.71 -23.26 -47.71
CA VAL A 1239 -15.99 -22.66 -48.10
C VAL A 1239 -16.58 -21.84 -46.96
N GLU A 1240 -16.65 -22.41 -45.75
CA GLU A 1240 -17.08 -21.62 -44.62
C GLU A 1240 -16.09 -20.50 -44.32
N LEU A 1241 -14.82 -20.70 -44.71
CA LEU A 1241 -13.84 -19.63 -44.58
C LEU A 1241 -14.14 -18.49 -45.56
N LEU A 1242 -14.61 -18.83 -46.75
CA LEU A 1242 -15.06 -17.81 -47.69
C LEU A 1242 -16.28 -17.08 -47.16
N ASN A 1243 -17.20 -17.82 -46.55
CA ASN A 1243 -18.35 -17.18 -45.91
C ASN A 1243 -17.89 -16.24 -44.81
N ARG A 1244 -16.86 -16.63 -44.06
CA ARG A 1244 -16.32 -15.77 -43.01
C ARG A 1244 -15.63 -14.54 -43.60
N SER A 1245 -14.90 -14.71 -44.70
CA SER A 1245 -14.32 -13.57 -45.38
C SER A 1245 -15.41 -12.64 -45.88
N LYS A 1246 -16.54 -13.22 -46.30
CA LYS A 1246 -17.70 -12.41 -46.67
C LYS A 1246 -18.22 -11.62 -45.47
N ALA A 1247 -18.30 -12.26 -44.31
CA ALA A 1247 -18.76 -11.56 -43.11
C ALA A 1247 -17.79 -10.43 -42.74
N PHE A 1248 -16.50 -10.67 -42.89
CA PHE A 1248 -15.51 -9.63 -42.61
C PHE A 1248 -15.62 -8.48 -43.60
N LEU A 1249 -15.85 -8.79 -44.88
CA LEU A 1249 -16.05 -7.74 -45.87
C LEU A 1249 -17.31 -6.95 -45.58
N PHE A 1250 -18.37 -7.63 -45.11
CA PHE A 1250 -19.59 -6.93 -44.75
C PHE A 1250 -19.38 -6.06 -43.52
N CYS A 1251 -18.53 -6.52 -42.59
CA CYS A 1251 -18.21 -5.69 -41.43
C CYS A 1251 -17.44 -4.45 -41.84
N LEU A 1252 -16.45 -4.62 -42.71
CA LEU A 1252 -15.75 -3.46 -43.26
C LEU A 1252 -16.72 -2.57 -44.01
N GLU A 1253 -17.76 -3.16 -44.61
CA GLU A 1253 -18.82 -2.37 -45.20
C GLU A 1253 -19.57 -1.59 -44.13
N MET A 1254 -19.74 -2.18 -42.94
CA MET A 1254 -20.58 -1.57 -41.92
C MET A 1254 -19.98 -0.25 -41.42
N LEU A 1255 -18.67 -0.17 -41.34
CA LEU A 1255 -17.99 1.02 -40.83
C LEU A 1255 -17.31 1.75 -41.99
N LYS A 1256 -17.70 3.01 -42.20
CA LYS A 1256 -17.02 3.93 -43.11
C LYS A 1256 -17.21 3.53 -44.57
N GLU A 1257 -17.77 2.35 -44.81
CA GLU A 1257 -18.28 2.05 -46.15
C GLU A 1257 -19.79 2.14 -46.16
N VAL A 1258 -20.44 1.64 -45.10
CA VAL A 1258 -21.78 2.12 -44.77
C VAL A 1258 -21.63 3.55 -44.28
N LYS A 1259 -22.68 4.34 -44.50
CA LYS A 1259 -22.61 5.76 -44.18
C LYS A 1259 -22.23 5.97 -42.72
N GLU A 1260 -21.09 6.64 -42.51
CA GLU A 1260 -20.75 7.06 -41.17
C GLU A 1260 -21.88 7.87 -40.56
N LEU A 1261 -22.55 8.67 -41.38
CA LEU A 1261 -23.88 9.20 -41.12
C LEU A 1261 -23.88 10.27 -40.04
N GLY A 1262 -24.29 11.47 -40.43
CA GLY A 1262 -24.71 12.46 -39.46
C GLY A 1262 -26.19 12.28 -39.27
N SER A 1263 -26.72 11.25 -39.93
CA SER A 1263 -28.14 10.91 -39.89
C SER A 1263 -28.26 9.44 -39.53
N THR A 1264 -28.34 9.16 -38.22
CA THR A 1264 -28.68 7.81 -37.79
C THR A 1264 -30.09 7.45 -38.23
N PHE A 1265 -30.91 8.46 -38.54
CA PHE A 1265 -32.29 8.24 -38.94
C PHE A 1265 -32.34 7.60 -40.32
N LYS A 1266 -33.14 6.54 -40.43
CA LYS A 1266 -33.33 5.82 -41.69
C LYS A 1266 -34.42 4.78 -41.48
N SER A 1267 -34.72 4.07 -42.55
CA SER A 1267 -35.63 2.93 -42.51
C SER A 1267 -34.83 1.65 -42.69
N ILE A 1268 -34.91 0.75 -41.72
CA ILE A 1268 -34.11 -0.47 -41.77
C ILE A 1268 -34.70 -1.45 -42.78
N SER A 1269 -35.78 -1.06 -43.45
CA SER A 1269 -36.55 -1.82 -44.43
C SER A 1269 -37.32 -2.97 -43.77
N SER A 1270 -37.20 -3.15 -42.46
CA SER A 1270 -37.96 -4.15 -41.71
C SER A 1270 -38.40 -3.54 -40.39
N THR A 1271 -39.66 -3.73 -40.04
CA THR A 1271 -40.17 -3.19 -38.78
C THR A 1271 -39.45 -3.80 -37.60
N SER A 1272 -39.21 -5.12 -37.63
CA SER A 1272 -38.49 -5.77 -36.54
C SER A 1272 -37.05 -5.27 -36.46
N PHE A 1273 -36.35 -5.19 -37.60
CA PHE A 1273 -34.97 -4.74 -37.59
C PHE A 1273 -34.86 -3.28 -37.15
N LYS A 1274 -35.76 -2.43 -37.64
CA LYS A 1274 -35.75 -1.03 -37.23
C LYS A 1274 -36.05 -0.90 -35.75
N VAL A 1275 -37.00 -1.68 -35.23
CA VAL A 1275 -37.30 -1.66 -33.81
C VAL A 1275 -36.08 -2.11 -33.01
N TYR A 1276 -35.37 -3.12 -33.50
CA TYR A 1276 -34.16 -3.58 -32.83
C TYR A 1276 -33.10 -2.49 -32.79
N SER A 1277 -32.91 -1.79 -33.90
CA SER A 1277 -31.95 -0.69 -33.93
C SER A 1277 -32.35 0.41 -32.95
N GLN A 1278 -33.65 0.75 -32.93
CA GLN A 1278 -34.13 1.77 -32.01
C GLN A 1278 -33.89 1.35 -30.57
N LEU A 1279 -34.13 0.07 -30.26
CA LEU A 1279 -33.84 -0.43 -28.93
C LEU A 1279 -32.36 -0.33 -28.62
N THR A 1280 -31.52 -0.70 -29.59
CA THR A 1280 -30.08 -0.66 -29.37
C THR A 1280 -29.61 0.75 -29.04
N ILE A 1281 -30.23 1.75 -29.66
CA ILE A 1281 -29.80 3.12 -29.42
C ILE A 1281 -30.62 3.76 -28.31
N PHE A 1282 -31.60 3.03 -27.78
CA PHE A 1282 -32.64 3.66 -26.98
C PHE A 1282 -32.10 4.23 -25.67
N ALA A 1283 -31.37 3.43 -24.90
CA ALA A 1283 -30.98 3.82 -23.56
C ALA A 1283 -30.14 5.08 -23.59
N ASN A 1284 -30.69 6.18 -23.07
CA ASN A 1284 -30.05 7.49 -23.11
C ASN A 1284 -29.61 7.83 -24.53
N ARG A 1285 -30.59 7.96 -25.42
CA ARG A 1285 -30.30 8.17 -26.83
C ARG A 1285 -29.89 9.61 -27.09
N VAL A 1286 -28.62 9.83 -27.38
CA VAL A 1286 -28.17 11.11 -27.90
C VAL A 1286 -27.41 10.84 -29.19
N SER A 1287 -28.14 10.86 -30.30
CA SER A 1287 -27.60 10.43 -31.57
C SER A 1287 -27.09 11.61 -32.39
N PHE A 1288 -26.77 11.32 -33.65
CA PHE A 1288 -26.54 12.35 -34.66
C PHE A 1288 -25.35 13.25 -34.32
N ASN A 1289 -24.18 12.66 -34.19
CA ASN A 1289 -22.94 13.43 -34.20
C ASN A 1289 -22.48 13.65 -35.64
N ASN A 1290 -21.50 14.53 -35.81
CA ASN A 1290 -20.93 14.75 -37.14
C ASN A 1290 -20.23 13.49 -37.62
N SER A 1291 -20.17 13.31 -38.94
CA SER A 1291 -19.70 12.06 -39.50
C SER A 1291 -18.32 12.20 -40.14
N THR A 1292 -17.87 11.11 -40.77
CA THR A 1292 -16.53 11.05 -41.32
C THR A 1292 -16.44 11.84 -42.63
N ALA A 1293 -15.25 11.85 -43.21
CA ALA A 1293 -15.01 12.69 -44.38
C ALA A 1293 -15.47 12.03 -45.67
N ILE A 1294 -14.92 10.88 -46.00
CA ILE A 1294 -15.09 10.26 -47.32
C ILE A 1294 -16.37 9.45 -47.31
N PRO A 1295 -17.36 9.77 -48.15
CA PRO A 1295 -18.52 8.90 -48.28
C PRO A 1295 -18.35 7.90 -49.41
N PHE A 1296 -18.59 6.62 -49.13
CA PHE A 1296 -18.43 5.59 -50.16
C PHE A 1296 -19.78 5.14 -50.71
N PHE A 1297 -20.70 4.78 -49.83
CA PHE A 1297 -22.02 4.33 -50.26
C PHE A 1297 -22.98 4.51 -49.09
N SER A 1298 -24.28 4.50 -49.41
CA SER A 1298 -25.28 4.62 -48.38
C SER A 1298 -25.38 3.34 -47.56
N THR A 1299 -25.54 3.49 -46.25
CA THR A 1299 -25.67 2.32 -45.38
C THR A 1299 -26.94 1.55 -45.66
N LYS A 1300 -27.91 2.20 -46.33
CA LYS A 1300 -29.15 1.53 -46.67
C LYS A 1300 -28.90 0.35 -47.59
N SER A 1301 -27.98 0.51 -48.55
CA SER A 1301 -27.61 -0.62 -49.40
C SER A 1301 -26.96 -1.72 -48.58
N VAL A 1302 -26.16 -1.35 -47.58
CA VAL A 1302 -25.58 -2.35 -46.70
C VAL A 1302 -26.67 -3.13 -45.99
N LEU A 1303 -27.70 -2.43 -45.49
CA LEU A 1303 -28.81 -3.10 -44.83
C LEU A 1303 -29.56 -4.01 -45.80
N TRP A 1304 -29.78 -3.55 -47.03
CA TRP A 1304 -30.48 -4.36 -48.01
C TRP A 1304 -29.70 -5.62 -48.33
N TYR A 1305 -28.38 -5.50 -48.45
CA TYR A 1305 -27.55 -6.68 -48.68
C TYR A 1305 -27.57 -7.61 -47.47
N CYS A 1306 -27.52 -7.05 -46.26
CA CYS A 1306 -27.48 -7.86 -45.05
C CYS A 1306 -28.79 -8.61 -44.86
N ASN A 1307 -29.90 -8.06 -45.37
CA ASN A 1307 -31.17 -8.77 -45.31
C ASN A 1307 -31.08 -10.12 -46.01
N ARG A 1308 -30.58 -10.14 -47.25
CA ARG A 1308 -30.42 -11.41 -47.96
C ARG A 1308 -29.30 -12.24 -47.34
N LEU A 1309 -28.26 -11.58 -46.83
CA LEU A 1309 -27.18 -12.31 -46.17
C LEU A 1309 -27.71 -13.13 -45.00
N PHE A 1310 -28.56 -12.52 -44.17
CA PHE A 1310 -29.27 -13.28 -43.16
C PHE A 1310 -30.18 -14.32 -43.79
N GLN A 1311 -30.87 -13.94 -44.88
CA GLN A 1311 -31.67 -14.92 -45.62
C GLN A 1311 -30.79 -15.99 -46.22
N GLU A 1312 -29.51 -15.70 -46.44
CA GLU A 1312 -28.62 -16.66 -47.05
C GLU A 1312 -28.15 -17.70 -46.04
N LEU A 1313 -27.58 -18.79 -46.56
CA LEU A 1313 -26.89 -19.89 -45.87
C LEU A 1313 -27.84 -20.85 -45.16
N GLU A 1314 -29.13 -20.55 -45.07
CA GLU A 1314 -30.12 -21.47 -44.51
C GLU A 1314 -29.70 -22.01 -43.15
N GLY A 1315 -29.10 -21.14 -42.32
CA GLY A 1315 -28.60 -21.54 -41.03
C GLY A 1315 -27.15 -21.96 -41.00
N PHE A 1316 -26.49 -22.10 -42.15
CA PHE A 1316 -25.08 -22.44 -42.16
C PHE A 1316 -24.24 -21.22 -41.81
N SER A 1317 -22.99 -21.48 -41.41
CA SER A 1317 -21.98 -20.49 -41.00
C SER A 1317 -22.35 -19.80 -39.69
N SER A 1318 -23.50 -20.12 -39.08
CA SER A 1318 -23.85 -19.54 -37.79
C SER A 1318 -22.99 -20.10 -36.68
N ILE A 1319 -22.13 -21.07 -36.99
CA ILE A 1319 -21.29 -21.70 -35.97
C ILE A 1319 -20.39 -20.65 -35.33
N PRO A 1320 -19.69 -20.97 -34.24
CA PRO A 1320 -18.97 -19.93 -33.51
C PRO A 1320 -17.87 -19.24 -34.30
N SER A 1321 -17.40 -19.84 -35.39
CA SER A 1321 -16.27 -19.27 -36.11
C SER A 1321 -16.60 -17.89 -36.66
N VAL A 1322 -17.71 -17.76 -37.39
CA VAL A 1322 -18.03 -16.49 -38.02
C VAL A 1322 -18.42 -15.44 -36.99
N ILE A 1323 -19.22 -15.83 -36.01
CA ILE A 1323 -19.63 -14.88 -34.97
C ILE A 1323 -18.43 -14.39 -34.19
N ASP A 1324 -17.50 -15.30 -33.89
CA ASP A 1324 -16.28 -14.91 -33.20
C ASP A 1324 -15.43 -14.02 -34.08
N LEU A 1325 -15.47 -14.24 -35.40
CA LEU A 1325 -14.78 -13.33 -36.31
C LEU A 1325 -15.38 -11.94 -36.23
N VAL A 1326 -16.71 -11.86 -36.16
CA VAL A 1326 -17.36 -10.56 -36.00
C VAL A 1326 -16.95 -9.92 -34.69
N LEU A 1327 -16.91 -10.70 -33.62
CA LEU A 1327 -16.50 -10.19 -32.32
C LEU A 1327 -15.07 -9.69 -32.37
N ARG A 1328 -14.21 -10.39 -33.09
CA ARG A 1328 -12.82 -9.93 -33.25
C ARG A 1328 -12.77 -8.65 -34.07
N ARG A 1329 -13.64 -8.54 -35.08
CA ARG A 1329 -13.71 -7.30 -35.84
C ARG A 1329 -14.06 -6.14 -34.93
N LEU A 1330 -15.01 -6.35 -34.02
CA LEU A 1330 -15.36 -5.30 -33.06
C LEU A 1330 -14.23 -5.06 -32.07
N ALA A 1331 -13.51 -6.12 -31.69
CA ALA A 1331 -12.43 -5.98 -30.72
C ALA A 1331 -11.31 -5.10 -31.28
N ILE A 1332 -10.86 -5.40 -32.49
CA ILE A 1332 -9.94 -4.49 -33.16
C ILE A 1332 -10.58 -3.12 -33.30
N GLN A 1333 -11.87 -3.10 -33.60
CA GLN A 1333 -12.61 -1.83 -33.60
C GLN A 1333 -12.64 -1.22 -32.22
N LEU A 1334 -12.79 -2.04 -31.18
CA LEU A 1334 -12.63 -1.55 -29.83
C LEU A 1334 -11.14 -1.44 -29.49
N HIS A 1335 -10.42 -0.78 -30.40
CA HIS A 1335 -8.99 -0.59 -30.21
C HIS A 1335 -8.74 0.30 -29.00
N PHE A 1336 -7.50 0.25 -28.49
CA PHE A 1336 -7.22 0.85 -27.19
C PHE A 1336 -7.45 2.36 -27.18
N ALA A 1337 -6.84 3.09 -28.12
CA ALA A 1337 -6.88 4.55 -28.10
C ALA A 1337 -6.92 5.10 -29.53
N THR A 1338 -7.76 6.10 -29.74
CA THR A 1338 -7.89 6.76 -31.03
C THR A 1338 -8.74 8.00 -30.89
N ASP A 1339 -9.11 8.62 -32.02
CA ASP A 1339 -9.97 9.78 -31.99
C ASP A 1339 -11.34 9.43 -31.45
N GLU A 1340 -11.90 10.32 -30.64
CA GLU A 1340 -13.18 10.05 -30.02
C GLU A 1340 -14.30 9.98 -31.06
N GLU A 1341 -14.29 10.86 -32.05
CA GLU A 1341 -15.39 10.90 -33.01
C GLU A 1341 -15.33 9.72 -33.96
N LEU A 1342 -14.14 9.39 -34.47
CA LEU A 1342 -14.01 8.20 -35.30
C LEU A 1342 -14.36 6.95 -34.50
N GLN A 1343 -13.96 6.93 -33.22
CA GLN A 1343 -14.36 5.83 -32.36
C GLN A 1343 -15.88 5.75 -32.26
N VAL A 1344 -16.54 6.90 -32.16
CA VAL A 1344 -18.00 6.90 -32.04
C VAL A 1344 -18.64 6.38 -33.32
N THR A 1345 -18.12 6.79 -34.47
CA THR A 1345 -18.68 6.30 -35.72
C THR A 1345 -18.48 4.80 -35.86
N ILE A 1346 -17.28 4.31 -35.57
CA ILE A 1346 -17.03 2.89 -35.64
C ILE A 1346 -17.88 2.15 -34.62
N SER A 1347 -18.16 2.80 -33.49
CA SER A 1347 -18.99 2.18 -32.46
C SER A 1347 -20.43 2.11 -32.92
N PHE A 1348 -20.90 3.13 -33.63
CA PHE A 1348 -22.21 3.07 -34.24
C PHE A 1348 -22.27 1.91 -35.22
N ARG A 1349 -21.20 1.72 -35.99
CA ARG A 1349 -21.12 0.58 -36.90
C ARG A 1349 -21.20 -0.73 -36.12
N LEU A 1350 -20.48 -0.82 -35.00
CA LEU A 1350 -20.47 -2.05 -34.21
C LEU A 1350 -21.85 -2.33 -33.64
N CYS A 1351 -22.53 -1.30 -33.14
CA CYS A 1351 -23.87 -1.48 -32.63
C CYS A 1351 -24.82 -1.92 -33.72
N ALA A 1352 -24.66 -1.37 -34.93
CA ALA A 1352 -25.50 -1.79 -36.05
C ALA A 1352 -25.24 -3.24 -36.41
N PHE A 1353 -23.97 -3.66 -36.39
CA PHE A 1353 -23.66 -5.06 -36.65
C PHE A 1353 -24.27 -5.95 -35.57
N LEU A 1354 -24.30 -5.47 -34.33
CA LEU A 1354 -25.04 -6.15 -33.29
C LEU A 1354 -26.51 -6.24 -33.66
N CYS A 1355 -27.06 -5.17 -34.25
CA CYS A 1355 -28.42 -5.22 -34.75
C CYS A 1355 -28.55 -6.21 -35.90
N PHE A 1356 -27.43 -6.52 -36.55
CA PHE A 1356 -27.38 -7.55 -37.58
C PHE A 1356 -27.03 -8.88 -36.92
N SER A 1357 -27.79 -9.22 -35.89
CA SER A 1357 -27.66 -10.49 -35.20
C SER A 1357 -28.98 -11.24 -35.25
N ASP A 1358 -29.01 -12.33 -36.01
CA ASP A 1358 -30.21 -13.12 -36.16
C ASP A 1358 -30.48 -13.93 -34.91
N PRO A 1359 -31.53 -14.75 -34.92
CA PRO A 1359 -31.67 -15.72 -33.82
C PRO A 1359 -30.46 -16.63 -33.72
N PHE A 1360 -29.67 -16.76 -34.78
CA PHE A 1360 -28.51 -17.63 -34.78
C PHE A 1360 -27.48 -17.20 -33.73
N ILE A 1361 -27.62 -16.00 -33.15
CA ILE A 1361 -26.74 -15.58 -32.06
C ILE A 1361 -27.21 -16.09 -30.71
N THR A 1362 -28.04 -17.13 -30.68
CA THR A 1362 -28.69 -17.54 -29.43
C THR A 1362 -27.74 -18.22 -28.46
N SER A 1363 -26.51 -18.51 -28.87
CA SER A 1363 -25.61 -19.30 -28.01
C SER A 1363 -25.19 -18.51 -26.78
N ASN A 1364 -24.83 -19.25 -25.73
CA ASN A 1364 -24.38 -18.62 -24.49
C ASN A 1364 -23.08 -17.86 -24.70
N TYR A 1365 -22.21 -18.40 -25.56
CA TYR A 1365 -20.98 -17.68 -25.88
C TYR A 1365 -21.29 -16.30 -26.45
N LEU A 1366 -22.38 -16.19 -27.19
CA LEU A 1366 -22.79 -14.87 -27.69
C LEU A 1366 -23.19 -13.97 -26.52
N VAL A 1367 -23.83 -14.53 -25.50
CA VAL A 1367 -24.17 -13.73 -24.33
C VAL A 1367 -22.89 -13.24 -23.65
N MET A 1368 -21.87 -14.11 -23.58
CA MET A 1368 -20.60 -13.70 -22.99
C MET A 1368 -19.95 -12.60 -23.83
N ILE A 1369 -20.08 -12.68 -25.15
CA ILE A 1369 -19.58 -11.61 -26.01
C ILE A 1369 -20.32 -10.33 -25.71
N VAL A 1370 -21.62 -10.41 -25.49
CA VAL A 1370 -22.39 -9.25 -25.09
C VAL A 1370 -21.85 -8.70 -23.79
N LEU A 1371 -21.49 -9.58 -22.86
CA LEU A 1371 -20.91 -9.15 -21.60
C LEU A 1371 -19.62 -8.38 -21.82
N ARG A 1372 -18.74 -8.92 -22.67
CA ARG A 1372 -17.49 -8.22 -22.97
C ARG A 1372 -17.76 -6.88 -23.65
N ILE A 1373 -18.88 -6.77 -24.35
CA ILE A 1373 -19.22 -5.50 -24.98
C ILE A 1373 -19.40 -4.41 -23.95
N ALA A 1374 -19.89 -4.76 -22.75
CA ALA A 1374 -20.02 -3.75 -21.70
C ALA A 1374 -18.67 -3.23 -21.25
N ARG A 1375 -17.68 -4.13 -21.14
CA ARG A 1375 -16.33 -3.67 -20.88
C ARG A 1375 -15.82 -2.78 -22.00
N GLN A 1376 -16.14 -3.14 -23.25
CA GLN A 1376 -15.80 -2.27 -24.37
C GLN A 1376 -16.43 -0.89 -24.19
N LEU A 1377 -17.65 -0.85 -23.68
CA LEU A 1377 -18.37 0.40 -23.52
C LEU A 1377 -17.84 1.21 -22.35
N LEU A 1378 -17.19 0.55 -21.39
CA LEU A 1378 -16.64 1.25 -20.23
C LEU A 1378 -15.85 2.49 -20.63
N SER A 1379 -15.41 2.54 -21.88
CA SER A 1379 -14.76 3.75 -22.39
C SER A 1379 -15.72 4.94 -22.36
N ILE A 1380 -16.97 4.74 -22.75
CA ILE A 1380 -17.86 5.88 -22.99
C ILE A 1380 -19.19 5.73 -22.26
N PRO A 1381 -19.80 6.84 -21.82
CA PRO A 1381 -21.07 6.72 -21.07
C PRO A 1381 -22.28 6.43 -21.93
N CYS A 1382 -22.43 7.10 -23.07
CA CYS A 1382 -23.57 6.80 -23.94
C CYS A 1382 -23.45 5.39 -24.50
N THR A 1383 -22.25 5.01 -24.93
CA THR A 1383 -22.02 3.62 -25.29
C THR A 1383 -22.21 2.72 -24.07
N GLN A 1384 -21.97 3.24 -22.87
CA GLN A 1384 -22.23 2.45 -21.66
C GLN A 1384 -23.72 2.17 -21.53
N SER A 1385 -24.56 3.15 -21.83
CA SER A 1385 -26.01 2.92 -21.83
C SER A 1385 -26.39 1.95 -22.93
N LEU A 1386 -25.73 2.05 -24.08
CA LEU A 1386 -25.96 1.09 -25.16
C LEU A 1386 -25.64 -0.33 -24.70
N GLY A 1387 -24.52 -0.49 -24.01
CA GLY A 1387 -24.17 -1.80 -23.49
C GLY A 1387 -25.10 -2.26 -22.39
N LEU A 1388 -25.63 -1.31 -21.63
CA LEU A 1388 -26.65 -1.66 -20.63
C LEU A 1388 -27.88 -2.22 -21.32
N GLY A 1389 -28.33 -1.57 -22.38
CA GLY A 1389 -29.44 -2.12 -23.15
C GLY A 1389 -29.10 -3.46 -23.77
N ILE A 1390 -27.84 -3.63 -24.19
CA ILE A 1390 -27.42 -4.90 -24.76
C ILE A 1390 -27.47 -5.99 -23.70
N ALA A 1391 -27.04 -5.68 -22.48
CA ALA A 1391 -27.19 -6.62 -21.37
C ALA A 1391 -28.65 -6.91 -21.12
N ARG A 1392 -29.50 -5.90 -21.23
CA ARG A 1392 -30.93 -6.12 -21.11
C ARG A 1392 -31.41 -7.13 -22.14
N PHE A 1393 -30.96 -6.96 -23.39
CA PHE A 1393 -31.33 -7.90 -24.43
C PHE A 1393 -30.79 -9.29 -24.13
N HIS A 1394 -29.55 -9.36 -23.64
CA HIS A 1394 -28.91 -10.65 -23.41
C HIS A 1394 -29.52 -11.37 -22.21
N LEU A 1395 -30.19 -10.63 -21.33
CA LEU A 1395 -30.69 -11.22 -20.09
C LEU A 1395 -31.59 -12.41 -20.36
N LYS A 1396 -32.33 -12.37 -21.47
CA LYS A 1396 -33.17 -13.50 -21.82
C LYS A 1396 -32.34 -14.76 -21.98
N LYS A 1397 -31.20 -14.67 -22.66
CA LYS A 1397 -30.32 -15.83 -22.79
C LYS A 1397 -29.59 -16.10 -21.48
N PHE A 1398 -29.29 -15.05 -20.72
CA PHE A 1398 -28.51 -15.19 -19.51
C PHE A 1398 -29.25 -16.02 -18.47
N LYS A 1399 -30.55 -15.81 -18.35
CA LYS A 1399 -31.33 -16.55 -17.36
C LYS A 1399 -31.29 -18.05 -17.56
N PRO A 1400 -31.06 -18.58 -18.76
CA PRO A 1400 -31.19 -20.04 -18.95
C PRO A 1400 -30.15 -20.85 -18.20
N THR A 1401 -29.14 -20.20 -17.61
CA THR A 1401 -28.11 -20.92 -16.87
C THR A 1401 -28.75 -21.73 -15.75
N ASP A 1402 -28.32 -22.99 -15.63
CA ASP A 1402 -28.93 -23.88 -14.65
C ASP A 1402 -28.00 -24.14 -13.47
N PHE A 1403 -26.79 -24.59 -13.74
CA PHE A 1403 -25.84 -24.89 -12.67
C PHE A 1403 -25.43 -23.63 -11.93
N GLN A 1408 -21.45 -16.92 -14.34
CA GLN A 1408 -22.11 -15.71 -14.83
C GLN A 1408 -22.77 -14.96 -13.69
N LEU A 1409 -23.40 -15.69 -12.77
CA LEU A 1409 -23.92 -15.04 -11.58
C LEU A 1409 -22.79 -14.38 -10.79
N ALA A 1410 -21.64 -15.04 -10.71
CA ALA A 1410 -20.49 -14.44 -10.04
C ALA A 1410 -20.10 -13.14 -10.71
N GLU A 1411 -20.11 -13.11 -12.05
CA GLU A 1411 -19.80 -11.88 -12.76
C GLU A 1411 -20.82 -10.80 -12.45
N PHE A 1412 -22.08 -11.18 -12.37
CA PHE A 1412 -23.11 -10.22 -12.02
C PHE A 1412 -22.98 -9.74 -10.59
N CYS A 1413 -22.29 -10.50 -9.73
CA CYS A 1413 -22.30 -10.23 -8.29
C CYS A 1413 -21.95 -8.78 -7.98
N MET A 1414 -21.03 -8.19 -8.74
CA MET A 1414 -20.89 -6.75 -8.78
C MET A 1414 -20.92 -6.33 -10.26
N ASP A 1415 -22.13 -6.21 -10.79
CA ASP A 1415 -22.32 -5.66 -12.13
C ASP A 1415 -22.74 -4.20 -12.00
N PHE A 1416 -21.81 -3.42 -11.45
CA PHE A 1416 -22.09 -2.05 -11.06
C PHE A 1416 -21.02 -1.10 -11.59
N LEU A 1417 -21.42 0.14 -11.85
CA LEU A 1417 -20.51 1.19 -12.26
C LEU A 1417 -20.42 2.22 -11.15
N GLY A 1418 -19.31 2.20 -10.41
CA GLY A 1418 -19.19 3.06 -9.25
C GLY A 1418 -19.25 4.54 -9.59
N PHE A 1419 -18.79 4.90 -10.79
CA PHE A 1419 -18.85 6.29 -11.21
C PHE A 1419 -20.28 6.79 -11.26
N CYS A 1420 -21.19 5.99 -11.80
CA CYS A 1420 -22.61 6.33 -11.88
C CYS A 1420 -22.84 7.67 -12.57
N LYS A 1427 -27.92 13.38 -14.79
CA LYS A 1427 -28.42 13.26 -16.16
C LYS A 1427 -29.38 12.09 -16.28
N MET A 1428 -28.91 11.00 -16.87
CA MET A 1428 -29.75 9.83 -17.13
C MET A 1428 -29.79 8.93 -15.89
N GLU A 1429 -30.31 9.51 -14.80
CA GLU A 1429 -30.46 8.73 -13.58
C GLU A 1429 -31.51 7.63 -13.75
N ALA A 1430 -32.57 7.93 -14.52
CA ALA A 1430 -33.59 6.92 -14.77
C ALA A 1430 -33.02 5.74 -15.52
N ILE A 1431 -31.89 5.92 -16.21
CA ILE A 1431 -31.21 4.79 -16.82
C ILE A 1431 -30.73 3.83 -15.73
N GLN A 1432 -30.12 4.37 -14.68
CA GLN A 1432 -29.76 3.54 -13.54
C GLN A 1432 -31.00 2.97 -12.86
N ASP A 1433 -32.10 3.73 -12.89
CA ASP A 1433 -33.33 3.24 -12.28
C ASP A 1433 -33.86 2.02 -13.02
N PHE A 1434 -33.89 2.06 -14.34
CA PHE A 1434 -34.32 0.92 -15.13
C PHE A 1434 -33.30 -0.21 -15.04
N TYR A 1435 -32.04 0.14 -14.83
CA TYR A 1435 -31.04 -0.88 -14.54
C TYR A 1435 -31.39 -1.60 -13.24
N THR A 1436 -31.80 -0.84 -12.22
CA THR A 1436 -32.23 -1.44 -10.97
C THR A 1436 -33.46 -2.30 -11.19
N TRP A 1437 -34.37 -1.85 -12.05
CA TRP A 1437 -35.55 -2.65 -12.37
C TRP A 1437 -35.15 -3.96 -13.03
N PHE A 1438 -34.21 -3.90 -13.97
CA PHE A 1438 -33.74 -5.12 -14.64
C PHE A 1438 -33.04 -6.05 -13.66
N ASP A 1439 -32.29 -5.49 -12.73
CA ASP A 1439 -31.67 -6.30 -11.69
C ASP A 1439 -32.73 -6.98 -10.82
N GLY A 1440 -33.77 -6.24 -10.45
CA GLY A 1440 -34.86 -6.85 -9.71
C GLY A 1440 -35.54 -7.95 -10.49
N TYR A 1441 -35.69 -7.75 -11.79
CA TYR A 1441 -36.19 -8.82 -12.65
C TYR A 1441 -35.27 -10.03 -12.60
N VAL A 1442 -33.96 -9.79 -12.62
CA VAL A 1442 -33.00 -10.87 -12.46
C VAL A 1442 -33.21 -11.54 -11.10
N THR A 1443 -33.69 -10.77 -10.12
CA THR A 1443 -34.07 -11.36 -8.84
C THR A 1443 -35.53 -11.81 -8.88
N ALA A 1444 -36.25 -11.46 -9.93
CA ALA A 1444 -37.64 -11.87 -10.07
C ALA A 1444 -37.77 -12.89 -11.18
N LEU A 1446 -33.25 -14.56 -9.28
CA LEU A 1446 -34.47 -15.15 -9.80
C LEU A 1446 -35.54 -15.19 -8.72
N ASN A 1447 -36.80 -14.99 -9.12
CA ASN A 1447 -37.89 -15.15 -8.17
C ASN A 1447 -37.94 -16.57 -7.64
N PHE A 1448 -37.80 -17.55 -8.54
CA PHE A 1448 -37.73 -18.94 -8.09
C PHE A 1448 -36.44 -19.20 -7.32
N GLU A 1449 -35.34 -18.60 -7.78
CA GLU A 1449 -34.02 -18.86 -7.21
C GLU A 1449 -33.43 -17.58 -6.67
N TYR A 1450 -33.55 -17.38 -5.35
CA TYR A 1450 -32.79 -16.36 -4.66
C TYR A 1450 -31.49 -16.92 -4.10
N GLU A 1451 -31.17 -18.19 -4.41
CA GLU A 1451 -29.99 -18.83 -3.85
C GLU A 1451 -28.71 -18.31 -4.50
N GLY A 1452 -28.81 -17.80 -5.74
CA GLY A 1452 -27.64 -17.20 -6.36
C GLY A 1452 -27.07 -16.06 -5.53
N TYR A 1453 -27.95 -15.22 -4.99
CA TYR A 1453 -27.64 -14.34 -3.88
C TYR A 1453 -26.42 -13.46 -4.16
N GLY A 1454 -26.39 -12.87 -5.34
CA GLY A 1454 -25.38 -11.87 -5.62
C GLY A 1454 -25.58 -10.64 -4.76
N PHE A 1455 -24.58 -9.76 -4.76
CA PHE A 1455 -24.70 -8.51 -4.02
C PHE A 1455 -25.81 -7.63 -4.59
N LEU A 1456 -26.59 -8.16 -5.53
CA LEU A 1456 -27.45 -7.34 -6.39
C LEU A 1456 -28.47 -6.54 -5.58
N ARG A 1457 -29.15 -7.15 -4.63
CA ARG A 1457 -30.14 -6.40 -3.87
C ARG A 1457 -29.49 -5.24 -3.14
N CYS A 1458 -28.35 -5.51 -2.50
CA CYS A 1458 -27.65 -4.46 -1.76
C CYS A 1458 -27.17 -3.36 -2.70
N GLN A 1459 -26.62 -3.73 -3.86
CA GLN A 1459 -26.11 -2.72 -4.79
C GLN A 1459 -27.24 -1.90 -5.39
N ILE A 1460 -28.39 -2.54 -5.65
CA ILE A 1460 -29.55 -1.83 -6.14
C ILE A 1460 -30.03 -0.84 -5.10
N ASN A 1461 -30.02 -1.25 -3.83
CA ASN A 1461 -30.32 -0.30 -2.76
C ASN A 1461 -29.30 0.84 -2.75
N PHE A 1462 -28.02 0.51 -2.93
CA PHE A 1462 -26.95 1.48 -2.82
C PHE A 1462 -27.06 2.55 -3.89
N VAL A 1463 -27.21 2.13 -5.14
CA VAL A 1463 -27.48 3.07 -6.21
C VAL A 1463 -28.82 3.77 -5.97
N ARG A 1464 -29.75 3.07 -5.32
CA ARG A 1464 -31.09 3.60 -5.14
C ARG A 1464 -31.16 4.57 -3.97
N SER A 1465 -30.08 4.65 -3.20
CA SER A 1465 -30.04 5.48 -1.99
C SER A 1465 -31.14 5.10 -1.01
N VAL A 1466 -31.57 3.84 -1.02
CA VAL A 1466 -32.58 3.32 -0.11
C VAL A 1466 -31.98 2.17 0.67
N MET A 1467 -32.05 2.25 2.00
CA MET A 1467 -31.48 1.21 2.85
C MET A 1467 -32.27 -0.08 2.71
N THR A 1468 -31.58 -1.20 2.90
CA THR A 1468 -32.20 -2.50 2.74
C THR A 1468 -32.97 -2.90 3.99
N THR A 1469 -33.80 -3.94 3.86
CA THR A 1469 -34.53 -4.47 4.98
C THR A 1469 -33.58 -5.18 5.96
N LYS A 1470 -33.89 -5.07 7.25
CA LYS A 1470 -33.01 -5.64 8.27
C LYS A 1470 -32.89 -7.15 8.12
N ASN A 1471 -34.02 -7.85 8.04
CA ASN A 1471 -33.98 -9.30 7.81
C ASN A 1471 -33.28 -9.60 6.50
N GLU A 1472 -33.53 -8.79 5.48
CA GLU A 1472 -32.81 -8.93 4.23
C GLU A 1472 -31.31 -8.75 4.44
N TRP A 1473 -30.94 -7.79 5.29
CA TRP A 1473 -29.52 -7.58 5.56
C TRP A 1473 -28.92 -8.82 6.19
N ILE A 1474 -29.62 -9.43 7.15
CA ILE A 1474 -29.12 -10.63 7.78
C ILE A 1474 -28.95 -11.73 6.75
N GLU A 1475 -29.92 -11.85 5.84
CA GLU A 1475 -29.82 -12.87 4.80
C GLU A 1475 -28.61 -12.61 3.91
N VAL A 1476 -28.39 -11.34 3.56
CA VAL A 1476 -27.24 -10.98 2.74
C VAL A 1476 -25.96 -11.39 3.45
N SER A 1477 -25.92 -11.16 4.75
CA SER A 1477 -24.77 -11.56 5.55
C SER A 1477 -24.57 -13.07 5.49
N ASN A 1478 -25.64 -13.83 5.73
CA ASN A 1478 -25.52 -15.27 5.82
C ASN A 1478 -25.09 -15.88 4.49
N LYS A 1479 -25.56 -15.30 3.38
CA LYS A 1479 -25.30 -15.90 2.07
C LYS A 1479 -23.81 -15.84 1.73
N LEU A 1480 -23.14 -14.74 2.07
CA LEU A 1480 -21.78 -14.52 1.60
C LEU A 1480 -20.84 -15.62 2.08
N PHE A 1481 -20.93 -15.99 3.36
CA PHE A 1481 -20.10 -17.09 3.85
C PHE A 1481 -20.48 -18.38 3.16
N GLU A 1482 -21.78 -18.60 2.94
CA GLU A 1482 -22.23 -19.79 2.25
C GLU A 1482 -21.67 -19.85 0.84
N ARG A 1483 -21.21 -18.71 0.31
CA ARG A 1483 -20.66 -18.71 -1.04
C ARG A 1483 -19.46 -19.65 -1.14
N GLY A 1484 -18.60 -19.68 -0.12
CA GLY A 1484 -17.44 -20.53 -0.16
C GLY A 1484 -16.36 -20.07 -1.13
N HIS A 1485 -16.69 -19.21 -2.09
CA HIS A 1485 -15.71 -18.54 -2.91
C HIS A 1485 -15.64 -17.05 -2.62
N PHE A 1486 -16.12 -16.61 -1.45
CA PHE A 1486 -16.04 -15.21 -1.08
C PHE A 1486 -14.59 -14.75 -1.04
N LEU A 1487 -13.67 -15.67 -0.77
CA LEU A 1487 -12.26 -15.35 -0.94
C LEU A 1487 -11.98 -14.93 -2.37
N LYS A 1488 -12.50 -15.69 -3.34
CA LYS A 1488 -12.40 -15.27 -4.73
C LYS A 1488 -13.16 -13.98 -4.97
N ARG A 1489 -14.25 -13.77 -4.24
CA ARG A 1489 -14.98 -12.51 -4.36
C ARG A 1489 -14.07 -11.34 -4.00
N ILE A 1490 -13.29 -11.48 -2.94
CA ILE A 1490 -12.32 -10.45 -2.58
C ILE A 1490 -11.23 -10.37 -3.63
N ALA A 1491 -10.85 -11.51 -4.19
CA ALA A 1491 -9.68 -11.58 -5.06
C ALA A 1491 -9.77 -10.56 -6.19
N MET A 1492 -10.98 -10.27 -6.67
CA MET A 1492 -11.12 -9.21 -7.65
C MET A 1492 -10.81 -7.89 -6.99
N ASN A 1493 -9.60 -7.39 -7.22
CA ASN A 1493 -9.11 -6.25 -6.48
C ASN A 1493 -9.99 -5.04 -6.71
N ASN A 1494 -10.21 -4.68 -7.97
CA ASN A 1494 -11.06 -3.53 -8.25
C ASN A 1494 -12.45 -3.74 -7.68
N TYR A 1495 -12.88 -5.00 -7.58
CA TYR A 1495 -14.18 -5.27 -6.97
C TYR A 1495 -14.14 -5.01 -5.47
N LEU A 1496 -12.97 -5.15 -4.86
CA LEU A 1496 -12.90 -5.21 -3.40
C LEU A 1496 -13.48 -3.95 -2.75
N CYS A 1497 -12.99 -2.77 -3.15
CA CYS A 1497 -13.44 -1.55 -2.49
C CYS A 1497 -14.93 -1.37 -2.64
N LEU A 1498 -15.50 -1.91 -3.71
CA LEU A 1498 -16.93 -2.06 -3.75
C LEU A 1498 -17.40 -3.04 -2.67
N TYR A 1499 -16.70 -4.16 -2.51
CA TYR A 1499 -17.27 -5.32 -1.83
C TYR A 1499 -17.31 -5.15 -0.31
N PHE A 1500 -16.36 -4.42 0.25
CA PHE A 1500 -16.31 -4.21 1.70
C PHE A 1500 -17.19 -3.00 2.03
N TRP A 1501 -18.45 -3.05 1.60
CA TRP A 1501 -19.45 -2.05 1.93
C TRP A 1501 -19.15 -0.69 1.30
N GLN A 1502 -18.90 -0.68 -0.02
CA GLN A 1502 -18.58 0.57 -0.70
C GLN A 1502 -19.65 1.62 -0.44
N VAL A 1503 -20.90 1.27 -0.69
CA VAL A 1503 -22.01 2.09 -0.24
C VAL A 1503 -22.70 1.50 0.96
N LEU A 1504 -22.41 0.24 1.30
CA LEU A 1504 -22.95 -0.32 2.52
C LEU A 1504 -22.22 0.20 3.74
N ASP A 1505 -21.11 0.91 3.57
CA ASP A 1505 -20.50 1.57 4.72
C ASP A 1505 -21.46 2.61 5.29
N ALA A 1506 -22.44 3.03 4.51
CA ALA A 1506 -23.51 3.90 4.99
C ALA A 1506 -24.62 3.01 5.55
N CYS A 1507 -24.53 2.67 6.82
CA CYS A 1507 -25.48 1.78 7.45
C CYS A 1507 -25.35 1.92 8.96
N PRO A 1508 -26.30 1.40 9.73
CA PRO A 1508 -26.23 1.56 11.18
C PRO A 1508 -25.09 0.77 11.79
N ARG A 1509 -24.62 1.26 12.94
CA ARG A 1509 -23.79 0.41 13.79
C ARG A 1509 -24.58 -0.81 14.20
N ASN A 1510 -25.91 -0.68 14.28
CA ASN A 1510 -26.76 -1.87 14.35
C ASN A 1510 -26.65 -2.70 13.08
N VAL A 1511 -26.61 -2.04 11.93
CA VAL A 1511 -26.41 -2.77 10.67
C VAL A 1511 -25.01 -3.35 10.63
N LEU A 1512 -24.02 -2.59 11.10
CA LEU A 1512 -22.65 -3.12 11.11
C LEU A 1512 -22.53 -4.33 12.01
N HIS A 1513 -23.07 -4.24 13.22
CA HIS A 1513 -22.80 -5.26 14.24
C HIS A 1513 -23.76 -6.43 14.15
N SER A 1514 -25.06 -6.14 13.98
CA SER A 1514 -26.06 -7.20 13.94
C SER A 1514 -25.78 -8.18 12.80
N LEU A 1515 -25.04 -7.74 11.80
CA LEU A 1515 -24.71 -8.60 10.67
C LEU A 1515 -23.84 -9.77 11.11
N SER A 1516 -23.56 -10.65 10.15
CA SER A 1516 -22.59 -11.71 10.38
C SER A 1516 -21.22 -11.10 10.63
N LEU A 1517 -20.59 -11.52 11.73
CA LEU A 1517 -19.30 -10.94 12.09
C LEU A 1517 -18.23 -11.21 11.05
N GLU A 1518 -18.44 -12.19 10.18
CA GLU A 1518 -17.38 -12.61 9.25
C GLU A 1518 -16.93 -11.45 8.37
N ILE A 1519 -17.81 -10.49 8.12
CA ILE A 1519 -17.38 -9.27 7.45
C ILE A 1519 -16.16 -8.72 8.15
N TRP A 1520 -16.28 -8.41 9.44
CA TRP A 1520 -15.11 -7.99 10.19
C TRP A 1520 -14.06 -9.08 10.21
N LYS A 1521 -14.49 -10.33 10.32
CA LYS A 1521 -13.57 -11.45 10.50
C LYS A 1521 -12.72 -11.73 9.28
N CYS A 1522 -12.96 -11.05 8.17
CA CYS A 1522 -12.18 -11.32 6.97
C CYS A 1522 -10.82 -10.65 7.00
N TYR A 1523 -10.34 -10.23 8.17
CA TYR A 1523 -9.07 -9.51 8.28
C TYR A 1523 -7.95 -10.29 7.61
N LYS A 1524 -6.97 -9.55 7.13
CA LYS A 1524 -5.81 -10.04 6.40
C LYS A 1524 -6.22 -10.77 5.13
N ALA A 1525 -7.44 -10.57 4.61
CA ALA A 1525 -7.85 -11.23 3.39
C ALA A 1525 -8.25 -10.30 2.25
N TYR A 1526 -9.19 -9.40 2.45
CA TYR A 1526 -9.67 -8.52 1.39
C TYR A 1526 -8.83 -7.26 1.38
N ASP A 1527 -7.69 -7.32 0.70
CA ASP A 1527 -6.67 -6.29 0.82
C ASP A 1527 -7.09 -4.99 0.16
N ILE A 1528 -6.78 -3.86 0.81
CA ILE A 1528 -7.03 -2.58 0.20
C ILE A 1528 -5.82 -2.22 -0.64
N THR A 1529 -5.75 -2.81 -1.83
CA THR A 1529 -4.76 -2.34 -2.80
C THR A 1529 -5.01 -0.89 -3.14
N GLU A 1530 -6.25 -0.45 -2.97
CA GLU A 1530 -6.62 0.94 -3.04
C GLU A 1530 -7.95 1.11 -2.33
N PHE A 1531 -8.31 2.36 -2.08
CA PHE A 1531 -9.60 2.72 -1.55
C PHE A 1531 -9.66 4.24 -1.49
N PRO A 1532 -10.84 4.81 -1.25
CA PRO A 1532 -10.88 6.24 -0.98
C PRO A 1532 -10.23 6.53 0.36
N ASP A 1533 -9.74 7.77 0.49
CA ASP A 1533 -9.26 8.21 1.80
C ASP A 1533 -10.35 8.04 2.84
N SER A 1534 -11.57 8.46 2.50
CA SER A 1534 -12.71 8.13 3.33
C SER A 1534 -12.79 6.64 3.59
N LEU A 1535 -12.59 5.83 2.55
CA LEU A 1535 -12.65 4.38 2.73
C LEU A 1535 -11.55 3.91 3.67
N LYS A 1536 -10.34 4.44 3.52
CA LYS A 1536 -9.25 4.02 4.39
C LYS A 1536 -9.61 4.28 5.85
N LEU A 1537 -10.04 5.51 6.14
CA LEU A 1537 -10.42 5.82 7.50
C LEU A 1537 -11.57 4.93 7.94
N PHE A 1538 -12.52 4.69 7.05
CA PHE A 1538 -13.71 3.95 7.39
C PHE A 1538 -13.38 2.53 7.79
N PHE A 1539 -12.47 1.88 7.05
CA PHE A 1539 -12.13 0.50 7.36
C PHE A 1539 -11.26 0.42 8.60
N SER A 1540 -10.28 1.34 8.71
CA SER A 1540 -9.50 1.41 9.93
C SER A 1540 -10.43 1.48 11.13
N ASP A 1541 -11.51 2.24 11.01
CA ASP A 1541 -12.52 2.26 12.06
C ASP A 1541 -13.26 0.93 12.14
N ILE A 1542 -13.70 0.41 11.00
CA ILE A 1542 -14.68 -0.67 10.98
C ILE A 1542 -14.10 -1.90 11.64
N MET A 1543 -12.78 -2.04 11.63
CA MET A 1543 -12.19 -3.17 12.33
C MET A 1543 -12.56 -3.17 13.80
N GLY A 1544 -12.32 -2.06 14.48
CA GLY A 1544 -12.25 -2.08 15.93
C GLY A 1544 -13.58 -2.33 16.62
N TRP A 1545 -14.61 -1.56 16.26
CA TRP A 1545 -15.81 -1.51 17.09
C TRP A 1545 -16.44 -2.88 17.25
N ASN A 1546 -16.13 -3.79 16.35
CA ASN A 1546 -16.43 -5.19 16.61
C ASN A 1546 -15.19 -5.94 17.05
N PHE A 1547 -14.01 -5.41 16.74
CA PHE A 1547 -12.78 -6.16 17.00
C PHE A 1547 -12.56 -6.39 18.48
N PHE A 1548 -12.86 -5.39 19.30
CA PHE A 1548 -12.63 -5.54 20.74
C PHE A 1548 -13.39 -6.74 21.27
N LYS A 1549 -14.64 -6.92 20.85
CA LYS A 1549 -15.37 -8.11 21.26
C LYS A 1549 -15.04 -9.28 20.34
N SER A 1550 -14.89 -10.45 20.93
CA SER A 1550 -14.70 -11.68 20.19
C SER A 1550 -13.52 -11.59 19.23
N PRO A 1551 -12.40 -11.05 19.66
CA PRO A 1551 -11.23 -11.04 18.77
C PRO A 1551 -10.67 -12.44 18.57
N GLU A 1552 -9.94 -12.65 17.49
CA GLU A 1552 -9.33 -13.94 17.18
C GLU A 1552 -8.16 -13.72 16.24
N ILE A 1553 -7.06 -14.45 16.47
CA ILE A 1553 -5.89 -14.30 15.62
C ILE A 1553 -5.41 -15.65 15.09
N ALA A 1554 -5.26 -16.64 15.97
CA ALA A 1554 -4.58 -17.88 15.59
C ALA A 1554 -5.36 -18.65 14.54
N ASP A 1555 -4.65 -19.46 13.76
CA ASP A 1555 -5.23 -20.16 12.63
C ASP A 1555 -4.60 -21.55 12.46
N LEU A 1556 -5.44 -22.53 12.08
CA LEU A 1556 -5.02 -23.88 11.76
C LEU A 1556 -4.67 -23.98 10.28
N ASN A 1557 -4.22 -25.17 9.87
CA ASN A 1557 -3.69 -25.37 8.52
C ASN A 1557 -4.21 -26.63 7.83
N HIS A 1558 -5.51 -26.88 7.89
CA HIS A 1558 -6.07 -27.99 7.12
C HIS A 1558 -6.12 -27.63 5.64
N TYR A 1559 -5.44 -28.42 4.82
CA TYR A 1559 -5.27 -28.11 3.41
C TYR A 1559 -6.18 -29.00 2.56
N ILE A 1560 -6.25 -28.67 1.28
CA ILE A 1560 -6.99 -29.53 0.35
C ILE A 1560 -6.33 -30.90 0.35
N PRO A 1561 -7.09 -32.00 0.32
CA PRO A 1561 -6.47 -33.33 0.44
C PRO A 1561 -5.40 -33.59 -0.62
N LYS A 1562 -5.66 -33.20 -1.87
CA LYS A 1562 -4.66 -33.19 -2.94
C LYS A 1562 -3.84 -34.48 -3.00
N THR A 1563 -4.43 -35.57 -2.55
CA THR A 1563 -3.72 -36.84 -2.56
C THR A 1563 -3.49 -37.29 -3.99
N ASP A 1564 -2.24 -37.60 -4.31
CA ASP A 1564 -1.93 -38.05 -5.67
C ASP A 1564 -2.63 -39.35 -6.02
N PRO A 1565 -2.62 -40.40 -5.19
CA PRO A 1565 -3.35 -41.63 -5.55
C PRO A 1565 -4.83 -41.52 -5.25
N ARG A 1566 -5.67 -41.85 -6.24
CA ARG A 1566 -7.12 -41.78 -6.07
C ARG A 1566 -7.85 -42.99 -6.63
N LEU A 1567 -7.17 -43.82 -7.44
CA LEU A 1567 -7.81 -44.99 -8.02
C LEU A 1567 -6.77 -46.00 -8.49
N TYR A 1573 -0.10 -45.39 -17.61
CA TYR A 1573 -1.50 -45.59 -17.25
C TYR A 1573 -2.34 -44.39 -17.64
N GLU A 1574 -3.18 -44.57 -18.66
CA GLU A 1574 -4.07 -43.49 -19.08
C GLU A 1574 -5.03 -43.11 -17.97
N GLU A 1575 -5.33 -44.05 -17.06
CA GLU A 1575 -6.21 -43.73 -15.94
C GLU A 1575 -5.63 -42.61 -15.10
N SER A 1576 -4.32 -42.66 -14.84
CA SER A 1576 -3.67 -41.56 -14.15
C SER A 1576 -3.70 -40.29 -15.00
N LYS A 1577 -3.54 -40.42 -16.32
CA LYS A 1577 -3.51 -39.25 -17.18
C LYS A 1577 -4.88 -38.61 -17.28
N LEU A 1578 -5.93 -39.32 -16.86
CA LEU A 1578 -7.30 -38.83 -17.06
C LEU A 1578 -7.55 -37.54 -16.29
N ILE A 1579 -7.05 -37.43 -15.07
CA ILE A 1579 -7.37 -36.29 -14.23
C ILE A 1579 -6.71 -35.01 -14.75
N ILE A 1580 -5.48 -35.12 -15.27
CA ILE A 1580 -4.67 -33.94 -15.55
C ILE A 1580 -5.31 -33.09 -16.65
N TRP A 1581 -5.67 -33.71 -17.77
CA TRP A 1581 -6.24 -32.94 -18.87
C TRP A 1581 -7.62 -32.42 -18.51
N LYS A 1582 -8.38 -33.17 -17.70
CA LYS A 1582 -9.67 -32.69 -17.24
C LYS A 1582 -9.50 -31.43 -16.40
N LEU A 1583 -8.50 -31.42 -15.51
CA LEU A 1583 -8.21 -30.22 -14.74
C LEU A 1583 -7.77 -29.08 -15.66
N ILE A 1584 -6.99 -29.40 -16.70
CA ILE A 1584 -6.56 -28.37 -17.64
C ILE A 1584 -7.77 -27.76 -18.32
N CYS A 1585 -8.72 -28.60 -18.73
CA CYS A 1585 -9.95 -28.10 -19.34
C CYS A 1585 -10.74 -27.24 -18.35
N GLN A 1586 -10.80 -27.66 -17.10
CA GLN A 1586 -11.47 -26.86 -16.08
C GLN A 1586 -10.81 -25.50 -15.94
N LYS A 1587 -9.47 -25.46 -15.99
CA LYS A 1587 -8.75 -24.21 -15.84
C LYS A 1587 -8.87 -23.34 -17.08
N ALA A 1588 -9.16 -23.95 -18.24
CA ALA A 1588 -9.30 -23.17 -19.46
C ALA A 1588 -10.43 -22.15 -19.36
N CYS A 1589 -11.52 -22.52 -18.67
CA CYS A 1589 -12.62 -21.58 -18.50
C CYS A 1589 -12.17 -20.36 -17.71
N SER A 1590 -11.41 -20.57 -16.64
CA SER A 1590 -10.88 -19.43 -15.89
C SER A 1590 -9.89 -18.63 -16.73
N LEU A 1591 -9.13 -19.32 -17.59
CA LEU A 1591 -8.20 -18.64 -18.48
C LEU A 1591 -8.93 -17.69 -19.42
N LEU A 1592 -10.07 -18.14 -19.96
CA LEU A 1592 -10.86 -17.28 -20.83
C LEU A 1592 -11.51 -16.14 -20.05
N PHE A 1593 -11.48 -16.21 -18.71
CA PHE A 1593 -12.18 -15.22 -17.92
C PHE A 1593 -11.35 -13.97 -17.69
N LYS A 1594 -10.18 -14.12 -17.04
CA LYS A 1594 -9.43 -12.99 -16.50
C LYS A 1594 -8.27 -12.66 -17.44
N TYR A 1595 -8.55 -11.80 -18.41
CA TYR A 1595 -7.52 -11.29 -19.31
C TYR A 1595 -8.12 -10.10 -20.06
N ASP A 1596 -7.38 -9.64 -21.07
CA ASP A 1596 -7.88 -8.58 -21.92
C ASP A 1596 -9.07 -9.08 -22.74
N ILE A 1597 -9.87 -8.14 -23.23
CA ILE A 1597 -11.11 -8.49 -23.92
C ILE A 1597 -10.82 -9.27 -25.20
N LEU A 1598 -9.56 -9.31 -25.62
CA LEU A 1598 -9.25 -9.91 -26.92
C LEU A 1598 -8.26 -11.07 -26.80
N LEU A 1599 -7.60 -11.20 -25.64
CA LEU A 1599 -6.48 -12.14 -25.54
C LEU A 1599 -6.93 -13.58 -25.70
N ASP A 1600 -8.24 -13.83 -25.65
CA ASP A 1600 -8.73 -15.19 -25.46
C ASP A 1600 -8.36 -16.12 -26.61
N SER A 1601 -8.63 -15.69 -27.84
CA SER A 1601 -8.58 -16.62 -28.97
C SER A 1601 -7.19 -17.21 -29.14
N PHE A 1602 -6.15 -16.46 -28.77
CA PHE A 1602 -4.79 -16.95 -28.95
C PHE A 1602 -4.58 -18.26 -28.22
N ILE A 1603 -5.33 -18.49 -27.13
CA ILE A 1603 -5.20 -19.74 -26.38
C ILE A 1603 -6.31 -20.71 -26.75
N GLU A 1604 -7.34 -20.23 -27.43
CA GLU A 1604 -8.46 -21.09 -27.78
C GLU A 1604 -8.04 -22.20 -28.74
N ASP A 1605 -7.17 -21.87 -29.70
CA ASP A 1605 -6.90 -22.76 -30.83
C ASP A 1605 -6.43 -24.13 -30.37
N CYS A 1606 -5.44 -24.17 -29.48
CA CYS A 1606 -4.92 -25.44 -29.01
C CYS A 1606 -6.03 -26.27 -28.37
N ILE A 1607 -6.91 -25.64 -27.61
CA ILE A 1607 -8.05 -26.36 -27.04
C ILE A 1607 -8.91 -26.91 -28.16
N ARG A 1608 -9.17 -26.11 -29.19
CA ARG A 1608 -9.80 -26.63 -30.39
C ARG A 1608 -8.90 -27.66 -31.07
N MET A 1609 -7.58 -27.38 -31.09
CA MET A 1609 -6.65 -28.35 -31.66
C MET A 1609 -6.64 -29.65 -30.85
N PHE A 1610 -6.66 -29.53 -29.53
CA PHE A 1610 -6.72 -30.71 -28.68
C PHE A 1610 -8.09 -31.36 -28.77
N GLN A 1617 -11.32 -32.49 -34.13
CA GLN A 1617 -10.05 -32.93 -33.56
C GLN A 1617 -10.19 -34.29 -32.89
N GLU A 1618 -9.06 -34.85 -32.45
CA GLU A 1618 -9.09 -36.13 -31.77
C GLU A 1618 -9.92 -36.03 -30.50
N LEU A 1619 -10.83 -36.99 -30.31
CA LEU A 1619 -11.77 -36.98 -29.20
C LEU A 1619 -11.19 -37.81 -28.06
N ARG A 1620 -10.48 -37.14 -27.15
CA ARG A 1620 -10.00 -37.82 -25.96
C ARG A 1620 -11.12 -37.98 -24.94
N LYS A 1621 -12.36 -37.71 -25.36
CA LYS A 1621 -13.52 -37.72 -24.48
C LYS A 1621 -13.37 -36.66 -23.40
N PHE A 1622 -12.38 -35.77 -23.57
CA PHE A 1622 -12.20 -34.69 -22.62
C PHE A 1622 -13.39 -33.74 -22.64
N LEU A 1623 -13.99 -33.54 -23.82
CA LEU A 1623 -15.22 -32.76 -23.90
C LEU A 1623 -16.31 -33.40 -23.06
N ASN A 1624 -16.35 -34.73 -23.01
CA ASN A 1624 -17.31 -35.42 -22.14
C ASN A 1624 -17.05 -35.08 -20.68
N PHE A 1625 -15.78 -34.98 -20.29
CA PHE A 1625 -15.46 -34.49 -18.96
C PHE A 1625 -16.00 -33.08 -18.74
N PRO A 1626 -15.79 -32.13 -19.64
CA PRO A 1626 -16.39 -30.80 -19.44
C PRO A 1626 -17.89 -30.83 -19.71
N LYS A 1627 -18.50 -29.65 -19.63
CA LYS A 1627 -19.93 -29.55 -19.93
C LYS A 1627 -20.18 -29.83 -21.40
N ASP A 1628 -21.19 -30.68 -21.66
CA ASP A 1628 -21.52 -31.02 -23.03
C ASP A 1628 -22.13 -29.84 -23.78
N SER A 1629 -22.98 -29.06 -23.11
CA SER A 1629 -23.53 -27.86 -23.73
C SER A 1629 -22.42 -26.88 -24.06
N ILE A 1630 -21.44 -26.74 -23.17
CA ILE A 1630 -20.28 -25.90 -23.46
C ILE A 1630 -19.47 -26.51 -24.60
N ILE A 1631 -19.41 -27.84 -24.67
CA ILE A 1631 -18.57 -28.50 -25.68
C ILE A 1631 -19.14 -28.30 -27.07
N TYR A 1632 -20.47 -28.33 -27.20
CA TYR A 1632 -21.09 -28.31 -28.52
C TYR A 1632 -20.79 -27.01 -29.27
N ASP A 1633 -20.77 -25.87 -28.57
CA ASP A 1633 -20.58 -24.60 -29.23
C ASP A 1633 -19.24 -24.55 -29.96
N SER A 1634 -18.16 -24.93 -29.28
CA SER A 1634 -16.86 -25.05 -29.94
C SER A 1634 -16.69 -26.47 -30.44
N ASP A 1635 -17.68 -26.91 -31.22
CA ASP A 1635 -17.69 -28.25 -31.78
C ASP A 1635 -16.45 -28.52 -32.61
N THR A 1638 -15.28 -30.58 -37.17
CA THR A 1638 -16.61 -29.99 -37.18
C THR A 1638 -16.73 -28.90 -38.24
N LEU A 1639 -17.29 -27.76 -37.87
CA LEU A 1639 -17.33 -26.61 -38.76
C LEU A 1639 -15.90 -26.12 -39.03
N VAL A 1640 -15.79 -25.18 -39.98
CA VAL A 1640 -14.47 -24.74 -40.41
C VAL A 1640 -13.70 -24.16 -39.22
N SER A 1641 -12.59 -24.81 -38.87
CA SER A 1641 -11.75 -24.29 -37.82
C SER A 1641 -11.00 -23.07 -38.32
N GLU A 1642 -11.43 -21.90 -37.86
CA GLU A 1642 -10.85 -20.63 -38.29
C GLU A 1642 -10.00 -20.09 -37.17
N GLU A 1643 -8.74 -19.76 -37.48
CA GLU A 1643 -7.83 -19.25 -36.46
C GLU A 1643 -8.27 -17.86 -36.01
N GLY A 1644 -8.15 -17.63 -34.70
CA GLY A 1644 -8.53 -16.32 -34.17
C GLY A 1644 -7.67 -15.21 -34.74
N SER A 1645 -6.46 -15.54 -35.20
CA SER A 1645 -5.53 -14.52 -35.66
C SER A 1645 -6.03 -13.82 -36.92
N PHE A 1646 -6.89 -14.47 -37.68
CA PHE A 1646 -7.41 -13.95 -38.96
C PHE A 1646 -6.20 -13.75 -39.86
N GLN A 1647 -5.85 -12.52 -40.24
CA GLN A 1647 -4.68 -12.32 -41.08
C GLN A 1647 -3.39 -12.32 -40.26
N TRP A 1648 -3.51 -12.55 -38.95
CA TRP A 1648 -2.44 -12.66 -37.94
C TRP A 1648 -1.90 -11.30 -37.51
N VAL A 1649 -2.37 -10.19 -38.08
CA VAL A 1649 -2.04 -8.89 -37.51
C VAL A 1649 -2.74 -8.73 -36.17
N LYS A 1650 -3.95 -9.27 -36.05
CA LYS A 1650 -4.69 -9.23 -34.80
C LYS A 1650 -4.10 -10.18 -33.75
N LEU A 1651 -2.92 -10.71 -33.99
CA LEU A 1651 -2.24 -11.53 -33.00
C LEU A 1651 -1.90 -10.68 -31.76
N GLN A 1652 -1.29 -11.33 -30.78
CA GLN A 1652 -0.93 -10.62 -29.56
C GLN A 1652 -0.06 -9.42 -29.91
N PRO A 1653 -0.45 -8.21 -29.49
CA PRO A 1653 0.34 -7.03 -29.84
C PRO A 1653 1.50 -6.77 -28.90
N THR A 1654 1.89 -7.78 -28.13
CA THR A 1654 2.96 -7.65 -27.13
C THR A 1654 2.61 -6.61 -26.09
N ASN A 1655 1.31 -6.36 -25.88
CA ASN A 1655 0.89 -5.41 -24.87
C ASN A 1655 1.04 -6.00 -23.48
N PHE A 1656 1.74 -5.26 -22.60
CA PHE A 1656 1.92 -5.64 -21.21
C PHE A 1656 2.60 -7.00 -21.06
N ASP A 1657 3.84 -7.09 -21.51
CA ASP A 1657 4.61 -8.32 -21.33
C ASP A 1657 4.98 -8.51 -19.86
N SER A 1658 4.71 -9.70 -19.34
CA SER A 1658 4.92 -10.00 -17.93
C SER A 1658 6.06 -10.99 -17.79
N LEU A 1659 6.87 -10.80 -16.75
CA LEU A 1659 8.01 -11.70 -16.54
C LEU A 1659 7.94 -12.38 -15.17
N SER A 1660 6.88 -12.15 -14.41
CA SER A 1660 6.72 -12.82 -13.12
C SER A 1660 6.66 -14.33 -13.34
N ASN A 1661 7.11 -15.06 -12.32
CA ASN A 1661 7.30 -16.51 -12.40
C ASN A 1661 8.27 -16.89 -13.51
N TRP A 1662 9.44 -16.27 -13.54
CA TRP A 1662 10.42 -16.57 -14.58
C TRP A 1662 10.96 -17.98 -14.46
N THR A 1663 11.14 -18.47 -13.23
CA THR A 1663 11.54 -19.86 -13.05
C THR A 1663 10.47 -20.80 -13.58
N LYS A 1664 9.20 -20.40 -13.49
CA LYS A 1664 8.14 -21.16 -14.12
C LYS A 1664 8.30 -21.14 -15.64
N GLU A 1665 8.80 -20.05 -16.20
CA GLU A 1665 9.10 -20.03 -17.62
C GLU A 1665 10.25 -20.98 -17.93
N GLU A 1666 11.23 -21.08 -17.04
CA GLU A 1666 12.29 -22.06 -17.22
C GLU A 1666 11.71 -23.47 -17.19
N THR A 1667 10.78 -23.73 -16.29
CA THR A 1667 10.09 -25.02 -16.26
C THR A 1667 9.33 -25.23 -17.56
N LEU A 1668 8.74 -24.18 -18.11
CA LEU A 1668 8.08 -24.28 -19.40
C LEU A 1668 9.07 -24.66 -20.49
N LYS A 1669 10.27 -24.09 -20.43
CA LYS A 1669 11.32 -24.48 -21.36
C LYS A 1669 11.67 -25.96 -21.19
N LEU A 1670 11.70 -26.42 -19.95
CA LEU A 1670 11.95 -27.84 -19.69
C LEU A 1670 10.87 -28.70 -20.32
N LEU A 1671 9.61 -28.31 -20.17
CA LEU A 1671 8.52 -29.06 -20.79
C LEU A 1671 8.64 -29.01 -22.30
N ASN A 1672 9.14 -27.89 -22.83
CA ASN A 1672 9.36 -27.78 -24.26
C ASN A 1672 10.45 -28.73 -24.74
N MET A 1673 11.45 -28.98 -23.87
CA MET A 1673 12.45 -29.98 -24.20
C MET A 1673 11.80 -31.34 -24.43
N MET A 1674 10.63 -31.56 -23.83
CA MET A 1674 9.90 -32.80 -24.04
C MET A 1674 8.89 -32.64 -25.17
N GLY A 1675 9.13 -33.34 -26.28
CA GLY A 1675 8.18 -33.31 -27.39
C GLY A 1675 6.99 -34.21 -27.15
N LYS A 1676 6.27 -34.00 -26.04
CA LYS A 1676 5.22 -34.92 -25.64
C LYS A 1676 4.05 -34.93 -26.63
N SER A 1677 3.29 -33.83 -26.70
CA SER A 1677 2.01 -33.81 -27.39
C SER A 1677 2.00 -32.72 -28.46
N SER A 1678 1.27 -32.97 -29.55
CA SER A 1678 1.21 -32.01 -30.64
C SER A 1678 0.46 -30.74 -30.22
N THR A 1679 -0.71 -30.89 -29.62
CA THR A 1679 -1.46 -29.72 -29.19
C THR A 1679 -0.82 -29.06 -27.98
N THR A 1680 -0.29 -29.86 -27.05
CA THR A 1680 0.20 -29.32 -25.78
C THR A 1680 1.46 -28.50 -25.94
N HIS A 1681 2.37 -28.91 -26.83
CA HIS A 1681 3.60 -28.15 -27.03
C HIS A 1681 3.31 -26.79 -27.67
N SER A 1682 2.42 -26.76 -28.66
CA SER A 1682 2.00 -25.49 -29.23
C SER A 1682 1.29 -24.63 -28.19
N LEU A 1683 0.49 -25.26 -27.34
CA LEU A 1683 -0.15 -24.52 -26.25
C LEU A 1683 0.89 -23.92 -25.33
N LYS A 1684 1.95 -24.67 -25.04
CA LYS A 1684 3.02 -24.16 -24.18
C LYS A 1684 3.74 -22.99 -24.84
N LEU A 1685 4.01 -23.10 -26.14
CA LEU A 1685 4.65 -22.01 -26.85
C LEU A 1685 3.77 -20.75 -26.84
N LEU A 1686 2.48 -20.93 -27.07
CA LEU A 1686 1.56 -19.80 -26.98
C LEU A 1686 1.55 -19.23 -25.57
N SER A 1687 1.55 -20.11 -24.57
CA SER A 1687 1.66 -19.66 -23.18
C SER A 1687 2.88 -18.79 -22.99
N THR A 1688 3.99 -19.18 -23.61
CA THR A 1688 5.18 -18.32 -23.60
C THR A 1688 4.86 -16.97 -24.25
N TYR A 1689 4.14 -17.00 -25.37
CA TYR A 1689 3.67 -15.74 -25.94
C TYR A 1689 2.53 -15.17 -25.12
N MET A 1690 1.87 -16.01 -24.31
CA MET A 1690 0.71 -15.55 -23.55
C MET A 1690 1.13 -14.94 -22.22
N VAL A 1691 0.14 -14.40 -21.51
CA VAL A 1691 0.39 -13.64 -20.28
C VAL A 1691 0.63 -14.65 -19.17
N GLY A 1692 1.86 -15.13 -19.06
CA GLY A 1692 2.20 -16.08 -18.01
C GLY A 1692 1.35 -17.33 -18.03
N PHE A 1693 0.85 -17.71 -19.22
CA PHE A 1693 -0.03 -18.87 -19.29
C PHE A 1693 0.73 -20.16 -19.00
N SER A 1694 2.03 -20.18 -19.28
CA SER A 1694 2.85 -21.30 -18.81
C SER A 1694 3.03 -21.22 -17.30
N THR A 1695 3.18 -20.01 -16.78
CA THR A 1695 3.19 -19.82 -15.34
C THR A 1695 1.84 -20.22 -14.74
N SER A 1696 0.74 -19.85 -15.40
CA SER A 1696 -0.57 -20.26 -14.93
C SER A 1696 -0.69 -21.78 -14.99
N ILE A 1697 -0.08 -22.41 -15.99
CA ILE A 1697 -0.14 -23.87 -16.11
C ILE A 1697 0.66 -24.53 -15.00
N ILE A 1698 1.85 -24.01 -14.73
CA ILE A 1698 2.69 -24.55 -13.65
C ILE A 1698 1.96 -24.42 -12.32
N GLN A 1699 1.34 -23.26 -12.10
CA GLN A 1699 0.50 -23.10 -10.91
C GLN A 1699 -0.62 -24.12 -10.90
N TYR A 1700 -1.28 -24.32 -12.05
CA TYR A 1700 -2.34 -25.31 -12.14
C TYR A 1700 -1.78 -26.73 -12.10
N ILE A 1701 -0.72 -26.98 -12.88
CA ILE A 1701 -0.09 -28.28 -12.80
C ILE A 1701 1.39 -28.09 -12.50
N ILE A 1702 1.72 -28.02 -11.21
CA ILE A 1702 3.09 -28.29 -10.80
C ILE A 1702 3.28 -29.78 -10.69
N HIS A 1703 2.18 -30.51 -10.52
CA HIS A 1703 2.24 -31.97 -10.44
C HIS A 1703 2.16 -32.59 -11.82
N LEU A 1704 1.09 -32.30 -12.56
CA LEU A 1704 0.87 -32.97 -13.84
C LEU A 1704 1.98 -32.66 -14.84
N ILE A 1705 2.62 -31.51 -14.72
CA ILE A 1705 3.70 -31.18 -15.63
C ILE A 1705 4.84 -32.17 -15.48
N LEU A 1706 5.33 -32.35 -14.26
CA LEU A 1706 6.37 -33.34 -14.04
C LEU A 1706 5.83 -34.74 -14.27
N LEU A 1707 4.52 -34.93 -14.08
CA LEU A 1707 3.92 -36.23 -14.35
C LEU A 1707 4.09 -36.60 -15.82
N GLU A 1708 3.89 -35.63 -16.70
CA GLU A 1708 4.28 -35.80 -18.08
C GLU A 1708 5.77 -36.05 -18.17
N PHE A 1709 6.56 -35.29 -17.40
CA PHE A 1709 7.99 -35.50 -17.39
C PHE A 1709 8.35 -36.84 -16.77
N ASP A 1710 7.83 -37.12 -15.59
CA ASP A 1710 8.29 -38.23 -14.76
C ASP A 1710 7.16 -39.20 -14.50
N PHE A 1711 7.50 -40.49 -14.38
CA PHE A 1711 6.54 -41.56 -14.15
C PHE A 1711 5.45 -41.55 -15.20
N ASN A 1712 5.75 -40.97 -16.37
CA ASN A 1712 4.79 -41.00 -17.47
C ASN A 1712 4.51 -42.44 -17.90
N GLY A 1713 5.46 -43.34 -17.64
CA GLY A 1713 5.27 -44.73 -17.94
C GLY A 1713 6.17 -45.60 -17.07
N ASN A 1714 6.27 -46.87 -17.47
CA ASN A 1714 7.16 -47.78 -16.76
C ASN A 1714 8.61 -47.32 -16.86
N ASN A 1715 9.04 -46.90 -18.04
CA ASN A 1715 10.38 -46.38 -18.26
C ASN A 1715 10.31 -45.21 -19.22
N LYS A 1716 10.55 -44.00 -18.71
CA LYS A 1716 10.42 -42.77 -19.48
C LYS A 1716 11.80 -42.15 -19.70
N LYS A 1717 12.07 -41.75 -20.94
CA LYS A 1717 13.35 -41.12 -21.24
C LYS A 1717 13.49 -39.77 -20.54
N GLN A 1718 12.36 -39.18 -20.14
CA GLN A 1718 12.40 -37.88 -19.48
C GLN A 1718 12.72 -37.99 -18.00
N LYS A 1719 12.92 -39.22 -17.52
CA LYS A 1719 13.18 -39.42 -16.10
C LYS A 1719 14.48 -38.77 -15.66
N GLU A 1720 15.55 -39.02 -16.42
CA GLU A 1720 16.84 -38.41 -16.08
C GLU A 1720 16.74 -36.89 -16.13
N TYR A 1721 16.01 -36.37 -17.11
CA TYR A 1721 15.83 -34.93 -17.20
C TYR A 1721 15.08 -34.39 -15.98
N VAL A 1722 14.05 -35.10 -15.53
CA VAL A 1722 13.30 -34.64 -14.36
C VAL A 1722 14.19 -34.64 -13.13
N THR A 1723 14.98 -35.70 -12.95
CA THR A 1723 15.88 -35.75 -11.81
C THR A 1723 16.90 -34.62 -11.86
N GLN A 1724 17.46 -34.37 -13.05
CA GLN A 1724 18.44 -33.31 -13.20
C GLN A 1724 17.82 -31.95 -12.95
N LEU A 1725 16.56 -31.77 -13.35
CA LEU A 1725 15.86 -30.53 -13.07
C LEU A 1725 15.67 -30.34 -11.57
N ILE A 1726 15.31 -31.41 -10.87
CA ILE A 1726 15.23 -31.36 -9.42
C ILE A 1726 16.57 -30.93 -8.85
N LEU A 1727 17.65 -31.53 -9.35
CA LEU A 1727 18.99 -31.20 -8.86
C LEU A 1727 19.31 -29.74 -9.08
N SER A 1728 19.09 -29.24 -10.30
CA SER A 1728 19.42 -27.87 -10.61
C SER A 1728 18.58 -26.90 -9.79
N GLY A 1729 17.30 -27.21 -9.60
CA GLY A 1729 16.45 -26.35 -8.81
C GLY A 1729 16.78 -26.38 -7.34
N LEU A 1730 17.44 -27.46 -6.89
CA LEU A 1730 17.80 -27.56 -5.49
C LEU A 1730 18.59 -26.34 -5.01
N LEU A 1731 19.49 -25.83 -5.86
CA LEU A 1731 20.40 -24.77 -5.41
C LEU A 1731 19.81 -23.38 -5.65
N ASN A 1732 18.51 -23.31 -5.95
CA ASN A 1732 17.90 -22.05 -6.35
C ASN A 1732 17.98 -20.99 -5.25
N LYS A 1733 18.07 -19.73 -5.67
CA LYS A 1733 18.05 -18.57 -4.79
C LYS A 1733 17.17 -17.48 -5.40
N ASN A 1734 16.33 -16.86 -4.57
CA ASN A 1734 15.32 -15.85 -4.89
C ASN A 1734 14.15 -16.46 -5.64
N THR A 1735 14.26 -17.71 -6.08
CA THR A 1735 13.13 -18.53 -6.47
C THR A 1735 12.93 -19.67 -5.49
N ASN A 1736 13.37 -19.49 -4.24
CA ASN A 1736 13.23 -20.53 -3.24
C ASN A 1736 11.78 -20.95 -3.10
N SER A 1737 10.85 -20.01 -3.31
CA SER A 1737 9.46 -20.38 -3.42
C SER A 1737 9.25 -21.32 -4.60
N ILE A 1738 9.86 -21.02 -5.75
CA ILE A 1738 9.69 -21.87 -6.92
C ILE A 1738 10.34 -23.22 -6.70
N ARG A 1739 11.52 -23.24 -6.09
CA ARG A 1739 12.16 -24.50 -5.78
C ARG A 1739 11.31 -25.31 -4.83
N LYS A 1740 10.72 -24.67 -3.83
CA LYS A 1740 9.85 -25.37 -2.91
C LYS A 1740 8.59 -25.84 -3.61
N THR A 1741 8.13 -25.08 -4.61
CA THR A 1741 6.99 -25.53 -5.39
C THR A 1741 7.35 -26.81 -6.11
N CYS A 1742 8.54 -26.85 -6.70
CA CYS A 1742 9.03 -28.09 -7.28
C CYS A 1742 9.12 -29.18 -6.22
N MET A 1743 9.49 -28.82 -4.99
CA MET A 1743 9.70 -29.81 -3.93
C MET A 1743 8.40 -30.48 -3.52
N ASN A 1744 7.39 -29.69 -3.21
CA ASN A 1744 6.09 -30.27 -2.89
C ASN A 1744 5.50 -30.95 -4.12
N ILE A 1745 5.87 -30.50 -5.31
CA ILE A 1745 5.45 -31.23 -6.50
C ILE A 1745 6.03 -32.63 -6.48
N LEU A 1746 7.31 -32.73 -6.17
CA LEU A 1746 7.89 -34.03 -5.89
C LEU A 1746 7.06 -34.75 -4.84
N LEU A 1747 6.63 -34.02 -3.83
CA LEU A 1747 5.76 -34.62 -2.83
C LEU A 1747 4.45 -35.09 -3.46
N TYR A 1748 4.12 -34.57 -4.64
CA TYR A 1748 2.89 -34.99 -5.29
C TYR A 1748 3.15 -36.09 -6.31
N LEU A 1749 4.39 -36.54 -6.42
CA LEU A 1749 4.74 -37.54 -7.41
C LEU A 1749 4.14 -38.90 -7.09
N LEU A 1753 2.99 -38.87 -2.49
CA LEU A 1753 1.77 -39.61 -2.73
C LEU A 1753 1.77 -40.23 -4.12
N GLY A 1754 1.21 -41.44 -4.23
CA GLY A 1754 1.16 -42.14 -5.49
C GLY A 1754 0.46 -43.47 -5.35
N HIS A 1755 0.21 -44.10 -6.49
CA HIS A 1755 -0.52 -45.36 -6.52
C HIS A 1755 0.43 -46.51 -6.86
N HIS A 1756 -0.05 -47.72 -6.61
CA HIS A 1756 0.63 -48.98 -6.93
C HIS A 1756 1.98 -49.13 -6.24
N ALA A 1757 2.12 -48.72 -4.98
CA ALA A 1757 3.37 -48.83 -4.24
C ALA A 1757 3.11 -49.29 -2.81
N LEU A 1758 3.86 -50.29 -2.35
CA LEU A 1758 3.66 -50.79 -1.00
C LEU A 1758 4.23 -49.85 0.04
N ASN A 1759 5.42 -49.31 -0.20
CA ASN A 1759 6.15 -48.58 0.81
C ASN A 1759 6.09 -47.08 0.56
N PRO A 1760 5.53 -46.30 1.47
CA PRO A 1760 5.70 -44.84 1.36
C PRO A 1760 7.15 -44.44 1.42
N PHE A 1761 7.99 -45.22 2.10
CA PHE A 1761 9.42 -44.96 2.04
C PHE A 1761 9.92 -45.08 0.60
N GLU A 1762 9.42 -46.07 -0.13
CA GLU A 1762 9.72 -46.13 -1.56
C GLU A 1762 9.26 -44.87 -2.25
N ALA A 1763 8.15 -44.30 -1.79
CA ALA A 1763 7.71 -43.03 -2.34
C ALA A 1763 8.73 -41.93 -2.08
N ASN A 1764 9.29 -41.91 -0.88
CA ASN A 1764 10.41 -41.00 -0.63
C ASN A 1764 11.56 -41.29 -1.59
N TYR A 1765 11.70 -42.54 -1.99
CA TYR A 1765 12.80 -42.92 -2.86
C TYR A 1765 12.59 -42.46 -4.30
N TRP A 1766 11.37 -42.65 -4.84
CA TRP A 1766 11.20 -42.65 -6.29
C TRP A 1766 11.55 -41.31 -6.93
N VAL A 1767 10.94 -40.23 -6.45
CA VAL A 1767 11.21 -38.93 -7.08
C VAL A 1767 12.61 -38.48 -6.70
N PRO A 1768 13.25 -37.64 -7.49
CA PRO A 1768 14.60 -37.17 -7.12
C PRO A 1768 14.55 -36.32 -5.86
N ILE A 1769 15.38 -36.68 -4.89
CA ILE A 1769 15.55 -35.91 -3.66
C ILE A 1769 16.80 -36.42 -2.95
N ASN A 1770 17.44 -35.52 -2.20
CA ASN A 1770 18.58 -35.86 -1.37
C ASN A 1770 18.34 -35.29 0.03
N TYR A 1771 18.53 -36.12 1.05
CA TYR A 1771 18.34 -35.65 2.42
C TYR A 1771 19.23 -34.46 2.72
N SER A 1772 20.45 -34.46 2.17
CA SER A 1772 21.32 -33.29 2.29
C SER A 1772 20.68 -32.08 1.61
N VAL A 1773 20.25 -32.26 0.36
CA VAL A 1773 19.57 -31.17 -0.32
C VAL A 1773 18.25 -30.85 0.38
N ALA A 1774 17.60 -31.88 0.92
CA ALA A 1774 16.35 -31.65 1.63
C ALA A 1774 16.55 -30.70 2.80
N ALA A 1775 17.57 -30.97 3.62
CA ALA A 1775 17.86 -30.09 4.75
C ALA A 1775 18.35 -28.74 4.26
N SER A 1776 19.02 -28.71 3.11
CA SER A 1776 19.39 -27.42 2.53
C SER A 1776 18.14 -26.59 2.29
N THR A 1777 17.15 -27.18 1.62
CA THR A 1777 15.90 -26.49 1.40
C THR A 1777 15.24 -26.13 2.73
N ALA A 1778 15.36 -27.01 3.72
CA ALA A 1778 14.74 -26.76 5.00
C ALA A 1778 15.31 -25.52 5.66
N TYR A 1779 16.64 -25.46 5.78
CA TYR A 1779 17.27 -24.25 6.30
C TYR A 1779 16.92 -23.06 5.44
N ASP A 1780 16.62 -23.29 4.17
CA ASP A 1780 16.23 -22.20 3.28
C ASP A 1780 14.78 -21.78 3.52
N CYS A 1781 14.00 -22.63 4.19
CA CYS A 1781 12.56 -22.40 4.24
C CYS A 1781 12.19 -21.12 4.99
N HIS A 1782 12.87 -20.85 6.11
CA HIS A 1782 12.53 -19.77 7.04
C HIS A 1782 11.16 -19.97 7.65
N LEU A 1783 10.47 -21.05 7.30
CA LEU A 1783 9.12 -21.33 7.75
C LEU A 1783 9.10 -22.71 8.37
N TYR A 1784 8.40 -22.85 9.49
CA TYR A 1784 8.49 -24.08 10.28
C TYR A 1784 7.81 -25.25 9.60
N GLU A 1785 7.02 -24.98 8.55
CA GLU A 1785 6.16 -26.00 7.98
C GLU A 1785 6.96 -27.17 7.41
N GLN A 1786 8.06 -26.89 6.73
CA GLN A 1786 8.70 -27.94 5.93
C GLN A 1786 9.49 -28.93 6.77
N SER A 1787 10.10 -28.45 7.85
CA SER A 1787 11.20 -29.20 8.46
C SER A 1787 10.71 -30.41 9.24
N LEU A 1788 9.52 -30.33 9.83
CA LEU A 1788 9.17 -31.23 10.92
C LEU A 1788 9.15 -32.69 10.48
N LEU A 1789 8.13 -33.09 9.69
CA LEU A 1789 8.05 -34.49 9.29
C LEU A 1789 9.16 -34.83 8.31
N PHE A 1790 9.75 -33.81 7.69
CA PHE A 1790 10.86 -34.02 6.76
C PHE A 1790 12.07 -34.60 7.48
N LEU A 1791 12.36 -34.09 8.67
CA LEU A 1791 13.44 -34.67 9.45
C LEU A 1791 13.21 -36.16 9.66
N THR A 1792 11.99 -36.54 10.02
CA THR A 1792 11.69 -37.95 10.24
C THR A 1792 11.80 -38.75 8.95
N ILE A 1793 11.38 -38.16 7.84
CA ILE A 1793 11.48 -38.85 6.57
C ILE A 1793 12.93 -39.14 6.26
N HIS A 1794 13.79 -38.14 6.40
CA HIS A 1794 15.21 -38.35 6.21
C HIS A 1794 15.74 -39.36 7.21
N ASN A 1795 15.19 -39.37 8.42
CA ASN A 1795 15.61 -40.32 9.43
C ASN A 1795 15.33 -41.74 8.99
N THR A 1796 14.16 -41.96 8.41
CA THR A 1796 13.88 -43.24 7.77
C THR A 1796 14.88 -43.50 6.65
N LYS A 1797 15.18 -42.45 5.87
CA LYS A 1797 16.18 -42.60 4.82
C LYS A 1797 17.59 -42.69 5.39
N THR A 1798 17.94 -41.80 6.32
CA THR A 1798 19.32 -41.68 6.78
C THR A 1798 19.49 -41.96 8.27
N ASP A 1799 18.72 -41.27 9.11
CA ASP A 1799 18.75 -41.29 10.57
C ASP A 1799 20.03 -40.67 11.13
N GLU A 1800 20.96 -40.23 10.28
CA GLU A 1800 22.18 -39.60 10.77
C GLU A 1800 21.86 -38.25 11.41
N LEU A 1801 22.32 -38.08 12.64
CA LEU A 1801 21.99 -36.91 13.44
C LEU A 1801 22.83 -35.72 12.98
N ASP A 1802 22.38 -35.05 11.94
CA ASP A 1802 22.98 -33.80 11.52
C ASP A 1802 22.71 -32.79 12.64
N ILE A 1803 23.69 -32.65 13.53
CA ILE A 1803 23.43 -32.03 14.82
C ILE A 1803 22.86 -30.63 14.66
N THR A 1804 23.53 -29.79 13.86
CA THR A 1804 23.15 -28.38 13.82
C THR A 1804 21.75 -28.19 13.27
N LEU A 1805 21.32 -29.07 12.36
CA LEU A 1805 20.13 -28.79 11.57
C LEU A 1805 18.89 -28.69 12.43
N LEU A 1806 18.47 -29.81 13.02
CA LEU A 1806 17.22 -29.82 13.76
C LEU A 1806 17.29 -28.86 14.93
N SER A 1807 18.49 -28.64 15.45
CA SER A 1807 18.65 -27.69 16.54
C SER A 1807 18.30 -26.29 16.08
N ASP A 1808 18.92 -25.84 14.99
CA ASP A 1808 18.59 -24.53 14.46
C ASP A 1808 17.10 -24.47 14.13
N ILE A 1809 16.54 -25.59 13.70
CA ILE A 1809 15.14 -25.62 13.34
C ILE A 1809 14.27 -25.34 14.55
N LEU A 1810 14.26 -26.27 15.49
CA LEU A 1810 13.33 -26.16 16.62
C LEU A 1810 13.61 -24.92 17.44
N SER A 1811 14.89 -24.63 17.68
CA SER A 1811 15.22 -23.49 18.53
C SER A 1811 14.62 -22.23 17.95
N GLN A 1812 14.73 -22.04 16.65
CA GLN A 1812 14.07 -20.92 15.99
C GLN A 1812 12.72 -21.37 15.46
N LEU A 1813 11.93 -21.95 16.36
CA LEU A 1813 10.57 -22.29 16.01
C LEU A 1813 9.62 -21.62 16.99
N PRO A 1814 8.63 -20.87 16.52
CA PRO A 1814 7.62 -20.35 17.44
C PRO A 1814 6.78 -21.48 18.02
N CYS A 1815 6.09 -21.18 19.12
CA CYS A 1815 5.23 -22.02 19.95
C CYS A 1815 6.07 -22.72 21.01
N PRO A 1816 5.58 -22.80 22.26
CA PRO A 1816 6.48 -23.18 23.36
C PRO A 1816 6.83 -24.65 23.39
N ASP A 1817 6.16 -25.47 22.57
CA ASP A 1817 6.39 -26.91 22.61
C ASP A 1817 7.84 -27.24 22.27
N ALA A 1818 8.55 -26.33 21.62
CA ALA A 1818 9.92 -26.58 21.23
C ALA A 1818 10.87 -26.35 22.40
N TYR A 1819 12.14 -26.19 22.07
CA TYR A 1819 13.24 -25.72 22.91
C TYR A 1819 13.79 -26.81 23.81
N TYR A 1820 13.35 -28.05 23.67
CA TYR A 1820 13.96 -29.14 24.42
C TYR A 1820 14.36 -30.31 23.53
N GLY A 1821 14.19 -30.19 22.22
CA GLY A 1821 14.32 -31.36 21.36
C GLY A 1821 15.67 -32.04 21.45
N ILE A 1822 16.75 -31.26 21.35
CA ILE A 1822 18.08 -31.81 21.40
C ILE A 1822 18.51 -31.87 22.86
N LYS A 1823 19.53 -32.68 23.11
CA LYS A 1823 20.10 -32.75 24.46
C LYS A 1823 20.90 -31.48 24.75
N ARG A 1824 21.16 -31.27 26.04
CA ARG A 1824 21.90 -30.09 26.45
C ARG A 1824 23.40 -30.34 26.46
N GLU A 1825 24.15 -29.36 25.97
CA GLU A 1825 25.60 -29.34 26.08
C GLU A 1825 25.95 -28.51 27.31
N THR A 1826 26.37 -29.18 28.38
CA THR A 1826 26.51 -28.53 29.67
C THR A 1826 27.46 -27.35 29.58
N SER A 1827 27.05 -26.22 30.17
CA SER A 1827 27.85 -25.02 30.19
C SER A 1827 27.20 -23.98 31.09
N PHE A 1828 28.01 -23.06 31.59
CA PHE A 1828 27.44 -21.84 32.16
C PHE A 1828 26.67 -21.09 31.10
N LYS A 1829 27.24 -20.99 29.89
CA LYS A 1829 26.49 -20.49 28.75
C LYS A 1829 25.25 -21.35 28.51
N ASN A 1830 25.32 -22.63 28.87
CA ASN A 1830 24.12 -23.46 28.79
C ASN A 1830 23.10 -23.04 29.83
N ILE A 1831 23.56 -22.62 31.01
CA ILE A 1831 22.63 -22.04 31.98
C ILE A 1831 21.96 -20.81 31.38
N LEU A 1832 22.75 -19.96 30.71
CA LEU A 1832 22.18 -18.78 30.07
C LEU A 1832 21.17 -19.15 29.01
N LEU A 1833 21.49 -20.16 28.20
CA LEU A 1833 20.55 -20.61 27.18
C LEU A 1833 19.27 -21.11 27.81
N LYS A 1834 19.39 -21.86 28.91
CA LYS A 1834 18.20 -22.28 29.65
C LYS A 1834 17.41 -21.06 30.09
N ALA A 1835 18.09 -19.99 30.46
CA ALA A 1835 17.39 -18.77 30.85
C ALA A 1835 16.63 -18.17 29.68
N VAL A 1836 17.25 -18.16 28.51
CA VAL A 1836 16.76 -17.29 27.43
C VAL A 1836 15.66 -17.98 26.63
N HIS A 1837 15.89 -19.20 26.14
CA HIS A 1837 14.98 -19.80 25.16
C HIS A 1837 13.57 -19.94 25.73
N GLU A 1838 13.47 -20.40 26.97
CA GLU A 1838 12.17 -20.43 27.62
C GLU A 1838 11.79 -19.05 28.15
N LYS A 1839 12.72 -18.11 28.08
CA LYS A 1839 12.54 -16.78 28.68
C LYS A 1839 12.24 -16.92 30.17
N ARG A 1840 13.02 -17.74 30.84
CA ARG A 1840 12.73 -18.09 32.23
C ARG A 1840 12.73 -16.85 33.11
N SER A 1841 11.55 -16.55 33.65
CA SER A 1841 11.44 -15.46 34.63
C SER A 1841 12.37 -15.67 35.81
N PRO A 1842 12.54 -16.88 36.35
CA PRO A 1842 13.43 -17.07 37.49
C PRO A 1842 14.88 -16.82 37.12
N LEU A 1843 15.69 -16.57 38.17
CA LEU A 1843 17.11 -16.35 38.00
C LEU A 1843 17.38 -15.17 37.06
N ALA A 1844 16.97 -13.98 37.50
CA ALA A 1844 16.83 -12.84 36.60
C ALA A 1844 18.11 -12.52 35.85
N ILE A 1845 19.25 -12.51 36.54
CA ILE A 1845 20.52 -12.21 35.88
C ILE A 1845 21.59 -13.23 36.22
N SER A 1846 21.19 -14.44 36.61
CA SER A 1846 22.18 -15.46 36.99
C SER A 1846 23.14 -15.74 35.84
N TYR A 1847 22.79 -15.27 34.64
CA TYR A 1847 23.71 -15.37 33.52
C TYR A 1847 24.55 -14.11 33.36
N LEU A 1848 24.16 -13.01 34.02
CA LEU A 1848 24.88 -11.77 33.82
C LEU A 1848 26.33 -11.89 34.24
N ASP A 1849 26.59 -12.54 35.37
CA ASP A 1849 27.94 -12.79 35.84
C ASP A 1849 27.88 -13.85 36.93
N ALA A 1850 29.05 -14.29 37.40
CA ALA A 1850 29.14 -15.39 38.36
C ALA A 1850 30.41 -15.30 39.20
N ALA A 1851 30.74 -16.41 39.83
CA ALA A 1851 31.99 -16.46 40.58
C ALA A 1851 33.20 -16.34 39.65
N ASN A 1852 33.25 -17.16 38.58
CA ASN A 1852 34.44 -17.20 37.74
C ASN A 1852 34.17 -17.29 36.24
N MET A 1853 33.08 -16.73 35.72
CA MET A 1853 32.64 -17.02 34.36
C MET A 1853 32.54 -15.81 33.43
N TYR A 1854 31.77 -14.77 33.79
CA TYR A 1854 31.28 -13.84 32.78
C TYR A 1854 31.94 -12.47 32.87
N ARG A 1855 32.92 -12.30 33.77
CA ARG A 1855 33.52 -10.98 33.97
C ARG A 1855 34.13 -10.43 32.68
N SER A 1856 34.62 -11.32 31.83
CA SER A 1856 35.29 -10.92 30.60
C SER A 1856 34.97 -11.82 29.42
N ASN A 1857 33.70 -12.07 29.11
CA ASN A 1857 33.36 -12.98 28.02
C ASN A 1857 33.79 -12.44 26.67
N GLU A 1858 33.52 -11.16 26.39
CA GLU A 1858 33.90 -10.41 25.17
C GLU A 1858 33.10 -10.77 23.92
N ASP A 1859 31.86 -11.24 24.05
CA ASP A 1859 30.99 -11.53 22.92
C ASP A 1859 29.78 -10.60 22.97
N GLU A 1860 29.40 -10.05 21.81
CA GLU A 1860 28.32 -9.06 21.79
C GLU A 1860 26.96 -9.69 21.46
N GLY A 1861 26.95 -10.97 21.07
CA GLY A 1861 25.67 -11.64 20.90
C GLY A 1861 24.92 -11.74 22.21
N THR A 1862 25.64 -12.09 23.28
CA THR A 1862 25.03 -12.04 24.60
C THR A 1862 24.66 -10.62 24.98
N LYS A 1863 25.23 -9.61 24.31
CA LYS A 1863 24.77 -8.24 24.55
C LYS A 1863 23.33 -8.08 24.11
N MET A 1864 23.00 -8.61 22.94
CA MET A 1864 21.59 -8.69 22.55
C MET A 1864 20.83 -9.58 23.52
N MET A 1865 21.45 -10.65 23.99
CA MET A 1865 20.76 -11.56 24.91
C MET A 1865 20.34 -10.83 26.18
N PHE A 1866 21.24 -10.00 26.73
CA PHE A 1866 20.93 -9.28 27.95
C PHE A 1866 20.02 -8.10 27.68
N SER A 1867 20.06 -7.54 26.47
CA SER A 1867 19.03 -6.57 26.10
C SER A 1867 17.65 -7.21 26.15
N ASN A 1868 17.55 -8.41 25.61
CA ASN A 1868 16.30 -9.16 25.72
C ASN A 1868 15.98 -9.46 27.17
N THR A 1869 16.99 -9.77 27.98
CA THR A 1869 16.76 -10.03 29.39
C THR A 1869 16.20 -8.80 30.10
N LEU A 1870 16.74 -7.61 29.77
CA LEU A 1870 16.21 -6.37 30.32
C LEU A 1870 14.77 -6.17 29.88
N ASN A 1871 14.47 -6.52 28.63
CA ASN A 1871 13.08 -6.49 28.20
C ASN A 1871 12.22 -7.43 29.04
N ASN A 1872 12.73 -8.63 29.31
CA ASN A 1872 11.91 -9.69 29.90
C ASN A 1872 11.92 -9.63 31.41
N ALA A 1873 12.66 -8.68 31.98
CA ALA A 1873 12.84 -8.64 33.42
C ALA A 1873 11.51 -8.50 34.14
N GLY A 1874 10.50 -7.95 33.46
CA GLY A 1874 9.25 -7.70 34.12
C GLY A 1874 9.25 -6.47 35.01
N PHE A 1875 10.41 -5.86 35.22
CA PHE A 1875 10.52 -4.63 35.99
C PHE A 1875 10.83 -3.50 35.03
N PHE A 1876 9.83 -2.67 34.73
CA PHE A 1876 10.02 -1.58 33.78
C PHE A 1876 11.03 -0.56 34.30
N SER A 1877 11.33 -0.58 35.60
CA SER A 1877 12.21 0.43 36.16
C SER A 1877 13.67 -0.02 36.14
N LEU A 1878 13.94 -1.28 36.49
CA LEU A 1878 15.31 -1.77 36.33
C LEU A 1878 15.75 -1.61 34.89
N ASN A 1879 14.85 -1.94 33.96
CA ASN A 1879 15.12 -1.68 32.56
C ASN A 1879 15.09 -0.18 32.25
N GLU A 1880 14.36 0.61 33.04
CA GLU A 1880 14.35 2.04 32.79
C GLU A 1880 15.74 2.62 33.01
N PHE A 1881 16.40 2.21 34.08
CA PHE A 1881 17.80 2.56 34.26
C PHE A 1881 18.65 1.87 33.21
N TYR A 1882 18.29 0.64 32.84
CA TYR A 1882 19.01 -0.05 31.78
C TYR A 1882 18.99 0.73 30.47
N ILE A 1883 17.98 1.57 30.30
CA ILE A 1883 17.94 2.43 29.13
C ILE A 1883 19.18 3.29 29.11
N ASP A 1884 19.53 3.89 30.24
CA ASP A 1884 20.81 4.58 30.33
C ASP A 1884 21.96 3.59 30.23
N SER A 1885 21.81 2.39 30.80
CA SER A 1885 22.88 1.41 30.76
C SER A 1885 23.27 1.10 29.32
N LEU A 1886 22.33 1.30 28.41
CA LEU A 1886 22.66 1.29 26.99
C LEU A 1886 23.05 2.67 26.50
N LYS A 1887 22.53 3.73 27.14
CA LYS A 1887 22.82 5.08 26.70
C LYS A 1887 24.31 5.37 26.76
N ALA A 1888 24.99 4.79 27.73
CA ALA A 1888 26.45 4.85 27.73
C ALA A 1888 27.01 4.18 26.48
N ASN A 1889 26.42 3.06 26.08
CA ASN A 1889 26.87 2.35 24.90
C ASN A 1889 26.51 3.11 23.63
N ASP A 1890 27.45 3.21 22.71
CA ASP A 1890 27.21 3.86 21.42
C ASP A 1890 26.64 2.86 20.42
N ALA A 1891 25.60 2.17 20.86
CA ALA A 1891 24.87 1.24 20.02
C ALA A 1891 23.44 1.68 19.77
N ILE A 1892 23.03 2.82 20.33
CA ILE A 1892 21.65 3.28 20.17
C ILE A 1892 21.39 3.75 18.74
N ASP A 1893 22.30 4.56 18.20
CA ASP A 1893 22.12 5.19 16.88
C ASP A 1893 20.79 5.93 16.81
N GLU A 1894 20.31 6.39 17.98
CA GLU A 1894 19.13 7.23 18.11
C GLU A 1894 17.84 6.53 17.68
N CYS A 1895 17.92 5.24 17.38
CA CYS A 1895 16.75 4.46 17.02
C CYS A 1895 16.97 3.03 17.49
N SER A 1896 16.52 2.71 18.69
CA SER A 1896 16.80 1.43 19.31
C SER A 1896 15.52 0.86 19.89
N ASN A 1897 15.29 -0.43 19.63
CA ASN A 1897 14.16 -1.13 20.25
C ASN A 1897 14.21 -0.99 21.76
N GLU A 1898 15.40 -1.06 22.34
CA GLU A 1898 15.53 -0.78 23.76
C GLU A 1898 15.16 0.67 24.07
N VAL A 1899 15.74 1.61 23.32
CA VAL A 1899 15.46 3.02 23.56
C VAL A 1899 13.99 3.31 23.29
N TYR A 1900 13.44 2.70 22.25
CA TYR A 1900 12.02 2.89 21.97
C TYR A 1900 11.17 2.33 23.12
N ALA A 1901 11.56 1.16 23.63
CA ALA A 1901 10.86 0.61 24.78
C ALA A 1901 10.90 1.60 25.93
N SER A 1902 12.06 2.23 26.12
CA SER A 1902 12.16 3.29 27.11
C SER A 1902 11.17 4.39 26.80
N ALA A 1903 11.05 4.75 25.53
CA ALA A 1903 10.07 5.77 25.15
C ALA A 1903 8.70 5.38 25.63
N TRP A 1904 8.35 4.11 25.46
CA TRP A 1904 7.13 3.61 26.06
C TRP A 1904 7.19 3.73 27.58
N ARG A 1905 8.39 3.73 28.13
CA ARG A 1905 8.53 3.55 29.57
C ARG A 1905 8.43 4.85 30.34
N MET A 1906 9.44 5.72 30.20
CA MET A 1906 9.74 6.69 31.23
C MET A 1906 8.62 7.70 31.43
N GLN A 1907 7.59 7.66 30.58
CA GLN A 1907 6.63 8.75 30.47
C GLN A 1907 7.35 10.05 30.15
N LYS A 1908 8.57 9.93 29.62
CA LYS A 1908 9.43 11.08 29.37
C LYS A 1908 8.91 11.81 28.16
N TRP A 1909 7.94 12.70 28.40
CA TRP A 1909 7.39 13.51 27.32
C TRP A 1909 8.47 14.40 26.70
N ASP A 1910 9.61 14.54 27.38
CA ASP A 1910 10.71 15.32 26.81
C ASP A 1910 11.67 14.43 26.03
N ILE A 1911 11.64 13.12 26.25
CA ILE A 1911 12.57 12.27 25.49
C ILE A 1911 12.21 12.35 24.02
N PRO A 1912 13.15 12.63 23.13
CA PRO A 1912 12.77 12.89 21.73
C PRO A 1912 12.46 11.59 21.01
N PRO A 1913 11.27 11.49 20.39
CA PRO A 1913 10.88 10.23 19.72
C PRO A 1913 11.30 10.16 18.26
N LEU A 1914 11.19 8.97 17.65
CA LEU A 1914 11.65 8.77 16.29
C LEU A 1914 10.77 9.51 15.28
N SER A 1915 11.08 9.33 14.00
CA SER A 1915 10.44 10.11 12.95
C SER A 1915 9.08 9.55 12.56
N LEU A 1916 8.10 10.45 12.37
CA LEU A 1916 6.75 10.02 12.04
C LEU A 1916 6.66 9.54 10.60
N ASP A 1917 7.61 9.95 9.76
CA ASP A 1917 7.62 9.50 8.38
C ASP A 1917 8.11 8.05 8.28
N ASN A 1918 8.49 7.46 9.42
CA ASN A 1918 8.97 6.09 9.42
C ASN A 1918 7.94 5.17 8.79
N LYS A 1919 8.41 4.10 8.15
CA LYS A 1919 7.52 3.31 7.32
C LYS A 1919 6.54 2.50 8.15
N THR A 1920 7.03 1.56 8.96
CA THR A 1920 6.15 0.66 9.69
C THR A 1920 6.64 0.22 11.05
N THR A 1921 7.74 0.78 11.56
CA THR A 1921 8.36 0.22 12.77
C THR A 1921 7.41 0.25 13.96
N LYS A 1922 7.13 -0.92 14.51
CA LYS A 1922 6.11 -1.05 15.55
C LYS A 1922 6.48 -0.21 16.77
N ASP A 1923 7.70 -0.37 17.27
CA ASP A 1923 8.17 0.51 18.33
C ASP A 1923 7.99 1.96 17.92
N CYS A 1924 8.36 2.28 16.69
CA CYS A 1924 8.18 3.64 16.22
C CYS A 1924 6.71 4.01 16.15
N LEU A 1925 5.86 3.07 15.73
CA LEU A 1925 4.44 3.39 15.69
C LEU A 1925 3.96 3.81 17.07
N VAL A 1926 4.38 3.07 18.08
CA VAL A 1926 4.01 3.42 19.45
C VAL A 1926 4.58 4.79 19.81
N PHE A 1927 5.84 5.04 19.45
CA PHE A 1927 6.48 6.30 19.81
C PHE A 1927 5.74 7.48 19.20
N GLU A 1928 5.28 7.30 17.97
CA GLU A 1928 4.49 8.34 17.32
C GLU A 1928 3.18 8.54 18.04
N VAL A 1929 2.48 7.44 18.34
CA VAL A 1929 1.20 7.57 19.02
C VAL A 1929 1.38 8.35 20.31
N LEU A 1930 2.45 8.03 21.03
CA LEU A 1930 2.75 8.69 22.28
C LEU A 1930 3.10 10.16 22.11
N HIS A 1931 4.01 10.50 21.20
CA HIS A 1931 4.32 11.92 21.00
C HIS A 1931 3.05 12.67 20.65
N ALA A 1932 2.20 12.03 19.85
CA ALA A 1932 0.95 12.65 19.46
C ALA A 1932 0.05 12.89 20.65
N VAL A 1933 -0.17 11.87 21.47
CA VAL A 1933 -1.04 12.04 22.62
C VAL A 1933 -0.46 13.09 23.54
N HIS A 1934 0.85 13.11 23.68
CA HIS A 1934 1.49 14.08 24.55
C HIS A 1934 1.22 15.48 24.07
N ASN A 1935 1.31 15.69 22.77
CA ASN A 1935 0.87 16.98 22.24
C ASN A 1935 -0.59 17.20 22.55
N TYR A 1936 -1.41 16.15 22.40
CA TYR A 1936 -2.84 16.26 22.64
C TYR A 1936 -3.09 16.78 24.04
N ALA A 1937 -2.19 16.47 24.96
CA ALA A 1937 -2.17 17.10 26.25
C ALA A 1937 -1.73 18.55 26.11
N ILE A 1938 -0.54 18.75 25.54
CA ILE A 1938 0.10 20.06 25.59
C ILE A 1938 -0.68 21.09 24.78
N TYR A 1939 -1.07 20.75 23.57
CA TYR A 1939 -1.74 21.74 22.74
C TYR A 1939 -3.24 21.72 22.98
N GLY A 1940 -3.94 22.66 22.33
CA GLY A 1940 -5.38 22.78 22.54
C GLY A 1940 -6.20 22.05 21.48
N ASN A 1941 -5.89 22.27 20.21
CA ASN A 1941 -6.78 21.97 19.10
C ASN A 1941 -7.04 20.47 19.00
N TYR A 1942 -8.28 20.06 19.32
CA TYR A 1942 -8.67 18.67 19.19
C TYR A 1942 -8.58 18.23 17.74
N LEU A 1943 -8.96 19.12 16.82
CA LEU A 1943 -8.80 18.81 15.41
C LEU A 1943 -7.33 18.61 15.05
N HIS A 1944 -6.43 19.38 15.67
CA HIS A 1944 -5.02 19.20 15.41
C HIS A 1944 -4.55 17.83 15.87
N LEU A 1945 -4.99 17.42 17.06
CA LEU A 1945 -4.65 16.09 17.54
C LEU A 1945 -5.19 15.03 16.59
N GLU A 1946 -6.44 15.19 16.16
CA GLU A 1946 -7.03 14.24 15.24
C GLU A 1946 -6.27 14.21 13.92
N GLU A 1947 -5.76 15.36 13.49
CA GLU A 1947 -4.98 15.40 12.26
C GLU A 1947 -3.68 14.64 12.41
N TYR A 1948 -2.98 14.87 13.52
CA TYR A 1948 -1.79 14.09 13.80
C TYR A 1948 -2.12 12.60 13.78
N ILE A 1949 -3.24 12.25 14.37
CA ILE A 1949 -3.62 10.84 14.50
C ILE A 1949 -3.92 10.24 13.12
N ASN A 1950 -4.74 10.93 12.34
CA ASN A 1950 -5.12 10.39 11.03
C ASN A 1950 -3.91 10.30 10.12
N LYS A 1951 -3.05 11.32 10.16
CA LYS A 1951 -1.84 11.27 9.39
C LYS A 1951 -0.98 10.08 9.81
N LYS A 1952 -0.82 9.89 11.12
CA LYS A 1952 -0.02 8.77 11.59
C LYS A 1952 -0.61 7.45 11.14
N LEU A 1953 -1.92 7.32 11.22
CA LEU A 1953 -2.56 6.07 10.82
C LEU A 1953 -2.52 5.90 9.30
N LEU A 1954 -2.30 7.00 8.57
CA LEU A 1954 -2.40 6.97 7.12
C LEU A 1954 -1.43 5.95 6.52
N LEU A 1955 -0.32 5.70 7.19
CA LEU A 1955 0.59 4.67 6.73
C LEU A 1955 -0.15 3.36 6.62
N ILE A 1956 0.14 2.63 5.55
CA ILE A 1956 -0.66 1.47 5.18
C ILE A 1956 -0.54 0.43 6.27
N ASN A 1957 -1.61 0.26 7.04
CA ASN A 1957 -1.69 -0.76 8.08
C ASN A 1957 -2.14 -2.13 7.55
N PRO A 1958 -3.22 -2.17 6.78
CA PRO A 1958 -4.02 -3.41 6.73
C PRO A 1958 -3.29 -4.66 6.24
N ASN A 1959 -2.34 -4.54 5.33
CA ASN A 1959 -1.85 -5.72 4.63
C ASN A 1959 -0.35 -5.86 4.72
N GLU A 1960 0.11 -7.09 4.51
CA GLU A 1960 1.49 -7.47 4.32
C GLU A 1960 2.40 -7.02 5.46
N GLU A 1961 1.98 -7.13 6.71
CA GLU A 1961 2.83 -6.84 7.85
C GLU A 1961 2.28 -7.54 9.08
N PRO A 1962 3.10 -7.75 10.10
CA PRO A 1962 2.63 -8.54 11.24
C PRO A 1962 1.63 -7.82 12.13
N ASP A 1963 1.85 -6.54 12.42
CA ASP A 1963 1.26 -5.89 13.58
C ASP A 1963 0.14 -4.92 13.26
N SER A 1964 -0.64 -5.17 12.21
CA SER A 1964 -1.60 -4.16 11.76
C SER A 1964 -2.62 -3.85 12.83
N LEU A 1965 -3.47 -4.81 13.17
CA LEU A 1965 -4.37 -4.59 14.28
C LEU A 1965 -3.57 -4.21 15.50
N LEU A 1966 -2.34 -4.72 15.60
CA LEU A 1966 -1.49 -4.39 16.74
C LEU A 1966 -1.19 -2.91 16.77
N PHE A 1967 -1.53 -2.19 15.73
CA PHE A 1967 -1.64 -0.75 15.87
C PHE A 1967 -3.07 -0.26 15.75
N TYR A 1968 -4.02 -1.15 15.49
CA TYR A 1968 -5.32 -0.71 14.99
C TYR A 1968 -5.99 0.31 15.91
N ALA A 1969 -6.49 -0.11 17.05
CA ALA A 1969 -7.49 0.69 17.76
C ALA A 1969 -6.87 1.67 18.74
N LEU A 1970 -5.56 1.88 18.65
CA LEU A 1970 -4.88 2.69 19.65
C LEU A 1970 -5.54 4.05 19.79
N ALA A 1971 -5.70 4.76 18.70
CA ALA A 1971 -6.48 5.98 18.75
C ALA A 1971 -7.96 5.71 18.86
N TYR A 1972 -8.44 4.54 18.42
CA TYR A 1972 -9.85 4.21 18.65
C TYR A 1972 -10.13 4.27 20.13
N ASP A 1973 -9.08 4.14 20.94
CA ASP A 1973 -9.19 4.48 22.35
C ASP A 1973 -8.85 5.94 22.60
N LEU A 1974 -7.77 6.44 21.98
CA LEU A 1974 -7.26 7.75 22.35
C LEU A 1974 -8.32 8.83 22.15
N LYS A 1975 -8.88 8.90 20.94
CA LYS A 1975 -9.87 9.94 20.64
C LYS A 1975 -11.12 9.76 21.47
N PHE A 1976 -11.60 8.53 21.62
CA PHE A 1976 -12.78 8.29 22.43
C PHE A 1976 -12.55 8.81 23.85
N LEU A 1977 -11.35 8.58 24.38
CA LEU A 1977 -11.01 9.17 25.67
C LEU A 1977 -11.06 10.68 25.59
N ILE A 1978 -10.61 11.24 24.48
CA ILE A 1978 -10.66 12.68 24.31
C ILE A 1978 -12.10 13.15 24.18
N ARG A 1979 -13.04 12.22 24.00
CA ARG A 1979 -14.35 12.62 23.49
C ARG A 1979 -15.21 13.30 24.55
N CYS A 1980 -15.58 12.59 25.62
CA CYS A 1980 -16.68 13.06 26.46
C CYS A 1980 -16.54 12.79 27.96
N ASN A 1981 -15.34 12.85 28.53
CA ASN A 1981 -15.17 12.88 29.98
C ASN A 1981 -15.66 11.62 30.69
N GLN A 1982 -15.11 10.46 30.33
CA GLN A 1982 -15.31 9.24 31.09
C GLN A 1982 -14.14 8.29 30.80
N SER A 1983 -14.25 7.07 31.31
CA SER A 1983 -13.21 6.10 31.06
C SER A 1983 -13.27 5.63 29.61
N GLN A 1984 -12.45 4.63 29.30
CA GLN A 1984 -12.35 4.14 27.92
C GLN A 1984 -13.68 3.54 27.44
N PHE A 1985 -13.87 3.56 26.12
CA PHE A 1985 -15.15 3.16 25.53
C PHE A 1985 -15.45 1.69 25.77
N ASN A 1986 -14.48 0.82 25.52
CA ASN A 1986 -14.62 -0.57 25.93
C ASN A 1986 -14.83 -0.60 27.44
N CYS A 1987 -15.76 -1.43 27.90
CA CYS A 1987 -16.15 -1.40 29.31
C CYS A 1987 -14.97 -1.70 30.22
N ASP A 1988 -14.36 -2.88 30.07
CA ASP A 1988 -13.09 -3.20 30.70
C ASP A 1988 -12.62 -4.51 30.10
N ILE A 1989 -11.31 -4.61 29.86
CA ILE A 1989 -10.77 -5.87 29.35
C ILE A 1989 -10.94 -6.97 30.39
N LEU A 1990 -11.42 -6.61 31.58
CA LEU A 1990 -11.50 -7.56 32.69
C LEU A 1990 -12.53 -8.65 32.42
N GLN A 1991 -13.77 -8.29 32.07
CA GLN A 1991 -14.78 -9.31 31.81
C GLN A 1991 -14.38 -10.18 30.64
N LEU A 1992 -13.69 -9.58 29.65
CA LEU A 1992 -13.17 -10.37 28.55
C LEU A 1992 -12.16 -11.39 29.04
N LEU A 1993 -11.22 -10.98 29.89
CA LEU A 1993 -10.29 -11.93 30.47
C LEU A 1993 -11.03 -12.99 31.26
N LYS A 1994 -12.16 -12.61 31.86
CA LYS A 1994 -12.98 -13.58 32.58
C LYS A 1994 -13.50 -14.64 31.64
N GLU A 1995 -13.94 -14.25 30.44
CA GLU A 1995 -14.43 -15.20 29.47
C GLU A 1995 -13.40 -15.61 28.42
N ASN A 1996 -12.14 -15.21 28.59
CA ASN A 1996 -11.16 -15.38 27.52
C ASN A 1996 -10.86 -16.85 27.24
N LYS A 1997 -10.53 -17.60 28.28
CA LYS A 1997 -10.20 -19.02 28.24
C LYS A 1997 -8.93 -19.30 27.44
N GLN A 1998 -8.13 -18.30 27.08
CA GLN A 1998 -6.88 -18.55 26.39
C GLN A 1998 -6.02 -17.28 26.38
N MET A 1999 -4.70 -17.48 26.60
CA MET A 1999 -3.83 -16.39 27.06
C MET A 1999 -3.44 -15.43 25.94
N SER A 2000 -3.15 -15.95 24.74
CA SER A 2000 -2.99 -15.12 23.56
C SER A 2000 -4.32 -14.90 22.89
N SER A 2001 -5.38 -15.43 23.48
CA SER A 2001 -6.40 -16.22 22.82
C SER A 2001 -5.79 -17.59 22.57
N GLN A 2002 -4.58 -17.82 23.09
CA GLN A 2002 -3.84 -19.07 23.00
C GLN A 2002 -2.66 -18.94 23.96
N LEU A 2003 -1.70 -19.85 23.84
CA LEU A 2003 -0.42 -19.61 24.51
C LEU A 2003 0.03 -18.20 24.16
N HIS A 2004 0.33 -17.40 25.17
CA HIS A 2004 0.11 -15.96 25.09
C HIS A 2004 1.10 -15.31 24.11
N GLU A 2005 1.08 -15.82 22.89
CA GLU A 2005 1.85 -15.19 21.82
C GLU A 2005 1.24 -13.86 21.43
N CYS A 2006 -0.09 -13.79 21.44
CA CYS A 2006 -0.77 -12.57 21.02
C CYS A 2006 -1.15 -11.69 22.20
N PHE A 2007 -2.03 -12.16 23.07
CA PHE A 2007 -2.75 -11.27 23.99
C PHE A 2007 -1.86 -10.92 25.16
N GLN A 2008 -1.39 -9.67 25.16
CA GLN A 2008 -0.51 -9.12 26.18
C GLN A 2008 -0.35 -7.64 25.91
N LEU A 2009 0.53 -6.96 26.64
CA LEU A 2009 0.93 -5.59 26.31
C LEU A 2009 -0.28 -4.69 26.12
N LEU A 2010 -1.29 -4.88 26.97
CA LEU A 2010 -2.59 -4.27 26.73
C LEU A 2010 -2.49 -2.75 26.76
N LEU A 2011 -1.94 -2.19 27.83
CA LEU A 2011 -2.02 -0.78 28.08
C LEU A 2011 -0.60 -0.21 28.21
N GLU A 2012 -0.05 0.26 27.09
CA GLU A 2012 1.30 0.81 27.13
C GLU A 2012 1.31 2.25 27.62
N ILE A 2013 0.57 3.13 26.94
CA ILE A 2013 0.51 4.54 27.32
C ILE A 2013 -0.82 4.89 27.97
N ARG A 2014 -1.55 3.89 28.49
CA ARG A 2014 -2.85 4.16 29.11
C ARG A 2014 -2.68 5.03 30.34
N ASN A 2015 -1.66 4.78 31.14
CA ASN A 2015 -1.29 5.77 32.13
C ASN A 2015 -0.92 7.08 31.46
N VAL A 2016 -0.10 7.03 30.41
CA VAL A 2016 0.24 8.25 29.66
C VAL A 2016 -1.03 8.82 29.04
N LEU A 2017 -2.00 7.97 28.75
CA LEU A 2017 -3.30 8.47 28.32
C LEU A 2017 -3.97 9.26 29.44
N LEU A 2018 -3.94 8.72 30.66
CA LEU A 2018 -4.52 9.44 31.79
C LEU A 2018 -3.79 10.77 32.02
N SER A 2019 -2.53 10.85 31.60
CA SER A 2019 -1.70 12.02 31.91
C SER A 2019 -2.33 13.31 31.40
N LEU A 2020 -3.02 13.24 30.27
CA LEU A 2020 -3.50 14.45 29.62
C LEU A 2020 -4.55 15.17 30.46
N LEU A 2021 -5.58 14.43 30.91
CA LEU A 2021 -6.60 15.06 31.73
C LEU A 2021 -5.95 15.75 32.92
N GLN A 2022 -4.88 15.16 33.44
CA GLN A 2022 -4.10 15.84 34.47
C GLN A 2022 -3.43 17.09 33.92
N SER A 2023 -3.02 17.05 32.65
CA SER A 2023 -2.24 18.15 32.10
C SER A 2023 -3.05 19.45 32.08
N HIS A 2024 -4.34 19.36 31.79
CA HIS A 2024 -5.19 20.55 31.72
C HIS A 2024 -5.71 20.93 33.10
N LYS A 2025 -4.77 21.07 34.03
CA LYS A 2025 -5.14 21.28 35.43
C LYS A 2025 -5.82 22.63 35.63
N GLN A 2026 -5.21 23.71 35.13
CA GLN A 2026 -5.77 25.03 35.34
C GLN A 2026 -7.12 25.17 34.66
N LEU A 2027 -7.27 24.57 33.47
CA LEU A 2027 -8.51 24.70 32.73
C LEU A 2027 -9.49 23.59 33.09
N ASP A 2028 -9.14 22.77 34.08
CA ASP A 2028 -9.96 21.60 34.40
C ASP A 2028 -11.39 22.02 34.77
N LEU A 2029 -12.36 21.34 34.16
CA LEU A 2029 -13.75 21.56 34.53
C LEU A 2029 -14.01 21.10 35.95
N SER A 2030 -13.47 19.95 36.32
CA SER A 2030 -13.57 19.43 37.68
C SER A 2030 -12.40 18.52 37.96
N ASP A 2031 -12.06 18.39 39.23
CA ASP A 2031 -11.04 17.46 39.67
C ASP A 2031 -11.58 16.05 39.81
N ASP A 2032 -12.87 15.85 39.52
CA ASP A 2032 -13.40 14.49 39.47
C ASP A 2032 -12.63 13.64 38.47
N LEU A 2033 -12.07 14.27 37.44
CA LEU A 2033 -11.18 13.53 36.54
C LEU A 2033 -9.98 13.00 37.29
N ALA A 2034 -9.47 13.78 38.27
CA ALA A 2034 -8.45 13.23 39.15
C ALA A 2034 -9.01 12.08 39.97
N SER A 2035 -10.31 12.12 40.27
CA SER A 2035 -10.93 11.00 40.97
C SER A 2035 -11.14 9.80 40.05
N PHE A 2036 -10.96 10.01 38.74
CA PHE A 2036 -11.21 8.95 37.78
C PHE A 2036 -10.16 7.84 37.88
N ARG A 2037 -8.89 8.17 37.62
CA ARG A 2037 -7.85 7.15 37.67
C ARG A 2037 -7.71 6.59 39.08
N LYS A 2038 -8.31 7.25 40.07
CA LYS A 2038 -8.26 6.76 41.44
C LYS A 2038 -9.01 5.44 41.58
N TYR A 2039 -10.24 5.37 41.06
CA TYR A 2039 -11.00 4.13 41.12
C TYR A 2039 -10.31 3.15 40.18
N TYR A 2040 -9.10 2.77 40.57
CA TYR A 2040 -8.14 2.14 39.68
C TYR A 2040 -8.13 0.62 39.81
N ILE A 2041 -9.20 0.02 40.34
CA ILE A 2041 -9.26 -1.43 40.42
C ILE A 2041 -9.00 -2.03 39.05
N LEU A 2042 -9.57 -1.42 38.02
CA LEU A 2042 -9.18 -1.79 36.66
C LEU A 2042 -7.72 -1.51 36.41
N GLU A 2043 -7.20 -0.37 36.89
CA GLU A 2043 -5.79 -0.06 36.62
C GLU A 2043 -4.90 -1.13 37.21
N LEU A 2044 -5.28 -1.68 38.36
CA LEU A 2044 -4.60 -2.86 38.87
C LEU A 2044 -4.82 -4.05 37.96
N LEU A 2045 -6.06 -4.23 37.48
CA LEU A 2045 -6.31 -5.34 36.58
C LEU A 2045 -5.41 -5.25 35.36
N LYS A 2046 -4.93 -4.05 35.07
CA LYS A 2046 -4.24 -3.78 33.80
C LYS A 2046 -3.09 -4.74 33.58
N ILE A 2047 -2.51 -5.22 34.67
CA ILE A 2047 -1.65 -6.38 34.52
C ILE A 2047 -2.15 -7.54 35.38
N SER A 2048 -3.07 -7.27 36.31
CA SER A 2048 -3.46 -8.29 37.28
C SER A 2048 -4.04 -9.54 36.63
N GLU A 2049 -4.47 -9.44 35.38
CA GLU A 2049 -5.01 -10.58 34.66
C GLU A 2049 -3.85 -11.45 34.14
N SER A 2050 -3.01 -11.88 35.07
CA SER A 2050 -2.13 -13.01 34.85
C SER A 2050 -1.15 -12.78 33.69
N PHE A 2051 -0.21 -11.87 33.91
CA PHE A 2051 0.91 -11.64 32.99
C PHE A 2051 1.86 -12.82 33.13
N LEU A 2052 1.57 -13.89 32.38
CA LEU A 2052 2.10 -15.21 32.70
C LEU A 2052 3.58 -15.35 32.36
N ILE A 2053 4.01 -14.76 31.24
CA ILE A 2053 5.34 -15.08 30.72
C ILE A 2053 6.41 -14.77 31.75
N VAL A 2054 6.36 -13.59 32.35
CA VAL A 2054 7.22 -13.31 33.48
C VAL A 2054 6.45 -13.43 34.78
N ASP A 2055 5.25 -13.99 34.71
CA ASP A 2055 4.40 -14.46 35.82
C ASP A 2055 3.67 -13.35 36.59
N ASN A 2056 3.47 -12.17 36.00
CA ASN A 2056 2.63 -11.13 36.61
C ASN A 2056 3.13 -10.73 37.98
N LEU A 2057 4.36 -10.23 38.05
CA LEU A 2057 4.87 -9.90 39.36
C LEU A 2057 5.04 -8.41 39.57
N GLN A 2058 5.94 -7.77 38.80
CA GLN A 2058 6.43 -6.46 39.21
C GLN A 2058 5.41 -5.37 38.97
N ASN A 2059 4.55 -5.54 37.96
CA ASN A 2059 3.72 -4.43 37.53
C ASN A 2059 2.77 -3.96 38.64
N ALA A 2060 2.02 -4.87 39.25
CA ALA A 2060 0.93 -4.45 40.14
C ALA A 2060 1.47 -3.79 41.39
N PHE A 2061 2.59 -4.30 41.91
CA PHE A 2061 3.21 -3.64 43.04
C PHE A 2061 3.61 -2.23 42.66
N SER A 2062 4.17 -2.08 41.46
CA SER A 2062 4.41 -0.75 40.94
C SER A 2062 3.12 0.04 40.85
N VAL A 2063 2.01 -0.66 40.62
CA VAL A 2063 0.76 0.03 40.36
C VAL A 2063 0.22 0.65 41.64
N ALA A 2064 -0.03 -0.19 42.63
CA ALA A 2064 -0.72 0.27 43.81
C ALA A 2064 0.04 1.36 44.56
N MET A 2065 1.34 1.52 44.29
CA MET A 2065 2.04 2.66 44.87
C MET A 2065 1.39 3.96 44.40
N LEU A 2066 1.20 4.10 43.10
CA LEU A 2066 0.47 5.24 42.60
C LEU A 2066 -0.97 5.22 43.12
N SER A 2067 -1.48 4.04 43.49
CA SER A 2067 -2.80 4.01 44.09
C SER A 2067 -2.80 4.71 45.44
N ASP A 2068 -1.76 4.45 46.23
CA ASP A 2068 -1.59 5.21 47.47
C ASP A 2068 -1.45 6.68 47.16
N ALA A 2069 -0.74 6.99 46.08
CA ALA A 2069 -0.69 8.38 45.62
C ALA A 2069 -2.09 8.91 45.36
N LEU A 2070 -2.95 8.06 44.78
CA LEU A 2070 -4.34 8.46 44.51
C LEU A 2070 -5.06 8.74 45.81
N TYR A 2071 -4.79 7.94 46.83
CA TYR A 2071 -5.32 8.24 48.14
C TYR A 2071 -4.84 9.61 48.61
N ARG A 2072 -3.56 9.91 48.40
CA ARG A 2072 -2.95 11.11 48.94
C ARG A 2072 -2.41 12.09 47.90
N LYS A 2073 -1.49 11.65 47.03
CA LYS A 2073 -0.60 12.57 46.34
C LYS A 2073 -1.36 13.60 45.50
N PHE A 2074 -2.36 13.16 44.75
CA PHE A 2074 -3.13 14.06 43.90
C PHE A 2074 -4.59 14.15 44.28
N ASP A 2075 -4.97 13.70 45.49
CA ASP A 2075 -6.35 13.71 45.93
C ASP A 2075 -6.42 13.74 47.46
N LEU A 2076 -7.36 14.51 47.97
CA LEU A 2076 -7.67 14.54 49.40
C LEU A 2076 -9.08 14.00 49.58
N ALA A 2077 -9.20 12.71 49.84
CA ALA A 2077 -10.49 12.07 50.01
C ALA A 2077 -10.31 10.75 50.72
N ASP A 2078 -11.42 10.18 51.18
CA ASP A 2078 -11.40 8.91 51.89
C ASP A 2078 -12.65 8.11 51.53
N GLU A 2079 -12.47 6.83 51.25
CA GLU A 2079 -13.58 5.98 50.86
C GLU A 2079 -13.16 4.52 50.96
N ASN A 2080 -14.01 3.65 50.43
CA ASN A 2080 -13.70 2.22 50.38
C ASN A 2080 -12.43 1.95 49.60
N LEU A 2081 -12.02 2.89 48.76
CA LEU A 2081 -10.83 2.67 47.93
C LEU A 2081 -9.61 2.37 48.79
N LYS A 2082 -9.59 2.84 50.04
CA LYS A 2082 -8.53 2.45 50.94
C LYS A 2082 -8.45 0.95 51.06
N HIS A 2083 -9.53 0.31 51.51
CA HIS A 2083 -9.56 -1.15 51.59
C HIS A 2083 -9.40 -1.77 50.22
N ASP A 2084 -9.73 -1.00 49.17
CA ASP A 2084 -9.59 -1.52 47.80
C ASP A 2084 -8.14 -1.74 47.45
N ILE A 2085 -7.34 -0.70 47.47
CA ILE A 2085 -5.90 -0.87 47.27
C ILE A 2085 -5.34 -1.80 48.32
N ASP A 2086 -6.00 -1.88 49.48
CA ASP A 2086 -5.52 -2.74 50.56
C ASP A 2086 -5.56 -4.21 50.16
N PHE A 2087 -6.73 -4.71 49.80
CA PHE A 2087 -6.83 -6.12 49.44
C PHE A 2087 -5.94 -6.44 48.25
N LEU A 2088 -5.73 -5.47 47.36
CA LEU A 2088 -4.88 -5.70 46.20
C LEU A 2088 -3.42 -5.83 46.60
N SER A 2089 -2.93 -4.90 47.41
CA SER A 2089 -1.59 -5.05 47.95
C SER A 2089 -1.48 -6.37 48.70
N SER A 2090 -2.56 -6.77 49.36
CA SER A 2090 -2.57 -8.03 50.07
C SER A 2090 -2.36 -9.18 49.11
N LYS A 2091 -3.04 -9.12 47.97
CA LYS A 2091 -2.86 -10.18 46.98
C LYS A 2091 -1.44 -10.19 46.46
N ILE A 2092 -0.88 -9.01 46.21
CA ILE A 2092 0.52 -8.95 45.79
C ILE A 2092 1.40 -9.57 46.86
N LEU A 2093 1.08 -9.30 48.13
CA LEU A 2093 1.85 -9.85 49.23
C LEU A 2093 1.77 -11.36 49.24
N TRP A 2094 0.57 -11.90 49.03
CA TRP A 2094 0.42 -13.34 48.95
C TRP A 2094 1.18 -13.88 47.74
N GLN A 2095 1.32 -13.06 46.71
CA GLN A 2095 2.16 -13.44 45.58
C GLN A 2095 3.60 -13.59 46.01
N ARG A 2096 4.08 -12.71 46.90
CA ARG A 2096 5.47 -12.77 47.36
C ARG A 2096 5.55 -12.66 48.89
N ASP A 2097 5.32 -13.80 49.56
CA ASP A 2097 5.85 -14.10 50.89
C ASP A 2097 5.94 -12.89 51.81
N GLU A 2098 4.89 -12.07 51.84
CA GLU A 2098 4.83 -10.97 52.78
C GLU A 2098 4.01 -11.46 53.98
N LYS A 2099 4.57 -12.48 54.63
CA LYS A 2099 3.76 -13.43 55.40
C LYS A 2099 2.73 -12.74 56.25
N ILE A 2100 3.17 -11.94 57.22
CA ILE A 2100 2.25 -11.16 58.03
C ILE A 2100 2.07 -9.76 57.48
N ASP A 2101 2.95 -9.34 56.58
CA ASP A 2101 2.77 -8.03 55.98
C ASP A 2101 1.40 -7.94 55.35
N ALA A 2102 0.99 -9.01 54.67
CA ALA A 2102 -0.39 -9.09 54.25
C ALA A 2102 -1.31 -8.98 55.45
N ILE A 2103 -1.01 -9.72 56.52
CA ILE A 2103 -1.81 -9.61 57.72
C ILE A 2103 -1.77 -8.19 58.25
N GLY A 2104 -0.64 -7.52 58.10
CA GLY A 2104 -0.53 -6.16 58.59
C GLY A 2104 -1.45 -5.21 57.85
N MET A 2105 -1.43 -5.27 56.53
CA MET A 2105 -2.34 -4.45 55.76
C MET A 2105 -3.78 -4.81 56.07
N LEU A 2106 -4.03 -6.10 56.32
CA LEU A 2106 -5.38 -6.54 56.65
C LEU A 2106 -5.87 -5.89 57.93
N SER A 2107 -5.06 -5.95 58.99
CA SER A 2107 -5.43 -5.31 60.23
C SER A 2107 -5.60 -3.81 60.04
N GLU A 2108 -4.72 -3.21 59.22
CA GLU A 2108 -4.85 -1.80 58.93
C GLU A 2108 -6.23 -1.49 58.36
N SER A 2109 -6.66 -2.27 57.38
CA SER A 2109 -8.00 -2.10 56.84
C SER A 2109 -9.04 -2.28 57.93
N LEU A 2110 -8.83 -3.28 58.78
CA LEU A 2110 -9.76 -3.52 59.88
C LEU A 2110 -9.88 -2.29 60.77
N SER A 2111 -8.81 -1.52 60.88
CA SER A 2111 -8.79 -0.39 61.80
C SER A 2111 -9.84 0.65 61.42
N LYS A 2112 -9.87 1.04 60.15
CA LYS A 2112 -10.69 2.16 59.73
C LYS A 2112 -12.17 1.79 59.67
N THR A 2113 -13.01 2.80 59.39
CA THR A 2113 -14.43 2.62 59.13
C THR A 2113 -14.88 3.64 58.07
N ASN A 2114 -14.87 3.24 56.80
CA ASN A 2114 -15.28 4.10 55.70
C ASN A 2114 -16.12 3.41 54.63
N SER A 2115 -16.22 2.09 54.63
CA SER A 2115 -16.93 1.34 53.60
C SER A 2115 -18.09 0.53 54.20
N SER A 2116 -18.69 -0.29 53.36
CA SER A 2116 -19.73 -1.20 53.82
C SER A 2116 -19.12 -2.50 54.35
N ILE A 2117 -19.98 -3.33 54.94
CA ILE A 2117 -19.50 -4.54 55.61
C ILE A 2117 -19.01 -5.58 54.62
N PHE A 2118 -19.36 -5.44 53.34
CA PHE A 2118 -18.78 -6.31 52.32
C PHE A 2118 -17.27 -6.23 52.30
N PRO A 2119 -16.65 -5.08 52.50
CA PRO A 2119 -15.19 -5.08 52.68
C PRO A 2119 -14.75 -5.96 53.83
N SER A 2120 -15.53 -6.01 54.91
CA SER A 2120 -15.21 -6.92 55.99
C SER A 2120 -15.36 -8.36 55.53
N ILE A 2121 -16.32 -8.61 54.66
CA ILE A 2121 -16.44 -9.95 54.05
C ILE A 2121 -15.17 -10.27 53.29
N SER A 2122 -14.65 -9.30 52.55
CA SER A 2122 -13.35 -9.50 51.90
C SER A 2122 -12.27 -9.75 52.94
N TYR A 2123 -12.33 -9.03 54.06
CA TYR A 2123 -11.32 -9.16 55.11
C TYR A 2123 -11.34 -10.54 55.72
N ALA A 2124 -12.48 -11.22 55.64
CA ALA A 2124 -12.53 -12.59 56.11
C ALA A 2124 -11.56 -13.48 55.32
N TYR A 2125 -11.26 -13.11 54.07
CA TYR A 2125 -10.26 -13.86 53.32
C TYR A 2125 -8.89 -13.75 53.97
N LEU A 2126 -8.51 -12.54 54.38
CA LEU A 2126 -7.27 -12.38 55.11
C LEU A 2126 -7.34 -13.07 56.46
N GLY A 2127 -8.51 -13.05 57.10
CA GLY A 2127 -8.64 -13.73 58.38
C GLY A 2127 -8.42 -15.22 58.26
N ASN A 2128 -8.94 -15.83 57.19
CA ASN A 2128 -8.68 -17.23 56.94
C ASN A 2128 -7.21 -17.45 56.59
N TRP A 2129 -6.61 -16.51 55.86
CA TRP A 2129 -5.17 -16.57 55.66
C TRP A 2129 -4.44 -16.61 56.99
N LEU A 2130 -4.97 -15.87 57.97
CA LEU A 2130 -4.42 -15.92 59.33
C LEU A 2130 -4.67 -17.28 59.95
N TYR A 2131 -5.87 -17.84 59.74
CA TYR A 2131 -6.17 -19.17 60.25
C TYR A 2131 -5.14 -20.17 59.73
N THR A 2132 -4.69 -19.98 58.50
CA THR A 2132 -3.53 -20.71 58.01
C THR A 2132 -2.28 -20.30 58.79
N THR A 2133 -2.11 -19.01 59.04
CA THR A 2133 -0.96 -18.55 59.79
C THR A 2133 -1.07 -18.95 61.25
N LYS A 2134 -2.30 -19.13 61.75
CA LYS A 2134 -2.58 -19.47 63.13
C LYS A 2134 -2.14 -18.39 64.12
N SER A 2135 -2.51 -17.13 63.85
CA SER A 2135 -2.01 -16.03 64.68
C SER A 2135 -2.68 -16.00 66.05
N GLU A 2136 -4.00 -16.17 66.10
CA GLU A 2136 -4.74 -15.97 67.34
C GLU A 2136 -5.60 -17.19 67.65
N LYS A 2137 -6.52 -17.00 68.59
CA LYS A 2137 -7.46 -18.05 68.94
C LYS A 2137 -8.52 -18.22 67.86
N THR A 2138 -9.08 -19.43 67.78
CA THR A 2138 -10.01 -19.73 66.69
C THR A 2138 -11.35 -19.03 66.88
N GLU A 2139 -11.90 -19.06 68.09
CA GLU A 2139 -13.28 -18.64 68.30
C GLU A 2139 -13.46 -17.16 68.00
N LEU A 2140 -12.52 -16.33 68.46
CA LEU A 2140 -12.72 -14.88 68.33
C LEU A 2140 -12.72 -14.43 66.88
N VAL A 2141 -11.71 -14.85 66.11
CA VAL A 2141 -11.66 -14.47 64.69
C VAL A 2141 -12.80 -15.13 63.93
N SER A 2142 -13.17 -16.35 64.34
CA SER A 2142 -14.33 -16.99 63.74
C SER A 2142 -15.57 -16.13 63.88
N LYS A 2143 -15.81 -15.61 65.09
CA LYS A 2143 -16.93 -14.70 65.29
C LYS A 2143 -16.76 -13.43 64.47
N ASN A 2144 -15.53 -12.92 64.41
CA ASN A 2144 -15.27 -11.67 63.69
C ASN A 2144 -15.65 -11.80 62.22
N TYR A 2145 -15.28 -12.92 61.59
CA TYR A 2145 -15.64 -13.12 60.19
C TYR A 2145 -17.12 -13.46 60.03
N PHE A 2146 -17.66 -14.27 60.95
CA PHE A 2146 -19.04 -14.73 60.81
C PHE A 2146 -20.03 -13.58 60.93
N GLU A 2147 -19.78 -12.65 61.86
CA GLU A 2147 -20.69 -11.53 62.03
C GLU A 2147 -20.80 -10.71 60.76
N LYS A 2148 -19.66 -10.37 60.16
CA LYS A 2148 -19.68 -9.60 58.91
C LYS A 2148 -20.29 -10.39 57.77
N SER A 2149 -19.99 -11.70 57.70
CA SER A 2149 -20.55 -12.51 56.63
C SER A 2149 -22.07 -12.57 56.72
N LEU A 2150 -22.60 -12.73 57.93
CA LEU A 2150 -24.05 -12.88 58.09
C LEU A 2150 -24.77 -11.55 57.96
N SER A 2151 -24.17 -10.48 58.50
CA SER A 2151 -24.91 -9.22 58.66
C SER A 2151 -25.28 -8.61 57.30
N HIS A 2152 -24.30 -8.44 56.42
CA HIS A 2152 -24.52 -7.74 55.16
C HIS A 2152 -24.60 -8.68 53.97
N MET A 2153 -25.13 -9.88 54.17
CA MET A 2153 -25.21 -10.86 53.09
C MET A 2153 -26.07 -10.33 51.95
N SER A 2154 -25.82 -10.83 50.75
CA SER A 2154 -26.48 -10.52 49.49
C SER A 2154 -26.10 -9.14 48.99
N HIS A 2155 -25.33 -8.36 49.76
CA HIS A 2155 -24.76 -7.14 49.21
C HIS A 2155 -23.82 -7.46 48.06
N LEU A 2156 -23.23 -8.65 48.08
CA LEU A 2156 -22.46 -9.19 46.96
C LEU A 2156 -22.88 -10.63 46.74
N ASN A 2157 -22.90 -11.06 45.48
CA ASN A 2157 -23.25 -12.44 45.17
C ASN A 2157 -22.28 -13.15 44.23
N ALA A 2158 -21.76 -12.47 43.21
CA ALA A 2158 -21.11 -13.18 42.10
C ALA A 2158 -19.89 -13.96 42.58
N LYS A 2159 -18.98 -13.30 43.29
CA LYS A 2159 -17.85 -13.97 43.90
C LYS A 2159 -18.04 -14.14 45.39
N GLU A 2160 -19.14 -13.63 45.94
CA GLU A 2160 -19.32 -13.63 47.39
C GLU A 2160 -19.66 -15.01 47.92
N LYS A 2161 -20.50 -15.74 47.19
CA LYS A 2161 -21.02 -17.00 47.71
C LYS A 2161 -19.90 -18.02 47.92
N ALA A 2162 -18.97 -18.13 46.98
CA ALA A 2162 -17.93 -19.16 47.06
C ALA A 2162 -17.07 -18.97 48.29
N LYS A 2163 -16.52 -17.76 48.48
CA LYS A 2163 -15.69 -17.51 49.65
C LYS A 2163 -16.52 -17.54 50.92
N ILE A 2164 -17.77 -17.07 50.85
CA ILE A 2164 -18.62 -17.07 52.04
C ILE A 2164 -18.80 -18.50 52.54
N TYR A 2165 -19.06 -19.42 51.62
CA TYR A 2165 -19.09 -20.83 52.01
C TYR A 2165 -17.73 -21.31 52.46
N CYS A 2166 -16.67 -20.93 51.73
CA CYS A 2166 -15.36 -21.53 51.91
C CYS A 2166 -14.79 -21.22 53.29
N MET A 2167 -14.94 -19.97 53.75
CA MET A 2167 -14.42 -19.61 55.06
C MET A 2167 -15.18 -20.35 56.17
N PHE A 2168 -16.50 -20.40 56.07
CA PHE A 2168 -17.28 -21.10 57.08
C PHE A 2168 -17.01 -22.59 57.04
N ALA A 2169 -16.49 -23.09 55.90
CA ALA A 2169 -16.39 -24.53 55.73
C ALA A 2169 -15.00 -25.07 56.08
N GLN A 2170 -13.95 -24.38 55.66
CA GLN A 2170 -12.62 -24.98 55.70
C GLN A 2170 -12.14 -25.25 57.12
N PHE A 2171 -12.17 -24.23 57.98
CA PHE A 2171 -11.71 -24.40 59.35
C PHE A 2171 -12.62 -25.36 60.10
N CYS A 2172 -13.92 -25.25 59.86
CA CYS A 2172 -14.85 -26.15 60.53
C CYS A 2172 -14.61 -27.60 60.14
N ASP A 2173 -14.31 -27.85 58.86
CA ASP A 2173 -14.03 -29.20 58.42
C ASP A 2173 -12.71 -29.70 58.99
N ASN A 2174 -11.72 -28.82 59.05
CA ASN A 2174 -10.50 -29.14 59.77
C ASN A 2174 -10.84 -29.56 61.20
N ASN A 2175 -11.80 -28.87 61.80
CA ASN A 2175 -12.27 -29.27 63.12
C ASN A 2175 -12.93 -30.64 63.07
N TYR A 2176 -13.63 -30.95 61.99
CA TYR A 2176 -14.27 -32.25 61.86
C TYR A 2176 -13.22 -33.35 61.85
N SER A 2177 -12.07 -33.09 61.24
CA SER A 2177 -10.96 -34.03 61.26
C SER A 2177 -9.68 -33.33 60.83
N SER A 2178 -8.60 -33.66 61.52
CA SER A 2178 -7.24 -33.28 61.20
C SER A 2178 -6.32 -34.15 62.03
N PRO A 2179 -5.18 -34.59 61.49
CA PRO A 2179 -4.39 -35.63 62.19
C PRO A 2179 -4.21 -35.38 63.67
N ASP A 2180 -3.60 -34.24 64.04
CA ASP A 2180 -3.51 -33.90 65.45
C ASP A 2180 -4.88 -33.68 66.06
N LEU A 2181 -5.77 -32.99 65.34
CA LEU A 2181 -7.12 -32.78 65.85
C LEU A 2181 -7.87 -34.09 65.97
N THR A 2182 -7.69 -34.99 65.00
CA THR A 2182 -8.33 -36.30 65.09
C THR A 2182 -7.82 -37.07 66.30
N GLU A 2183 -6.52 -37.00 66.56
CA GLU A 2183 -5.97 -37.63 67.76
C GLU A 2183 -6.57 -37.02 69.01
N ASP A 2184 -6.74 -35.70 69.02
CA ASP A 2184 -7.31 -35.03 70.18
C ASP A 2184 -8.76 -35.47 70.40
N PHE A 2185 -9.54 -35.55 69.33
CA PHE A 2185 -10.93 -35.97 69.44
C PHE A 2185 -11.03 -37.41 69.91
N LYS A 2186 -10.13 -38.28 69.41
CA LYS A 2186 -10.11 -39.65 69.88
C LYS A 2186 -9.75 -39.73 71.35
N ARG A 2187 -8.80 -38.91 71.80
CA ARG A 2187 -8.44 -38.90 73.21
C ARG A 2187 -9.61 -38.43 74.06
N MET A 2188 -10.32 -37.40 73.59
CA MET A 2188 -11.51 -36.95 74.32
C MET A 2188 -12.58 -38.03 74.35
N GLU A 2189 -12.77 -38.73 73.24
CA GLU A 2189 -13.74 -39.82 73.20
C GLU A 2189 -13.34 -40.94 74.15
N LYS A 2190 -12.05 -41.25 74.22
CA LYS A 2190 -11.58 -42.24 75.17
C LYS A 2190 -11.79 -41.78 76.61
N LEU A 2191 -11.60 -40.48 76.86
CA LEU A 2191 -11.87 -39.95 78.19
C LEU A 2191 -13.35 -40.12 78.55
N TYR A 2192 -14.24 -39.84 77.60
CA TYR A 2192 -15.66 -40.04 77.84
C TYR A 2192 -15.98 -41.52 78.06
N PHE A 2193 -15.33 -42.40 77.31
CA PHE A 2193 -15.55 -43.82 77.48
C PHE A 2193 -15.10 -44.27 78.87
N GLU A 2194 -13.94 -43.80 79.33
CA GLU A 2194 -13.47 -44.13 80.66
C GLU A 2194 -14.40 -43.56 81.72
N LYS A 2195 -14.93 -42.37 81.48
CA LYS A 2195 -15.89 -41.78 82.42
C LYS A 2195 -17.17 -42.60 82.49
N LYS A 2196 -17.56 -43.23 81.37
CA LYS A 2196 -18.75 -44.08 81.39
C LYS A 2196 -18.56 -45.27 82.34
N ASN A 2197 -17.41 -45.94 82.23
CA ASN A 2197 -17.13 -47.05 83.15
C ASN A 2197 -16.96 -46.55 84.58
N ASP A 2198 -16.40 -45.36 84.74
CA ASP A 2198 -16.28 -44.78 86.09
C ASP A 2198 -17.65 -44.56 86.70
N ILE A 2199 -18.60 -44.04 85.93
CA ILE A 2199 -19.95 -43.85 86.43
C ILE A 2199 -20.61 -45.19 86.70
N GLN A 2200 -20.31 -46.19 85.86
CA GLN A 2200 -20.85 -47.53 86.09
C GLN A 2200 -20.38 -48.09 87.43
N GLN A 2201 -19.09 -47.92 87.74
CA GLN A 2201 -18.57 -48.35 89.02
C GLN A 2201 -19.16 -47.51 90.15
N LEU A 2202 -19.40 -46.23 89.90
CA LEU A 2202 -19.95 -45.35 90.94
C LEU A 2202 -21.42 -45.63 91.16
N GLU A 2203 -22.05 -46.38 90.26
CA GLU A 2203 -23.47 -46.70 90.44
C GLU A 2203 -23.69 -47.51 91.72
N ARG A 2204 -22.82 -48.48 91.98
CA ARG A 2204 -22.93 -49.29 93.18
C ARG A 2204 -21.62 -49.98 93.52
N LEU A 2218 -18.67 -45.48 98.68
CA LEU A 2218 -17.75 -45.37 99.80
C LEU A 2218 -17.34 -43.92 100.01
N LYS A 2219 -16.27 -43.51 99.34
CA LYS A 2219 -15.75 -42.15 99.44
C LYS A 2219 -16.31 -41.33 98.29
N ASN A 2220 -16.97 -40.22 98.62
CA ASN A 2220 -17.58 -39.39 97.59
C ASN A 2220 -16.56 -38.45 96.95
N HIS A 2221 -15.33 -38.44 97.48
CA HIS A 2221 -14.30 -37.58 96.89
C HIS A 2221 -13.96 -38.02 95.47
N HIS A 2222 -13.78 -39.32 95.27
CA HIS A 2222 -13.50 -39.83 93.93
C HIS A 2222 -14.69 -39.59 93.00
N SER A 2223 -15.91 -39.77 93.52
CA SER A 2223 -17.10 -39.52 92.71
C SER A 2223 -17.19 -38.06 92.29
N ARG A 2224 -16.88 -37.14 93.21
CA ARG A 2224 -16.93 -35.72 92.88
C ARG A 2224 -15.85 -35.33 91.89
N GLU A 2225 -14.64 -35.90 92.05
CA GLU A 2225 -13.59 -35.64 91.07
C GLU A 2225 -13.98 -36.15 89.70
N MET A 2226 -14.56 -37.35 89.65
CA MET A 2226 -15.02 -37.90 88.38
C MET A 2226 -16.13 -37.05 87.79
N SER A 2227 -16.99 -36.51 88.65
CA SER A 2227 -18.07 -35.63 88.16
C SER A 2227 -17.51 -34.34 87.58
N SER A 2228 -16.49 -33.78 88.23
CA SER A 2228 -15.84 -32.59 87.68
C SER A 2228 -15.19 -32.89 86.34
N PHE A 2229 -14.49 -34.02 86.24
CA PHE A 2229 -13.91 -34.42 84.97
C PHE A 2229 -14.99 -34.64 83.92
N ILE A 2230 -16.14 -35.17 84.34
CA ILE A 2230 -17.25 -35.40 83.42
C ILE A 2230 -17.83 -34.07 82.94
N ILE A 2231 -17.91 -33.10 83.84
CA ILE A 2231 -18.37 -31.77 83.44
C ILE A 2231 -17.41 -31.16 82.44
N ASP A 2232 -16.10 -31.32 82.68
CA ASP A 2232 -15.11 -30.82 81.73
C ASP A 2232 -15.22 -31.51 80.38
N GLU A 2233 -15.40 -32.83 80.39
CA GLU A 2233 -15.42 -33.59 79.14
C GLU A 2233 -16.72 -33.36 78.37
N ARG A 2234 -17.82 -33.14 79.09
CA ARG A 2234 -19.09 -32.88 78.43
C ARG A 2234 -19.04 -31.56 77.67
N GLU A 2235 -18.32 -30.58 78.21
CA GLU A 2235 -18.16 -29.32 77.49
C GLU A 2235 -17.43 -29.54 76.16
N TYR A 2236 -16.33 -30.28 76.18
CA TYR A 2236 -15.59 -30.54 74.95
C TYR A 2236 -16.41 -31.36 73.98
N LEU A 2237 -17.13 -32.35 74.49
CA LEU A 2237 -17.98 -33.16 73.62
C LEU A 2237 -19.08 -32.32 73.00
N ARG A 2238 -19.70 -31.43 73.78
CA ARG A 2238 -20.73 -30.55 73.23
C ARG A 2238 -20.14 -29.60 72.20
N MET A 2239 -18.92 -29.11 72.44
CA MET A 2239 -18.27 -28.24 71.46
C MET A 2239 -18.01 -28.99 70.16
N SER A 2240 -17.49 -30.22 70.25
CA SER A 2240 -17.23 -31.00 69.05
C SER A 2240 -18.52 -31.35 68.32
N THR A 2241 -19.58 -31.65 69.08
CA THR A 2241 -20.86 -32.00 68.46
C THR A 2241 -21.51 -30.80 67.79
N PHE A 2242 -21.47 -29.64 68.45
CA PHE A 2242 -21.98 -28.43 67.82
C PHE A 2242 -21.15 -28.07 66.60
N ARG A 2243 -19.84 -28.32 66.66
CA ARG A 2243 -19.00 -28.09 65.49
C ARG A 2243 -19.33 -29.06 64.37
N SER A 2244 -19.71 -30.29 64.71
CA SER A 2244 -20.11 -31.25 63.68
C SER A 2244 -21.44 -30.86 63.07
N LYS A 2245 -22.37 -30.37 63.90
CA LYS A 2245 -23.60 -29.81 63.36
C LYS A 2245 -23.30 -28.62 62.48
N MET A 2246 -22.31 -27.82 62.86
CA MET A 2246 -21.84 -26.74 62.01
C MET A 2246 -21.25 -27.28 60.72
N LEU A 2247 -20.62 -28.45 60.78
CA LEU A 2247 -20.10 -29.10 59.58
C LEU A 2247 -21.23 -29.48 58.65
N THR A 2248 -22.31 -30.00 59.22
CA THR A 2248 -23.50 -30.28 58.42
C THR A 2248 -24.05 -28.99 57.81
N GLN A 2249 -24.11 -27.92 58.60
CA GLN A 2249 -24.61 -26.65 58.09
C GLN A 2249 -23.70 -26.10 57.01
N SER A 2250 -22.40 -26.35 57.12
CA SER A 2250 -21.47 -25.89 56.10
C SER A 2250 -21.59 -26.73 54.85
N ILE A 2251 -21.89 -28.02 55.01
CA ILE A 2251 -22.21 -28.83 53.84
C ILE A 2251 -23.45 -28.27 53.15
N THR A 2252 -24.43 -27.87 53.95
CA THR A 2252 -25.63 -27.24 53.38
C THR A 2252 -25.29 -25.94 52.67
N HIS A 2253 -24.40 -25.15 53.25
CA HIS A 2253 -23.99 -23.90 52.62
C HIS A 2253 -23.21 -24.17 51.34
N TYR A 2254 -22.42 -25.24 51.32
CA TYR A 2254 -21.73 -25.62 50.11
C TYR A 2254 -22.71 -26.09 49.04
N LEU A 2255 -23.77 -26.77 49.46
CA LEU A 2255 -24.84 -27.11 48.53
C LEU A 2255 -25.50 -25.86 47.99
N LYS A 2256 -25.75 -24.89 48.86
CA LYS A 2256 -26.28 -23.61 48.40
C LYS A 2256 -25.29 -22.93 47.46
N CYS A 2257 -24.00 -23.16 47.68
CA CYS A 2257 -22.99 -22.67 46.74
C CYS A 2257 -23.15 -23.37 45.39
N LEU A 2258 -23.34 -24.68 45.40
CA LEU A 2258 -23.64 -25.40 44.18
C LEU A 2258 -24.90 -24.84 43.53
N SER A 2259 -25.79 -24.28 44.34
CA SER A 2259 -26.99 -23.65 43.80
C SER A 2259 -26.69 -22.30 43.16
N GLU A 2260 -25.83 -21.50 43.79
CA GLU A 2260 -25.52 -20.18 43.24
C GLU A 2260 -24.62 -20.30 42.02
N SER A 2261 -23.70 -21.27 42.01
CA SER A 2261 -22.80 -21.48 40.89
C SER A 2261 -22.44 -22.96 40.80
N ASP A 2262 -21.97 -23.37 39.63
CA ASP A 2262 -21.76 -24.80 39.40
C ASP A 2262 -20.29 -25.10 39.11
N GLU A 2263 -19.37 -24.37 39.72
CA GLU A 2263 -17.96 -24.54 39.38
C GLU A 2263 -17.38 -25.82 39.97
N ASN A 2264 -17.69 -26.12 41.24
CA ASN A 2264 -16.89 -27.03 42.05
C ASN A 2264 -17.53 -28.42 42.15
N ASP A 2265 -16.98 -29.39 41.42
CA ASP A 2265 -17.27 -30.79 41.71
C ASP A 2265 -16.53 -31.24 42.95
N VAL A 2266 -15.50 -30.50 43.35
CA VAL A 2266 -14.91 -30.69 44.67
C VAL A 2266 -15.96 -30.46 45.74
N LEU A 2267 -16.81 -29.45 45.54
CA LEU A 2267 -17.97 -29.30 46.39
C LEU A 2267 -18.81 -30.57 46.36
N ILE A 2268 -18.92 -31.21 45.20
CA ILE A 2268 -19.72 -32.43 45.09
C ILE A 2268 -19.14 -33.53 45.96
N SER A 2269 -17.82 -33.72 45.90
CA SER A 2269 -17.21 -34.77 46.71
C SER A 2269 -17.33 -34.46 48.19
N ARG A 2270 -17.17 -33.19 48.57
CA ARG A 2270 -17.35 -32.83 49.98
C ARG A 2270 -18.77 -33.13 50.42
N CYS A 2271 -19.74 -32.82 49.56
CA CYS A 2271 -21.12 -33.17 49.84
C CYS A 2271 -21.28 -34.67 50.00
N CYS A 2272 -20.61 -35.43 49.14
CA CYS A 2272 -20.69 -36.89 49.23
C CYS A 2272 -20.16 -37.37 50.58
N THR A 2273 -19.06 -36.78 51.03
CA THR A 2273 -18.56 -37.07 52.36
C THR A 2273 -19.62 -36.74 53.42
N MET A 2274 -20.34 -35.64 53.21
CA MET A 2274 -21.35 -35.24 54.20
C MET A 2274 -22.41 -36.31 54.37
N TRP A 2275 -23.00 -36.77 53.25
CA TRP A 2275 -24.03 -37.80 53.36
C TRP A 2275 -23.44 -39.12 53.81
N LEU A 2276 -22.16 -39.38 53.47
CA LEU A 2276 -21.53 -40.61 53.92
C LEU A 2276 -21.40 -40.64 55.44
N SER A 2277 -20.98 -39.53 56.03
CA SER A 2277 -20.95 -39.44 57.48
C SER A 2277 -22.36 -39.47 58.05
N ASN A 2278 -23.32 -38.88 57.34
CA ASN A 2278 -24.71 -38.97 57.76
C ASN A 2278 -25.13 -40.42 57.90
N SER A 2279 -24.73 -41.26 56.95
CA SER A 2279 -24.91 -42.70 57.11
C SER A 2279 -24.14 -43.19 58.32
N HIS A 2280 -22.91 -42.72 58.48
CA HIS A 2280 -22.14 -43.05 59.68
C HIS A 2280 -22.80 -42.48 60.93
N LEU A 2281 -23.26 -41.24 60.86
CA LEU A 2281 -23.84 -40.54 62.00
C LEU A 2281 -25.36 -40.62 61.92
N ASP A 2282 -25.94 -41.64 62.57
CA ASP A 2282 -27.37 -41.87 62.47
C ASP A 2282 -28.18 -40.75 63.12
N GLU A 2283 -27.54 -39.94 63.97
CA GLU A 2283 -28.27 -38.89 64.67
C GLU A 2283 -28.20 -37.57 63.91
N LEU A 2284 -27.27 -37.44 62.97
CA LEU A 2284 -27.01 -36.14 62.35
C LEU A 2284 -28.07 -35.79 61.32
N ASN A 2285 -28.93 -36.74 60.95
CA ASN A 2285 -29.87 -36.52 59.86
C ASN A 2285 -30.82 -35.38 60.16
N ASN A 2286 -31.29 -35.27 61.40
CA ASN A 2286 -32.11 -34.14 61.78
C ASN A 2286 -31.38 -32.84 61.53
N SER A 2287 -30.10 -32.79 61.90
CA SER A 2287 -29.28 -31.62 61.61
C SER A 2287 -29.20 -31.37 60.11
N LEU A 2288 -29.26 -32.43 59.31
CA LEU A 2288 -29.21 -32.26 57.87
C LEU A 2288 -30.61 -32.14 57.26
N GLN A 2289 -31.65 -32.18 58.10
CA GLN A 2289 -33.00 -32.36 57.58
C GLN A 2289 -33.45 -31.19 56.70
N HIS A 2290 -33.62 -30.01 57.29
CA HIS A 2290 -34.39 -28.96 56.63
C HIS A 2290 -33.73 -28.50 55.33
N TYR A 2291 -32.42 -28.29 55.35
CA TYR A 2291 -31.73 -27.83 54.15
C TYR A 2291 -31.88 -28.83 53.02
N LEU A 2292 -31.95 -30.12 53.34
CA LEU A 2292 -32.08 -31.14 52.30
C LEU A 2292 -33.34 -30.92 51.48
N GLN A 2293 -34.31 -30.21 52.04
CA GLN A 2293 -35.52 -29.89 51.29
C GLN A 2293 -35.21 -29.04 50.07
N ASN A 2294 -34.40 -28.00 50.25
CA ASN A 2294 -34.29 -26.97 49.21
C ASN A 2294 -33.23 -27.31 48.19
N LEU A 2295 -32.31 -28.19 48.53
CA LEU A 2295 -31.13 -28.39 47.69
C LEU A 2295 -31.53 -29.08 46.38
N PRO A 2296 -31.32 -28.43 45.24
CA PRO A 2296 -31.46 -29.16 43.97
C PRO A 2296 -30.20 -29.96 43.69
N CYS A 2297 -30.25 -31.26 43.94
CA CYS A 2297 -29.08 -32.11 43.78
C CYS A 2297 -28.92 -32.55 42.34
N LYS A 2298 -29.76 -32.04 41.43
CA LYS A 2298 -29.64 -32.44 40.04
C LYS A 2298 -28.26 -32.15 39.49
N LYS A 2299 -27.56 -31.19 40.11
CA LYS A 2299 -26.20 -30.90 39.67
C LYS A 2299 -25.26 -32.06 39.97
N PHE A 2300 -25.62 -32.94 40.90
CA PHE A 2300 -24.71 -33.97 41.39
C PHE A 2300 -24.69 -35.17 40.45
N ILE A 2301 -24.49 -34.87 39.17
CA ILE A 2301 -24.51 -35.92 38.16
C ILE A 2301 -23.41 -36.93 38.37
N PRO A 2302 -22.15 -36.54 38.52
CA PRO A 2302 -21.11 -37.55 38.73
C PRO A 2302 -21.37 -38.35 39.99
N VAL A 2303 -22.07 -37.77 40.96
CA VAL A 2303 -22.31 -38.47 42.22
C VAL A 2303 -23.50 -39.39 42.10
N PHE A 2304 -24.30 -39.21 41.05
CA PHE A 2304 -25.70 -39.64 41.06
C PHE A 2304 -25.85 -41.15 41.30
N TYR A 2305 -25.11 -41.99 40.57
CA TYR A 2305 -25.29 -43.42 40.70
C TYR A 2305 -24.93 -43.90 42.11
N GLN A 2306 -23.79 -43.44 42.62
CA GLN A 2306 -23.40 -43.80 43.97
C GLN A 2306 -24.42 -43.32 44.99
N LEU A 2307 -24.85 -42.06 44.87
CA LEU A 2307 -25.79 -41.49 45.83
C LEU A 2307 -27.11 -42.24 45.81
N ALA A 2308 -27.61 -42.57 44.62
CA ALA A 2308 -28.83 -43.34 44.53
C ALA A 2308 -28.66 -44.71 45.15
N ALA A 2309 -27.54 -45.37 44.88
CA ALA A 2309 -27.27 -46.65 45.52
C ALA A 2309 -27.24 -46.51 47.03
N ARG A 2310 -26.88 -45.33 47.52
CA ARG A 2310 -26.82 -45.12 48.97
C ARG A 2310 -28.20 -45.15 49.60
N LEU A 2311 -29.24 -44.92 48.81
CA LEU A 2311 -30.59 -44.90 49.35
C LEU A 2311 -30.92 -46.25 49.99
N MET A 2312 -31.63 -46.20 51.12
CA MET A 2312 -31.99 -47.39 51.88
C MET A 2312 -33.50 -47.47 52.01
N ASN A 2313 -33.97 -48.63 52.46
CA ASN A 2313 -35.42 -48.89 52.59
C ASN A 2313 -35.78 -48.99 54.07
N GLU A 2314 -36.18 -47.85 54.63
CA GLU A 2314 -36.64 -47.80 56.01
C GLU A 2314 -37.36 -46.48 56.25
N ASN A 2315 -38.08 -46.41 57.37
CA ASN A 2315 -38.70 -45.17 57.82
C ASN A 2315 -37.66 -44.34 58.56
N SER A 2316 -36.51 -44.15 57.90
CA SER A 2316 -35.41 -43.36 58.41
C SER A 2316 -35.30 -42.10 57.57
N LYS A 2317 -34.96 -40.99 58.22
CA LYS A 2317 -34.96 -39.71 57.54
C LYS A 2317 -33.98 -39.70 56.37
N PHE A 2318 -32.79 -40.28 56.55
CA PHE A 2318 -31.80 -40.29 55.48
C PHE A 2318 -32.31 -41.07 54.28
N GLN A 2319 -32.84 -42.27 54.53
CA GLN A 2319 -33.36 -43.08 53.43
C GLN A 2319 -34.52 -42.37 52.72
N GLN A 2320 -35.43 -41.79 53.49
CA GLN A 2320 -36.58 -41.11 52.89
C GLN A 2320 -36.14 -39.92 52.05
N SER A 2321 -35.18 -39.14 52.56
CA SER A 2321 -34.68 -38.01 51.80
C SER A 2321 -34.00 -38.48 50.52
N LEU A 2322 -33.22 -39.55 50.60
CA LEU A 2322 -32.58 -40.08 49.40
C LEU A 2322 -33.62 -40.51 48.38
N THR A 2323 -34.68 -41.19 48.84
CA THR A 2323 -35.72 -41.65 47.93
C THR A 2323 -36.43 -40.49 47.28
N SER A 2324 -36.75 -39.45 48.06
CA SER A 2324 -37.40 -38.28 47.50
C SER A 2324 -36.49 -37.60 46.48
N ILE A 2325 -35.19 -37.51 46.78
CA ILE A 2325 -34.26 -36.87 45.86
C ILE A 2325 -34.19 -37.63 44.55
N CYS A 2326 -34.09 -38.95 44.62
CA CYS A 2326 -34.02 -39.74 43.40
C CYS A 2326 -35.32 -39.66 42.60
N TYR A 2327 -36.46 -39.69 43.30
CA TYR A 2327 -37.74 -39.56 42.61
C TYR A 2327 -37.83 -38.21 41.92
N ASN A 2328 -37.33 -37.16 42.56
CA ASN A 2328 -37.25 -35.86 41.93
C ASN A 2328 -36.33 -35.89 40.72
N VAL A 2329 -35.22 -36.63 40.84
CA VAL A 2329 -34.28 -36.74 39.73
C VAL A 2329 -34.96 -37.35 38.53
N GLY A 2330 -35.73 -38.42 38.75
CA GLY A 2330 -36.40 -39.07 37.63
C GLY A 2330 -37.41 -38.18 36.94
N ARG A 2331 -38.28 -37.53 37.71
CA ARG A 2331 -39.31 -36.69 37.10
C ARG A 2331 -38.70 -35.48 36.42
N ASN A 2332 -37.76 -34.81 37.09
CA ASN A 2332 -37.15 -33.63 36.50
C ASN A 2332 -36.37 -33.99 35.25
N HIS A 2333 -35.51 -35.00 35.33
CA HIS A 2333 -34.70 -35.44 34.20
C HIS A 2333 -34.15 -36.83 34.47
N PRO A 2334 -34.99 -37.85 34.41
CA PRO A 2334 -34.46 -39.21 34.55
C PRO A 2334 -33.39 -39.51 33.52
N TYR A 2335 -33.58 -39.05 32.28
CA TYR A 2335 -32.80 -39.53 31.16
C TYR A 2335 -31.30 -39.38 31.39
N HIS A 2336 -30.90 -38.32 32.09
CA HIS A 2336 -29.48 -38.15 32.39
C HIS A 2336 -28.96 -39.33 33.20
N SER A 2337 -29.66 -39.69 34.27
CA SER A 2337 -29.28 -40.81 35.11
C SER A 2337 -30.16 -42.02 34.88
N LEU A 2338 -31.07 -41.97 33.92
CA LEU A 2338 -31.91 -43.14 33.64
C LEU A 2338 -31.06 -44.33 33.23
N HIS A 2339 -29.86 -44.07 32.71
CA HIS A 2339 -28.90 -45.15 32.56
C HIS A 2339 -28.60 -45.79 33.91
N VAL A 2340 -28.38 -44.96 34.93
CA VAL A 2340 -28.06 -45.49 36.25
C VAL A 2340 -29.25 -46.22 36.86
N LEU A 2341 -30.44 -45.60 36.81
CA LEU A 2341 -31.61 -46.24 37.39
C LEU A 2341 -31.96 -47.52 36.65
N PHE A 2342 -31.89 -47.47 35.32
CA PHE A 2342 -32.21 -48.64 34.52
C PHE A 2342 -31.16 -49.72 34.69
N SER A 2343 -29.94 -49.34 35.06
CA SER A 2343 -28.93 -50.35 35.37
C SER A 2343 -29.20 -50.97 36.73
N LEU A 2344 -29.54 -50.15 37.70
CA LEU A 2344 -29.89 -50.67 39.02
C LEU A 2344 -31.01 -51.68 38.91
N VAL A 2345 -32.06 -51.33 38.19
CA VAL A 2345 -33.11 -52.30 37.91
C VAL A 2345 -32.55 -53.48 37.13
N SER A 2346 -31.74 -53.19 36.12
CA SER A 2346 -31.16 -54.23 35.28
C SER A 2346 -30.23 -55.12 36.09
N ASN A 2347 -29.52 -54.54 37.04
CA ASN A 2347 -28.76 -55.31 38.01
C ASN A 2347 -29.77 -55.93 38.97
N VAL A 2348 -30.51 -56.91 38.47
CA VAL A 2348 -31.60 -57.55 39.20
C VAL A 2348 -31.16 -58.95 39.55
N PRO A 2349 -30.34 -59.13 40.58
CA PRO A 2349 -29.99 -60.50 41.02
C PRO A 2349 -30.96 -61.03 42.04
N GLU A 2350 -31.56 -62.19 41.78
CA GLU A 2350 -32.40 -62.82 42.78
C GLU A 2350 -31.56 -63.48 43.85
N ILE A 2351 -30.28 -63.74 43.55
CA ILE A 2351 -29.42 -64.48 44.48
C ILE A 2351 -29.10 -63.64 45.71
N GLU A 2352 -28.73 -62.37 45.51
CA GLU A 2352 -28.29 -61.55 46.63
C GLU A 2352 -29.40 -61.40 47.66
N ASN A 2353 -29.18 -62.00 48.84
CA ASN A 2353 -30.19 -62.05 49.89
C ASN A 2353 -29.63 -61.44 51.16
N LEU A 2354 -30.17 -60.29 51.54
CA LEU A 2354 -29.76 -59.57 52.74
C LEU A 2354 -30.76 -58.44 52.96
N ASP A 2355 -30.43 -57.57 53.93
CA ASP A 2355 -31.21 -56.35 54.11
C ASP A 2355 -31.25 -55.54 52.83
N ALA A 2356 -30.16 -55.59 52.06
CA ALA A 2356 -30.16 -54.96 50.74
C ALA A 2356 -31.17 -55.61 49.81
N GLY A 2357 -31.54 -56.86 50.08
CA GLY A 2357 -32.56 -57.51 49.26
C GLY A 2357 -33.92 -56.85 49.38
N SER A 2358 -34.44 -56.73 50.61
CA SER A 2358 -35.69 -56.02 50.81
C SER A 2358 -35.53 -54.54 50.48
N ARG A 2359 -34.32 -54.00 50.67
CA ARG A 2359 -34.06 -52.63 50.28
C ARG A 2359 -34.27 -52.44 48.78
N TYR A 2360 -33.78 -53.38 47.98
CA TYR A 2360 -33.94 -53.28 46.53
C TYR A 2360 -35.37 -53.59 46.10
N ARG A 2361 -36.07 -54.44 46.86
CA ARG A 2361 -37.49 -54.64 46.59
C ARG A 2361 -38.25 -53.34 46.77
N ALA A 2362 -38.02 -52.65 47.89
CA ALA A 2362 -38.63 -51.35 48.08
C ALA A 2362 -38.08 -50.33 47.08
N VAL A 2363 -36.87 -50.55 46.58
CA VAL A 2363 -36.31 -49.67 45.56
C VAL A 2363 -37.07 -49.82 44.26
N LYS A 2364 -37.40 -51.05 43.89
CA LYS A 2364 -38.28 -51.28 42.75
C LYS A 2364 -39.64 -50.67 43.01
N LYS A 2365 -40.12 -50.75 44.25
CA LYS A 2365 -41.38 -50.11 44.60
C LYS A 2365 -41.32 -48.61 44.36
N ILE A 2366 -40.21 -47.98 44.77
CA ILE A 2366 -40.04 -46.55 44.58
C ILE A 2366 -39.92 -46.22 43.10
N LEU A 2367 -39.28 -47.10 42.34
CA LEU A 2367 -39.19 -46.90 40.89
C LEU A 2367 -40.57 -46.92 40.26
N ASP A 2368 -41.43 -47.85 40.70
CA ASP A 2368 -42.80 -47.88 40.22
C ASP A 2368 -43.56 -46.63 40.64
N LEU A 2369 -43.34 -46.17 41.87
CA LEU A 2369 -43.96 -44.93 42.33
C LEU A 2369 -43.53 -43.75 41.47
N LEU A 2370 -42.25 -43.69 41.13
CA LEU A 2370 -41.78 -42.69 40.17
C LEU A 2370 -42.37 -42.93 38.80
N LYS A 2371 -42.80 -44.16 38.52
CA LYS A 2371 -43.36 -44.49 37.22
C LYS A 2371 -44.85 -44.22 37.17
N VAL A 2372 -45.38 -43.53 38.19
CA VAL A 2372 -46.82 -43.25 38.22
C VAL A 2372 -47.20 -42.32 37.07
N ASN A 2373 -46.42 -41.26 36.84
CA ASN A 2373 -46.78 -40.25 35.86
C ASN A 2373 -46.83 -40.84 34.46
N GLN A 2374 -47.88 -40.49 33.71
CA GLN A 2374 -48.20 -41.20 32.47
C GLN A 2374 -47.07 -41.09 31.44
N GLY A 2375 -46.60 -39.87 31.16
CA GLY A 2375 -45.47 -39.72 30.27
C GLY A 2375 -44.20 -40.31 30.86
N LEU A 2376 -43.99 -40.10 32.15
CA LEU A 2376 -42.88 -40.77 32.83
C LEU A 2376 -43.07 -42.28 32.84
N SER A 2377 -44.32 -42.73 32.92
CA SER A 2377 -44.58 -44.17 32.81
C SER A 2377 -44.16 -44.70 31.46
N ASN A 2378 -44.50 -43.97 30.39
CA ASN A 2378 -44.08 -44.38 29.05
C ASN A 2378 -42.56 -44.39 28.94
N LEU A 2379 -41.92 -43.38 29.51
CA LEU A 2379 -40.46 -43.33 29.48
C LEU A 2379 -39.85 -44.51 30.22
N VAL A 2380 -40.39 -44.84 31.40
CA VAL A 2380 -39.84 -45.92 32.20
C VAL A 2380 -40.05 -47.25 31.51
N THR A 2381 -41.23 -47.43 30.91
CA THR A 2381 -41.48 -48.64 30.14
C THR A 2381 -40.54 -48.74 28.96
N LYS A 2382 -40.26 -47.60 28.31
CA LYS A 2382 -39.30 -47.60 27.22
C LYS A 2382 -37.92 -48.01 27.70
N LEU A 2383 -37.50 -47.49 28.84
CA LEU A 2383 -36.20 -47.85 29.39
C LEU A 2383 -36.13 -49.35 29.72
N LEU A 2384 -37.18 -49.87 30.36
CA LEU A 2384 -37.21 -51.28 30.72
C LEU A 2384 -37.22 -52.16 29.48
N CYS A 2385 -37.96 -51.75 28.46
CA CYS A 2385 -38.02 -52.55 27.23
C CYS A 2385 -36.70 -52.50 26.48
N SER A 2386 -36.04 -51.35 26.47
CA SER A 2386 -34.72 -51.27 25.86
C SER A 2386 -33.73 -52.14 26.60
N PHE A 2387 -33.84 -52.15 27.93
CA PHE A 2387 -33.04 -53.07 28.73
C PHE A 2387 -33.32 -54.51 28.33
N GLU A 2388 -34.60 -54.86 28.17
CA GLU A 2388 -34.95 -56.21 27.76
C GLU A 2388 -34.36 -56.54 26.39
N ASN A 2389 -34.43 -55.57 25.48
CA ASN A 2389 -33.95 -55.78 24.12
C ASN A 2389 -32.45 -56.03 24.12
N TYR A 2390 -31.69 -55.13 24.74
CA TYR A 2390 -30.26 -55.32 24.79
C TYR A 2390 -29.89 -56.58 25.57
N VAL A 2391 -30.73 -56.95 26.55
CA VAL A 2391 -30.45 -58.12 27.37
C VAL A 2391 -30.58 -59.38 26.56
N SER A 2392 -31.67 -59.49 25.79
CA SER A 2392 -31.79 -60.61 24.87
C SER A 2392 -30.67 -60.59 23.85
N LEU A 2393 -30.29 -59.39 23.40
CA LEU A 2393 -29.20 -59.28 22.42
C LEU A 2393 -27.92 -59.86 22.97
N ALA A 2394 -27.59 -59.54 24.21
CA ALA A 2394 -26.45 -60.17 24.86
C ALA A 2394 -26.65 -61.66 24.99
N GLU A 2395 -27.85 -62.07 25.42
CA GLU A 2395 -28.14 -63.50 25.53
C GLU A 2395 -28.13 -64.17 24.18
N TRP A 2396 -28.37 -63.40 23.12
CA TRP A 2396 -28.37 -63.97 21.78
C TRP A 2396 -26.94 -64.27 21.34
N ASN A 2397 -26.51 -65.51 21.58
CA ASN A 2397 -25.24 -66.02 21.08
C ASN A 2397 -25.54 -67.24 20.23
N PRO A 2398 -26.44 -67.10 19.26
CA PRO A 2398 -26.96 -68.30 18.58
C PRO A 2398 -26.21 -68.67 17.31
N ARG A 2399 -26.10 -69.98 17.07
CA ARG A 2399 -25.61 -70.58 15.83
C ARG A 2399 -24.18 -70.17 15.47
N SER A 2400 -23.46 -69.47 16.34
CA SER A 2400 -22.12 -68.97 16.03
C SER A 2400 -22.13 -68.19 14.71
N LYS A 2401 -23.05 -67.23 14.60
CA LYS A 2401 -23.30 -66.55 13.35
C LYS A 2401 -22.15 -65.61 12.97
N VAL A 2402 -22.16 -65.17 11.71
CA VAL A 2402 -21.14 -64.27 11.21
C VAL A 2402 -21.29 -62.90 11.88
N ASP A 2403 -20.33 -62.02 11.59
CA ASP A 2403 -20.29 -60.70 12.23
C ASP A 2403 -21.63 -59.98 12.10
N SER A 2404 -22.17 -59.90 10.89
CA SER A 2404 -23.45 -59.22 10.69
C SER A 2404 -24.57 -59.99 11.38
N THR A 2405 -25.46 -59.25 12.04
CA THR A 2405 -26.60 -59.82 12.74
C THR A 2405 -27.88 -59.16 12.24
N SER A 2406 -28.85 -59.98 11.84
CA SER A 2406 -30.14 -59.46 11.40
C SER A 2406 -31.11 -59.43 12.57
N PHE A 2407 -31.98 -58.41 12.59
CA PHE A 2407 -32.98 -58.32 13.66
C PHE A 2407 -33.94 -59.50 13.63
N SER A 2408 -34.11 -60.13 12.47
CA SER A 2408 -35.03 -61.26 12.37
C SER A 2408 -34.47 -62.50 13.07
N ARG A 2409 -33.14 -62.56 13.24
CA ARG A 2409 -32.54 -63.73 13.87
C ARG A 2409 -33.04 -63.92 15.29
N PHE A 2410 -33.09 -62.86 16.07
CA PHE A 2410 -33.77 -62.92 17.36
C PHE A 2410 -35.28 -62.80 17.13
N PRO A 2411 -36.10 -63.31 18.05
CA PRO A 2411 -37.55 -63.29 17.82
C PRO A 2411 -38.13 -61.89 17.64
N GLY A 2412 -37.62 -60.91 18.38
CA GLY A 2412 -38.17 -59.56 18.31
C GLY A 2412 -37.60 -58.76 17.16
N TYR A 2413 -37.95 -59.15 15.93
CA TYR A 2413 -37.39 -58.48 14.76
C TYR A 2413 -37.94 -57.08 14.59
N LYS A 2414 -39.25 -56.90 14.72
CA LYS A 2414 -39.88 -55.66 14.29
C LYS A 2414 -40.18 -54.73 15.46
N TRP A 2415 -40.37 -55.29 16.66
CA TRP A 2415 -40.99 -54.55 17.75
C TRP A 2415 -40.13 -53.37 18.20
N PHE A 2416 -38.82 -53.57 18.35
CA PHE A 2416 -37.97 -52.48 18.84
C PHE A 2416 -37.93 -51.33 17.84
N LEU A 2417 -37.79 -51.65 16.56
CA LEU A 2417 -37.77 -50.61 15.53
C LEU A 2417 -39.11 -49.89 15.47
N LYS A 2418 -40.22 -50.63 15.60
CA LYS A 2418 -41.53 -49.98 15.60
C LYS A 2418 -41.68 -49.06 16.81
N ASP A 2419 -41.21 -49.51 17.98
CA ASP A 2419 -41.35 -48.72 19.19
C ASP A 2419 -40.50 -47.45 19.13
N ALA A 2420 -39.33 -47.54 18.50
CA ALA A 2420 -38.43 -46.40 18.45
C ALA A 2420 -39.04 -45.25 17.66
N ALA A 2421 -39.79 -45.56 16.60
CA ALA A 2421 -40.27 -44.52 15.70
C ALA A 2421 -41.32 -43.64 16.38
N ASN A 2422 -42.31 -44.26 17.03
CA ASN A 2422 -43.43 -43.49 17.58
C ASN A 2422 -42.97 -42.56 18.71
N TYR A 2423 -42.18 -43.09 19.63
CA TYR A 2423 -41.70 -42.31 20.77
C TYR A 2423 -40.18 -42.16 20.65
N GLY A 2424 -39.72 -40.91 20.67
CA GLY A 2424 -38.29 -40.68 20.57
C GLY A 2424 -37.57 -41.21 21.79
N LEU A 2425 -37.02 -42.41 21.64
CA LEU A 2425 -36.33 -43.07 22.74
C LEU A 2425 -35.06 -42.33 23.09
N PRO A 2426 -34.74 -42.18 24.37
CA PRO A 2426 -33.46 -41.61 24.74
C PRO A 2426 -32.33 -42.43 24.13
N PRO A 2427 -31.27 -41.78 23.63
CA PRO A 2427 -30.26 -42.52 22.88
C PRO A 2427 -29.58 -43.57 23.74
N ILE A 2428 -29.48 -44.78 23.18
CA ILE A 2428 -28.73 -45.84 23.86
C ILE A 2428 -27.31 -45.39 24.10
N THR A 2429 -26.71 -44.73 23.11
CA THR A 2429 -25.46 -44.01 23.28
C THR A 2429 -25.75 -42.52 23.13
N MET A 2430 -25.55 -41.78 24.21
CA MET A 2430 -25.88 -40.37 24.22
C MET A 2430 -24.74 -39.58 24.85
N ASN A 2431 -24.09 -38.74 24.06
CA ASN A 2431 -23.19 -37.73 24.62
C ASN A 2431 -23.99 -36.44 24.84
N VAL A 2432 -25.12 -36.59 25.54
CA VAL A 2432 -26.11 -35.53 25.66
C VAL A 2432 -25.91 -34.83 26.99
N LYS A 2433 -25.03 -33.83 27.00
CA LYS A 2433 -24.84 -33.00 28.18
C LYS A 2433 -26.04 -32.07 28.28
N VAL A 2434 -27.10 -32.55 28.90
CA VAL A 2434 -28.34 -31.79 28.98
C VAL A 2434 -28.12 -30.53 29.80
N ASN A 2435 -29.07 -29.61 29.70
CA ASN A 2435 -28.94 -28.30 30.34
C ASN A 2435 -29.17 -28.40 31.85
N ASP A 2436 -28.96 -27.27 32.52
CA ASP A 2436 -29.29 -27.19 33.94
C ASP A 2436 -30.77 -27.40 34.15
N THR A 2437 -31.60 -26.83 33.27
CA THR A 2437 -33.00 -27.20 33.25
C THR A 2437 -33.16 -28.68 32.99
N GLY A 2438 -32.28 -29.25 32.17
CA GLY A 2438 -32.27 -30.68 31.95
C GLY A 2438 -33.41 -31.19 31.09
N ASP A 2439 -34.21 -30.30 30.51
CA ASP A 2439 -35.35 -30.73 29.72
C ASP A 2439 -34.90 -31.60 28.56
N TYR A 2440 -35.71 -32.59 28.23
CA TYR A 2440 -35.44 -33.49 27.12
C TYR A 2440 -36.50 -33.29 26.05
N SER A 2441 -36.22 -32.36 25.12
CA SER A 2441 -37.17 -32.03 24.06
C SER A 2441 -36.63 -32.34 22.68
N ASN A 2442 -35.44 -31.84 22.37
CA ASN A 2442 -34.93 -31.88 21.00
C ASN A 2442 -33.58 -32.60 20.93
N ILE A 2443 -33.47 -33.69 21.66
CA ILE A 2443 -32.29 -34.57 21.53
C ILE A 2443 -32.40 -35.26 20.18
N PRO A 2444 -31.30 -35.59 19.52
CA PRO A 2444 -31.38 -36.29 18.23
C PRO A 2444 -32.09 -37.63 18.39
N THR A 2445 -32.94 -37.96 17.42
CA THR A 2445 -33.80 -39.13 17.47
C THR A 2445 -33.63 -39.96 16.20
N VAL A 2446 -33.57 -41.28 16.36
CA VAL A 2446 -33.42 -42.22 15.26
C VAL A 2446 -34.63 -43.15 15.27
N SER A 2447 -35.21 -43.36 14.09
CA SER A 2447 -36.47 -44.12 14.02
C SER A 2447 -36.21 -45.62 13.90
N SER A 2448 -35.44 -46.04 12.90
CA SER A 2448 -35.34 -47.45 12.56
C SER A 2448 -33.89 -47.91 12.66
N PHE A 2449 -33.72 -49.20 12.86
CA PHE A 2449 -32.39 -49.78 12.96
C PHE A 2449 -31.75 -49.94 11.59
N ASP A 2450 -30.46 -50.26 11.58
CA ASP A 2450 -29.75 -50.52 10.34
C ASP A 2450 -30.00 -51.95 9.85
N ASP A 2451 -29.49 -52.24 8.66
CA ASP A 2451 -29.75 -53.54 8.04
C ASP A 2451 -29.02 -54.66 8.75
N THR A 2452 -27.74 -54.50 9.01
CA THR A 2452 -26.90 -55.56 9.56
C THR A 2452 -26.27 -55.09 10.86
N ILE A 2453 -26.06 -56.01 11.80
CA ILE A 2453 -25.45 -55.72 13.09
C ILE A 2453 -24.13 -56.48 13.18
N HIS A 2454 -23.02 -55.77 13.04
CA HIS A 2454 -21.70 -56.40 13.08
C HIS A 2454 -21.41 -56.93 14.47
N PHE A 2455 -20.76 -58.08 14.53
CA PHE A 2455 -20.42 -58.68 15.82
C PHE A 2455 -19.25 -57.92 16.45
N ALA A 2456 -19.22 -57.93 17.78
CA ALA A 2456 -18.10 -57.37 18.50
C ALA A 2456 -16.90 -58.30 18.42
N SER A 2457 -15.73 -57.71 18.21
CA SER A 2457 -14.51 -58.50 18.12
C SER A 2457 -14.22 -59.13 19.47
N GLY A 2458 -14.49 -60.42 19.59
CA GLY A 2458 -14.31 -61.10 20.86
C GLY A 2458 -14.55 -62.58 20.77
N ILE A 2459 -14.67 -63.21 21.94
CA ILE A 2459 -14.90 -64.65 22.00
C ILE A 2459 -16.25 -65.01 21.39
N ASN A 2460 -17.27 -64.20 21.67
CA ASN A 2460 -18.61 -64.45 21.17
C ASN A 2460 -19.05 -63.23 20.36
N ALA A 2461 -20.10 -63.43 19.57
CA ALA A 2461 -20.55 -62.37 18.70
C ALA A 2461 -21.50 -61.43 19.43
N PRO A 2462 -21.01 -60.28 19.92
CA PRO A 2462 -21.93 -59.26 20.45
C PRO A 2462 -22.26 -58.22 19.39
N LYS A 2463 -23.52 -57.81 19.33
CA LYS A 2463 -23.99 -57.03 18.18
C LYS A 2463 -23.57 -55.56 18.27
N VAL A 2464 -23.73 -54.86 17.16
CA VAL A 2464 -23.49 -53.44 17.05
C VAL A 2464 -24.73 -52.79 16.46
N ILE A 2465 -25.10 -51.63 16.98
CA ILE A 2465 -26.33 -50.93 16.58
C ILE A 2465 -25.98 -49.57 16.01
N THR A 2466 -26.57 -49.24 14.86
CA THR A 2466 -26.37 -47.94 14.23
C THR A 2466 -27.61 -47.59 13.44
N CYS A 2467 -27.77 -46.29 13.16
CA CYS A 2467 -28.90 -45.79 12.41
C CYS A 2467 -28.63 -44.34 12.01
N LEU A 2468 -29.45 -43.84 11.09
CA LEU A 2468 -29.37 -42.44 10.72
C LEU A 2468 -29.95 -41.57 11.83
N GLY A 2469 -29.27 -40.46 12.12
CA GLY A 2469 -29.69 -39.61 13.21
C GLY A 2469 -30.83 -38.69 12.83
N SER A 2470 -31.33 -37.96 13.83
CA SER A 2470 -32.29 -36.90 13.54
C SER A 2470 -31.67 -35.85 12.62
N ASN A 2471 -30.50 -35.33 13.01
CA ASN A 2471 -29.71 -34.57 12.07
C ASN A 2471 -29.14 -35.49 11.00
N GLY A 2472 -29.16 -36.79 11.24
CA GLY A 2472 -28.63 -37.76 10.31
C GLY A 2472 -27.19 -38.13 10.54
N HIS A 2473 -26.45 -37.31 11.28
CA HIS A 2473 -25.03 -37.60 11.49
C HIS A 2473 -24.86 -38.97 12.11
N THR A 2474 -23.88 -39.70 11.61
CA THR A 2474 -23.68 -41.08 12.04
C THR A 2474 -23.42 -41.13 13.54
N TYR A 2475 -24.11 -42.04 14.21
CA TYR A 2475 -23.85 -42.36 15.60
C TYR A 2475 -24.01 -43.86 15.79
N LYS A 2476 -22.91 -44.58 15.63
CA LYS A 2476 -22.91 -46.04 15.71
C LYS A 2476 -22.40 -46.45 17.08
N GLN A 2477 -22.60 -47.72 17.42
CA GLN A 2477 -22.10 -48.26 18.67
C GLN A 2477 -22.04 -49.78 18.53
N LEU A 2478 -21.33 -50.43 19.46
CA LEU A 2478 -21.19 -51.87 19.45
C LEU A 2478 -21.37 -52.41 20.87
N VAL A 2479 -22.35 -53.29 21.05
CA VAL A 2479 -22.57 -53.89 22.36
C VAL A 2479 -21.55 -55.00 22.60
N LYS A 2480 -21.33 -55.33 23.87
CA LYS A 2480 -20.28 -56.25 24.28
C LYS A 2480 -20.85 -57.43 25.06
N GLY A 2481 -20.33 -58.61 24.80
CA GLY A 2481 -20.73 -59.77 25.57
C GLY A 2481 -19.93 -59.89 26.85
N GLY A 2482 -20.26 -60.92 27.64
CA GLY A 2482 -19.55 -61.16 28.88
C GLY A 2482 -20.25 -60.59 30.08
N ASN A 2483 -19.51 -60.50 31.18
CA ASN A 2483 -20.05 -60.08 32.47
C ASN A 2483 -19.11 -59.14 33.23
N ASP A 2484 -18.50 -58.16 32.56
CA ASP A 2484 -17.56 -57.26 33.24
C ASP A 2484 -18.28 -56.34 34.22
N ASP A 2485 -17.67 -56.14 35.39
CA ASP A 2485 -18.22 -55.28 36.43
C ASP A 2485 -17.61 -53.89 36.29
N LEU A 2486 -18.19 -53.08 35.41
CA LEU A 2486 -17.56 -51.83 34.98
C LEU A 2486 -18.29 -50.60 35.48
N ARG A 2487 -19.32 -50.76 36.30
CA ARG A 2487 -19.84 -49.60 37.00
C ARG A 2487 -18.73 -48.94 37.80
N GLN A 2488 -17.87 -49.76 38.41
CA GLN A 2488 -16.65 -49.24 38.98
C GLN A 2488 -15.77 -48.63 37.90
N ASP A 2489 -15.66 -49.29 36.74
CA ASP A 2489 -14.91 -48.71 35.64
C ASP A 2489 -15.56 -47.43 35.16
N ALA A 2490 -16.89 -47.38 35.21
CA ALA A 2490 -17.58 -46.13 34.90
C ALA A 2490 -17.16 -45.03 35.86
N VAL A 2491 -17.08 -45.35 37.14
CA VAL A 2491 -16.66 -44.36 38.13
C VAL A 2491 -15.22 -43.94 37.88
N MET A 2492 -14.36 -44.92 37.56
CA MET A 2492 -12.96 -44.61 37.28
C MET A 2492 -12.84 -43.71 36.07
N GLU A 2493 -13.65 -43.95 35.05
CA GLU A 2493 -13.67 -43.07 33.89
C GLU A 2493 -14.11 -41.68 34.29
N GLN A 2494 -15.14 -41.58 35.14
CA GLN A 2494 -15.58 -40.28 35.62
C GLN A 2494 -14.45 -39.59 36.38
N VAL A 2495 -13.68 -40.35 37.13
CA VAL A 2495 -12.55 -39.80 37.87
C VAL A 2495 -11.50 -39.28 36.90
N PHE A 2496 -11.19 -40.06 35.87
CA PHE A 2496 -10.28 -39.60 34.84
C PHE A 2496 -10.80 -38.31 34.22
N GLU A 2497 -12.11 -38.21 34.06
CA GLU A 2497 -12.70 -37.02 33.48
C GLU A 2497 -12.54 -35.82 34.39
N GLN A 2498 -12.75 -36.00 35.69
CA GLN A 2498 -12.57 -34.90 36.63
C GLN A 2498 -11.11 -34.47 36.65
N VAL A 2499 -10.21 -35.44 36.56
CA VAL A 2499 -8.79 -35.11 36.42
C VAL A 2499 -8.56 -34.32 35.15
N ASN A 2500 -9.28 -34.67 34.08
CA ASN A 2500 -9.13 -33.94 32.82
C ASN A 2500 -9.59 -32.50 32.96
N GLY A 2501 -10.71 -32.30 33.65
CA GLY A 2501 -11.13 -30.95 33.95
C GLY A 2501 -10.09 -30.22 34.76
N PHE A 2502 -9.48 -30.91 35.72
CA PHE A 2502 -8.36 -30.33 36.44
C PHE A 2502 -7.25 -29.91 35.47
N LEU A 2503 -6.97 -30.76 34.49
CA LEU A 2503 -5.98 -30.42 33.47
C LEU A 2503 -6.39 -29.15 32.74
N ARG A 2504 -7.69 -28.98 32.53
CA ARG A 2504 -8.18 -27.75 31.94
C ARG A 2504 -8.03 -26.59 32.90
N SER A 2505 -7.89 -26.88 34.20
CA SER A 2505 -7.96 -25.83 35.21
C SER A 2505 -6.63 -25.10 35.37
N TYR A 2506 -5.54 -25.65 34.83
CA TYR A 2506 -4.23 -25.05 35.06
C TYR A 2506 -3.80 -24.19 33.88
N ARG A 2507 -3.75 -22.88 34.09
CA ARG A 2507 -3.04 -22.01 33.17
C ARG A 2507 -1.55 -22.32 33.26
N LYS A 2508 -0.82 -21.92 32.22
CA LYS A 2508 0.53 -22.38 31.93
C LYS A 2508 0.48 -23.86 31.59
N THR A 2509 -0.68 -24.50 31.73
CA THR A 2509 -1.05 -25.68 30.99
C THR A 2509 -2.32 -25.45 30.20
N SER A 2510 -2.96 -24.30 30.37
CA SER A 2510 -4.25 -24.05 29.74
C SER A 2510 -4.15 -24.09 28.22
N GLN A 2511 -3.05 -23.59 27.68
CA GLN A 2511 -2.94 -23.50 26.23
C GLN A 2511 -2.98 -24.88 25.59
N ARG A 2512 -2.13 -25.79 26.03
CA ARG A 2512 -2.12 -27.11 25.43
C ARG A 2512 -3.42 -27.82 25.76
N ASN A 2513 -3.92 -28.57 24.79
CA ASN A 2513 -5.13 -29.35 25.03
C ASN A 2513 -4.86 -30.41 26.09
N LEU A 2514 -5.91 -30.83 26.76
CA LEU A 2514 -5.81 -31.88 27.77
C LEU A 2514 -6.31 -33.20 27.17
N SER A 2515 -5.56 -34.27 27.42
CA SER A 2515 -5.81 -35.55 26.78
C SER A 2515 -6.96 -36.26 27.49
N MET A 2516 -8.06 -36.44 26.78
CA MET A 2516 -9.19 -37.18 27.32
C MET A 2516 -10.16 -37.53 26.19
N ARG A 2517 -10.72 -38.74 26.28
CA ARG A 2517 -11.79 -39.18 25.40
C ARG A 2517 -12.61 -40.24 26.11
N THR A 2518 -13.74 -39.82 26.69
CA THR A 2518 -14.50 -40.70 27.55
C THR A 2518 -15.16 -41.82 26.76
N TYR A 2519 -15.46 -42.92 27.47
CA TYR A 2519 -16.20 -44.05 26.92
C TYR A 2519 -17.28 -44.44 27.93
N LYS A 2520 -18.42 -43.75 27.87
CA LYS A 2520 -19.49 -43.92 28.84
C LYS A 2520 -20.63 -44.72 28.22
N VAL A 2521 -20.64 -46.02 28.47
CA VAL A 2521 -21.73 -46.90 28.04
C VAL A 2521 -22.22 -47.64 29.27
N ILE A 2522 -23.50 -47.45 29.60
CA ILE A 2522 -24.02 -48.02 30.85
C ILE A 2522 -23.98 -49.54 30.77
N PRO A 2523 -23.77 -50.25 31.87
CA PRO A 2523 -23.79 -51.71 31.82
C PRO A 2523 -25.20 -52.23 31.60
N LEU A 2524 -25.31 -53.37 30.91
CA LEU A 2524 -26.62 -53.91 30.58
C LEU A 2524 -27.27 -54.58 31.79
N ALA A 2525 -26.48 -55.27 32.61
CA ALA A 2525 -27.01 -55.88 33.82
C ALA A 2525 -25.84 -56.24 34.74
N LEU A 2526 -26.18 -56.90 35.85
CA LEU A 2526 -25.16 -57.29 36.82
C LEU A 2526 -24.10 -58.16 36.17
N LYS A 2527 -24.50 -59.04 35.26
CA LYS A 2527 -23.56 -59.82 34.46
C LYS A 2527 -23.69 -59.54 32.98
N THR A 2528 -24.28 -58.40 32.59
CA THR A 2528 -24.48 -58.07 31.20
C THR A 2528 -24.07 -56.62 30.93
N GLY A 2529 -23.54 -56.37 29.74
CA GLY A 2529 -23.09 -55.05 29.36
C GLY A 2529 -23.44 -54.67 27.93
N VAL A 2530 -23.72 -53.39 27.70
CA VAL A 2530 -23.89 -52.86 26.36
C VAL A 2530 -22.92 -51.69 26.20
N ILE A 2531 -22.05 -51.79 25.21
CA ILE A 2531 -20.99 -50.81 25.01
C ILE A 2531 -21.34 -49.93 23.81
N GLU A 2532 -20.61 -48.83 23.66
CA GLU A 2532 -20.81 -47.90 22.58
C GLU A 2532 -19.45 -47.46 22.02
N TRP A 2533 -19.08 -48.01 20.87
CA TRP A 2533 -17.76 -47.73 20.31
C TRP A 2533 -17.61 -46.24 20.00
N VAL A 2534 -16.38 -45.75 20.12
CA VAL A 2534 -16.10 -44.38 19.74
C VAL A 2534 -16.39 -44.20 18.27
N GLN A 2535 -16.83 -43.00 17.90
CA GLN A 2535 -17.42 -42.79 16.58
C GLN A 2535 -16.48 -43.20 15.47
N ASP A 2536 -15.27 -42.68 15.47
CA ASP A 2536 -14.22 -43.10 14.55
C ASP A 2536 -13.05 -43.56 15.40
N THR A 2537 -12.50 -44.72 15.06
CA THR A 2537 -11.45 -45.28 15.90
C THR A 2537 -10.71 -46.35 15.12
N ILE A 2538 -9.79 -47.00 15.81
CA ILE A 2538 -9.12 -48.20 15.30
C ILE A 2538 -8.50 -48.95 16.47
N PRO A 2539 -8.27 -50.25 16.28
CA PRO A 2539 -7.50 -50.98 17.29
C PRO A 2539 -6.12 -50.36 17.43
N LEU A 2540 -5.60 -50.38 18.66
CA LEU A 2540 -4.46 -49.53 19.02
C LEU A 2540 -3.27 -49.74 18.09
N GLY A 2541 -2.85 -50.98 17.90
CA GLY A 2541 -1.75 -51.24 17.00
C GLY A 2541 -2.15 -51.57 15.58
N GLU A 2542 -3.46 -51.71 15.33
CA GLU A 2542 -3.92 -52.24 14.04
C GLU A 2542 -3.41 -51.41 12.88
N TYR A 2543 -3.45 -50.09 13.02
CA TYR A 2543 -2.95 -49.23 11.96
C TYR A 2543 -1.52 -49.62 11.63
N LEU A 2544 -1.34 -50.09 10.40
CA LEU A 2544 -0.05 -50.59 9.94
C LEU A 2544 0.48 -51.70 10.84
N ASP A 2545 -0.41 -52.40 11.53
CA ASP A 2545 0.04 -53.53 12.35
C ASP A 2545 0.77 -54.55 11.50
N SER A 2546 0.20 -54.89 10.35
CA SER A 2546 0.83 -55.83 9.44
C SER A 2546 1.81 -55.16 8.49
N ALA A 2547 1.88 -53.83 8.49
CA ALA A 2547 2.81 -53.16 7.60
C ALA A 2547 4.26 -53.44 7.98
N HIS A 2548 4.47 -54.04 9.15
CA HIS A 2548 5.79 -54.55 9.47
C HIS A 2548 6.28 -55.50 8.38
N LYS A 2549 5.39 -56.37 7.90
CA LYS A 2549 5.72 -57.19 6.74
C LYS A 2549 6.05 -56.31 5.55
N VAL A 2550 5.26 -55.25 5.34
CA VAL A 2550 5.62 -54.22 4.38
C VAL A 2550 6.93 -53.58 4.78
N TYR A 2551 7.10 -53.30 6.07
CA TYR A 2551 8.35 -52.70 6.54
C TYR A 2551 9.51 -53.69 6.43
N HIS A 2552 9.25 -54.98 6.64
CA HIS A 2552 10.31 -55.97 6.65
C HIS A 2552 10.08 -57.00 5.58
N PRO A 2553 10.77 -56.91 4.43
CA PRO A 2553 10.76 -58.04 3.50
C PRO A 2553 11.27 -59.31 4.14
N LYS A 2554 12.25 -59.20 5.02
CA LYS A 2554 12.77 -60.32 5.78
C LYS A 2554 12.65 -59.99 7.26
N GLU A 2555 12.09 -60.92 8.03
CA GLU A 2555 11.91 -60.73 9.46
C GLU A 2555 11.68 -62.07 10.14
N TRP A 2556 12.07 -62.14 11.40
CA TRP A 2556 11.75 -63.31 12.21
C TRP A 2556 10.26 -63.34 12.54
N SER A 2557 9.73 -64.54 12.73
CA SER A 2557 8.31 -64.70 12.98
C SER A 2557 7.91 -64.15 14.34
N LEU A 2558 6.77 -63.47 14.39
CA LEU A 2558 6.19 -63.10 15.68
C LEU A 2558 5.84 -64.35 16.48
N SER A 2559 5.47 -65.43 15.80
CA SER A 2559 5.28 -66.70 16.47
C SER A 2559 6.58 -67.21 17.06
N THR A 2560 7.69 -67.04 16.34
CA THR A 2560 8.99 -67.37 16.90
C THR A 2560 9.29 -66.52 18.11
N CYS A 2561 8.90 -65.25 18.07
CA CYS A 2561 9.06 -64.39 19.23
C CYS A 2561 8.27 -64.90 20.43
N ARG A 2562 7.02 -65.34 20.19
CA ARG A 2562 6.23 -65.91 21.26
C ARG A 2562 6.88 -67.17 21.80
N LYS A 2563 7.46 -67.98 20.91
CA LYS A 2563 8.20 -69.15 21.35
C LYS A 2563 9.36 -68.75 22.25
N LEU A 2564 10.08 -67.69 21.89
CA LEU A 2564 11.15 -67.20 22.73
C LEU A 2564 10.62 -66.74 24.09
N ILE A 2565 9.49 -66.06 24.09
CA ILE A 2565 8.91 -65.57 25.33
C ILE A 2565 8.56 -66.72 26.25
N ALA A 2566 7.94 -67.76 25.69
CA ALA A 2566 7.51 -68.89 26.50
C ALA A 2566 8.68 -69.80 26.84
N GLU A 2567 9.81 -69.62 26.16
CA GLU A 2567 10.97 -70.48 26.42
C GLU A 2567 11.39 -70.41 27.88
N LYS A 2568 11.24 -69.25 28.51
CA LYS A 2568 11.55 -69.09 29.93
C LYS A 2568 10.46 -68.25 30.59
N GLN A 2569 9.41 -68.91 31.07
CA GLN A 2569 8.52 -68.26 32.03
C GLN A 2569 9.19 -68.15 33.38
N MET A 2570 10.00 -69.14 33.73
CA MET A 2570 10.88 -69.03 34.89
C MET A 2570 11.93 -67.96 34.62
N GLU A 2571 12.22 -67.15 35.63
CA GLU A 2571 13.08 -65.98 35.49
C GLU A 2571 14.51 -66.32 35.88
N ASP A 2572 15.44 -66.02 34.99
CA ASP A 2572 16.87 -66.14 35.25
C ASP A 2572 17.56 -64.88 34.75
N LEU A 2573 18.64 -64.49 35.42
CA LEU A 2573 19.36 -63.29 35.03
C LEU A 2573 19.89 -63.42 33.60
N GLU A 2574 20.46 -64.58 33.27
CA GLU A 2574 21.00 -64.78 31.94
C GLU A 2574 19.91 -65.01 30.90
N THR A 2575 18.85 -65.72 31.28
CA THR A 2575 17.86 -66.15 30.30
C THR A 2575 17.11 -64.97 29.69
N ARG A 2576 16.60 -64.07 30.53
CA ARG A 2576 15.85 -62.93 30.01
C ARG A 2576 16.73 -62.03 29.17
N LEU A 2577 17.97 -61.81 29.60
CA LEU A 2577 18.90 -60.99 28.82
C LEU A 2577 19.17 -61.63 27.47
N LYS A 2578 19.36 -62.94 27.42
CA LYS A 2578 19.59 -63.60 26.14
C LYS A 2578 18.36 -63.53 25.25
N VAL A 2579 17.17 -63.65 25.85
CA VAL A 2579 15.94 -63.54 25.08
C VAL A 2579 15.82 -62.15 24.47
N TYR A 2580 16.12 -61.12 25.25
CA TYR A 2580 16.12 -59.76 24.70
C TYR A 2580 17.18 -59.59 23.63
N ASP A 2581 18.32 -60.26 23.79
CA ASP A 2581 19.36 -60.23 22.76
C ASP A 2581 18.84 -60.83 21.47
N LEU A 2582 18.09 -61.92 21.57
CA LEU A 2582 17.44 -62.49 20.40
C LEU A 2582 16.43 -61.51 19.81
N VAL A 2583 15.69 -60.81 20.66
CA VAL A 2583 14.70 -59.84 20.19
C VAL A 2583 15.38 -58.71 19.44
N CYS A 2584 16.61 -58.36 19.83
CA CYS A 2584 17.28 -57.19 19.27
C CYS A 2584 17.50 -57.31 17.77
N ARG A 2585 18.08 -58.41 17.31
CA ARG A 2585 18.39 -58.54 15.90
C ARG A 2585 17.12 -58.70 15.07
N HIS A 2586 16.10 -59.36 15.63
CA HIS A 2586 14.91 -59.66 14.86
C HIS A 2586 14.03 -58.43 14.66
N TYR A 2587 13.82 -57.64 15.72
CA TYR A 2587 12.85 -56.56 15.68
C TYR A 2587 13.34 -55.40 14.82
N ARG A 2588 12.42 -54.48 14.51
CA ARG A 2588 12.74 -53.31 13.69
C ARG A 2588 12.10 -52.07 14.28
N PRO A 2589 12.76 -50.91 14.13
CA PRO A 2589 12.20 -49.64 14.62
C PRO A 2589 11.22 -49.07 13.60
N VAL A 2590 10.09 -49.77 13.44
CA VAL A 2590 9.21 -49.56 12.31
C VAL A 2590 7.82 -49.08 12.74
N PHE A 2591 7.75 -48.27 13.81
CA PHE A 2591 6.43 -47.93 14.36
C PHE A 2591 5.85 -46.67 13.72
N ARG A 2592 6.51 -46.14 12.68
CA ARG A 2592 6.18 -44.80 12.20
C ARG A 2592 5.08 -44.80 11.15
N HIS A 2593 5.00 -45.85 10.34
CA HIS A 2593 4.23 -45.79 9.09
C HIS A 2593 2.77 -45.45 9.33
N PHE A 2594 2.15 -46.06 10.34
CA PHE A 2594 0.75 -45.72 10.62
C PHE A 2594 0.61 -44.25 10.93
N PHE A 2595 1.65 -43.64 11.47
CA PHE A 2595 1.60 -42.20 11.72
C PHE A 2595 2.14 -41.43 10.52
N LEU A 2596 2.52 -42.13 9.45
CA LEU A 2596 3.19 -41.48 8.34
C LEU A 2596 2.20 -40.82 7.37
N GLU A 2597 1.29 -41.61 6.79
CA GLU A 2597 0.44 -41.17 5.69
C GLU A 2597 -0.83 -40.45 6.15
N SER A 2598 -0.85 -39.90 7.36
CA SER A 2598 -2.07 -39.32 7.90
C SER A 2598 -2.57 -38.18 7.04
N TYR A 2599 -1.81 -37.09 6.96
CA TYR A 2599 -2.25 -35.87 6.31
C TYR A 2599 -1.04 -35.20 5.69
N ALA A 2600 -1.24 -34.55 4.53
CA ALA A 2600 -0.12 -33.93 3.84
C ALA A 2600 -0.08 -32.42 4.07
N ASP A 2601 -0.96 -31.91 4.93
CA ASP A 2601 -1.02 -30.47 5.15
C ASP A 2601 0.25 -29.98 5.83
N PRO A 2602 0.62 -28.72 5.62
CA PRO A 2602 1.96 -28.27 6.06
C PRO A 2602 2.14 -28.30 7.56
N VAL A 2603 1.28 -27.63 8.32
CA VAL A 2603 1.46 -27.59 9.76
C VAL A 2603 0.95 -28.87 10.40
N GLN A 2604 0.36 -29.75 9.59
CA GLN A 2604 -0.37 -30.90 10.14
C GLN A 2604 0.56 -31.84 10.90
N TRP A 2605 1.72 -32.13 10.34
CA TRP A 2605 2.60 -33.08 11.02
C TRP A 2605 3.06 -32.53 12.36
N PHE A 2606 3.56 -31.29 12.36
CA PHE A 2606 3.92 -30.66 13.63
C PHE A 2606 2.73 -30.60 14.55
N THR A 2607 1.53 -30.54 13.99
CA THR A 2607 0.33 -30.54 14.80
C THR A 2607 0.12 -31.89 15.48
N THR A 2608 0.27 -32.96 14.72
CA THR A 2608 -0.19 -34.26 15.19
C THR A 2608 0.73 -34.85 16.25
N GLN A 2609 2.04 -34.75 16.04
CA GLN A 2609 2.98 -35.56 16.81
C GLN A 2609 3.08 -35.09 18.26
N THR A 2610 3.31 -33.80 18.46
CA THR A 2610 3.36 -33.29 19.83
C THR A 2610 2.05 -33.59 20.53
N ASN A 2611 0.95 -33.45 19.80
CA ASN A 2611 -0.36 -33.75 20.39
C ASN A 2611 -0.41 -35.19 20.88
N TYR A 2612 -0.09 -36.14 20.01
CA TYR A 2612 -0.24 -37.54 20.38
C TYR A 2612 0.73 -37.93 21.47
N ALA A 2613 1.93 -37.36 21.45
CA ALA A 2613 2.89 -37.63 22.50
C ALA A 2613 2.37 -37.16 23.85
N ARG A 2614 1.91 -35.91 23.90
CA ARG A 2614 1.33 -35.42 25.15
C ARG A 2614 0.17 -36.27 25.57
N SER A 2615 -0.60 -36.75 24.61
CA SER A 2615 -1.71 -37.64 24.92
C SER A 2615 -1.22 -38.90 25.61
N THR A 2616 -0.40 -39.68 24.91
CA THR A 2616 0.07 -40.95 25.46
C THR A 2616 0.78 -40.76 26.79
N ALA A 2617 1.38 -39.58 26.98
CA ALA A 2617 1.93 -39.26 28.28
C ALA A 2617 0.84 -39.09 29.32
N VAL A 2618 -0.22 -38.35 28.99
CA VAL A 2618 -1.28 -38.08 29.96
C VAL A 2618 -1.88 -39.37 30.46
N ALA A 2619 -1.90 -40.40 29.61
CA ALA A 2619 -2.34 -41.71 30.05
C ALA A 2619 -1.61 -42.12 31.32
N SER A 2620 -0.30 -42.28 31.25
CA SER A 2620 0.46 -42.63 32.43
C SER A 2620 0.34 -41.54 33.49
N VAL A 2621 0.16 -40.28 33.06
CA VAL A 2621 0.15 -39.15 33.98
C VAL A 2621 -0.98 -39.31 34.98
N LEU A 2622 -2.15 -39.71 34.48
CA LEU A 2622 -3.21 -40.13 35.38
C LEU A 2622 -2.91 -41.51 35.94
N GLY A 2623 -2.10 -42.30 35.24
CA GLY A 2623 -2.01 -43.73 35.50
C GLY A 2623 -1.46 -44.07 36.87
N HIS A 2624 -0.15 -43.94 37.06
CA HIS A 2624 0.45 -44.40 38.32
C HIS A 2624 -0.22 -43.74 39.50
N VAL A 2625 -0.79 -42.55 39.29
CA VAL A 2625 -1.67 -41.98 40.29
C VAL A 2625 -2.83 -42.92 40.55
N LEU A 2626 -3.50 -43.36 39.50
CA LEU A 2626 -4.54 -44.38 39.66
C LEU A 2626 -3.91 -45.76 39.77
N GLY A 2627 -2.80 -45.98 39.07
CA GLY A 2627 -2.25 -47.32 38.96
C GLY A 2627 -3.23 -48.31 38.36
N LEU A 2628 -3.95 -47.89 37.32
CA LEU A 2628 -5.08 -48.67 36.85
C LEU A 2628 -4.77 -49.78 35.86
N GLY A 2629 -4.34 -49.44 34.65
CA GLY A 2629 -4.55 -50.32 33.52
C GLY A 2629 -3.26 -50.82 32.89
N ASP A 2630 -3.20 -52.13 32.74
CA ASP A 2630 -2.16 -52.74 31.92
C ASP A 2630 -2.48 -52.50 30.46
N ARG A 2631 -1.63 -51.73 29.77
CA ARG A 2631 -1.92 -51.26 28.42
C ARG A 2631 -1.80 -52.44 27.45
N HIS A 2632 -2.76 -53.34 27.55
CA HIS A 2632 -2.79 -54.51 26.68
C HIS A 2632 -3.21 -54.11 25.27
N GLY A 2633 -2.54 -54.69 24.28
CA GLY A 2633 -2.73 -54.26 22.91
C GLY A 2633 -4.16 -54.40 22.44
N GLN A 2634 -4.79 -55.52 22.76
CA GLN A 2634 -6.22 -55.66 22.48
C GLN A 2634 -7.02 -54.71 23.36
N ASN A 2635 -6.60 -54.53 24.61
CA ASN A 2635 -7.33 -53.65 25.52
C ASN A 2635 -7.24 -52.20 25.08
N ILE A 2636 -6.08 -51.79 24.59
CA ILE A 2636 -5.83 -50.37 24.32
C ILE A 2636 -6.60 -49.92 23.07
N LEU A 2637 -6.59 -48.61 22.84
CA LEU A 2637 -7.16 -48.01 21.64
C LEU A 2637 -6.26 -46.90 21.15
N ILE A 2638 -6.11 -46.78 19.84
CA ILE A 2638 -5.40 -45.68 19.22
C ILE A 2638 -6.29 -45.09 18.15
N ASP A 2639 -6.27 -43.77 18.04
CA ASP A 2639 -7.20 -43.04 17.19
C ASP A 2639 -6.54 -42.74 15.85
N LYS A 2640 -6.77 -43.63 14.87
CA LYS A 2640 -6.20 -43.41 13.54
C LYS A 2640 -6.71 -42.11 12.93
N THR A 2641 -8.01 -41.88 13.01
CA THR A 2641 -8.59 -40.69 12.39
C THR A 2641 -8.07 -39.42 13.03
N SER A 2642 -7.87 -39.45 14.34
CA SER A 2642 -7.63 -38.21 15.07
C SER A 2642 -6.35 -37.52 14.62
N GLY A 2643 -5.42 -38.25 14.03
CA GLY A 2643 -4.09 -37.69 13.98
C GLY A 2643 -3.51 -37.53 15.37
N GLU A 2644 -4.19 -38.11 16.35
CA GLU A 2644 -3.76 -38.14 17.75
C GLU A 2644 -4.32 -39.43 18.31
N VAL A 2645 -3.99 -39.71 19.57
CA VAL A 2645 -4.31 -41.00 20.13
C VAL A 2645 -5.30 -40.85 21.27
N ILE A 2646 -6.07 -41.91 21.52
CA ILE A 2646 -6.95 -42.00 22.66
C ILE A 2646 -7.30 -43.47 22.89
N HIS A 2647 -7.33 -43.87 24.15
CA HIS A 2647 -7.59 -45.24 24.54
C HIS A 2647 -8.77 -45.28 25.51
N ILE A 2648 -9.45 -46.43 25.56
CA ILE A 2648 -10.56 -46.64 26.47
C ILE A 2648 -10.67 -48.13 26.81
N ASP A 2649 -11.65 -48.45 27.64
CA ASP A 2649 -12.05 -49.81 28.04
C ASP A 2649 -11.12 -50.50 29.05
N LEU A 2650 -10.48 -49.76 29.96
CA LEU A 2650 -9.68 -50.39 31.01
C LEU A 2650 -10.58 -51.13 32.01
N GLY A 2651 -10.08 -52.25 32.55
CA GLY A 2651 -10.90 -53.06 33.43
C GLY A 2651 -10.46 -53.36 34.87
N ILE A 2652 -9.17 -53.60 35.11
CA ILE A 2652 -8.69 -53.89 36.45
C ILE A 2652 -7.73 -52.79 36.84
N ALA A 2653 -7.54 -52.58 38.14
CA ALA A 2653 -6.92 -51.31 38.55
C ALA A 2653 -6.28 -51.28 39.93
N PHE A 2654 -5.99 -50.07 40.40
CA PHE A 2654 -5.50 -49.82 41.75
C PHE A 2654 -4.26 -50.64 42.05
N GLU A 2655 -3.41 -50.80 41.04
CA GLU A 2655 -2.13 -51.48 41.19
C GLU A 2655 -2.32 -52.90 41.67
N GLN A 2656 -3.48 -53.50 41.36
CA GLN A 2656 -3.76 -54.85 41.81
C GLN A 2656 -3.06 -55.87 40.92
N GLY A 2657 -1.77 -55.63 40.71
CA GLY A 2657 -0.99 -56.56 39.91
C GLY A 2657 -0.88 -57.92 40.56
N LYS A 2658 -1.12 -57.99 41.87
CA LYS A 2658 -0.97 -59.25 42.60
C LYS A 2658 -1.92 -60.32 42.09
N LYS A 2659 -3.03 -59.91 41.47
CA LYS A 2659 -3.96 -60.90 40.92
C LYS A 2659 -3.29 -61.76 39.87
N LEU A 2660 -2.47 -61.15 39.02
CA LEU A 2660 -1.81 -61.88 37.95
C LEU A 2660 -0.66 -62.73 38.51
N PRO A 2661 -0.25 -63.77 37.78
CA PRO A 2661 0.95 -64.52 38.22
C PRO A 2661 2.16 -63.64 38.35
N VAL A 2662 2.29 -62.64 37.51
CA VAL A 2662 3.30 -61.60 37.64
C VAL A 2662 2.59 -60.27 37.86
N PRO A 2663 2.88 -59.53 38.92
CA PRO A 2663 2.29 -58.19 39.07
C PRO A 2663 2.76 -57.29 37.95
N GLU A 2664 2.07 -56.17 37.79
CA GLU A 2664 2.29 -55.32 36.62
C GLU A 2664 3.71 -54.78 36.61
N CYS A 2665 4.52 -55.35 35.72
CA CYS A 2665 5.88 -54.87 35.50
C CYS A 2665 5.79 -53.69 34.54
N VAL A 2666 5.11 -52.64 34.98
CA VAL A 2666 4.83 -51.47 34.16
C VAL A 2666 5.16 -50.24 35.00
N PRO A 2667 6.42 -49.82 35.06
CA PRO A 2667 6.70 -48.53 35.69
C PRO A 2667 5.95 -47.39 35.02
N PHE A 2668 5.80 -47.48 33.69
CA PHE A 2668 5.07 -46.49 32.92
C PHE A 2668 4.68 -47.11 31.60
N ARG A 2669 3.81 -46.43 30.86
CA ARG A 2669 3.36 -46.93 29.57
C ARG A 2669 4.53 -47.04 28.60
N LEU A 2670 4.84 -48.26 28.19
CA LEU A 2670 5.99 -48.54 27.34
C LEU A 2670 5.69 -48.06 25.94
N THR A 2671 5.61 -46.74 25.76
CA THR A 2671 5.28 -46.16 24.47
C THR A 2671 6.57 -45.88 23.69
N ARG A 2672 7.44 -46.89 23.71
CA ARG A 2672 8.71 -46.76 23.00
C ARG A 2672 8.48 -46.70 21.50
N ASP A 2673 7.53 -47.47 21.00
CA ASP A 2673 7.24 -47.46 19.57
C ASP A 2673 6.70 -46.11 19.14
N VAL A 2674 5.70 -45.58 19.87
CA VAL A 2674 5.19 -44.25 19.54
C VAL A 2674 6.29 -43.21 19.74
N VAL A 2675 7.21 -43.47 20.66
CA VAL A 2675 8.38 -42.61 20.77
C VAL A 2675 9.17 -42.64 19.47
N ASP A 2676 9.28 -43.82 18.85
CA ASP A 2676 10.01 -43.92 17.59
C ASP A 2676 9.40 -43.03 16.52
N GLY A 2677 8.14 -42.64 16.69
CA GLY A 2677 7.59 -41.58 15.88
C GLY A 2677 8.21 -40.28 16.33
N MET A 2678 9.53 -40.21 16.18
CA MET A 2678 10.31 -39.20 16.88
C MET A 2678 10.14 -37.83 16.26
N GLY A 2679 9.90 -37.79 14.96
CA GLY A 2679 10.17 -36.55 14.28
C GLY A 2679 11.63 -36.21 14.50
N ILE A 2680 11.86 -34.96 14.91
CA ILE A 2680 13.20 -34.59 15.34
C ILE A 2680 13.48 -35.15 16.71
N THR A 2681 12.56 -34.96 17.65
CA THR A 2681 12.88 -35.10 19.06
C THR A 2681 12.92 -36.55 19.51
N GLY A 2682 13.73 -36.83 20.53
CA GLY A 2682 13.60 -38.07 21.26
C GLY A 2682 12.38 -38.04 22.15
N VAL A 2683 12.18 -39.11 22.93
CA VAL A 2683 10.93 -39.20 23.67
C VAL A 2683 10.97 -38.20 24.81
N GLU A 2684 10.48 -36.99 24.53
CA GLU A 2684 10.70 -35.87 25.43
C GLU A 2684 9.94 -34.63 24.98
N GLY A 2685 10.19 -33.52 25.65
CA GLY A 2685 9.82 -32.22 25.14
C GLY A 2685 8.36 -31.91 25.33
N VAL A 2686 7.60 -31.97 24.24
CA VAL A 2686 6.16 -32.00 24.41
C VAL A 2686 5.80 -33.15 25.34
N PHE A 2687 6.52 -34.26 25.24
CA PHE A 2687 6.41 -35.29 26.26
C PHE A 2687 6.86 -34.74 27.61
N ARG A 2688 7.99 -34.04 27.62
CA ARG A 2688 8.38 -33.38 28.86
C ARG A 2688 7.37 -32.31 29.24
N ARG A 2689 6.68 -31.75 28.25
CA ARG A 2689 5.63 -30.78 28.58
C ARG A 2689 4.51 -31.46 29.36
N CYS A 2690 4.05 -32.60 28.88
CA CYS A 2690 3.03 -33.35 29.59
C CYS A 2690 3.54 -33.79 30.95
N MET A 2691 4.83 -34.09 31.04
CA MET A 2691 5.42 -34.38 32.34
C MET A 2691 5.27 -33.19 33.27
N GLU A 2692 5.70 -32.01 32.81
CA GLU A 2692 5.56 -30.80 33.62
C GLU A 2692 4.10 -30.59 34.00
N PHE A 2693 3.20 -31.05 33.15
CA PHE A 2693 1.80 -31.02 33.53
C PHE A 2693 1.48 -32.07 34.59
N THR A 2694 2.24 -33.17 34.60
CA THR A 2694 1.76 -34.39 35.25
C THR A 2694 1.52 -34.18 36.74
N LEU A 2695 2.51 -33.69 37.46
CA LEU A 2695 2.33 -33.48 38.89
C LEU A 2695 1.67 -32.14 39.20
N GLU A 2696 1.39 -31.33 38.18
CA GLU A 2696 0.90 -29.98 38.42
C GLU A 2696 -0.48 -30.00 39.06
N THR A 2697 -1.25 -31.07 38.83
CA THR A 2697 -2.62 -31.10 39.32
C THR A 2697 -2.67 -30.98 40.83
N LEU A 2698 -1.76 -31.68 41.53
CA LEU A 2698 -1.86 -31.81 42.97
C LEU A 2698 -1.86 -30.45 43.67
N ARG A 2699 -0.98 -29.55 43.24
CA ARG A 2699 -0.92 -28.24 43.87
C ARG A 2699 -2.23 -27.49 43.71
N ARG A 2700 -2.89 -27.67 42.57
CA ARG A 2700 -4.16 -26.98 42.33
C ARG A 2700 -5.18 -27.37 43.39
N GLU A 2701 -5.28 -28.66 43.68
CA GLU A 2701 -6.08 -29.17 44.78
C GLU A 2701 -5.57 -30.56 45.16
N GLU A 2702 -4.80 -30.63 46.24
CA GLU A 2702 -4.36 -31.93 46.72
C GLU A 2702 -5.54 -32.80 47.10
N ASP A 2703 -6.52 -32.21 47.79
CA ASP A 2703 -7.65 -32.99 48.28
C ASP A 2703 -8.44 -33.62 47.14
N SER A 2704 -8.49 -32.93 46.00
CA SER A 2704 -9.53 -33.20 45.00
C SER A 2704 -9.63 -34.67 44.63
N LEU A 2705 -8.60 -35.23 44.00
CA LEU A 2705 -8.68 -36.59 43.48
C LEU A 2705 -9.01 -37.56 44.60
N LEU A 2706 -8.35 -37.37 45.75
CA LEU A 2706 -8.63 -38.20 46.91
C LEU A 2706 -10.11 -38.16 47.25
N SER A 2707 -10.60 -37.01 47.68
CA SER A 2707 -11.98 -36.90 48.13
C SER A 2707 -12.92 -37.51 47.11
N VAL A 2708 -12.69 -37.24 45.83
CA VAL A 2708 -13.55 -37.78 44.79
C VAL A 2708 -13.58 -39.30 44.87
N LEU A 2709 -12.40 -39.93 44.84
CA LEU A 2709 -12.36 -41.38 44.83
C LEU A 2709 -12.91 -41.96 46.13
N GLU A 2710 -12.49 -41.39 47.25
CA GLU A 2710 -12.81 -41.98 48.56
C GLU A 2710 -14.29 -41.90 48.85
N VAL A 2711 -14.94 -40.81 48.43
CA VAL A 2711 -16.35 -40.64 48.76
C VAL A 2711 -17.14 -41.85 48.28
N LEU A 2712 -16.93 -42.24 47.03
CA LEU A 2712 -17.58 -43.45 46.54
C LEU A 2712 -16.93 -44.69 47.13
N ARG A 2713 -15.65 -44.61 47.49
CA ARG A 2713 -14.99 -45.77 48.06
C ARG A 2713 -15.63 -46.18 49.39
N TYR A 2714 -16.36 -45.25 50.02
CA TYR A 2714 -16.92 -45.53 51.34
C TYR A 2714 -18.04 -46.56 51.28
N ASP A 2715 -18.65 -46.76 50.11
CA ASP A 2715 -19.82 -47.63 50.02
C ASP A 2715 -19.45 -49.00 49.46
N PRO A 2716 -19.84 -50.09 50.13
CA PRO A 2716 -19.56 -51.42 49.56
C PRO A 2716 -20.22 -51.65 48.22
N PHE A 2718 -17.71 -50.51 47.15
CA PHE A 2718 -17.20 -51.17 45.96
C PHE A 2718 -16.51 -52.47 46.31
N SER A 2719 -16.22 -53.26 45.28
CA SER A 2719 -15.41 -54.46 45.42
C SER A 2719 -13.98 -54.08 45.06
N TRP A 2720 -13.31 -53.41 45.99
CA TRP A 2720 -11.95 -52.92 45.75
C TRP A 2720 -10.94 -54.04 45.92
N LEU A 2721 -11.21 -55.14 45.22
CA LEU A 2721 -10.43 -56.36 45.36
C LEU A 2721 -10.51 -57.12 44.05
N ILE A 2722 -9.60 -58.09 43.92
CA ILE A 2722 -9.47 -58.88 42.69
C ILE A 2722 -10.04 -60.27 42.95
N SER A 2723 -11.00 -60.67 42.12
CA SER A 2723 -11.57 -62.00 42.22
C SER A 2723 -10.55 -63.04 41.74
N PRO A 2724 -10.26 -64.07 42.56
CA PRO A 2724 -9.26 -65.07 42.12
C PRO A 2724 -9.64 -65.76 40.83
N LEU A 2725 -10.92 -66.01 40.59
CA LEU A 2725 -11.36 -66.58 39.32
C LEU A 2725 -11.08 -65.61 38.18
N ARG A 2726 -11.39 -64.32 38.39
CA ARG A 2726 -11.13 -63.33 37.35
C ARG A 2726 -9.64 -63.16 37.10
N ARG A 2727 -8.81 -63.55 38.06
CA ARG A 2727 -7.37 -63.35 37.94
C ARG A 2727 -6.79 -64.16 36.78
N MET A 2728 -7.20 -65.42 36.65
CA MET A 2728 -6.59 -66.28 35.65
C MET A 2728 -7.09 -65.94 34.25
N LYS A 2729 -8.16 -65.14 34.15
CA LYS A 2729 -8.79 -64.92 32.86
C LYS A 2729 -7.97 -64.00 31.96
N LYS A 2730 -7.56 -62.86 32.52
CA LYS A 2730 -6.92 -61.76 31.77
C LYS A 2730 -5.77 -61.86 30.78
N GLN A 2731 -4.55 -61.94 31.30
CA GLN A 2731 -3.36 -61.81 30.44
C GLN A 2731 -3.29 -62.58 29.13
N LYS A 2732 -4.39 -62.66 28.38
CA LYS A 2732 -4.42 -63.42 27.15
C LYS A 2732 -4.23 -64.88 27.49
N MET A 2733 -3.30 -65.17 28.40
CA MET A 2733 -3.08 -66.54 28.84
C MET A 2733 -3.15 -67.45 27.64
N GLN A 2734 -4.00 -68.45 27.73
CA GLN A 2734 -4.16 -69.35 26.61
C GLN A 2734 -2.80 -69.69 26.08
N LEU A 2735 -2.62 -69.54 24.78
CA LEU A 2735 -1.34 -69.81 24.16
C LEU A 2735 -0.89 -68.61 23.34
N GLU A 2736 -1.60 -67.49 23.47
CA GLU A 2736 -1.27 -66.31 22.67
C GLU A 2736 -1.84 -65.03 23.24
N ASN A 2737 -1.20 -63.91 22.93
CA ASN A 2737 -1.69 -62.61 23.39
C ASN A 2737 -3.05 -62.36 22.77
N PHE A 2738 -3.21 -62.73 21.52
CA PHE A 2738 -4.47 -62.53 20.84
C PHE A 2738 -4.86 -63.82 20.14
N ASN A 2739 -5.33 -64.79 20.91
CA ASN A 2739 -5.72 -66.07 20.34
C ASN A 2739 -6.96 -65.90 19.47
N GLN A 2740 -7.27 -66.91 18.67
CA GLN A 2740 -8.43 -66.84 17.76
C GLN A 2740 -9.78 -66.90 18.47
N PRO A 2741 -10.79 -67.49 17.81
CA PRO A 2741 -12.13 -67.49 18.41
C PRO A 2741 -12.32 -68.55 19.47
N GLU A 2742 -13.56 -68.82 19.88
CA GLU A 2742 -13.82 -69.89 20.84
C GLU A 2742 -12.56 -70.67 21.20
N SER A 2743 -12.04 -71.45 20.25
CA SER A 2743 -10.80 -72.21 20.46
C SER A 2743 -10.98 -73.47 21.29
N GLY A 2744 -9.90 -73.76 22.02
CA GLY A 2744 -9.91 -74.90 22.91
C GLY A 2744 -10.46 -74.87 24.32
N ASN A 2745 -10.93 -76.08 24.69
CA ASN A 2745 -11.52 -76.24 25.99
C ASN A 2745 -12.27 -74.99 26.08
N ILE A 2746 -13.20 -74.74 25.16
CA ILE A 2746 -13.92 -73.48 25.13
C ILE A 2746 -13.26 -72.41 25.98
N THR A 2747 -12.60 -71.46 25.35
CA THR A 2747 -12.05 -70.34 26.13
C THR A 2747 -11.26 -70.76 27.37
N THR A 2748 -10.22 -71.57 27.13
CA THR A 2748 -9.32 -71.86 28.29
C THR A 2748 -10.26 -72.05 29.54
N ASP A 2749 -11.16 -73.06 29.47
CA ASP A 2749 -12.06 -73.44 30.61
C ASP A 2749 -13.16 -72.45 30.99
N ALA A 2750 -13.94 -72.00 30.00
CA ALA A 2750 -14.91 -70.96 30.22
C ALA A 2750 -14.29 -70.23 31.37
N SER A 2751 -13.01 -69.90 31.24
CA SER A 2751 -12.36 -69.35 32.47
C SER A 2751 -13.29 -68.68 33.56
N ARG A 2752 -13.92 -69.37 34.55
CA ARG A 2752 -14.90 -68.84 35.56
C ARG A 2752 -14.92 -69.43 37.02
N ASP A 2753 -15.38 -68.66 38.03
CA ASP A 2753 -15.50 -69.14 39.46
C ASP A 2753 -15.73 -67.99 40.50
N PRO A 2754 -15.81 -68.30 41.83
CA PRO A 2754 -15.97 -67.24 42.88
C PRO A 2754 -16.13 -67.61 44.40
N LYS A 2755 -15.51 -66.88 45.36
CA LYS A 2755 -15.61 -67.07 46.82
C LYS A 2755 -14.27 -66.75 47.51
N ILE A 2756 -14.25 -65.70 48.33
CA ILE A 2756 -13.02 -65.32 49.04
C ILE A 2756 -12.93 -66.02 50.38
N GLN A 2757 -12.21 -65.43 51.34
CA GLN A 2757 -12.04 -66.12 52.62
C GLN A 2757 -11.12 -65.31 53.53
N ARG A 2758 -10.66 -65.91 54.62
CA ARG A 2758 -9.76 -65.21 55.54
C ARG A 2758 -8.47 -64.80 54.85
N ASN A 2759 -7.92 -65.67 54.02
CA ASN A 2759 -6.63 -65.41 53.39
C ASN A 2759 -6.71 -64.26 52.39
N ASN A 2760 -5.70 -63.38 52.44
CA ASN A 2760 -5.54 -62.29 51.47
C ASN A 2760 -6.78 -61.38 51.42
N VAL A 2761 -7.53 -61.36 52.52
CA VAL A 2761 -8.68 -60.47 52.61
C VAL A 2761 -8.20 -59.06 52.84
N SER A 2762 -8.71 -58.12 52.05
CA SER A 2762 -8.36 -56.72 52.26
C SER A 2762 -8.86 -56.26 53.62
N GLY A 2763 -7.97 -55.65 54.38
CA GLY A 2763 -8.33 -55.23 55.73
C GLY A 2763 -9.34 -54.11 55.73
N GLU A 2764 -10.58 -54.44 56.11
CA GLU A 2764 -11.70 -53.48 56.09
C GLU A 2764 -11.89 -52.98 54.67
N SER A 2765 -10.91 -52.26 54.15
CA SER A 2765 -10.89 -51.83 52.76
C SER A 2765 -9.45 -51.47 52.38
N GLU A 2766 -8.88 -52.26 51.48
CA GLU A 2766 -7.58 -51.93 50.91
C GLU A 2766 -7.61 -50.63 50.13
N ALA A 2767 -8.80 -50.15 49.78
CA ALA A 2767 -8.93 -48.79 49.28
C ALA A 2767 -8.38 -47.80 50.28
N GLU A 2768 -8.68 -48.01 51.56
CA GLU A 2768 -8.01 -47.22 52.59
C GLU A 2768 -6.51 -47.38 52.49
N ARG A 2769 -6.04 -48.61 52.27
CA ARG A 2769 -4.62 -48.81 51.97
C ARG A 2769 -4.25 -48.09 50.69
N ALA A 2770 -5.12 -48.14 49.68
CA ALA A 2770 -4.83 -47.45 48.43
C ALA A 2770 -4.76 -45.94 48.64
N ILE A 2771 -5.62 -45.41 49.53
CA ILE A 2771 -5.69 -43.97 49.72
C ILE A 2771 -4.33 -43.42 50.12
N LEU A 2772 -3.62 -44.15 50.99
CA LEU A 2772 -2.27 -43.75 51.35
C LEU A 2772 -1.33 -43.84 50.15
N LYS A 2773 -1.52 -44.87 49.31
CA LYS A 2773 -0.65 -45.03 48.14
C LYS A 2773 -0.74 -43.83 47.21
N VAL A 2774 -1.95 -43.30 47.03
CA VAL A 2774 -2.15 -42.18 46.12
C VAL A 2774 -1.39 -40.95 46.60
N ARG A 2775 -1.58 -40.57 47.87
CA ARG A 2775 -0.85 -39.44 48.42
C ARG A 2775 0.65 -39.71 48.37
N GLN A 2776 1.04 -40.95 48.63
CA GLN A 2776 2.45 -41.32 48.45
C GLN A 2776 2.88 -41.07 47.02
N LYS A 2777 2.06 -41.48 46.05
CA LYS A 2777 2.33 -41.13 44.66
C LYS A 2777 2.19 -39.63 44.46
N LEU A 2778 1.34 -38.98 45.23
CA LEU A 2778 1.15 -37.54 45.15
C LEU A 2778 2.08 -36.77 46.07
N SER A 2779 3.00 -37.45 46.74
CA SER A 2779 3.83 -36.82 47.74
C SER A 2779 4.77 -35.79 47.13
N THR A 2781 9.42 -35.33 49.21
CA THR A 2781 10.45 -34.35 48.96
C THR A 2781 11.07 -34.56 47.58
N LEU A 2782 10.71 -35.66 46.95
CA LEU A 2782 11.24 -35.97 45.63
C LEU A 2782 10.89 -34.86 44.64
N SER A 2783 11.83 -34.53 43.77
CA SER A 2783 11.66 -33.38 42.90
C SER A 2783 10.52 -33.58 41.92
N VAL A 2784 9.75 -32.52 41.69
CA VAL A 2784 8.77 -32.53 40.63
C VAL A 2784 9.45 -32.87 39.31
N GLU A 2785 10.59 -32.24 39.05
CA GLU A 2785 11.39 -32.61 37.88
C GLU A 2785 11.78 -34.06 37.92
N ALA A 2786 12.06 -34.59 39.11
CA ALA A 2786 12.46 -35.99 39.23
C ALA A 2786 11.35 -36.92 38.78
N SER A 2787 10.09 -36.47 38.89
CA SER A 2787 8.98 -37.35 38.55
C SER A 2787 9.06 -37.80 37.10
N VAL A 2788 9.35 -36.88 36.18
CA VAL A 2788 9.52 -37.25 34.79
C VAL A 2788 10.67 -38.23 34.65
N GLY A 2789 11.80 -37.91 35.29
CA GLY A 2789 12.89 -38.87 35.36
C GLY A 2789 12.44 -40.16 36.00
N GLU A 2790 11.65 -40.06 37.07
CA GLU A 2790 11.08 -41.26 37.65
C GLU A 2790 10.36 -42.07 36.59
N LEU A 2791 9.55 -41.42 35.77
CA LEU A 2791 9.03 -42.09 34.58
C LEU A 2791 10.17 -42.45 33.64
N ILE A 2792 11.10 -41.53 33.45
CA ILE A 2792 12.17 -41.75 32.48
C ILE A 2792 13.10 -42.87 32.94
N ARG A 2793 13.31 -42.98 34.25
CA ARG A 2793 14.37 -43.85 34.77
C ARG A 2793 14.22 -45.27 34.25
N ILE A 2794 12.98 -45.75 34.13
CA ILE A 2794 12.74 -47.07 33.57
C ILE A 2794 12.09 -47.00 32.20
N ALA A 2795 11.86 -45.79 31.68
CA ALA A 2795 11.11 -45.67 30.44
C ALA A 2795 11.79 -46.42 29.30
N GLN A 2796 13.06 -46.16 29.07
CA GLN A 2796 13.83 -46.89 28.07
C GLN A 2796 14.68 -47.98 28.69
N ASP A 2797 14.43 -48.31 29.95
CA ASP A 2797 15.25 -49.32 30.60
C ASP A 2797 15.04 -50.67 29.92
N PRO A 2798 16.12 -51.28 29.41
CA PRO A 2798 15.95 -52.62 28.83
C PRO A 2798 15.50 -53.66 29.84
N SER A 2799 15.79 -53.43 31.12
CA SER A 2799 15.55 -54.47 32.13
C SER A 2799 14.07 -54.79 32.26
N TYR A 2800 13.23 -53.76 32.27
CA TYR A 2800 11.80 -54.00 32.49
C TYR A 2800 11.21 -54.85 31.37
N LEU A 2801 11.63 -54.61 30.12
CA LEU A 2801 11.02 -55.31 29.00
C LEU A 2801 11.24 -56.81 29.10
N ALA A 2802 12.27 -57.24 29.81
CA ALA A 2802 12.51 -58.67 29.96
C ALA A 2802 11.36 -59.35 30.69
N LEU A 2803 10.80 -58.69 31.70
CA LEU A 2803 9.70 -59.25 32.48
C LEU A 2803 8.43 -58.46 32.22
N MET A 2804 7.45 -59.11 31.59
CA MET A 2804 6.14 -58.52 31.34
C MET A 2804 5.19 -59.64 30.93
N PHE A 2805 4.00 -59.25 30.49
CA PHE A 2805 3.06 -60.23 29.95
C PHE A 2805 3.72 -60.99 28.82
N CYS A 2806 3.74 -62.32 28.94
CA CYS A 2806 4.48 -63.14 27.99
C CYS A 2806 4.01 -62.86 26.56
N GLY A 2807 4.96 -62.64 25.67
CA GLY A 2807 4.64 -62.27 24.31
C GLY A 2807 4.28 -60.81 24.18
N TRP A 2808 4.27 -60.35 22.93
CA TRP A 2808 3.90 -58.97 22.58
C TRP A 2808 4.87 -57.96 23.21
N SER A 2809 6.12 -58.01 22.78
CA SER A 2809 7.12 -57.01 23.16
C SER A 2809 7.51 -56.22 21.91
N ALA A 2810 7.33 -54.90 21.96
CA ALA A 2810 7.58 -54.05 20.81
C ALA A 2810 8.29 -52.79 21.24
N PHE A 2811 9.57 -52.68 20.88
CA PHE A 2811 10.30 -51.45 21.11
C PHE A 2811 9.88 -50.35 20.13
N GLN A 2812 9.74 -50.71 18.86
CA GLN A 2812 9.41 -49.73 17.83
C GLN A 2812 9.05 -50.40 16.50
#